data_9N14
#
_entry.id   9N14
#
_cell.length_a   1.00
_cell.length_b   1.00
_cell.length_c   1.00
_cell.angle_alpha   90.00
_cell.angle_beta   90.00
_cell.angle_gamma   90.00
#
_symmetry.space_group_name_H-M   'P 1'
#
loop_
_entity.id
_entity.type
_entity.pdbx_description
1 polymer 'Spike glycoprotein'
2 branched alpha-D-mannopyranose-(1-3)-[alpha-D-mannopyranose-(1-6)]beta-D-mannopyranose-(1-4)-2-acetamido-2-deoxy-beta-D-glucopyranose-(1-4)-2-acetamido-2-deoxy-beta-D-glucopyranose
3 branched 2-acetamido-2-deoxy-beta-D-glucopyranose-(1-4)-2-acetamido-2-deoxy-beta-D-glucopyranose
4 branched beta-D-mannopyranose-(1-4)-2-acetamido-2-deoxy-beta-D-glucopyranose-(1-4)-2-acetamido-2-deoxy-beta-D-glucopyranose
5 branched alpha-D-mannopyranose-(1-6)-alpha-D-mannopyranose-(1-6)-[alpha-D-mannopyranose-(1-3)]beta-D-mannopyranose-(1-4)-2-acetamido-2-deoxy-beta-D-glucopyranose-(1-4)-2-acetamido-2-deoxy-beta-D-glucopyranose
6 non-polymer 2-acetamido-2-deoxy-beta-D-glucopyranose
7 non-polymer '5-acetamido-8-O-(5-acetamido-9-O-acetyl-3,5-dideoxy-D-glycero-alpha-D-galacto-non-2-ulopyranonosyl)-3,5-dideoxy-D-glycero-alpha-D-galacto-non-2-ulopyranosonic acid'
#
_entity_poly.entity_id   1
_entity_poly.type   'polypeptide(L)'
_entity_poly.pdbx_seq_one_letter_code
;VIGDFNCTNFAINDLNTTVPRISEYVVDVSYGLGTYYILDRVYLNTTILFTGYFPKSGANFRDLSLKGTTYLSTLWYQKP
FLSDFNNGIFSRVKNTKLYVNKTLYSEFSTIVIGSVFINNSYTIVVQPHNGVLEITACQYTMCEYPHTICKSKGSSRNES
WHFDKSEPLCLFKKNFTYNVSTDWLYFHFYQERGTFYAYYADSGMPTTFLFSLYLGTLLSHYYVLPLTCNAISSNTDNET
LQYWVTPLSKRQYLLKFDNRGVITNAVDCSSSFFSEIQCKTKSLLPNTGVYDLSGFTVKPVATVHRRIPDLPDCDIDKWL
NNFNVPSPLNWERKIFSNCNFNLSTLLRLVHTDSFSCNNFDESKIYGSCFKSIVLDKFAIPNSRRSDLQLGSSGFLQSSN
YKIDTTSSSCQLYYSLPAINVTINNYNPSSWNRRYGFNNFNLSSHSVVYSRYCFSVNNTFCPCAKPSFASSCKSHKPPSA
SCPIGTNYRSCESTTVLDHTDWCRCSCLPDPITAYDPRSCSQKKSLVGVGEHCAGFGVDEEKCGVLDGSYNVSCLCSTDA
FLGWSYDTCVSNNRCNIFSNFILNGINSGTTCSNDLLQPNTEVFTDVCVDYDLYGITGQGIFKEVSAVYYNSWQNLLYDS
NGNIIGFKDFVTNKTYNIFPCYAGRVSAAFHQNASSLALLYRNLKCSYVLNNISLTTQPYFDSYLGCVFNADNLTDYSVS
SCALRMGSGFCVDYNSPSSSSSRRKRRSISASYRFVTFEPFNVSFVNDSIESVGGLYEIKIPTNFTIVGQEEFIQTNSPK
VTIDCSLFVCSNYAACHDLLSEYGTFCDNINSILDEVNGLLDTTQLHVADTLMQGVTLSSNLNTNLHFDVDNINFKSLVG
CLGPHCGSSSRSFFEDLLFDKVKLSDVGFVEAYNNCTGGSEIRDLLCVQSFNGIKVLPPILSESQISGYTTAATVAAMFP
PWSAAAGIPFSLNVQYRINGLGVTMDVLNKNQKLIATAFNNALLSIQNGFSAPNSALAKIQSVVNSNAQALNSLLQQLFN
KFGAISSSLQEILSRLDPPEAQVQIDRLINGRLTALNAYVSQQLSDISLVKFGAALAMEKVNECVKSQSPRINFCGNGNH
ILSLVQNAPYGLLFMHFSYKPISFKTVLVSPGLCISGDVGIAPKQGYFIKHNDHWMFTGSSYYYPEPISDKNVVFMNTCS
VNFTKAPLVYLNHSVPKLSDFESELSHWFKNQTSIAPNLTLNLHTINATFLDLYYEMNLIQESIKSLNNSYINLKDIGTY
EMYVKSGGYIPEAPRDGQAYVRKDGEWVLLSTFLNSGRAHHHHHHGAGGLNDIFEAQKIEWHEDTAAA
;
_entity_poly.pdbx_strand_id   A,B,C
#
# COMPACT_ATOMS: atom_id res chain seq x y z
N VAL A 1 -16.94 -58.82 1.91
CA VAL A 1 -18.32 -58.53 2.40
C VAL A 1 -18.46 -57.07 2.77
N ILE A 2 -19.66 -56.51 2.63
CA ILE A 2 -19.91 -55.13 3.08
C ILE A 2 -20.50 -55.14 4.49
N GLY A 3 -21.67 -55.77 4.68
CA GLY A 3 -22.25 -56.02 6.00
C GLY A 3 -21.85 -57.39 6.56
N ASP A 4 -22.43 -57.79 7.68
CA ASP A 4 -22.10 -59.07 8.34
C ASP A 4 -23.33 -59.93 8.65
N PHE A 5 -24.49 -59.66 8.04
CA PHE A 5 -25.65 -60.52 8.16
C PHE A 5 -25.64 -61.61 7.07
N ASN A 6 -25.65 -62.90 7.47
CA ASN A 6 -25.80 -64.03 6.56
C ASN A 6 -27.24 -64.13 6.02
N CYS A 7 -27.57 -63.32 5.02
CA CYS A 7 -28.90 -63.31 4.42
C CYS A 7 -29.19 -64.59 3.64
N THR A 8 -28.22 -65.09 2.89
CA THR A 8 -28.34 -66.32 2.10
C THR A 8 -26.98 -66.92 1.76
N ASN A 9 -26.98 -68.21 1.44
CA ASN A 9 -25.80 -68.97 1.00
C ASN A 9 -26.05 -69.64 -0.38
N PHE A 10 -27.16 -69.30 -1.05
CA PHE A 10 -27.52 -69.85 -2.35
C PHE A 10 -26.61 -69.26 -3.44
N ALA A 11 -25.97 -70.13 -4.22
CA ALA A 11 -25.12 -69.76 -5.35
C ALA A 11 -24.03 -68.71 -5.04
N ILE A 12 -23.12 -69.03 -4.12
CA ILE A 12 -22.00 -68.17 -3.72
C ILE A 12 -20.69 -68.87 -4.02
N ASN A 13 -19.76 -68.23 -4.73
CA ASN A 13 -18.46 -68.81 -5.06
C ASN A 13 -17.33 -67.78 -4.97
N ASP A 14 -16.08 -68.19 -5.14
CA ASP A 14 -14.91 -67.31 -5.08
C ASP A 14 -14.24 -67.14 -6.46
N LEU A 15 -15.00 -67.24 -7.55
CA LEU A 15 -14.48 -67.15 -8.91
C LEU A 15 -14.17 -65.70 -9.32
N ASN A 16 -12.95 -65.43 -9.79
CA ASN A 16 -12.55 -64.10 -10.25
C ASN A 16 -13.11 -63.86 -11.65
N THR A 17 -14.38 -63.42 -11.73
CA THR A 17 -15.06 -63.19 -13.02
C THR A 17 -14.40 -62.08 -13.83
N THR A 18 -13.82 -61.08 -13.15
CA THR A 18 -13.17 -59.92 -13.75
C THR A 18 -11.69 -60.16 -14.04
N VAL A 19 -11.35 -61.21 -14.79
CA VAL A 19 -9.98 -61.44 -15.25
C VAL A 19 -9.60 -60.21 -16.09
N PRO A 20 -10.43 -59.75 -17.06
CA PRO A 20 -10.20 -58.47 -17.68
C PRO A 20 -10.61 -57.46 -16.59
N ARG A 21 -9.75 -56.48 -16.29
CA ARG A 21 -10.01 -55.49 -15.23
C ARG A 21 -11.30 -54.70 -15.44
N ILE A 22 -11.77 -54.03 -14.38
CA ILE A 22 -12.98 -53.19 -14.45
C ILE A 22 -12.71 -52.09 -15.49
N SER A 23 -13.68 -51.83 -16.35
CA SER A 23 -13.48 -50.87 -17.44
C SER A 23 -13.18 -49.45 -16.95
N GLU A 24 -12.42 -48.70 -17.73
CA GLU A 24 -12.00 -47.34 -17.44
C GLU A 24 -12.34 -46.38 -18.59
N TYR A 25 -12.57 -45.11 -18.25
CA TYR A 25 -12.95 -44.05 -19.19
C TYR A 25 -12.36 -42.71 -18.71
N VAL A 26 -11.90 -41.83 -19.59
CA VAL A 26 -11.30 -40.55 -19.14
C VAL A 26 -12.35 -39.50 -18.82
N VAL A 27 -12.19 -38.81 -17.69
CA VAL A 27 -13.10 -37.73 -17.25
C VAL A 27 -12.83 -36.48 -18.08
N ASP A 28 -13.81 -36.05 -18.85
CA ASP A 28 -13.75 -34.84 -19.67
C ASP A 28 -14.88 -33.91 -19.27
N VAL A 29 -14.54 -32.75 -18.71
CA VAL A 29 -15.51 -31.77 -18.24
C VAL A 29 -15.73 -30.61 -19.21
N SER A 30 -15.17 -30.66 -20.41
CA SER A 30 -15.26 -29.56 -21.38
C SER A 30 -16.68 -29.21 -21.83
N TYR A 31 -17.67 -30.07 -21.62
CA TYR A 31 -19.07 -29.85 -21.97
C TYR A 31 -20.02 -29.86 -20.77
N GLY A 32 -19.51 -29.53 -19.57
CA GLY A 32 -20.28 -29.43 -18.34
C GLY A 32 -20.39 -30.72 -17.50
N LEU A 33 -19.84 -31.84 -17.94
CA LEU A 33 -19.87 -33.08 -17.17
C LEU A 33 -19.13 -32.89 -15.85
N GLY A 34 -19.66 -33.40 -14.75
CA GLY A 34 -19.03 -33.28 -13.44
C GLY A 34 -19.32 -31.97 -12.73
N THR A 35 -20.07 -31.05 -13.33
CA THR A 35 -20.43 -29.77 -12.71
C THR A 35 -21.86 -29.77 -12.19
N TYR A 36 -22.21 -28.77 -11.38
CA TYR A 36 -23.54 -28.62 -10.82
C TYR A 36 -23.96 -27.16 -10.75
N TYR A 37 -25.26 -26.88 -10.70
CA TYR A 37 -25.76 -25.52 -10.57
C TYR A 37 -25.50 -25.01 -9.15
N ILE A 38 -25.17 -23.72 -9.03
CA ILE A 38 -24.78 -23.11 -7.76
C ILE A 38 -25.98 -22.62 -6.95
N LEU A 39 -26.34 -23.36 -5.89
CA LEU A 39 -27.42 -22.98 -4.96
C LEU A 39 -28.70 -22.60 -5.72
N ASP A 40 -29.30 -21.45 -5.40
CA ASP A 40 -30.49 -20.89 -6.05
C ASP A 40 -30.12 -19.77 -7.02
N ARG A 41 -28.83 -19.64 -7.35
CA ARG A 41 -28.29 -18.63 -8.25
C ARG A 41 -28.46 -19.00 -9.72
N VAL A 42 -28.57 -17.97 -10.54
CA VAL A 42 -28.64 -18.00 -11.99
C VAL A 42 -27.53 -17.11 -12.52
N TYR A 43 -26.73 -17.59 -13.44
CA TYR A 43 -25.68 -16.84 -14.13
C TYR A 43 -26.03 -16.87 -15.61
N LEU A 44 -25.94 -15.77 -16.35
CA LEU A 44 -26.32 -15.72 -17.78
C LEU A 44 -25.22 -15.19 -18.68
N ASN A 45 -24.95 -15.90 -19.77
CA ASN A 45 -23.99 -15.50 -20.80
C ASN A 45 -22.65 -15.03 -20.22
N THR A 46 -22.07 -15.80 -19.31
CA THR A 46 -20.84 -15.41 -18.61
C THR A 46 -20.02 -16.59 -18.14
N THR A 47 -18.78 -16.34 -17.75
CA THR A 47 -17.83 -17.31 -17.23
C THR A 47 -17.55 -16.99 -15.75
N ILE A 48 -17.58 -18.01 -14.90
CA ILE A 48 -17.41 -17.90 -13.45
C ILE A 48 -16.30 -18.80 -12.95
N LEU A 49 -15.41 -18.31 -12.08
CA LEU A 49 -14.42 -19.15 -11.41
C LEU A 49 -15.08 -19.58 -10.11
N PHE A 50 -15.44 -20.85 -9.99
CA PHE A 50 -16.11 -21.40 -8.82
C PHE A 50 -15.38 -22.57 -8.20
N THR A 51 -15.27 -22.63 -6.87
CA THR A 51 -14.63 -23.74 -6.18
C THR A 51 -15.70 -24.62 -5.56
N GLY A 52 -15.74 -25.89 -5.95
CA GLY A 52 -16.73 -26.84 -5.45
C GLY A 52 -16.22 -28.27 -5.46
N TYR A 53 -17.09 -29.22 -5.13
CA TYR A 53 -16.71 -30.63 -5.12
C TYR A 53 -16.86 -31.14 -6.55
N PHE A 54 -15.76 -31.17 -7.27
CA PHE A 54 -15.76 -31.55 -8.67
C PHE A 54 -14.76 -32.66 -8.99
N PRO A 55 -14.98 -33.44 -10.06
CA PRO A 55 -14.04 -34.47 -10.47
C PRO A 55 -12.73 -33.87 -10.96
N LYS A 56 -11.66 -34.66 -10.99
CA LYS A 56 -10.39 -34.20 -11.56
C LYS A 56 -10.43 -34.45 -13.06
N SER A 57 -10.30 -33.42 -13.90
CA SER A 57 -10.30 -33.60 -15.35
C SER A 57 -9.08 -34.41 -15.75
N GLY A 58 -9.24 -35.39 -16.63
CA GLY A 58 -8.16 -36.27 -17.05
C GLY A 58 -8.01 -37.52 -16.18
N ALA A 59 -8.74 -37.61 -15.06
CA ALA A 59 -8.72 -38.80 -14.21
C ALA A 59 -9.56 -39.91 -14.86
N ASN A 60 -9.56 -41.11 -14.28
CA ASN A 60 -10.29 -42.23 -14.86
C ASN A 60 -11.56 -42.60 -14.09
N PHE A 61 -12.65 -42.70 -14.81
CA PHE A 61 -13.90 -43.24 -14.33
C PHE A 61 -13.71 -44.74 -14.19
N ARG A 62 -14.34 -45.36 -13.19
CA ARG A 62 -14.29 -46.81 -12.97
C ARG A 62 -15.70 -47.36 -13.07
N ASP A 63 -15.96 -48.29 -13.98
CA ASP A 63 -17.29 -48.89 -14.09
C ASP A 63 -17.45 -49.95 -13.00
N LEU A 64 -18.11 -49.59 -11.92
CA LEU A 64 -18.32 -50.49 -10.78
C LEU A 64 -19.60 -51.33 -10.90
N SER A 65 -20.36 -51.21 -11.98
CA SER A 65 -21.56 -52.02 -12.14
C SER A 65 -21.19 -53.49 -12.32
N LEU A 66 -21.94 -54.38 -11.67
CA LEU A 66 -21.74 -55.83 -11.74
C LEU A 66 -23.08 -56.48 -12.08
N LYS A 67 -23.15 -57.21 -13.19
CA LYS A 67 -24.36 -57.93 -13.59
C LYS A 67 -24.14 -59.42 -13.42
N GLY A 68 -25.05 -60.10 -12.74
CA GLY A 68 -25.00 -61.56 -12.56
C GLY A 68 -26.31 -62.21 -13.00
N THR A 69 -26.35 -63.54 -13.03
CA THR A 69 -27.59 -64.27 -13.37
C THR A 69 -28.08 -65.06 -12.17
N THR A 70 -27.26 -65.98 -11.66
CA THR A 70 -27.60 -66.80 -10.48
C THR A 70 -26.53 -66.73 -9.40
N TYR A 71 -25.25 -66.91 -9.77
CA TYR A 71 -24.16 -66.90 -8.79
C TYR A 71 -23.61 -65.51 -8.51
N LEU A 72 -23.12 -65.34 -7.28
CA LEU A 72 -22.48 -64.12 -6.78
C LEU A 72 -21.04 -64.47 -6.36
N SER A 73 -20.05 -63.75 -6.88
CA SER A 73 -18.66 -64.01 -6.50
C SER A 73 -18.32 -63.26 -5.22
N THR A 74 -17.69 -63.89 -4.24
CA THR A 74 -17.29 -63.21 -2.99
C THR A 74 -16.29 -62.10 -3.26
N LEU A 75 -15.54 -62.18 -4.37
CA LEU A 75 -14.56 -61.16 -4.77
C LEU A 75 -15.24 -59.86 -5.22
N TRP A 76 -16.51 -59.90 -5.60
CA TRP A 76 -17.27 -58.71 -5.98
C TRP A 76 -17.50 -57.78 -4.79
N TYR A 77 -17.40 -58.28 -3.56
CA TYR A 77 -17.65 -57.56 -2.32
C TYR A 77 -16.38 -57.22 -1.54
N GLN A 78 -15.28 -56.99 -2.25
CA GLN A 78 -13.97 -56.64 -1.70
C GLN A 78 -13.35 -55.54 -2.54
N LYS A 79 -12.16 -55.06 -2.18
CA LYS A 79 -11.43 -54.10 -3.00
C LYS A 79 -11.12 -54.78 -4.35
N PRO A 80 -11.09 -54.05 -5.47
CA PRO A 80 -11.30 -52.62 -5.59
C PRO A 80 -12.77 -52.20 -5.72
N PHE A 81 -13.75 -53.09 -5.64
CA PHE A 81 -15.16 -52.71 -5.78
C PHE A 81 -15.62 -51.91 -4.55
N LEU A 82 -15.45 -52.46 -3.35
CA LEU A 82 -15.69 -51.75 -2.11
C LEU A 82 -14.65 -50.63 -1.96
N SER A 83 -15.05 -49.40 -2.25
CA SER A 83 -14.14 -48.26 -2.34
C SER A 83 -14.32 -47.23 -1.26
N ASP A 84 -13.24 -46.52 -0.93
CA ASP A 84 -13.24 -45.46 0.06
C ASP A 84 -13.99 -44.24 -0.48
N PHE A 85 -14.80 -43.58 0.35
CA PHE A 85 -15.61 -42.44 -0.07
C PHE A 85 -14.86 -41.12 -0.06
N ASN A 86 -13.98 -40.88 0.92
CA ASN A 86 -13.21 -39.63 1.05
C ASN A 86 -14.17 -38.42 1.01
N ASN A 87 -13.89 -37.39 0.23
CA ASN A 87 -14.78 -36.24 0.13
C ASN A 87 -16.10 -36.57 -0.55
N GLY A 88 -16.09 -37.40 -1.59
CA GLY A 88 -17.28 -37.79 -2.32
C GLY A 88 -16.96 -38.42 -3.67
N ILE A 89 -17.98 -38.68 -4.47
CA ILE A 89 -17.88 -39.28 -5.80
C ILE A 89 -18.85 -38.66 -6.79
N PHE A 90 -18.46 -38.66 -8.06
CA PHE A 90 -19.29 -38.24 -9.17
C PHE A 90 -19.60 -39.49 -9.97
N SER A 91 -20.86 -39.75 -10.23
CA SER A 91 -21.32 -40.93 -10.94
C SER A 91 -21.93 -40.60 -12.29
N ARG A 92 -21.58 -41.35 -13.32
CA ARG A 92 -22.15 -41.30 -14.67
C ARG A 92 -22.77 -42.68 -14.81
N VAL A 93 -24.08 -42.75 -14.76
CA VAL A 93 -24.82 -44.01 -14.75
C VAL A 93 -25.63 -44.24 -16.01
N LYS A 94 -25.46 -45.37 -16.67
CA LYS A 94 -26.23 -45.71 -17.86
C LYS A 94 -27.61 -46.18 -17.42
N ASN A 95 -28.65 -45.61 -18.01
CA ASN A 95 -30.01 -46.04 -17.78
C ASN A 95 -30.27 -47.23 -18.71
N THR A 96 -30.07 -48.46 -18.23
CA THR A 96 -30.26 -49.68 -19.03
C THR A 96 -31.74 -49.89 -19.33
N LYS A 97 -32.23 -49.30 -20.41
CA LYS A 97 -33.60 -49.41 -20.89
C LYS A 97 -33.85 -50.81 -21.44
N LEU A 98 -34.92 -51.45 -20.99
CA LEU A 98 -35.34 -52.80 -21.37
C LEU A 98 -36.80 -52.77 -21.82
N TYR A 99 -37.24 -53.82 -22.52
CA TYR A 99 -38.62 -53.90 -23.02
C TYR A 99 -39.25 -55.26 -22.76
N VAL A 100 -40.47 -55.25 -22.22
CA VAL A 100 -41.30 -56.44 -21.97
C VAL A 100 -42.63 -56.14 -22.63
N ASN A 101 -43.10 -56.98 -23.57
CA ASN A 101 -44.35 -56.75 -24.30
C ASN A 101 -44.35 -55.33 -24.93
N LYS A 102 -43.20 -54.93 -25.47
CA LYS A 102 -42.93 -53.62 -26.09
C LYS A 102 -43.16 -52.41 -25.16
N THR A 103 -43.12 -52.62 -23.84
CA THR A 103 -43.27 -51.58 -22.82
C THR A 103 -41.89 -51.29 -22.23
N LEU A 104 -41.50 -50.01 -22.18
CA LEU A 104 -40.20 -49.56 -21.69
C LEU A 104 -40.07 -49.64 -20.16
N TYR A 105 -38.97 -50.21 -19.70
CA TYR A 105 -38.58 -50.32 -18.29
C TYR A 105 -37.16 -49.80 -18.10
N SER A 106 -36.89 -49.12 -16.99
CA SER A 106 -35.60 -48.53 -16.64
C SER A 106 -34.97 -49.28 -15.47
N GLU A 107 -33.75 -49.75 -15.65
CA GLU A 107 -32.98 -50.47 -14.64
C GLU A 107 -31.55 -49.93 -14.58
N PHE A 108 -30.96 -49.80 -13.40
CA PHE A 108 -29.54 -49.43 -13.20
C PHE A 108 -29.09 -49.87 -11.81
N SER A 109 -27.79 -49.97 -11.59
CA SER A 109 -27.25 -50.42 -10.30
C SER A 109 -27.58 -49.50 -9.12
N THR A 110 -27.85 -50.10 -7.97
CA THR A 110 -28.12 -49.38 -6.71
C THR A 110 -26.81 -49.12 -6.01
N ILE A 111 -26.59 -47.92 -5.50
CA ILE A 111 -25.36 -47.59 -4.77
C ILE A 111 -25.65 -47.42 -3.28
N VAL A 112 -24.79 -47.97 -2.45
CA VAL A 112 -24.87 -47.81 -1.00
C VAL A 112 -23.64 -47.07 -0.50
N ILE A 113 -23.83 -46.13 0.42
CA ILE A 113 -22.79 -45.27 0.97
C ILE A 113 -22.90 -45.34 2.48
N GLY A 114 -21.79 -45.54 3.18
CA GLY A 114 -21.84 -45.79 4.62
C GLY A 114 -20.46 -45.81 5.25
N SER A 115 -20.32 -46.56 6.34
CA SER A 115 -19.03 -46.78 6.98
C SER A 115 -18.80 -48.26 7.24
N VAL A 116 -19.46 -48.82 8.25
CA VAL A 116 -19.32 -50.23 8.66
C VAL A 116 -20.46 -51.12 8.16
N PHE A 117 -21.50 -50.56 7.54
CA PHE A 117 -22.63 -51.30 6.95
C PHE A 117 -23.32 -52.25 7.93
N ILE A 118 -23.56 -51.81 9.15
CA ILE A 118 -24.27 -52.56 10.19
C ILE A 118 -25.27 -51.65 10.93
N ASN A 119 -26.27 -52.25 11.55
CA ASN A 119 -27.45 -51.60 12.15
C ASN A 119 -27.22 -50.69 13.38
N ASN A 120 -26.00 -50.24 13.64
CA ASN A 120 -25.72 -49.12 14.56
C ASN A 120 -25.03 -47.94 13.85
N SER A 121 -25.08 -47.95 12.52
CA SER A 121 -24.60 -46.90 11.63
C SER A 121 -25.63 -46.70 10.52
N TYR A 122 -25.86 -45.47 10.10
CA TYR A 122 -26.74 -45.21 8.98
C TYR A 122 -26.03 -45.55 7.67
N THR A 123 -26.71 -46.29 6.79
CA THR A 123 -26.28 -46.52 5.41
C THR A 123 -27.23 -45.78 4.50
N ILE A 124 -26.70 -44.91 3.65
CA ILE A 124 -27.45 -44.27 2.58
C ILE A 124 -27.56 -45.26 1.42
N VAL A 125 -28.75 -45.43 0.86
CA VAL A 125 -29.02 -46.30 -0.28
C VAL A 125 -29.76 -45.49 -1.33
N VAL A 126 -29.30 -45.52 -2.58
CA VAL A 126 -29.94 -44.86 -3.71
C VAL A 126 -30.34 -45.98 -4.67
N GLN A 127 -31.64 -46.24 -4.81
CA GLN A 127 -32.15 -47.34 -5.62
C GLN A 127 -33.22 -46.91 -6.63
N PRO A 128 -33.10 -47.30 -7.90
CA PRO A 128 -34.12 -47.01 -8.89
C PRO A 128 -35.23 -48.07 -8.84
N HIS A 129 -36.44 -47.63 -9.13
CA HIS A 129 -37.68 -48.39 -9.17
C HIS A 129 -38.49 -48.02 -10.42
N ASN A 130 -37.84 -48.03 -11.60
CA ASN A 130 -38.46 -47.74 -12.89
C ASN A 130 -39.14 -46.35 -12.95
N GLY A 131 -38.34 -45.29 -12.85
CA GLY A 131 -38.80 -43.90 -12.87
C GLY A 131 -38.87 -43.24 -11.50
N VAL A 132 -38.80 -44.03 -10.44
CA VAL A 132 -38.80 -43.58 -9.05
C VAL A 132 -37.44 -43.91 -8.44
N LEU A 133 -36.73 -42.91 -7.96
CA LEU A 133 -35.43 -43.02 -7.32
C LEU A 133 -35.66 -42.96 -5.81
N GLU A 134 -35.74 -44.13 -5.17
CA GLU A 134 -35.90 -44.21 -3.73
C GLU A 134 -34.57 -43.99 -3.05
N ILE A 135 -34.49 -42.98 -2.20
CA ILE A 135 -33.30 -42.64 -1.43
C ILE A 135 -33.64 -42.75 0.05
N THR A 136 -32.90 -43.57 0.77
CA THR A 136 -33.11 -43.78 2.20
C THR A 136 -31.78 -43.79 2.93
N ALA A 137 -31.79 -43.42 4.20
CA ALA A 137 -30.63 -43.46 5.08
C ALA A 137 -31.07 -44.03 6.42
N CYS A 138 -30.80 -45.31 6.65
CA CYS A 138 -31.36 -46.05 7.77
C CYS A 138 -30.30 -46.96 8.40
N GLN A 139 -30.54 -47.39 9.64
CA GLN A 139 -29.70 -48.36 10.32
C GLN A 139 -29.94 -49.79 9.78
N TYR A 140 -29.63 -50.02 8.53
CA TYR A 140 -29.87 -51.29 7.84
C TYR A 140 -28.97 -52.42 8.33
N THR A 141 -29.50 -53.64 8.48
CA THR A 141 -28.71 -54.88 8.59
C THR A 141 -28.22 -55.32 7.22
N MET A 142 -27.21 -54.65 6.67
CA MET A 142 -26.71 -55.00 5.33
C MET A 142 -26.25 -56.46 5.27
N CYS A 143 -26.57 -57.14 4.18
CA CYS A 143 -26.17 -58.52 3.97
C CYS A 143 -24.66 -58.63 3.73
N GLU A 144 -24.10 -59.82 3.90
CA GLU A 144 -22.69 -60.06 3.61
C GLU A 144 -22.42 -59.87 2.10
N TYR A 145 -23.35 -60.36 1.27
CA TYR A 145 -23.32 -60.33 -0.20
C TYR A 145 -24.63 -59.71 -0.75
N PRO A 146 -24.82 -58.39 -0.62
CA PRO A 146 -26.04 -57.72 -1.08
C PRO A 146 -26.16 -57.64 -2.60
N HIS A 147 -27.38 -57.58 -3.11
CA HIS A 147 -27.63 -57.45 -4.55
C HIS A 147 -29.06 -57.00 -4.81
N THR A 148 -29.31 -56.55 -6.03
CA THR A 148 -30.64 -56.14 -6.51
C THR A 148 -31.05 -57.07 -7.64
N ILE A 149 -32.32 -57.03 -8.06
CA ILE A 149 -32.82 -57.87 -9.13
C ILE A 149 -33.60 -57.07 -10.16
N CYS A 150 -33.70 -57.59 -11.39
CA CYS A 150 -34.55 -56.96 -12.39
C CYS A 150 -36.01 -57.21 -12.01
N LYS A 151 -36.84 -56.16 -11.89
CA LYS A 151 -38.27 -56.33 -11.58
C LYS A 151 -39.12 -56.42 -12.86
N SER A 152 -38.47 -56.26 -14.02
CA SER A 152 -39.10 -56.31 -15.34
C SER A 152 -38.89 -57.67 -16.01
N LYS A 153 -37.63 -58.04 -16.27
CA LYS A 153 -37.23 -59.33 -16.89
C LYS A 153 -37.10 -60.49 -15.89
N GLY A 154 -37.16 -60.21 -14.59
CA GLY A 154 -37.03 -61.20 -13.53
C GLY A 154 -35.58 -61.62 -13.27
N SER A 155 -35.38 -62.42 -12.24
CA SER A 155 -34.08 -62.94 -11.83
C SER A 155 -34.21 -64.35 -11.26
N SER A 156 -33.10 -65.09 -11.26
CA SER A 156 -33.01 -66.46 -10.76
C SER A 156 -32.90 -66.55 -9.24
N ARG A 157 -32.89 -65.42 -8.53
CA ARG A 157 -32.80 -65.33 -7.07
C ARG A 157 -33.64 -64.18 -6.53
N ASN A 158 -34.09 -64.25 -5.27
CA ASN A 158 -34.89 -63.22 -4.62
C ASN A 158 -33.99 -62.03 -4.22
N GLU A 159 -34.52 -60.80 -4.24
CA GLU A 159 -33.74 -59.60 -3.86
C GLU A 159 -33.39 -59.57 -2.38
N SER A 160 -32.13 -59.28 -2.05
CA SER A 160 -31.70 -59.21 -0.65
C SER A 160 -30.45 -58.36 -0.46
N TRP A 161 -30.57 -57.21 0.16
CA TRP A 161 -29.42 -56.38 0.55
C TRP A 161 -29.45 -55.93 2.00
N HIS A 162 -30.55 -56.20 2.71
CA HIS A 162 -30.74 -55.94 4.14
C HIS A 162 -31.70 -56.97 4.72
N PHE A 163 -31.68 -57.21 6.04
CA PHE A 163 -32.53 -58.22 6.68
C PHE A 163 -33.43 -57.68 7.79
N ASP A 164 -33.79 -56.39 7.73
CA ASP A 164 -34.65 -55.77 8.74
C ASP A 164 -36.11 -56.19 8.57
N LYS A 165 -36.56 -57.15 9.41
CA LYS A 165 -37.93 -57.67 9.43
C LYS A 165 -38.89 -56.55 9.86
N SER A 166 -38.56 -55.86 10.96
CA SER A 166 -39.24 -54.65 11.41
C SER A 166 -38.64 -53.41 10.75
N GLU A 167 -39.33 -52.27 10.76
CA GLU A 167 -38.82 -51.07 10.10
C GLU A 167 -37.57 -50.51 10.82
N PRO A 168 -36.40 -50.37 10.16
CA PRO A 168 -35.20 -49.84 10.81
C PRO A 168 -35.33 -48.34 11.03
N LEU A 169 -34.55 -47.80 11.97
CA LEU A 169 -34.53 -46.38 12.28
C LEU A 169 -33.89 -45.58 11.14
N CYS A 170 -34.56 -44.53 10.64
CA CYS A 170 -34.12 -43.74 9.48
C CYS A 170 -33.94 -42.26 9.79
N LEU A 171 -32.90 -41.65 9.22
CA LEU A 171 -32.72 -40.19 9.19
C LEU A 171 -33.37 -39.54 7.98
N PHE A 172 -33.50 -40.29 6.88
CA PHE A 172 -34.02 -39.80 5.63
C PHE A 172 -34.70 -40.90 4.83
N LYS A 173 -35.81 -40.56 4.18
CA LYS A 173 -36.58 -41.43 3.31
C LYS A 173 -37.41 -40.57 2.37
N LYS A 174 -37.02 -40.47 1.10
CA LYS A 174 -37.72 -39.70 0.07
C LYS A 174 -37.62 -40.39 -1.27
N ASN A 175 -38.58 -40.09 -2.14
CA ASN A 175 -38.66 -40.61 -3.49
C ASN A 175 -38.58 -39.44 -4.45
N PHE A 176 -37.78 -39.58 -5.49
CA PHE A 176 -37.59 -38.56 -6.53
C PHE A 176 -37.90 -39.18 -7.87
N THR A 177 -38.51 -38.44 -8.78
CA THR A 177 -38.83 -38.97 -10.10
C THR A 177 -37.73 -38.63 -11.11
N TYR A 178 -37.44 -39.55 -12.03
CA TYR A 178 -36.47 -39.31 -13.09
C TYR A 178 -37.05 -39.76 -14.43
N ASN A 179 -36.67 -39.10 -15.51
CA ASN A 179 -37.15 -39.45 -16.85
C ASN A 179 -36.57 -40.80 -17.30
N VAL A 180 -37.44 -41.81 -17.44
CA VAL A 180 -37.07 -43.17 -17.87
C VAL A 180 -36.56 -43.25 -19.30
N SER A 181 -36.88 -42.28 -20.15
CA SER A 181 -36.45 -42.26 -21.55
C SER A 181 -35.01 -41.78 -21.72
N THR A 182 -34.41 -41.14 -20.70
CA THR A 182 -33.03 -40.64 -20.78
C THR A 182 -32.00 -41.76 -20.83
N ASP A 183 -30.84 -41.55 -21.44
CA ASP A 183 -29.81 -42.60 -21.54
C ASP A 183 -28.80 -42.60 -20.39
N TRP A 184 -28.60 -41.44 -19.74
CA TRP A 184 -27.62 -41.27 -18.67
C TRP A 184 -28.13 -40.46 -17.49
N LEU A 185 -27.77 -40.87 -16.28
CA LEU A 185 -28.06 -40.15 -15.05
C LEU A 185 -26.72 -39.78 -14.41
N TYR A 186 -26.61 -38.57 -13.93
CA TYR A 186 -25.40 -38.06 -13.32
C TYR A 186 -25.66 -37.75 -11.86
N PHE A 187 -24.76 -38.12 -10.95
CA PHE A 187 -24.92 -37.88 -9.52
C PHE A 187 -23.67 -37.33 -8.84
N HIS A 188 -23.83 -36.36 -7.94
CA HIS A 188 -22.73 -35.90 -7.09
C HIS A 188 -23.10 -36.32 -5.68
N PHE A 189 -22.28 -37.12 -5.02
CA PHE A 189 -22.50 -37.54 -3.65
C PHE A 189 -21.28 -37.11 -2.86
N TYR A 190 -21.39 -36.22 -1.91
CA TYR A 190 -20.24 -35.76 -1.13
C TYR A 190 -20.60 -35.43 0.31
N GLN A 191 -19.61 -35.36 1.18
CA GLN A 191 -19.81 -35.02 2.57
C GLN A 191 -18.95 -33.83 2.97
N GLU A 192 -19.44 -33.02 3.88
CA GLU A 192 -18.76 -31.83 4.38
C GLU A 192 -19.34 -31.51 5.76
N ARG A 193 -18.48 -31.41 6.78
CA ARG A 193 -18.88 -31.07 8.16
C ARG A 193 -19.96 -32.00 8.73
N GLY A 194 -19.81 -33.30 8.50
CA GLY A 194 -20.75 -34.32 8.99
C GLY A 194 -22.11 -34.33 8.28
N THR A 195 -22.24 -33.61 7.16
CA THR A 195 -23.46 -33.52 6.37
C THR A 195 -23.22 -34.10 5.00
N PHE A 196 -24.11 -34.98 4.54
CA PHE A 196 -24.07 -35.61 3.22
C PHE A 196 -24.89 -34.78 2.24
N TYR A 197 -24.40 -34.55 1.04
CA TYR A 197 -25.05 -33.78 -0.01
C TYR A 197 -25.21 -34.63 -1.27
N ALA A 198 -26.35 -34.50 -1.93
CA ALA A 198 -26.65 -35.23 -3.15
C ALA A 198 -27.16 -34.30 -4.25
N TYR A 199 -26.60 -34.42 -5.45
CA TYR A 199 -27.02 -33.71 -6.64
C TYR A 199 -27.30 -34.75 -7.72
N TYR A 200 -28.22 -34.47 -8.63
CA TYR A 200 -28.56 -35.40 -9.70
C TYR A 200 -29.00 -34.69 -10.97
N ALA A 201 -28.90 -35.38 -12.11
CA ALA A 201 -29.39 -34.91 -13.39
C ALA A 201 -29.78 -36.11 -14.24
N ASP A 202 -30.88 -35.98 -14.97
CA ASP A 202 -31.38 -36.99 -15.89
C ASP A 202 -31.44 -36.45 -17.33
N SER A 203 -31.79 -35.18 -17.54
CA SER A 203 -31.89 -34.59 -18.87
C SER A 203 -30.53 -34.10 -19.40
N GLY A 204 -29.92 -33.15 -18.71
CA GLY A 204 -28.64 -32.56 -19.06
C GLY A 204 -27.45 -33.22 -18.35
N MET A 205 -26.25 -32.72 -18.60
CA MET A 205 -25.02 -33.19 -17.94
C MET A 205 -24.80 -32.54 -16.56
N PRO A 206 -24.92 -31.21 -16.38
CA PRO A 206 -24.74 -30.59 -15.07
C PRO A 206 -25.84 -31.03 -14.10
N THR A 207 -25.49 -31.36 -12.87
CA THR A 207 -26.46 -31.83 -11.86
C THR A 207 -27.08 -30.69 -11.07
N THR A 208 -28.17 -30.98 -10.38
CA THR A 208 -28.91 -30.03 -9.54
C THR A 208 -29.11 -30.65 -8.17
N PHE A 209 -29.22 -29.83 -7.12
CA PHE A 209 -29.34 -30.29 -5.75
C PHE A 209 -30.60 -31.12 -5.48
N LEU A 210 -30.43 -32.31 -4.90
CA LEU A 210 -31.53 -33.18 -4.52
C LEU A 210 -31.88 -32.94 -3.05
N PHE A 211 -30.93 -33.22 -2.15
CA PHE A 211 -31.11 -33.09 -0.71
C PHE A 211 -29.78 -33.08 0.03
N SER A 212 -29.81 -32.55 1.25
CA SER A 212 -28.71 -32.57 2.20
C SER A 212 -29.20 -33.35 3.42
N LEU A 213 -28.32 -34.06 4.08
CA LEU A 213 -28.66 -34.93 5.19
C LEU A 213 -27.58 -34.84 6.26
N TYR A 214 -27.91 -34.32 7.43
CA TYR A 214 -26.95 -34.31 8.52
C TYR A 214 -26.84 -35.73 9.08
N LEU A 215 -25.61 -36.23 9.19
CA LEU A 215 -25.30 -37.55 9.75
C LEU A 215 -24.58 -37.44 11.09
N GLY A 216 -23.68 -36.47 11.25
CA GLY A 216 -22.89 -36.32 12.47
C GLY A 216 -21.73 -37.31 12.56
N THR A 217 -21.51 -38.10 11.53
CA THR A 217 -20.48 -39.12 11.42
C THR A 217 -19.85 -39.04 10.05
N LEU A 218 -18.63 -39.55 9.92
CA LEU A 218 -17.88 -39.54 8.68
C LEU A 218 -18.16 -40.79 7.84
N LEU A 219 -18.75 -40.64 6.66
CA LEU A 219 -18.91 -41.76 5.73
C LEU A 219 -17.52 -42.17 5.26
N SER A 220 -17.27 -43.46 5.10
CA SER A 220 -15.94 -43.92 4.71
C SER A 220 -15.92 -44.85 3.52
N HIS A 221 -17.03 -45.45 3.14
CA HIS A 221 -17.09 -46.44 2.07
C HIS A 221 -18.32 -46.26 1.21
N TYR A 222 -18.22 -46.68 -0.04
CA TYR A 222 -19.37 -46.84 -0.91
C TYR A 222 -19.19 -48.10 -1.75
N TYR A 223 -20.30 -48.59 -2.25
CA TYR A 223 -20.34 -49.85 -2.99
C TYR A 223 -21.55 -49.90 -3.91
N VAL A 224 -21.32 -50.31 -5.16
CA VAL A 224 -22.37 -50.42 -6.17
C VAL A 224 -22.85 -51.86 -6.13
N LEU A 225 -24.11 -52.07 -5.75
CA LEU A 225 -24.69 -53.40 -5.59
C LEU A 225 -24.81 -54.13 -6.92
N PRO A 226 -24.36 -55.41 -7.00
CA PRO A 226 -24.55 -56.20 -8.18
C PRO A 226 -26.04 -56.37 -8.46
N LEU A 227 -26.42 -56.39 -9.73
CA LEU A 227 -27.80 -56.54 -10.16
C LEU A 227 -27.92 -57.90 -10.85
N THR A 228 -28.83 -58.73 -10.39
CA THR A 228 -29.05 -60.06 -10.99
C THR A 228 -30.24 -60.03 -11.93
N CYS A 229 -30.08 -60.57 -13.13
CA CYS A 229 -31.14 -60.52 -14.13
C CYS A 229 -31.08 -61.68 -15.13
N ASN A 230 -32.26 -62.14 -15.59
CA ASN A 230 -32.36 -63.19 -16.61
C ASN A 230 -32.11 -62.65 -18.03
N ALA A 231 -31.94 -61.32 -18.16
CA ALA A 231 -31.65 -60.58 -19.39
C ALA A 231 -30.39 -59.73 -19.20
N ILE A 232 -30.15 -58.67 -19.97
CA ILE A 232 -28.95 -57.81 -19.88
C ILE A 232 -27.68 -58.64 -20.14
N SER A 233 -27.64 -59.35 -21.28
CA SER A 233 -26.54 -60.24 -21.68
C SER A 233 -26.36 -60.29 -23.20
N SER A 234 -25.16 -60.60 -23.67
CA SER A 234 -24.84 -60.70 -25.11
C SER A 234 -25.63 -61.80 -25.82
N ASN A 235 -26.10 -62.81 -25.09
CA ASN A 235 -26.92 -63.93 -25.57
C ASN A 235 -28.43 -63.74 -25.34
N THR A 236 -28.89 -62.54 -24.97
CA THR A 236 -30.31 -62.24 -24.72
C THR A 236 -30.82 -60.97 -25.37
N ASP A 237 -30.05 -59.89 -25.29
CA ASP A 237 -30.47 -58.55 -25.75
C ASP A 237 -29.31 -57.58 -26.03
N ASN A 238 -28.06 -57.98 -25.78
CA ASN A 238 -26.85 -57.15 -25.93
C ASN A 238 -26.84 -55.88 -25.06
N GLU A 239 -27.76 -55.76 -24.10
CA GLU A 239 -27.78 -54.62 -23.19
C GLU A 239 -26.74 -54.83 -22.09
N THR A 240 -26.31 -53.74 -21.47
CA THR A 240 -25.31 -53.81 -20.40
C THR A 240 -25.50 -52.71 -19.36
N LEU A 241 -25.14 -53.00 -18.11
CA LEU A 241 -25.16 -52.03 -17.02
C LEU A 241 -23.86 -51.23 -17.04
N GLN A 242 -23.91 -49.96 -16.68
CA GLN A 242 -22.71 -49.16 -16.52
C GLN A 242 -22.91 -48.18 -15.37
N TYR A 243 -22.00 -48.17 -14.43
CA TYR A 243 -22.05 -47.27 -13.28
C TYR A 243 -20.64 -46.76 -13.09
N TRP A 244 -20.31 -45.69 -13.80
CA TRP A 244 -19.00 -45.08 -13.78
C TRP A 244 -18.88 -44.13 -12.61
N VAL A 245 -17.84 -44.26 -11.79
CA VAL A 245 -17.60 -43.37 -10.65
C VAL A 245 -16.20 -42.80 -10.69
N THR A 246 -16.03 -41.60 -10.15
CA THR A 246 -14.74 -40.92 -10.04
C THR A 246 -14.73 -40.09 -8.75
N PRO A 247 -13.61 -39.97 -8.03
CA PRO A 247 -13.57 -39.19 -6.79
C PRO A 247 -13.80 -37.70 -6.97
N LEU A 248 -14.40 -37.08 -5.96
CA LEU A 248 -14.61 -35.65 -5.89
C LEU A 248 -13.60 -35.04 -4.92
N SER A 249 -13.26 -33.78 -5.13
CA SER A 249 -12.37 -33.02 -4.27
C SER A 249 -12.68 -31.54 -4.43
N LYS A 250 -12.29 -30.71 -3.48
CA LYS A 250 -12.51 -29.27 -3.53
C LYS A 250 -11.61 -28.69 -4.62
N ARG A 251 -12.14 -28.39 -5.81
CA ARG A 251 -11.38 -27.89 -6.96
C ARG A 251 -11.98 -26.64 -7.57
N GLN A 252 -11.14 -25.75 -8.08
CA GLN A 252 -11.61 -24.55 -8.75
C GLN A 252 -11.88 -24.88 -10.21
N TYR A 253 -13.04 -24.47 -10.72
CA TYR A 253 -13.47 -24.69 -12.09
C TYR A 253 -13.88 -23.38 -12.75
N LEU A 254 -13.69 -23.28 -14.05
CA LEU A 254 -14.21 -22.18 -14.85
C LEU A 254 -15.52 -22.72 -15.41
N LEU A 255 -16.65 -22.11 -15.08
CA LEU A 255 -17.96 -22.52 -15.54
C LEU A 255 -18.51 -21.52 -16.54
N LYS A 256 -18.93 -21.95 -17.73
CA LYS A 256 -19.54 -21.06 -18.71
C LYS A 256 -21.05 -21.32 -18.75
N PHE A 257 -21.83 -20.26 -18.60
CA PHE A 257 -23.28 -20.30 -18.64
C PHE A 257 -23.75 -19.64 -19.92
N ASP A 258 -24.68 -20.26 -20.64
CA ASP A 258 -25.20 -19.68 -21.87
C ASP A 258 -26.24 -18.58 -21.58
N ASN A 259 -26.87 -18.02 -22.61
CA ASN A 259 -27.87 -16.97 -22.45
C ASN A 259 -29.16 -17.44 -21.74
N ARG A 260 -29.36 -18.75 -21.53
CA ARG A 260 -30.54 -19.29 -20.85
C ARG A 260 -30.20 -19.87 -19.46
N GLY A 261 -28.96 -19.70 -19.00
CA GLY A 261 -28.50 -20.13 -17.69
C GLY A 261 -28.00 -21.55 -17.54
N VAL A 262 -27.78 -22.28 -18.63
CA VAL A 262 -27.30 -23.66 -18.60
C VAL A 262 -25.78 -23.70 -18.64
N ILE A 263 -25.15 -24.54 -17.81
CA ILE A 263 -23.69 -24.70 -17.85
C ILE A 263 -23.37 -25.48 -19.12
N THR A 264 -22.84 -24.83 -20.15
CA THR A 264 -22.53 -25.51 -21.42
C THR A 264 -21.12 -26.05 -21.48
N ASN A 265 -20.17 -25.42 -20.79
CA ASN A 265 -18.78 -25.84 -20.78
C ASN A 265 -18.14 -25.60 -19.42
N ALA A 266 -17.08 -26.33 -19.13
CA ALA A 266 -16.35 -26.19 -17.89
C ALA A 266 -14.87 -26.50 -18.08
N VAL A 267 -14.02 -25.95 -17.22
CA VAL A 267 -12.58 -26.18 -17.24
C VAL A 267 -12.08 -26.43 -15.83
N ASP A 268 -11.32 -27.50 -15.61
CA ASP A 268 -10.70 -27.78 -14.32
C ASP A 268 -9.36 -27.03 -14.31
N CYS A 269 -9.25 -25.96 -13.52
CA CYS A 269 -8.10 -25.05 -13.52
C CYS A 269 -6.72 -25.68 -13.39
N SER A 270 -6.51 -26.61 -12.47
CA SER A 270 -5.19 -27.21 -12.25
C SER A 270 -5.00 -28.57 -12.93
N SER A 271 -5.88 -28.95 -13.86
CA SER A 271 -5.77 -30.25 -14.53
C SER A 271 -4.65 -30.33 -15.59
N SER A 272 -4.36 -29.23 -16.28
CA SER A 272 -3.33 -29.16 -17.32
C SER A 272 -2.89 -27.74 -17.61
N PHE A 273 -1.82 -27.56 -18.37
CA PHE A 273 -1.34 -26.23 -18.74
C PHE A 273 -2.37 -25.47 -19.58
N PHE A 274 -3.06 -26.10 -20.52
CA PHE A 274 -4.07 -25.38 -21.30
C PHE A 274 -5.23 -24.95 -20.41
N SER A 275 -5.63 -25.77 -19.46
CA SER A 275 -6.69 -25.44 -18.52
C SER A 275 -6.31 -24.23 -17.67
N GLU A 276 -5.04 -24.12 -17.30
CA GLU A 276 -4.53 -22.97 -16.56
C GLU A 276 -4.64 -21.69 -17.41
N ILE A 277 -4.33 -21.76 -18.71
CA ILE A 277 -4.44 -20.62 -19.63
C ILE A 277 -5.91 -20.22 -19.77
N GLN A 278 -6.81 -21.19 -19.93
CA GLN A 278 -8.24 -20.96 -20.06
C GLN A 278 -8.78 -20.26 -18.81
N CYS A 279 -8.35 -20.67 -17.62
CA CYS A 279 -8.81 -20.05 -16.39
C CYS A 279 -8.16 -18.69 -16.14
N LYS A 280 -6.91 -18.46 -16.57
CA LYS A 280 -6.24 -17.16 -16.43
C LYS A 280 -6.97 -16.11 -17.26
N THR A 281 -7.33 -16.45 -18.48
CA THR A 281 -8.05 -15.56 -19.40
C THR A 281 -9.57 -15.59 -19.23
N LYS A 282 -10.08 -16.49 -18.36
CA LYS A 282 -11.51 -16.71 -18.10
C LYS A 282 -12.29 -16.95 -19.39
N SER A 283 -11.72 -17.72 -20.31
CA SER A 283 -12.32 -18.02 -21.62
C SER A 283 -12.03 -19.45 -22.07
N LEU A 284 -12.95 -20.06 -22.83
CA LEU A 284 -12.78 -21.42 -23.34
C LEU A 284 -11.73 -21.50 -24.42
N LEU A 285 -11.63 -20.48 -25.27
CA LEU A 285 -10.66 -20.39 -26.34
C LEU A 285 -9.81 -19.13 -26.17
N PRO A 286 -8.66 -19.23 -25.49
CA PRO A 286 -7.78 -18.09 -25.27
C PRO A 286 -7.24 -17.51 -26.58
N ASN A 287 -6.86 -16.24 -26.58
CA ASN A 287 -6.30 -15.61 -27.78
C ASN A 287 -4.92 -16.19 -28.13
N THR A 288 -4.51 -16.12 -29.39
CA THR A 288 -3.17 -16.57 -29.77
C THR A 288 -2.13 -15.77 -29.00
N GLY A 289 -1.16 -16.43 -28.39
CA GLY A 289 -0.12 -15.75 -27.63
C GLY A 289 0.77 -16.70 -26.86
N VAL A 290 1.83 -16.15 -26.27
CA VAL A 290 2.76 -16.88 -25.42
C VAL A 290 2.36 -16.57 -24.00
N TYR A 291 2.04 -17.59 -23.22
CA TYR A 291 1.61 -17.47 -21.85
C TYR A 291 2.64 -18.02 -20.90
N ASP A 292 3.15 -17.19 -19.99
CA ASP A 292 4.08 -17.65 -18.96
C ASP A 292 3.20 -18.17 -17.82
N LEU A 293 3.22 -19.49 -17.64
CA LEU A 293 2.39 -20.13 -16.64
C LEU A 293 2.90 -19.89 -15.23
N SER A 294 2.09 -20.20 -14.22
CA SER A 294 2.47 -20.05 -12.82
C SER A 294 3.65 -20.95 -12.52
N GLY A 295 4.59 -20.46 -11.73
CA GLY A 295 5.80 -21.17 -11.42
C GLY A 295 5.58 -22.42 -10.59
N PHE A 296 6.22 -23.49 -11.01
CA PHE A 296 6.20 -24.78 -10.34
C PHE A 296 7.50 -24.91 -9.54
N THR A 297 7.51 -25.79 -8.54
CA THR A 297 8.71 -26.16 -7.80
C THR A 297 8.82 -27.67 -7.82
N VAL A 298 10.02 -28.21 -7.99
CA VAL A 298 10.22 -29.66 -7.99
C VAL A 298 9.80 -30.20 -6.63
N LYS A 299 8.79 -31.07 -6.58
CA LYS A 299 8.30 -31.63 -5.31
C LYS A 299 9.35 -32.57 -4.69
N PRO A 300 9.52 -32.57 -3.37
CA PRO A 300 10.44 -33.49 -2.70
C PRO A 300 10.19 -34.96 -2.99
N VAL A 301 11.25 -35.76 -3.08
CA VAL A 301 11.17 -37.21 -3.34
C VAL A 301 11.44 -38.05 -2.11
N ALA A 302 11.99 -37.46 -1.05
CA ALA A 302 12.34 -38.10 0.21
C ALA A 302 12.36 -37.06 1.34
N THR A 303 12.50 -37.51 2.58
CA THR A 303 12.56 -36.64 3.75
C THR A 303 13.82 -36.94 4.56
N VAL A 304 14.49 -35.90 5.02
CA VAL A 304 15.69 -35.99 5.84
C VAL A 304 15.34 -35.57 7.25
N HIS A 305 15.48 -36.45 8.22
CA HIS A 305 15.18 -36.14 9.61
C HIS A 305 16.41 -36.47 10.44
N ARG A 306 16.99 -35.46 11.08
CA ARG A 306 18.22 -35.60 11.88
C ARG A 306 18.00 -35.08 13.28
N ARG A 307 18.31 -35.92 14.27
CA ARG A 307 18.23 -35.62 15.70
C ARG A 307 19.38 -36.29 16.43
N ILE A 308 19.77 -35.76 17.59
CA ILE A 308 20.83 -36.36 18.39
C ILE A 308 20.27 -37.65 19.02
N PRO A 309 20.89 -38.81 18.82
CA PRO A 309 20.39 -40.06 19.37
C PRO A 309 20.83 -40.28 20.82
N ASP A 310 20.22 -41.26 21.47
CA ASP A 310 20.52 -41.72 22.83
C ASP A 310 20.37 -40.68 23.96
N LEU A 311 19.54 -39.66 23.78
CA LEU A 311 19.30 -38.67 24.84
C LEU A 311 18.29 -39.25 25.85
N PRO A 312 18.40 -38.93 27.15
CA PRO A 312 17.50 -39.45 28.16
C PRO A 312 16.13 -38.80 28.10
N ASP A 313 15.14 -39.39 28.77
CA ASP A 313 13.82 -38.79 28.84
C ASP A 313 13.86 -37.57 29.76
N CYS A 314 13.14 -36.49 29.43
CA CYS A 314 13.16 -35.29 30.27
C CYS A 314 12.54 -35.49 31.66
N ASP A 315 11.59 -36.42 31.81
CA ASP A 315 10.90 -36.68 33.08
C ASP A 315 10.22 -35.41 33.64
N ILE A 316 9.62 -34.62 32.75
CA ILE A 316 8.91 -33.39 33.12
C ILE A 316 7.74 -33.70 34.05
N ASP A 317 6.99 -34.77 33.78
CA ASP A 317 5.85 -35.16 34.58
C ASP A 317 6.26 -35.48 36.02
N LYS A 318 7.43 -36.09 36.26
CA LYS A 318 7.89 -36.42 37.61
C LYS A 318 8.07 -35.15 38.44
N TRP A 319 8.59 -34.08 37.84
CA TRP A 319 8.75 -32.81 38.52
C TRP A 319 7.44 -32.06 38.69
N LEU A 320 6.58 -32.04 37.67
CA LEU A 320 5.26 -31.40 37.78
C LEU A 320 4.33 -32.15 38.74
N ASN A 321 4.46 -33.47 38.88
CA ASN A 321 3.64 -34.25 39.81
C ASN A 321 4.25 -34.35 41.21
N ASN A 322 5.38 -33.70 41.52
CA ASN A 322 5.94 -33.72 42.86
C ASN A 322 4.93 -33.11 43.86
N PHE A 323 4.68 -33.78 44.98
CA PHE A 323 3.65 -33.37 45.94
C PHE A 323 4.02 -32.16 46.81
N ASN A 324 5.26 -31.70 46.78
CA ASN A 324 5.71 -30.51 47.51
C ASN A 324 5.52 -29.30 46.60
N VAL A 325 4.27 -28.87 46.40
CA VAL A 325 3.93 -27.77 45.49
C VAL A 325 4.26 -26.41 46.12
N PRO A 326 5.04 -25.52 45.47
CA PRO A 326 5.32 -24.18 46.00
C PRO A 326 4.15 -23.21 45.80
N SER A 327 4.14 -22.11 46.55
CA SER A 327 3.15 -21.05 46.36
C SER A 327 3.63 -20.08 45.28
N PRO A 328 2.78 -19.20 44.73
CA PRO A 328 3.23 -18.21 43.76
C PRO A 328 4.34 -17.34 44.33
N LEU A 329 4.40 -17.12 45.65
CA LEU A 329 5.43 -16.30 46.25
C LEU A 329 6.83 -16.90 46.07
N ASN A 330 6.97 -18.22 46.16
CA ASN A 330 8.22 -18.95 46.05
C ASN A 330 8.17 -19.97 44.92
N TRP A 331 7.68 -19.56 43.76
CA TRP A 331 7.57 -20.43 42.60
C TRP A 331 8.90 -21.11 42.28
N GLU A 332 8.85 -22.40 41.98
CA GLU A 332 10.04 -23.18 41.68
C GLU A 332 10.27 -23.28 40.19
N ARG A 333 11.53 -23.46 39.79
CA ARG A 333 11.96 -23.57 38.40
C ARG A 333 12.82 -24.79 38.14
N LYS A 334 12.58 -25.47 37.02
CA LYS A 334 13.42 -26.57 36.54
C LYS A 334 13.69 -26.35 35.07
N ILE A 335 14.93 -26.59 34.64
CA ILE A 335 15.35 -26.43 33.26
C ILE A 335 15.59 -27.81 32.66
N PHE A 336 14.96 -28.09 31.54
CA PHE A 336 15.10 -29.34 30.82
C PHE A 336 15.85 -29.05 29.52
N SER A 337 16.96 -29.77 29.31
CA SER A 337 17.80 -29.65 28.14
C SER A 337 18.49 -30.98 27.86
N ASN A 338 18.91 -31.20 26.60
CA ASN A 338 19.59 -32.43 26.16
C ASN A 338 18.77 -33.67 26.55
N CYS A 339 17.46 -33.62 26.35
CA CYS A 339 16.56 -34.71 26.69
C CYS A 339 15.40 -34.80 25.71
N ASN A 340 14.76 -35.97 25.66
CA ASN A 340 13.64 -36.25 24.78
C ASN A 340 12.36 -36.24 25.61
N PHE A 341 11.32 -35.57 25.12
CA PHE A 341 10.02 -35.49 25.78
C PHE A 341 8.94 -35.73 24.74
N ASN A 342 7.69 -35.87 25.15
CA ASN A 342 6.59 -35.84 24.20
C ASN A 342 5.41 -35.27 24.97
N LEU A 343 4.75 -34.30 24.36
CA LEU A 343 3.67 -33.56 24.97
C LEU A 343 2.41 -34.44 25.14
N SER A 344 2.22 -35.47 24.31
CA SER A 344 1.07 -36.37 24.42
C SER A 344 1.08 -37.16 25.73
N THR A 345 2.18 -37.81 26.12
CA THR A 345 2.19 -38.53 27.41
C THR A 345 2.32 -37.57 28.58
N LEU A 346 3.03 -36.45 28.42
CA LEU A 346 3.15 -35.46 29.48
C LEU A 346 1.78 -34.93 29.91
N LEU A 347 0.96 -34.47 28.97
CA LEU A 347 -0.39 -33.98 29.25
C LEU A 347 -1.38 -35.06 29.71
N ARG A 348 -1.00 -36.34 29.73
CA ARG A 348 -1.78 -37.42 30.33
C ARG A 348 -1.34 -37.66 31.77
N LEU A 349 -0.04 -37.91 31.97
CA LEU A 349 0.54 -38.19 33.28
C LEU A 349 0.33 -37.02 34.24
N VAL A 350 0.38 -35.80 33.74
CA VAL A 350 -0.01 -34.61 34.47
C VAL A 350 -1.48 -34.39 34.20
N HIS A 351 -2.33 -34.35 35.23
CA HIS A 351 -3.79 -34.24 35.07
C HIS A 351 -4.15 -32.81 34.67
N THR A 352 -3.98 -32.51 33.39
CA THR A 352 -4.19 -31.18 32.82
C THR A 352 -5.65 -30.77 32.75
N ASP A 353 -5.90 -29.53 33.20
CA ASP A 353 -7.12 -28.77 33.06
C ASP A 353 -7.13 -28.09 31.69
N SER A 354 -6.11 -27.31 31.39
CA SER A 354 -5.96 -26.50 30.20
C SER A 354 -4.50 -26.35 29.81
N PHE A 355 -4.21 -26.33 28.51
CA PHE A 355 -2.90 -26.04 27.97
C PHE A 355 -3.05 -25.11 26.77
N SER A 356 -2.26 -24.06 26.70
CA SER A 356 -2.29 -23.12 25.58
C SER A 356 -0.93 -22.46 25.43
N CYS A 357 -0.63 -21.91 24.26
CA CYS A 357 0.64 -21.27 23.99
C CYS A 357 0.48 -19.84 23.51
N ASN A 358 1.47 -19.02 23.81
CA ASN A 358 1.58 -17.62 23.47
C ASN A 358 2.80 -17.47 22.56
N ASN A 359 2.67 -16.76 21.44
CA ASN A 359 3.71 -16.57 20.41
C ASN A 359 4.22 -17.90 19.82
N PHE A 360 3.42 -18.95 19.98
CA PHE A 360 3.65 -20.31 19.54
C PHE A 360 2.33 -21.07 19.60
N ASP A 361 2.28 -22.29 19.11
CA ASP A 361 1.08 -23.13 19.18
C ASP A 361 1.44 -24.52 19.66
N GLU A 362 0.63 -25.13 20.52
CA GLU A 362 0.95 -26.46 21.02
C GLU A 362 0.98 -27.50 19.91
N SER A 363 0.27 -27.29 18.80
CA SER A 363 0.30 -28.21 17.66
C SER A 363 1.68 -28.21 17.01
N LYS A 364 2.43 -27.11 17.14
CA LYS A 364 3.78 -26.95 16.63
C LYS A 364 4.83 -27.47 17.61
N ILE A 365 4.49 -27.80 18.85
CA ILE A 365 5.46 -28.41 19.79
C ILE A 365 5.77 -29.83 19.36
N TYR A 366 4.79 -30.56 18.86
CA TYR A 366 4.94 -31.94 18.43
C TYR A 366 6.04 -32.05 17.36
N GLY A 367 7.10 -32.79 17.66
CA GLY A 367 8.23 -33.01 16.77
C GLY A 367 9.27 -31.89 16.71
N SER A 368 9.06 -30.77 17.40
CA SER A 368 10.00 -29.63 17.41
C SER A 368 11.15 -29.79 18.40
N CYS A 369 12.19 -28.98 18.25
CA CYS A 369 13.35 -28.94 19.12
C CYS A 369 13.53 -27.55 19.71
N PHE A 370 14.03 -27.50 20.94
CA PHE A 370 14.30 -26.28 21.68
C PHE A 370 15.66 -26.37 22.36
N LYS A 371 16.37 -25.25 22.54
CA LYS A 371 17.65 -25.23 23.25
C LYS A 371 17.45 -25.72 24.67
N SER A 372 16.38 -25.27 25.29
CA SER A 372 15.95 -25.68 26.62
C SER A 372 14.48 -25.34 26.81
N ILE A 373 13.81 -26.12 27.64
CA ILE A 373 12.46 -25.84 28.11
C ILE A 373 12.59 -25.51 29.59
N VAL A 374 12.17 -24.33 29.97
CA VAL A 374 12.29 -23.84 31.35
C VAL A 374 10.89 -23.84 31.94
N LEU A 375 10.66 -24.64 32.98
CA LEU A 375 9.35 -24.71 33.62
C LEU A 375 9.35 -24.01 34.96
N ASP A 376 8.41 -23.10 35.14
CA ASP A 376 8.16 -22.43 36.41
C ASP A 376 6.80 -22.89 36.93
N LYS A 377 6.66 -23.35 38.17
CA LYS A 377 5.39 -23.86 38.71
C LYS A 377 4.99 -23.25 40.05
N PHE A 378 3.70 -23.19 40.32
CA PHE A 378 3.14 -22.90 41.65
C PHE A 378 1.67 -23.32 41.77
N ALA A 379 1.21 -23.56 42.99
CA ALA A 379 -0.20 -23.78 43.28
C ALA A 379 -1.00 -22.49 43.07
N ILE A 380 -2.24 -22.58 42.62
CA ILE A 380 -3.06 -21.40 42.33
C ILE A 380 -3.97 -21.14 43.54
N PRO A 381 -3.89 -20.00 44.23
CA PRO A 381 -4.91 -19.62 45.20
C PRO A 381 -6.25 -19.45 44.47
N ASN A 382 -7.34 -20.13 44.86
CA ASN A 382 -8.58 -20.22 44.08
C ASN A 382 -9.11 -18.88 43.59
N SER A 383 -9.22 -17.89 44.47
CA SER A 383 -9.72 -16.55 44.11
C SER A 383 -8.84 -15.78 43.13
N ARG A 384 -7.57 -16.17 42.98
CA ARG A 384 -6.57 -15.49 42.17
C ARG A 384 -6.40 -16.06 40.76
N ARG A 385 -7.10 -17.11 40.35
CA ARG A 385 -6.86 -17.77 39.05
C ARG A 385 -7.01 -16.82 37.86
N SER A 386 -7.90 -15.83 37.92
CA SER A 386 -8.06 -14.84 36.85
C SER A 386 -6.83 -13.94 36.67
N ASP A 387 -5.92 -13.87 37.64
CA ASP A 387 -4.71 -13.05 37.55
C ASP A 387 -3.67 -13.69 36.62
N LEU A 388 -3.82 -14.94 36.23
CA LEU A 388 -2.89 -15.64 35.34
C LEU A 388 -3.19 -15.44 33.86
N GLN A 389 -4.18 -14.61 33.50
CA GLN A 389 -4.44 -14.29 32.11
C GLN A 389 -3.25 -13.49 31.56
N LEU A 390 -2.85 -13.72 30.31
CA LEU A 390 -1.69 -13.03 29.75
C LEU A 390 -1.92 -11.51 29.74
N GLY A 391 -0.93 -10.76 30.23
CA GLY A 391 -0.99 -9.30 30.30
C GLY A 391 -1.78 -8.76 31.48
N SER A 392 -2.32 -9.60 32.36
CA SER A 392 -3.08 -9.15 33.53
C SER A 392 -2.20 -8.47 34.57
N SER A 393 -2.69 -7.39 35.18
CA SER A 393 -2.01 -6.62 36.23
C SER A 393 -2.44 -7.07 37.63
N GLY A 394 -3.03 -8.25 37.76
CA GLY A 394 -3.49 -8.77 39.05
C GLY A 394 -2.35 -9.05 40.02
N PHE A 395 -2.65 -9.45 41.25
CA PHE A 395 -1.65 -9.69 42.27
C PHE A 395 -0.64 -10.76 41.91
N LEU A 396 -1.04 -11.86 41.26
CA LEU A 396 -0.08 -12.90 40.92
C LEU A 396 0.98 -12.40 39.96
N GLN A 397 0.63 -11.68 38.90
CA GLN A 397 1.62 -11.20 37.94
C GLN A 397 2.31 -9.90 38.32
N SER A 398 1.70 -9.06 39.17
CA SER A 398 2.35 -7.82 39.58
C SER A 398 3.23 -8.02 40.80
N SER A 399 3.03 -9.08 41.58
CA SER A 399 3.79 -9.30 42.81
C SER A 399 4.32 -10.71 43.06
N ASN A 400 4.00 -11.74 42.28
CA ASN A 400 4.50 -13.08 42.55
C ASN A 400 5.30 -13.71 41.41
N TYR A 401 4.73 -13.74 40.21
CA TYR A 401 5.31 -14.34 39.02
C TYR A 401 4.81 -13.64 37.77
N LYS A 402 5.64 -12.85 37.10
CA LYS A 402 5.26 -12.23 35.82
C LYS A 402 5.43 -13.21 34.67
N ILE A 403 4.35 -13.49 33.94
CA ILE A 403 4.40 -14.28 32.71
C ILE A 403 4.92 -13.39 31.59
N ASP A 404 6.01 -13.76 30.91
CA ASP A 404 6.54 -12.95 29.83
C ASP A 404 5.75 -13.12 28.54
N THR A 405 4.94 -12.11 28.22
CA THR A 405 4.07 -12.07 27.05
C THR A 405 4.86 -11.91 25.75
N THR A 406 6.08 -11.40 25.79
CA THR A 406 6.93 -11.22 24.60
C THR A 406 7.59 -12.52 24.15
N SER A 407 7.92 -13.40 25.10
CA SER A 407 8.57 -14.67 24.83
C SER A 407 7.61 -15.74 24.30
N SER A 408 8.18 -16.77 23.70
CA SER A 408 7.46 -17.97 23.27
C SER A 408 7.29 -18.93 24.45
N SER A 409 6.05 -19.21 24.84
CA SER A 409 5.77 -19.96 26.06
C SER A 409 4.39 -20.60 26.07
N CYS A 410 4.17 -21.57 26.94
CA CYS A 410 2.90 -22.25 27.11
C CYS A 410 2.46 -22.33 28.55
N GLN A 411 1.19 -22.07 28.79
CA GLN A 411 0.57 -22.02 30.09
C GLN A 411 -0.09 -23.38 30.33
N LEU A 412 0.36 -24.13 31.32
CA LEU A 412 -0.26 -25.38 31.74
C LEU A 412 -1.01 -25.17 33.04
N TYR A 413 -2.29 -25.45 33.01
CA TYR A 413 -3.13 -25.57 34.20
C TYR A 413 -3.38 -27.04 34.42
N TYR A 414 -3.12 -27.53 35.61
CA TYR A 414 -3.24 -28.92 35.96
C TYR A 414 -3.57 -29.08 37.44
N SER A 415 -3.73 -30.30 37.92
CA SER A 415 -4.01 -30.50 39.34
C SER A 415 -3.47 -31.81 39.88
N LEU A 416 -3.25 -31.85 41.18
CA LEU A 416 -2.86 -33.04 41.93
C LEU A 416 -3.93 -33.39 42.97
N PRO A 417 -4.10 -34.65 43.36
CA PRO A 417 -5.09 -35.03 44.35
C PRO A 417 -4.77 -34.39 45.70
N ALA A 418 -5.72 -33.67 46.28
CA ALA A 418 -5.46 -32.85 47.47
C ALA A 418 -5.04 -33.68 48.68
N ILE A 419 -5.40 -34.97 48.73
CA ILE A 419 -5.03 -35.88 49.80
C ILE A 419 -3.50 -35.96 49.97
N ASN A 420 -2.74 -36.01 48.87
CA ASN A 420 -1.29 -36.17 48.90
C ASN A 420 -0.47 -34.86 48.78
N VAL A 421 -1.07 -33.75 48.35
CA VAL A 421 -0.37 -32.46 48.22
C VAL A 421 -0.08 -31.80 49.57
N THR A 422 1.05 -31.13 49.69
CA THR A 422 1.42 -30.25 50.80
C THR A 422 1.96 -28.97 50.19
N ILE A 423 1.39 -27.81 50.52
CA ILE A 423 1.88 -26.53 49.97
C ILE A 423 3.10 -26.03 50.72
N ASN A 424 4.17 -25.73 50.00
CA ASN A 424 5.40 -25.19 50.55
C ASN A 424 5.35 -23.67 50.47
N ASN A 425 4.83 -23.01 51.50
CA ASN A 425 4.79 -21.56 51.57
C ASN A 425 6.11 -21.09 52.16
N TYR A 426 6.82 -20.21 51.47
CA TYR A 426 8.12 -19.70 51.93
C TYR A 426 8.32 -18.29 51.43
N ASN A 427 8.92 -17.41 52.24
CA ASN A 427 9.19 -16.04 51.84
C ASN A 427 10.62 -15.95 51.30
N PRO A 428 10.82 -15.72 50.00
CA PRO A 428 12.15 -15.67 49.41
C PRO A 428 12.86 -14.33 49.64
N SER A 429 12.19 -13.32 50.21
CA SER A 429 12.79 -12.01 50.43
C SER A 429 13.86 -12.06 51.51
N SER A 430 15.09 -11.67 51.16
CA SER A 430 16.20 -11.67 52.12
C SER A 430 16.03 -10.55 53.14
N TRP A 431 15.53 -9.38 52.75
CA TRP A 431 15.37 -8.28 53.69
C TRP A 431 14.24 -8.56 54.68
N ASN A 432 13.18 -9.25 54.28
CA ASN A 432 12.13 -9.62 55.23
C ASN A 432 12.68 -10.64 56.23
N ARG A 433 13.49 -11.60 55.78
CA ARG A 433 14.07 -12.64 56.64
C ARG A 433 15.09 -12.09 57.61
N ARG A 434 15.91 -11.10 57.22
CA ARG A 434 16.90 -10.52 58.14
C ARG A 434 16.27 -9.65 59.23
N TYR A 435 14.99 -9.32 59.12
CA TYR A 435 14.27 -8.47 60.08
C TYR A 435 13.12 -9.18 60.80
N GLY A 436 13.21 -10.50 61.01
CA GLY A 436 12.23 -11.24 61.80
C GLY A 436 11.19 -12.10 61.09
N PHE A 437 11.13 -12.14 59.75
CA PHE A 437 10.22 -13.08 59.09
C PHE A 437 10.79 -14.50 59.17
N ASN A 438 10.07 -15.42 59.84
CA ASN A 438 10.53 -16.81 60.00
C ASN A 438 9.86 -17.76 59.00
N ASN A 439 8.54 -17.93 59.08
CA ASN A 439 7.75 -18.80 58.21
C ASN A 439 6.26 -18.58 58.44
N PHE A 440 5.42 -19.09 57.54
CA PHE A 440 3.96 -19.01 57.67
C PHE A 440 3.41 -20.10 58.59
N ASN A 441 2.29 -19.80 59.26
CA ASN A 441 1.56 -20.74 60.12
C ASN A 441 0.12 -20.90 59.57
N LEU A 442 -0.06 -21.80 58.61
CA LEU A 442 -1.27 -21.94 57.79
C LEU A 442 -1.63 -23.42 57.55
N SER A 443 -2.85 -23.69 57.08
CA SER A 443 -3.32 -25.04 56.78
C SER A 443 -2.49 -25.72 55.69
N SER A 444 -2.66 -27.02 55.52
CA SER A 444 -1.92 -27.83 54.54
C SER A 444 -2.16 -27.45 53.07
N HIS A 445 -3.29 -26.81 52.76
CA HIS A 445 -3.66 -26.36 51.40
C HIS A 445 -3.78 -24.84 51.25
N SER A 446 -3.42 -24.06 52.26
CA SER A 446 -3.35 -22.60 52.10
C SER A 446 -2.13 -22.23 51.25
N VAL A 447 -2.35 -21.40 50.23
CA VAL A 447 -1.33 -20.92 49.31
C VAL A 447 -1.15 -19.42 49.51
N VAL A 448 0.01 -18.95 49.92
CA VAL A 448 0.25 -17.51 50.08
C VAL A 448 0.54 -16.82 48.77
N TYR A 449 0.16 -15.57 48.65
CA TYR A 449 0.57 -14.70 47.57
C TYR A 449 0.79 -13.28 48.08
N SER A 450 1.83 -12.62 47.61
CA SER A 450 2.00 -11.20 47.81
C SER A 450 0.91 -10.43 47.08
N ARG A 451 0.32 -9.42 47.71
CA ARG A 451 -0.47 -8.40 47.00
C ARG A 451 0.45 -7.28 46.55
N TYR A 452 1.37 -6.83 47.39
CA TYR A 452 2.28 -5.72 47.09
C TYR A 452 3.71 -6.06 47.49
N CYS A 453 4.69 -5.83 46.61
CA CYS A 453 6.09 -6.08 46.91
C CYS A 453 6.82 -4.76 47.08
N PHE A 454 7.69 -4.71 48.07
CA PHE A 454 8.49 -3.55 48.40
C PHE A 454 9.96 -3.94 48.40
N SER A 455 10.75 -3.11 47.74
CA SER A 455 12.19 -3.27 47.61
C SER A 455 12.89 -2.18 48.41
N VAL A 456 14.00 -2.56 49.02
CA VAL A 456 14.87 -1.71 49.83
C VAL A 456 16.31 -2.04 49.48
N ASN A 457 17.22 -1.07 49.58
CA ASN A 457 18.63 -1.34 49.32
C ASN A 457 19.24 -1.99 50.57
N ASN A 458 20.46 -2.52 50.47
CA ASN A 458 21.11 -3.22 51.58
C ASN A 458 21.41 -2.35 52.82
N THR A 459 21.20 -1.02 52.76
CA THR A 459 21.41 -0.13 53.91
C THR A 459 20.13 0.11 54.72
N PHE A 460 19.01 -0.51 54.36
CA PHE A 460 17.74 -0.34 55.06
C PHE A 460 17.66 -1.06 56.40
N CYS A 461 16.97 -0.43 57.35
CA CYS A 461 16.65 -0.93 58.68
C CYS A 461 15.31 -0.32 59.11
N PRO A 462 14.32 -1.11 59.56
CA PRO A 462 13.03 -0.59 59.94
C PRO A 462 12.96 0.00 61.36
N CYS A 463 13.96 -0.20 62.22
CA CYS A 463 13.94 0.32 63.59
C CYS A 463 14.49 1.75 63.69
N ALA A 464 13.94 2.55 64.60
CA ALA A 464 14.43 3.91 64.84
C ALA A 464 15.67 3.89 65.75
N LYS A 465 16.42 4.99 65.79
CA LYS A 465 17.63 5.10 66.62
C LYS A 465 17.22 5.15 68.11
N PRO A 466 17.77 4.31 68.99
CA PRO A 466 17.43 4.33 70.41
C PRO A 466 17.64 5.69 71.08
N SER A 467 18.70 6.43 70.71
CA SER A 467 18.92 7.76 71.27
C SER A 467 17.80 8.72 70.87
N PHE A 468 17.36 8.72 69.60
CA PHE A 468 16.26 9.57 69.16
C PHE A 468 14.95 9.16 69.84
N ALA A 469 14.65 7.86 69.88
CA ALA A 469 13.42 7.35 70.48
C ALA A 469 13.32 7.68 71.97
N SER A 470 14.42 7.60 72.72
CA SER A 470 14.42 7.90 74.16
C SER A 470 14.06 9.36 74.45
N SER A 471 14.29 10.27 73.49
CA SER A 471 13.99 11.70 73.65
C SER A 471 12.55 12.11 73.31
N CYS A 472 11.76 11.24 72.69
CA CYS A 472 10.37 11.55 72.31
C CYS A 472 9.43 11.64 73.52
N LYS A 473 8.60 12.69 73.58
CA LYS A 473 7.61 12.89 74.67
C LYS A 473 6.28 12.19 74.35
N SER A 474 5.90 12.15 73.08
CA SER A 474 4.70 11.49 72.56
C SER A 474 4.98 10.90 71.18
N HIS A 475 4.18 9.93 70.76
CA HIS A 475 4.34 9.20 69.50
C HIS A 475 5.75 8.61 69.39
N LYS A 476 6.27 8.08 70.50
CA LYS A 476 7.60 7.49 70.57
C LYS A 476 7.67 6.25 69.68
N PRO A 477 8.58 6.19 68.70
CA PRO A 477 8.70 5.04 67.84
C PRO A 477 9.48 3.93 68.55
N PRO A 478 9.20 2.65 68.27
CA PRO A 478 9.96 1.55 68.83
C PRO A 478 11.39 1.61 68.25
N SER A 479 12.37 1.14 69.03
CA SER A 479 13.78 1.16 68.65
C SER A 479 14.51 -0.11 69.05
N ALA A 480 15.64 -0.34 68.39
CA ALA A 480 16.54 -1.45 68.59
C ALA A 480 17.83 -1.15 67.81
N SER A 481 18.87 -1.95 67.99
CA SER A 481 20.11 -1.77 67.25
C SER A 481 19.94 -2.23 65.79
N CYS A 482 20.35 -1.41 64.83
CA CYS A 482 20.31 -1.77 63.43
C CYS A 482 21.62 -2.47 63.04
N PRO A 483 21.61 -3.37 62.04
CA PRO A 483 22.83 -4.07 61.62
C PRO A 483 23.92 -3.14 61.10
N ILE A 484 25.16 -3.61 61.10
CA ILE A 484 26.31 -2.83 60.62
C ILE A 484 26.11 -2.47 59.14
N GLY A 485 26.38 -1.23 58.77
CA GLY A 485 26.23 -0.75 57.40
C GLY A 485 24.80 -0.34 57.02
N THR A 486 23.90 -0.20 58.00
CA THR A 486 22.50 0.19 57.76
C THR A 486 22.14 1.48 58.49
N ASN A 487 21.19 2.23 57.95
CA ASN A 487 20.72 3.49 58.49
C ASN A 487 19.40 3.28 59.24
N TYR A 488 19.27 3.87 60.41
CA TYR A 488 18.06 3.75 61.23
C TYR A 488 16.89 4.47 60.56
N ARG A 489 15.67 4.09 60.93
CA ARG A 489 14.41 4.66 60.41
C ARG A 489 14.40 6.17 60.58
N SER A 490 14.17 6.91 59.50
CA SER A 490 14.16 8.37 59.53
C SER A 490 12.95 8.88 60.30
N CYS A 491 13.21 9.78 61.24
CA CYS A 491 12.23 10.43 62.11
C CYS A 491 12.66 11.88 62.42
N GLU A 492 11.70 12.72 62.83
CA GLU A 492 11.90 14.14 63.15
C GLU A 492 11.25 14.49 64.49
N SER A 493 11.81 15.48 65.18
CA SER A 493 11.29 16.00 66.46
C SER A 493 10.39 17.19 66.16
N THR A 494 9.10 16.93 66.03
CA THR A 494 8.07 17.95 65.76
C THR A 494 7.63 18.55 67.09
N THR A 495 8.32 19.59 67.56
CA THR A 495 8.04 20.27 68.83
C THR A 495 6.78 21.15 68.75
N VAL A 496 5.62 20.52 68.55
CA VAL A 496 4.33 21.19 68.46
C VAL A 496 3.91 21.67 69.86
N LEU A 497 3.52 22.94 69.97
CA LEU A 497 3.19 23.59 71.23
C LEU A 497 1.71 23.58 71.65
N ASP A 498 0.76 23.76 70.74
CA ASP A 498 -0.68 23.75 71.09
C ASP A 498 -1.13 22.37 71.59
N HIS A 499 -0.66 21.30 70.93
CA HIS A 499 -0.88 19.90 71.31
C HIS A 499 0.45 19.16 71.14
N THR A 500 0.79 18.25 72.04
CA THR A 500 2.09 17.56 72.01
C THR A 500 2.13 16.33 71.10
N ASP A 501 2.37 16.54 69.80
CA ASP A 501 2.65 15.48 68.82
C ASP A 501 4.17 15.59 68.56
N TRP A 502 4.98 15.17 69.52
CA TRP A 502 6.43 15.38 69.56
C TRP A 502 7.30 14.69 68.52
N CYS A 503 6.96 13.49 68.06
CA CYS A 503 7.78 12.75 67.10
C CYS A 503 7.00 12.28 65.86
N ARG A 504 7.62 12.44 64.69
CA ARG A 504 7.09 12.03 63.37
C ARG A 504 8.10 11.07 62.73
N CYS A 505 7.65 10.09 61.97
CA CYS A 505 8.52 9.13 61.29
C CYS A 505 8.05 8.84 59.87
N SER A 506 8.94 8.24 59.07
CA SER A 506 8.66 7.90 57.67
C SER A 506 7.76 6.66 57.54
N CYS A 507 7.29 6.35 56.32
CA CYS A 507 6.43 5.19 56.04
C CYS A 507 5.19 5.12 56.97
N LEU A 508 4.49 6.24 57.09
CA LEU A 508 3.33 6.41 57.96
C LEU A 508 2.04 6.56 57.13
N PRO A 509 0.95 5.85 57.44
CA PRO A 509 0.78 4.90 58.54
C PRO A 509 1.54 3.59 58.36
N ASP A 510 1.68 3.13 57.12
CA ASP A 510 2.38 1.91 56.71
C ASP A 510 2.82 2.09 55.25
N PRO A 511 3.78 1.32 54.70
CA PRO A 511 4.19 1.45 53.31
C PRO A 511 3.05 1.20 52.31
N ILE A 512 2.05 0.41 52.70
CA ILE A 512 0.89 0.09 51.88
C ILE A 512 0.05 1.34 51.59
N THR A 513 -0.17 2.19 52.58
CA THR A 513 -0.98 3.40 52.45
C THR A 513 -0.27 4.67 52.91
N ALA A 514 1.05 4.76 52.70
CA ALA A 514 1.86 5.90 53.11
C ALA A 514 1.38 7.22 52.48
N TYR A 515 1.31 8.29 53.26
CA TYR A 515 0.86 9.60 52.76
C TYR A 515 1.81 10.14 51.68
N ASP A 516 3.12 9.99 51.89
CA ASP A 516 4.16 10.40 50.94
C ASP A 516 5.12 9.24 50.65
N PRO A 517 4.89 8.44 49.62
CA PRO A 517 5.74 7.30 49.27
C PRO A 517 7.20 7.66 48.97
N ARG A 518 7.48 8.91 48.56
CA ARG A 518 8.84 9.36 48.23
C ARG A 518 9.76 9.33 49.44
N SER A 519 9.30 9.77 50.61
CA SER A 519 10.11 9.79 51.83
C SER A 519 10.24 8.41 52.49
N CYS A 520 9.33 7.48 52.22
CA CYS A 520 9.40 6.13 52.75
C CYS A 520 10.55 5.36 52.11
N SER A 521 11.38 4.69 52.91
CA SER A 521 12.54 3.94 52.37
C SER A 521 12.13 2.63 51.69
N GLN A 522 10.92 2.13 51.92
CA GLN A 522 10.38 0.93 51.28
C GLN A 522 9.69 1.36 49.99
N LYS A 523 10.24 0.98 48.83
CA LYS A 523 9.71 1.38 47.52
C LYS A 523 8.96 0.26 46.83
N LYS A 524 7.73 0.54 46.38
CA LYS A 524 6.88 -0.42 45.66
C LYS A 524 7.58 -0.84 44.38
N SER A 525 7.62 -2.15 44.13
CA SER A 525 8.28 -2.71 42.95
C SER A 525 7.51 -3.88 42.38
N LEU A 526 7.14 -3.79 41.11
CA LEU A 526 6.48 -4.89 40.41
C LEU A 526 7.51 -5.98 40.14
N VAL A 527 7.14 -7.25 40.20
CA VAL A 527 8.11 -8.31 39.93
C VAL A 527 8.45 -8.33 38.44
N GLY A 528 9.74 -8.44 38.11
CA GLY A 528 10.19 -8.53 36.73
C GLY A 528 10.08 -9.96 36.23
N VAL A 529 10.46 -10.20 34.98
CA VAL A 529 10.41 -11.55 34.41
C VAL A 529 11.47 -12.40 35.09
N GLY A 530 11.08 -13.55 35.63
CA GLY A 530 11.99 -14.47 36.30
C GLY A 530 12.34 -14.09 37.74
N GLU A 531 11.82 -12.99 38.27
CA GLU A 531 12.07 -12.55 39.64
C GLU A 531 10.99 -12.99 40.64
N HIS A 532 11.36 -13.14 41.91
CA HIS A 532 10.42 -13.42 42.99
C HIS A 532 10.05 -12.09 43.67
N CYS A 533 9.10 -12.09 44.61
CA CYS A 533 8.73 -10.86 45.30
C CYS A 533 9.92 -10.27 46.06
N ALA A 534 10.12 -8.95 45.96
CA ALA A 534 11.22 -8.28 46.64
C ALA A 534 11.08 -8.39 48.17
N GLY A 535 9.84 -8.42 48.67
CA GLY A 535 9.48 -8.56 50.07
C GLY A 535 8.18 -7.85 50.41
N PHE A 536 7.52 -8.31 51.46
CA PHE A 536 6.33 -7.68 52.01
C PHE A 536 6.69 -6.36 52.65
N GLY A 537 5.83 -5.35 52.55
CA GLY A 537 6.08 -4.09 53.25
C GLY A 537 5.94 -4.29 54.76
N VAL A 538 6.78 -3.65 55.57
CA VAL A 538 6.72 -3.78 57.03
C VAL A 538 6.17 -2.52 57.67
N ASP A 539 5.22 -2.70 58.59
CA ASP A 539 4.69 -1.64 59.41
C ASP A 539 5.79 -1.34 60.42
N GLU A 540 6.56 -0.28 60.18
CA GLU A 540 7.71 0.05 61.02
C GLU A 540 7.35 0.39 62.47
N GLU A 541 6.08 0.69 62.77
CA GLU A 541 5.62 0.92 64.15
C GLU A 541 5.57 -0.38 64.96
N LYS A 542 5.80 -1.53 64.30
CA LYS A 542 5.85 -2.88 64.88
C LYS A 542 7.24 -3.52 64.79
N CYS A 543 8.27 -2.76 64.46
CA CYS A 543 9.65 -3.23 64.40
C CYS A 543 10.45 -2.70 65.60
N GLY A 544 11.15 -3.57 66.31
CA GLY A 544 11.87 -3.18 67.52
C GLY A 544 10.89 -3.11 68.71
N VAL A 545 11.32 -2.55 69.84
CA VAL A 545 10.48 -2.43 71.04
C VAL A 545 10.52 -1.03 71.62
N LEU A 546 9.51 -0.64 72.39
CA LEU A 546 9.49 0.70 72.99
C LEU A 546 10.63 0.81 74.01
N ASP A 547 11.39 1.90 73.95
CA ASP A 547 12.58 2.14 74.79
C ASP A 547 13.65 1.04 74.65
N GLY A 548 13.68 0.30 73.53
CA GLY A 548 14.68 -0.73 73.30
C GLY A 548 16.04 -0.10 73.04
N SER A 549 17.04 -0.47 73.85
CA SER A 549 18.40 0.06 73.76
C SER A 549 19.23 -0.66 72.67
N TYR A 550 20.54 -0.42 72.63
CA TYR A 550 21.43 -1.02 71.64
C TYR A 550 21.71 -2.52 71.90
N ASN A 551 21.25 -3.10 73.02
CA ASN A 551 21.44 -4.53 73.30
C ASN A 551 20.34 -5.43 72.71
N VAL A 552 19.41 -4.86 71.92
CA VAL A 552 18.30 -5.56 71.26
C VAL A 552 18.52 -5.52 69.75
N SER A 553 18.46 -6.66 69.06
CA SER A 553 18.61 -6.69 67.60
C SER A 553 17.28 -6.26 66.95
N CYS A 554 17.32 -5.49 65.87
CA CYS A 554 16.09 -5.03 65.21
C CYS A 554 15.35 -6.19 64.54
N LEU A 555 14.14 -6.47 65.00
CA LEU A 555 13.24 -7.51 64.50
C LEU A 555 11.80 -6.99 64.47
N CYS A 556 11.01 -7.44 63.52
CA CYS A 556 9.61 -7.07 63.35
C CYS A 556 8.70 -8.24 63.74
N SER A 557 7.59 -7.97 64.42
CA SER A 557 6.65 -9.02 64.81
C SER A 557 5.97 -9.63 63.58
N THR A 558 5.41 -10.84 63.68
CA THR A 558 4.80 -11.48 62.50
C THR A 558 3.63 -10.69 61.90
N ASP A 559 2.93 -9.84 62.66
CA ASP A 559 1.85 -9.00 62.13
C ASP A 559 2.37 -7.70 61.50
N ALA A 560 3.68 -7.41 61.56
CA ALA A 560 4.24 -6.22 60.96
C ALA A 560 4.34 -6.34 59.43
N PHE A 561 4.44 -7.56 58.89
CA PHE A 561 4.56 -7.82 57.46
C PHE A 561 3.20 -7.78 56.78
N LEU A 562 2.94 -6.72 56.03
CA LEU A 562 1.66 -6.41 55.42
C LEU A 562 1.61 -6.82 53.94
N GLY A 563 0.46 -6.62 53.30
CA GLY A 563 0.39 -6.64 51.84
C GLY A 563 0.50 -8.03 51.24
N TRP A 564 0.10 -9.05 51.97
CA TRP A 564 0.05 -10.43 51.52
C TRP A 564 -1.22 -11.11 52.02
N SER A 565 -1.59 -12.20 51.38
CA SER A 565 -2.82 -12.92 51.63
C SER A 565 -2.63 -14.39 51.27
N TYR A 566 -3.63 -15.22 51.52
CA TYR A 566 -3.62 -16.62 51.12
C TYR A 566 -5.01 -17.09 50.71
N ASP A 567 -5.08 -18.22 50.02
CA ASP A 567 -6.32 -18.91 49.70
C ASP A 567 -6.07 -20.40 49.54
N THR A 568 -7.09 -21.24 49.57
CA THR A 568 -6.91 -22.67 49.23
C THR A 568 -6.66 -22.85 47.74
N CYS A 569 -5.88 -23.85 47.35
CA CYS A 569 -5.82 -24.31 45.95
C CYS A 569 -6.88 -25.37 45.61
N VAL A 570 -7.65 -25.86 46.58
CA VAL A 570 -8.45 -27.06 46.40
C VAL A 570 -9.81 -26.75 45.76
N SER A 571 -10.15 -27.48 44.71
CA SER A 571 -11.50 -27.59 44.19
C SER A 571 -11.76 -29.04 43.75
N ASN A 572 -12.96 -29.57 44.00
CA ASN A 572 -13.32 -30.97 43.70
C ASN A 572 -12.28 -32.01 44.20
N ASN A 573 -11.77 -31.85 45.42
CA ASN A 573 -10.72 -32.69 46.02
C ASN A 573 -9.38 -32.72 45.28
N ARG A 574 -9.10 -31.77 44.37
CA ARG A 574 -7.80 -31.62 43.70
C ARG A 574 -7.24 -30.22 43.93
N CYS A 575 -5.94 -30.12 44.16
CA CYS A 575 -5.25 -28.83 44.24
C CYS A 575 -4.90 -28.36 42.84
N ASN A 576 -5.39 -27.19 42.42
CA ASN A 576 -5.07 -26.60 41.13
C ASN A 576 -3.68 -25.96 41.12
N ILE A 577 -2.92 -26.19 40.05
CA ILE A 577 -1.53 -25.82 39.89
C ILE A 577 -1.35 -25.19 38.50
N PHE A 578 -0.50 -24.18 38.43
CA PHE A 578 -0.09 -23.55 37.19
C PHE A 578 1.39 -23.86 36.94
N SER A 579 1.76 -24.09 35.70
CA SER A 579 3.15 -23.93 35.28
C SER A 579 3.30 -23.26 33.94
N ASN A 580 4.35 -22.48 33.78
CA ASN A 580 4.68 -21.78 32.56
C ASN A 580 5.86 -22.50 31.92
N PHE A 581 5.68 -22.99 30.70
CA PHE A 581 6.71 -23.56 29.85
C PHE A 581 7.33 -22.46 29.03
N ILE A 582 8.53 -22.00 29.34
CA ILE A 582 9.26 -21.06 28.49
C ILE A 582 10.10 -21.86 27.51
N LEU A 583 9.96 -21.58 26.22
CA LEU A 583 10.66 -22.30 25.16
C LEU A 583 11.83 -21.45 24.65
N ASN A 584 13.06 -21.88 24.85
CA ASN A 584 14.25 -21.11 24.44
C ASN A 584 14.84 -21.64 23.15
N GLY A 585 15.23 -20.76 22.24
CA GLY A 585 15.85 -21.14 20.99
C GLY A 585 14.97 -22.09 20.19
N ILE A 586 13.84 -21.58 19.75
CA ILE A 586 12.84 -22.31 19.00
C ILE A 586 13.44 -22.91 17.73
N ASN A 587 13.04 -24.14 17.39
CA ASN A 587 13.48 -24.84 16.19
C ASN A 587 15.00 -25.02 16.11
N SER A 588 15.63 -25.32 17.24
CA SER A 588 17.07 -25.55 17.36
C SER A 588 17.37 -26.32 18.64
N GLY A 589 18.64 -26.55 18.97
CA GLY A 589 18.98 -27.23 20.22
C GLY A 589 18.70 -28.72 20.24
N THR A 590 18.70 -29.29 21.44
CA THR A 590 18.54 -30.74 21.65
C THR A 590 17.37 -31.17 22.53
N THR A 591 16.51 -30.26 23.01
CA THR A 591 15.33 -30.62 23.79
C THR A 591 14.25 -30.87 22.75
N CYS A 592 14.12 -32.09 22.27
CA CYS A 592 13.23 -32.41 21.17
C CYS A 592 12.02 -33.26 21.56
N SER A 593 10.89 -33.00 20.92
CA SER A 593 9.67 -33.75 21.10
C SER A 593 9.66 -35.01 20.22
N ASN A 594 9.21 -36.12 20.77
CA ASN A 594 9.10 -37.43 20.11
C ASN A 594 7.63 -37.76 19.75
N ASP A 595 6.73 -36.79 19.76
CA ASP A 595 5.30 -37.03 19.48
C ASP A 595 4.99 -37.55 18.08
N LEU A 596 5.72 -37.13 17.05
CA LEU A 596 5.47 -37.53 15.67
C LEU A 596 6.07 -38.89 15.28
N LEU A 597 6.91 -39.51 16.12
CA LEU A 597 7.56 -40.80 15.85
C LEU A 597 8.32 -40.83 14.51
N GLN A 598 8.95 -39.72 14.12
CA GLN A 598 9.72 -39.65 12.88
C GLN A 598 11.06 -40.35 13.11
N PRO A 599 11.41 -41.40 12.35
CA PRO A 599 12.69 -42.08 12.53
C PRO A 599 13.84 -41.20 12.04
N ASN A 600 15.02 -41.38 12.60
CA ASN A 600 16.20 -40.63 12.20
C ASN A 600 16.75 -41.22 10.89
N THR A 601 16.63 -40.48 9.78
CA THR A 601 17.09 -40.92 8.46
C THR A 601 18.48 -40.41 8.12
N GLU A 602 19.09 -40.90 7.05
CA GLU A 602 20.39 -40.40 6.60
C GLU A 602 20.19 -39.12 5.76
N VAL A 603 21.27 -38.42 5.44
CA VAL A 603 21.18 -37.21 4.63
C VAL A 603 21.23 -37.60 3.15
N PHE A 604 20.09 -37.72 2.50
CA PHE A 604 20.01 -38.08 1.09
C PHE A 604 20.55 -36.92 0.24
N THR A 605 21.45 -37.20 -0.69
CA THR A 605 22.08 -36.18 -1.53
C THR A 605 21.62 -36.21 -2.97
N ASP A 606 21.81 -35.09 -3.67
CA ASP A 606 21.52 -34.89 -5.09
C ASP A 606 20.04 -34.95 -5.50
N VAL A 607 19.11 -35.01 -4.55
CA VAL A 607 17.67 -35.04 -4.80
C VAL A 607 16.94 -34.02 -3.93
N CYS A 608 15.86 -33.43 -4.43
CA CYS A 608 15.07 -32.48 -3.66
C CYS A 608 14.38 -33.21 -2.52
N VAL A 609 14.60 -32.79 -1.27
CA VAL A 609 14.02 -33.41 -0.08
C VAL A 609 13.52 -32.41 0.94
N ASP A 610 12.50 -32.79 1.71
CA ASP A 610 12.07 -32.01 2.87
C ASP A 610 13.08 -32.33 3.95
N TYR A 611 13.62 -31.35 4.64
CA TYR A 611 14.60 -31.62 5.69
C TYR A 611 14.21 -31.01 7.01
N ASP A 612 14.62 -31.69 8.07
CA ASP A 612 14.49 -31.31 9.46
C ASP A 612 15.84 -31.66 10.09
N LEU A 613 16.76 -30.71 10.04
CA LEU A 613 18.12 -30.82 10.53
C LEU A 613 18.22 -30.28 11.95
N TYR A 614 18.00 -31.12 12.96
CA TYR A 614 18.10 -30.71 14.36
C TYR A 614 17.24 -29.48 14.67
N GLY A 615 16.01 -29.46 14.14
CA GLY A 615 15.04 -28.39 14.32
C GLY A 615 14.97 -27.40 13.15
N ILE A 616 15.99 -27.33 12.29
CA ILE A 616 16.00 -26.43 11.14
C ILE A 616 15.27 -27.12 10.00
N THR A 617 14.13 -26.57 9.59
CA THR A 617 13.31 -27.15 8.53
C THR A 617 13.37 -26.38 7.23
N GLY A 618 13.08 -27.06 6.12
CA GLY A 618 13.09 -26.46 4.78
C GLY A 618 12.97 -27.50 3.68
N GLN A 619 13.23 -27.08 2.45
CA GLN A 619 13.33 -27.92 1.26
C GLN A 619 14.60 -27.58 0.51
N GLY A 620 15.28 -28.58 -0.03
CA GLY A 620 16.51 -28.35 -0.78
C GLY A 620 17.16 -29.63 -1.24
N ILE A 621 18.32 -29.48 -1.86
CA ILE A 621 19.15 -30.55 -2.39
C ILE A 621 20.46 -30.52 -1.60
N PHE A 622 20.85 -31.64 -1.02
CA PHE A 622 22.10 -31.75 -0.28
C PHE A 622 23.21 -32.28 -1.18
N LYS A 623 24.40 -31.72 -1.05
CA LYS A 623 25.59 -32.17 -1.79
C LYS A 623 26.74 -32.23 -0.81
N GLU A 624 27.29 -33.41 -0.54
CA GLU A 624 28.37 -33.57 0.42
C GLU A 624 29.67 -32.95 -0.09
N VAL A 625 30.40 -32.26 0.78
CA VAL A 625 31.67 -31.60 0.47
C VAL A 625 32.68 -31.78 1.59
N SER A 626 33.97 -31.68 1.28
CA SER A 626 35.07 -31.82 2.24
C SER A 626 35.47 -30.43 2.76
N ALA A 627 34.53 -29.71 3.36
CA ALA A 627 34.77 -28.36 3.87
C ALA A 627 35.69 -28.35 5.10
N VAL A 628 36.45 -27.26 5.25
CA VAL A 628 37.39 -27.05 6.36
C VAL A 628 37.11 -25.76 7.16
N TYR A 629 36.04 -25.04 6.82
CA TYR A 629 35.69 -23.78 7.48
C TYR A 629 34.89 -23.92 8.78
N TYR A 630 34.45 -25.11 9.16
CA TYR A 630 33.72 -25.30 10.42
C TYR A 630 34.69 -25.46 11.59
N ASN A 631 34.72 -24.52 12.52
CA ASN A 631 35.55 -24.66 13.71
C ASN A 631 34.84 -25.55 14.73
N SER A 632 35.42 -25.74 15.92
CA SER A 632 34.85 -26.63 16.94
C SER A 632 33.46 -26.20 17.45
N TRP A 633 33.13 -24.92 17.40
CA TRP A 633 31.87 -24.37 17.86
C TRP A 633 30.87 -24.04 16.73
N GLN A 634 31.19 -24.34 15.47
CA GLN A 634 30.35 -24.00 14.33
C GLN A 634 29.74 -25.22 13.65
N ASN A 635 28.46 -25.10 13.27
CA ASN A 635 27.73 -26.19 12.63
C ASN A 635 26.87 -25.77 11.43
N LEU A 636 26.69 -24.47 11.15
CA LEU A 636 25.85 -24.00 10.06
C LEU A 636 26.54 -22.97 9.18
N LEU A 637 26.30 -23.02 7.87
CA LEU A 637 26.83 -22.08 6.89
C LEU A 637 25.68 -21.19 6.42
N TYR A 638 25.88 -19.88 6.51
CA TYR A 638 24.90 -18.87 6.16
C TYR A 638 25.36 -17.97 5.02
N ASP A 639 24.43 -17.47 4.22
CA ASP A 639 24.72 -16.51 3.14
C ASP A 639 24.51 -15.08 3.68
N SER A 640 24.73 -14.07 2.85
CA SER A 640 24.57 -12.67 3.27
C SER A 640 23.13 -12.31 3.67
N ASN A 641 22.13 -13.03 3.16
CA ASN A 641 20.73 -12.80 3.45
C ASN A 641 20.19 -13.55 4.68
N GLY A 642 21.01 -14.37 5.34
CA GLY A 642 20.58 -15.10 6.52
C GLY A 642 19.95 -16.48 6.25
N ASN A 643 20.03 -17.01 5.04
CA ASN A 643 19.52 -18.34 4.71
C ASN A 643 20.56 -19.40 5.08
N ILE A 644 20.13 -20.62 5.41
CA ILE A 644 21.07 -21.71 5.70
C ILE A 644 21.43 -22.28 4.33
N ILE A 645 22.71 -22.26 3.97
CA ILE A 645 23.19 -22.75 2.67
C ILE A 645 24.14 -23.95 2.79
N GLY A 646 24.36 -24.45 4.01
CA GLY A 646 25.24 -25.58 4.27
C GLY A 646 25.25 -25.91 5.76
N PHE A 647 25.62 -27.12 6.12
CA PHE A 647 25.68 -27.53 7.52
C PHE A 647 26.64 -28.69 7.74
N LYS A 648 27.08 -28.86 8.98
CA LYS A 648 27.90 -29.99 9.41
C LYS A 648 27.01 -30.84 10.29
N ASP A 649 26.80 -32.09 9.94
CA ASP A 649 25.94 -32.98 10.72
C ASP A 649 26.55 -33.24 12.10
N PHE A 650 25.79 -33.07 13.18
CA PHE A 650 26.32 -33.25 14.54
C PHE A 650 26.78 -34.67 14.86
N VAL A 651 26.09 -35.68 14.32
CA VAL A 651 26.41 -37.08 14.61
C VAL A 651 27.60 -37.61 13.82
N THR A 652 27.57 -37.48 12.49
CA THR A 652 28.62 -38.00 11.60
C THR A 652 29.74 -37.04 11.23
N ASN A 653 29.63 -35.75 11.57
CA ASN A 653 30.58 -34.69 11.19
C ASN A 653 30.68 -34.49 9.67
N LYS A 654 29.87 -35.18 8.87
CA LYS A 654 29.86 -35.02 7.41
C LYS A 654 29.30 -33.65 7.10
N THR A 655 29.85 -33.00 6.09
CA THR A 655 29.46 -31.64 5.70
C THR A 655 28.75 -31.61 4.36
N TYR A 656 27.66 -30.84 4.28
CA TYR A 656 26.88 -30.73 3.06
C TYR A 656 26.57 -29.28 2.72
N ASN A 657 26.42 -29.01 1.44
CA ASN A 657 25.96 -27.73 0.92
C ASN A 657 24.48 -27.93 0.60
N ILE A 658 23.65 -26.95 0.93
CA ILE A 658 22.21 -26.98 0.69
C ILE A 658 21.91 -26.04 -0.47
N PHE A 659 21.27 -26.56 -1.51
CA PHE A 659 20.86 -25.81 -2.69
C PHE A 659 19.34 -25.81 -2.76
N PRO A 660 18.70 -24.74 -3.17
CA PRO A 660 17.25 -24.70 -3.26
C PRO A 660 16.76 -25.66 -4.34
N CYS A 661 15.60 -26.28 -4.16
CA CYS A 661 15.03 -27.15 -5.19
C CYS A 661 14.69 -26.27 -6.39
N TYR A 662 14.76 -26.80 -7.61
CA TYR A 662 14.48 -26.00 -8.79
C TYR A 662 13.05 -25.46 -8.81
N ALA A 663 12.92 -24.18 -9.15
CA ALA A 663 11.66 -23.49 -9.31
C ALA A 663 11.72 -22.69 -10.61
N GLY A 664 10.65 -22.69 -11.37
CA GLY A 664 10.62 -21.98 -12.64
C GLY A 664 9.25 -22.01 -13.29
N ARG A 665 9.12 -21.40 -14.47
CA ARG A 665 7.88 -21.32 -15.24
C ARG A 665 8.01 -22.10 -16.54
N VAL A 666 6.87 -22.33 -17.18
CA VAL A 666 6.76 -22.95 -18.49
C VAL A 666 6.17 -21.91 -19.40
N SER A 667 6.83 -21.60 -20.49
CA SER A 667 6.35 -20.64 -21.47
C SER A 667 5.55 -21.41 -22.50
N ALA A 668 4.22 -21.32 -22.45
CA ALA A 668 3.35 -22.03 -23.37
C ALA A 668 2.93 -21.17 -24.53
N ALA A 669 3.25 -21.56 -25.76
CA ALA A 669 2.84 -20.86 -26.95
C ALA A 669 1.54 -21.52 -27.45
N PHE A 670 0.46 -20.75 -27.55
CA PHE A 670 -0.83 -21.25 -27.99
C PHE A 670 -1.35 -20.51 -29.22
N HIS A 671 -1.75 -21.23 -30.25
CA HIS A 671 -2.39 -20.65 -31.43
C HIS A 671 -3.87 -20.95 -31.32
N GLN A 672 -4.72 -19.97 -31.57
CA GLN A 672 -6.17 -20.08 -31.45
C GLN A 672 -6.80 -21.19 -32.30
N ASN A 673 -6.17 -21.60 -33.40
CA ASN A 673 -6.66 -22.68 -34.26
C ASN A 673 -6.21 -24.07 -33.79
N ALA A 674 -5.24 -24.17 -32.89
CA ALA A 674 -4.70 -25.43 -32.42
C ALA A 674 -5.49 -26.10 -31.29
N SER A 675 -5.29 -27.40 -31.13
CA SER A 675 -5.90 -28.25 -30.09
C SER A 675 -4.93 -28.60 -28.96
N SER A 676 -3.73 -28.02 -28.96
CA SER A 676 -2.68 -28.26 -27.96
C SER A 676 -1.77 -27.04 -27.79
N LEU A 677 -0.73 -27.16 -26.97
CA LEU A 677 0.25 -26.12 -26.68
C LEU A 677 1.66 -26.54 -27.06
N ALA A 678 2.49 -25.57 -27.45
CA ALA A 678 3.91 -25.80 -27.66
C ALA A 678 4.55 -25.28 -26.38
N LEU A 679 5.20 -26.13 -25.59
CA LEU A 679 5.76 -25.71 -24.31
C LEU A 679 7.26 -25.47 -24.39
N LEU A 680 7.73 -24.40 -23.78
CA LEU A 680 9.15 -24.08 -23.70
C LEU A 680 9.56 -24.00 -22.23
N TYR A 681 10.44 -24.89 -21.80
CA TYR A 681 11.01 -24.88 -20.47
C TYR A 681 12.29 -24.09 -20.62
N ARG A 682 12.22 -22.79 -20.38
CA ARG A 682 13.35 -21.88 -20.61
C ARG A 682 14.57 -22.26 -19.77
N ASN A 683 15.71 -22.32 -20.44
CA ASN A 683 17.03 -22.63 -19.91
C ASN A 683 17.19 -24.01 -19.26
N LEU A 684 16.34 -24.97 -19.61
CA LEU A 684 16.40 -26.34 -19.10
C LEU A 684 16.61 -27.32 -20.23
N LYS A 685 17.57 -28.23 -20.11
CA LYS A 685 17.79 -29.26 -21.12
C LYS A 685 16.69 -30.30 -21.00
N CYS A 686 16.28 -30.94 -22.09
CA CYS A 686 15.19 -31.91 -22.07
C CYS A 686 15.45 -33.09 -21.14
N SER A 687 16.71 -33.50 -21.00
CA SER A 687 17.07 -34.58 -20.07
C SER A 687 16.69 -34.19 -18.65
N TYR A 688 16.98 -32.96 -18.23
CA TYR A 688 16.64 -32.45 -16.91
C TYR A 688 15.13 -32.38 -16.70
N VAL A 689 14.38 -31.89 -17.69
CA VAL A 689 12.92 -31.80 -17.57
C VAL A 689 12.31 -33.18 -17.39
N LEU A 690 12.68 -34.14 -18.23
CA LEU A 690 12.16 -35.49 -18.16
C LEU A 690 12.59 -36.23 -16.88
N ASN A 691 13.84 -36.11 -16.47
CA ASN A 691 14.34 -36.81 -15.28
C ASN A 691 13.92 -36.17 -13.94
N ASN A 692 13.82 -34.84 -13.85
CA ASN A 692 13.56 -34.17 -12.57
C ASN A 692 12.31 -33.28 -12.51
N ILE A 693 11.51 -33.15 -13.56
CA ILE A 693 10.29 -32.33 -13.52
C ILE A 693 9.06 -33.17 -13.83
N SER A 694 8.95 -33.74 -15.03
CA SER A 694 7.78 -34.55 -15.40
C SER A 694 7.95 -35.34 -16.70
N LEU A 695 7.47 -36.58 -16.72
CA LEU A 695 7.47 -37.40 -17.92
C LEU A 695 6.31 -36.95 -18.82
N THR A 696 6.43 -37.15 -20.14
CA THR A 696 5.36 -36.80 -21.08
C THR A 696 5.44 -37.61 -22.37
N THR A 697 4.35 -37.65 -23.11
CA THR A 697 4.22 -38.36 -24.39
C THR A 697 4.50 -37.47 -25.60
N GLN A 698 4.57 -36.15 -25.40
CA GLN A 698 4.80 -35.20 -26.48
C GLN A 698 6.25 -35.28 -26.99
N PRO A 699 6.50 -35.03 -28.28
CA PRO A 699 7.84 -35.03 -28.83
C PRO A 699 8.60 -33.82 -28.27
N TYR A 700 9.92 -33.89 -28.18
CA TYR A 700 10.73 -32.81 -27.62
C TYR A 700 12.11 -32.70 -28.24
N PHE A 701 12.73 -31.53 -28.11
CA PHE A 701 14.10 -31.28 -28.55
C PHE A 701 14.72 -30.11 -27.78
N ASP A 702 16.04 -30.08 -27.72
CA ASP A 702 16.79 -29.03 -27.06
C ASP A 702 17.00 -27.84 -28.00
N SER A 703 16.26 -26.76 -27.78
CA SER A 703 16.42 -25.54 -28.55
C SER A 703 17.43 -24.63 -27.85
N TYR A 704 17.81 -23.52 -28.48
CA TYR A 704 18.73 -22.57 -27.87
C TYR A 704 18.15 -21.98 -26.58
N LEU A 705 16.85 -21.71 -26.55
CA LEU A 705 16.12 -21.12 -25.43
C LEU A 705 15.79 -22.10 -24.30
N GLY A 706 15.87 -23.40 -24.53
CA GLY A 706 15.56 -24.45 -23.57
C GLY A 706 14.81 -25.60 -24.23
N CYS A 707 14.32 -26.54 -23.44
CA CYS A 707 13.60 -27.69 -23.98
C CYS A 707 12.25 -27.27 -24.55
N VAL A 708 11.96 -27.68 -25.78
CA VAL A 708 10.70 -27.38 -26.47
C VAL A 708 9.92 -28.67 -26.68
N PHE A 709 8.66 -28.69 -26.27
CA PHE A 709 7.75 -29.82 -26.39
C PHE A 709 6.64 -29.53 -27.37
N ASN A 710 6.20 -30.56 -28.10
CA ASN A 710 5.09 -30.48 -29.05
C ASN A 710 5.26 -29.51 -30.23
N ALA A 711 6.50 -29.23 -30.64
CA ALA A 711 6.80 -28.38 -31.77
C ALA A 711 7.97 -28.98 -32.56
N ASP A 712 7.89 -28.96 -33.88
CA ASP A 712 8.94 -29.52 -34.74
C ASP A 712 10.16 -28.60 -34.85
N ASN A 713 11.37 -29.13 -34.69
CA ASN A 713 12.59 -28.33 -34.83
C ASN A 713 12.80 -28.02 -36.31
N LEU A 714 12.51 -26.79 -36.73
CA LEU A 714 12.64 -26.32 -38.11
C LEU A 714 13.34 -24.97 -38.11
N THR A 715 14.42 -24.84 -37.35
CA THR A 715 15.17 -23.57 -37.29
C THR A 715 15.79 -23.17 -38.63
N ASP A 716 15.96 -24.10 -39.58
CA ASP A 716 16.44 -23.77 -40.92
C ASP A 716 15.35 -23.03 -41.73
N TYR A 717 14.09 -23.18 -41.35
CA TYR A 717 12.97 -22.48 -41.95
C TYR A 717 12.88 -21.10 -41.27
N SER A 718 12.33 -20.13 -41.97
CA SER A 718 12.24 -18.76 -41.49
C SER A 718 10.90 -18.11 -41.81
N VAL A 719 10.44 -17.21 -40.95
CA VAL A 719 9.19 -16.47 -41.14
C VAL A 719 9.42 -14.98 -40.91
N SER A 720 8.77 -14.14 -41.71
CA SER A 720 8.90 -12.69 -41.63
C SER A 720 7.91 -12.06 -40.65
N SER A 721 6.81 -12.75 -40.34
CA SER A 721 5.81 -12.32 -39.38
C SER A 721 5.63 -13.45 -38.37
N CYS A 722 5.50 -13.11 -37.09
CA CYS A 722 5.37 -14.08 -36.03
C CYS A 722 4.44 -13.61 -34.91
N ALA A 723 3.48 -14.44 -34.53
CA ALA A 723 2.52 -14.15 -33.46
C ALA A 723 2.97 -14.72 -32.10
N LEU A 724 3.79 -15.77 -32.12
CA LEU A 724 4.31 -16.46 -30.94
C LEU A 724 5.83 -16.33 -30.92
N ARG A 725 6.33 -15.19 -30.45
CA ARG A 725 7.76 -14.87 -30.42
C ARG A 725 8.37 -15.42 -29.14
N MET A 726 9.37 -16.28 -29.27
CA MET A 726 10.01 -16.91 -28.12
C MET A 726 11.31 -16.24 -27.68
N GLY A 727 11.89 -15.35 -28.49
CA GLY A 727 13.13 -14.68 -28.13
C GLY A 727 14.32 -15.15 -28.95
N SER A 728 15.37 -14.35 -29.00
CA SER A 728 16.62 -14.64 -29.70
C SER A 728 16.42 -15.01 -31.18
N GLY A 729 15.44 -14.40 -31.84
CA GLY A 729 15.15 -14.69 -33.24
C GLY A 729 14.44 -16.01 -33.46
N PHE A 730 13.74 -16.56 -32.47
CA PHE A 730 12.99 -17.80 -32.60
C PHE A 730 11.49 -17.55 -32.47
N CYS A 731 10.72 -18.26 -33.26
CA CYS A 731 9.28 -18.18 -33.36
C CYS A 731 8.61 -19.55 -33.34
N VAL A 732 7.39 -19.61 -32.84
CA VAL A 732 6.56 -20.81 -32.88
C VAL A 732 5.50 -20.52 -33.93
N ASP A 733 5.47 -21.31 -34.99
CA ASP A 733 4.56 -21.15 -36.11
C ASP A 733 3.58 -22.30 -36.17
N TYR A 734 2.28 -22.05 -36.35
CA TYR A 734 1.27 -23.10 -36.43
C TYR A 734 0.65 -23.19 -37.82
N ASN A 735 0.44 -24.40 -38.35
CA ASN A 735 -0.18 -24.61 -39.65
C ASN A 735 -1.15 -25.80 -39.62
N SER A 752 0.35 -28.63 -37.08
CA SER A 752 1.23 -28.75 -35.91
C SER A 752 2.05 -27.48 -35.66
N TYR A 753 2.63 -27.36 -34.47
CA TYR A 753 3.51 -26.24 -34.14
C TYR A 753 4.91 -26.51 -34.70
N ARG A 754 5.58 -25.47 -35.18
CA ARG A 754 6.92 -25.52 -35.75
C ARG A 754 7.80 -24.49 -35.07
N PHE A 755 8.98 -24.87 -34.61
CA PHE A 755 9.94 -23.96 -34.00
C PHE A 755 10.86 -23.49 -35.12
N VAL A 756 10.67 -22.25 -35.57
CA VAL A 756 11.36 -21.66 -36.74
C VAL A 756 12.06 -20.35 -36.40
N THR A 757 12.99 -19.91 -37.23
CA THR A 757 13.65 -18.62 -36.98
C THR A 757 12.74 -17.47 -37.40
N PHE A 758 12.89 -16.33 -36.75
CA PHE A 758 12.15 -15.11 -37.00
C PHE A 758 13.06 -14.09 -37.66
N GLU A 759 12.86 -13.79 -38.94
CA GLU A 759 13.66 -12.82 -39.67
C GLU A 759 12.69 -11.83 -40.30
N PRO A 760 12.31 -10.77 -39.57
CA PRO A 760 11.33 -9.82 -40.06
C PRO A 760 11.82 -8.89 -41.17
N PHE A 761 13.13 -8.75 -41.37
CA PHE A 761 13.69 -7.86 -42.38
C PHE A 761 14.82 -8.47 -43.19
N ASN A 762 14.82 -8.21 -44.50
CA ASN A 762 15.86 -8.62 -45.44
C ASN A 762 16.36 -7.38 -46.18
N VAL A 763 17.50 -7.51 -46.84
CA VAL A 763 18.02 -6.46 -47.72
C VAL A 763 17.47 -6.75 -49.11
N SER A 764 17.23 -5.72 -49.91
CA SER A 764 16.82 -5.95 -51.30
C SER A 764 18.07 -6.41 -52.02
N PHE A 765 18.05 -7.55 -52.72
CA PHE A 765 19.22 -8.06 -53.40
C PHE A 765 19.16 -7.78 -54.89
N VAL A 766 20.27 -7.31 -55.44
CA VAL A 766 20.48 -7.04 -56.87
C VAL A 766 21.67 -7.85 -57.32
N ASN A 767 21.76 -8.23 -58.60
CA ASN A 767 22.88 -9.01 -59.13
C ASN A 767 23.87 -8.16 -59.96
N ASP A 768 23.86 -6.84 -59.79
CA ASP A 768 24.77 -5.94 -60.48
C ASP A 768 26.20 -6.08 -59.94
N SER A 769 27.19 -5.66 -60.72
CA SER A 769 28.59 -5.75 -60.33
C SER A 769 28.95 -4.86 -59.15
N ILE A 770 29.88 -5.34 -58.33
CA ILE A 770 30.42 -4.66 -57.14
C ILE A 770 31.63 -3.78 -57.49
N GLU A 771 32.43 -4.20 -58.48
CA GLU A 771 33.60 -3.48 -58.96
C GLU A 771 33.24 -2.40 -59.98
N SER A 772 34.23 -1.66 -60.46
CA SER A 772 34.04 -0.63 -61.50
C SER A 772 34.78 -1.04 -62.78
N VAL A 773 34.05 -1.32 -63.86
CA VAL A 773 34.66 -1.67 -65.15
C VAL A 773 35.17 -0.34 -65.70
N GLY A 774 36.49 -0.18 -65.80
CA GLY A 774 37.05 1.12 -66.18
C GLY A 774 36.67 2.10 -65.06
N GLY A 775 36.13 3.26 -65.40
CA GLY A 775 35.68 4.25 -64.40
C GLY A 775 34.17 4.19 -64.11
N LEU A 776 33.44 3.18 -64.59
CA LEU A 776 31.98 3.07 -64.47
C LEU A 776 31.51 1.94 -63.55
N TYR A 777 30.49 2.22 -62.75
CA TYR A 777 29.83 1.28 -61.83
C TYR A 777 28.49 0.85 -62.43
N GLU A 778 27.89 -0.22 -61.94
CA GLU A 778 26.61 -0.75 -62.43
C GLU A 778 25.50 -0.45 -61.43
N ILE A 779 24.46 0.27 -61.86
CA ILE A 779 23.37 0.75 -61.01
C ILE A 779 21.97 0.54 -61.61
N LYS A 780 21.01 0.16 -60.77
CA LYS A 780 19.61 0.06 -61.17
C LYS A 780 18.99 1.45 -61.09
N ILE A 781 18.54 2.01 -62.21
CA ILE A 781 17.90 3.32 -62.25
C ILE A 781 16.43 3.08 -62.65
N PRO A 782 15.44 3.62 -61.94
CA PRO A 782 14.05 3.43 -62.29
C PRO A 782 13.73 3.90 -63.69
N THR A 783 12.89 3.19 -64.42
CA THR A 783 12.46 3.58 -65.78
C THR A 783 10.96 3.85 -65.85
N ASN A 784 10.25 3.57 -64.77
CA ASN A 784 8.82 3.82 -64.61
C ASN A 784 8.53 3.93 -63.11
N PHE A 785 7.51 4.68 -62.71
CA PHE A 785 7.18 4.88 -61.30
C PHE A 785 5.69 5.10 -61.05
N THR A 786 5.31 4.99 -59.79
CA THR A 786 3.97 5.24 -59.27
C THR A 786 4.10 5.96 -57.95
N ILE A 787 2.99 6.45 -57.41
CA ILE A 787 2.92 7.12 -56.12
C ILE A 787 2.23 6.15 -55.17
N VAL A 788 2.85 5.85 -54.04
CA VAL A 788 2.26 4.97 -53.03
C VAL A 788 1.92 5.79 -51.80
N GLY A 789 0.80 5.50 -51.18
CA GLY A 789 0.35 6.18 -49.99
C GLY A 789 0.49 5.27 -48.78
N GLN A 790 1.12 5.77 -47.73
CA GLN A 790 1.31 5.07 -46.48
C GLN A 790 0.65 5.85 -45.37
N GLU A 791 -0.32 5.25 -44.69
CA GLU A 791 -1.00 5.89 -43.58
C GLU A 791 -0.23 5.68 -42.27
N GLU A 792 -0.25 6.66 -41.38
CA GLU A 792 0.40 6.58 -40.08
C GLU A 792 -0.48 7.28 -39.06
N PHE A 793 -0.86 6.60 -37.98
CA PHE A 793 -1.64 7.19 -36.91
C PHE A 793 -0.72 7.53 -35.75
N ILE A 794 -0.77 8.77 -35.31
CA ILE A 794 0.02 9.21 -34.16
C ILE A 794 -0.97 9.63 -33.09
N GLN A 795 -0.86 9.04 -31.91
CA GLN A 795 -1.73 9.37 -30.81
C GLN A 795 -1.30 10.70 -30.22
N THR A 796 -2.22 11.66 -30.16
CA THR A 796 -1.97 13.00 -29.59
C THR A 796 -2.83 13.29 -28.37
N ASN A 797 -3.76 12.41 -28.04
CA ASN A 797 -4.70 12.57 -26.95
C ASN A 797 -5.05 11.23 -26.33
N SER A 798 -5.64 11.23 -25.15
CA SER A 798 -6.07 10.01 -24.45
C SER A 798 -7.39 10.28 -23.74
N PRO A 799 -8.25 9.29 -23.48
CA PRO A 799 -9.49 9.55 -22.75
C PRO A 799 -9.19 10.20 -21.39
N LYS A 800 -9.84 11.31 -21.05
CA LYS A 800 -9.61 12.00 -19.78
C LYS A 800 -10.31 11.30 -18.63
N VAL A 801 -9.65 10.33 -18.03
CA VAL A 801 -10.20 9.58 -16.92
C VAL A 801 -10.18 10.44 -15.66
N THR A 802 -11.33 10.53 -14.99
CA THR A 802 -11.49 11.24 -13.72
C THR A 802 -12.01 10.23 -12.73
N ILE A 803 -11.49 10.25 -11.51
CA ILE A 803 -11.92 9.33 -10.47
C ILE A 803 -12.38 10.09 -9.25
N ASP A 804 -13.62 9.88 -8.79
CA ASP A 804 -14.02 10.33 -7.46
C ASP A 804 -13.49 9.33 -6.46
N CYS A 805 -12.35 9.62 -5.85
CA CYS A 805 -11.70 8.73 -4.90
C CYS A 805 -12.61 8.39 -3.72
N SER A 806 -13.43 9.33 -3.24
CA SER A 806 -14.34 9.06 -2.14
C SER A 806 -15.43 8.06 -2.55
N LEU A 807 -16.05 8.26 -3.71
CA LEU A 807 -17.11 7.41 -4.23
C LEU A 807 -16.58 6.04 -4.67
N PHE A 808 -15.37 5.98 -5.21
CA PHE A 808 -14.73 4.72 -5.55
C PHE A 808 -14.43 3.91 -4.29
N VAL A 809 -13.77 4.50 -3.29
CA VAL A 809 -13.36 3.76 -2.09
C VAL A 809 -14.55 3.40 -1.21
N CYS A 810 -15.53 4.29 -1.07
CA CYS A 810 -16.71 4.15 -0.22
C CYS A 810 -17.98 4.61 -0.94
N SER A 811 -18.79 3.72 -1.51
CA SER A 811 -19.82 4.15 -2.47
C SER A 811 -20.86 5.14 -1.91
N ASN A 812 -21.54 4.82 -0.82
CA ASN A 812 -22.39 5.77 -0.09
C ASN A 812 -22.49 5.46 1.41
N TYR A 813 -21.66 4.54 1.91
CA TYR A 813 -21.68 4.08 3.28
C TYR A 813 -21.01 5.07 4.22
N ALA A 814 -21.80 5.73 5.06
CA ALA A 814 -21.30 6.70 6.03
C ALA A 814 -20.20 6.15 6.94
N ALA A 815 -20.32 4.89 7.36
CA ALA A 815 -19.30 4.22 8.15
C ALA A 815 -17.94 4.13 7.43
N CYS A 816 -17.95 3.96 6.11
CA CYS A 816 -16.72 3.95 5.32
C CYS A 816 -16.17 5.37 5.10
N HIS A 817 -17.01 6.36 4.80
CA HIS A 817 -16.57 7.75 4.69
C HIS A 817 -15.96 8.29 5.99
N ASP A 818 -16.49 7.91 7.15
CA ASP A 818 -15.90 8.26 8.45
C ASP A 818 -14.47 7.77 8.55
N LEU A 819 -14.20 6.49 8.32
CA LEU A 819 -12.85 5.93 8.29
C LEU A 819 -11.98 6.59 7.22
N LEU A 820 -12.50 6.80 6.01
CA LEU A 820 -11.72 7.40 4.93
C LEU A 820 -11.32 8.84 5.25
N SER A 821 -12.13 9.60 5.98
CA SER A 821 -11.75 10.95 6.41
C SER A 821 -10.55 10.96 7.36
N GLU A 822 -10.31 9.87 8.10
CA GLU A 822 -9.15 9.72 8.99
C GLU A 822 -7.85 9.46 8.22
N TYR A 823 -7.91 9.11 6.94
CA TYR A 823 -6.71 8.94 6.12
C TYR A 823 -6.13 10.29 5.68
N GLY A 824 -6.88 11.38 5.83
CA GLY A 824 -6.39 12.72 5.53
C GLY A 824 -6.41 13.10 4.05
N THR A 825 -5.25 13.44 3.51
CA THR A 825 -5.13 13.94 2.13
C THR A 825 -4.98 12.88 1.05
N PHE A 826 -5.18 11.59 1.30
CA PHE A 826 -5.00 10.57 0.26
C PHE A 826 -5.90 10.82 -0.96
N CYS A 827 -7.21 11.00 -0.75
CA CYS A 827 -8.08 11.27 -1.89
C CYS A 827 -7.87 12.64 -2.51
N ASP A 828 -7.43 13.65 -1.75
CA ASP A 828 -7.07 14.95 -2.32
C ASP A 828 -5.86 14.81 -3.24
N ASN A 829 -4.86 14.01 -2.87
CA ASN A 829 -3.69 13.77 -3.69
C ASN A 829 -4.07 13.05 -4.99
N ILE A 830 -4.91 12.02 -4.93
CA ILE A 830 -5.37 11.29 -6.13
C ILE A 830 -6.12 12.23 -7.08
N ASN A 831 -7.05 13.04 -6.56
CA ASN A 831 -7.78 14.00 -7.39
C ASN A 831 -6.83 15.05 -7.98
N SER A 832 -5.87 15.55 -7.19
CA SER A 832 -4.91 16.55 -7.65
C SER A 832 -4.02 16.03 -8.77
N ILE A 833 -3.50 14.80 -8.65
CA ILE A 833 -2.64 14.22 -9.68
C ILE A 833 -3.44 13.97 -10.96
N LEU A 834 -4.66 13.44 -10.87
CA LEU A 834 -5.48 13.23 -12.07
C LEU A 834 -5.87 14.56 -12.71
N ASP A 835 -6.17 15.60 -11.94
CA ASP A 835 -6.51 16.91 -12.49
C ASP A 835 -5.30 17.50 -13.22
N GLU A 836 -4.09 17.34 -12.71
CA GLU A 836 -2.87 17.79 -13.36
C GLU A 836 -2.64 17.02 -14.67
N VAL A 837 -2.82 15.70 -14.66
CA VAL A 837 -2.69 14.85 -15.85
C VAL A 837 -3.68 15.28 -16.93
N ASN A 838 -4.93 15.54 -16.55
CA ASN A 838 -5.96 15.99 -17.49
C ASN A 838 -5.66 17.41 -17.99
N GLY A 839 -5.06 18.28 -17.17
CA GLY A 839 -4.67 19.62 -17.59
C GLY A 839 -3.57 19.55 -18.65
N LEU A 840 -2.64 18.60 -18.50
CA LEU A 840 -1.59 18.33 -19.48
C LEU A 840 -2.20 17.85 -20.80
N LEU A 841 -3.19 16.95 -20.76
CA LEU A 841 -3.87 16.49 -21.96
C LEU A 841 -4.61 17.63 -22.67
N ASP A 842 -5.30 18.49 -21.92
CA ASP A 842 -6.00 19.65 -22.47
C ASP A 842 -5.02 20.64 -23.11
N THR A 843 -3.93 20.96 -22.43
CA THR A 843 -2.90 21.87 -22.94
C THR A 843 -2.28 21.30 -24.20
N THR A 844 -2.05 19.99 -24.23
CA THR A 844 -1.49 19.31 -25.40
C THR A 844 -2.45 19.37 -26.58
N GLN A 845 -3.75 19.16 -26.36
CA GLN A 845 -4.73 19.22 -27.44
C GLN A 845 -4.79 20.65 -28.03
N LEU A 846 -4.74 21.68 -27.18
CA LEU A 846 -4.70 23.07 -27.64
C LEU A 846 -3.45 23.33 -28.47
N HIS A 847 -2.28 22.82 -28.07
CA HIS A 847 -1.03 22.99 -28.80
C HIS A 847 -1.10 22.31 -30.18
N VAL A 848 -1.70 21.13 -30.26
CA VAL A 848 -1.89 20.40 -31.53
C VAL A 848 -2.83 21.19 -32.43
N ALA A 849 -3.94 21.72 -31.91
CA ALA A 849 -4.88 22.53 -32.68
C ALA A 849 -4.23 23.83 -33.17
N ASP A 850 -3.44 24.49 -32.33
CA ASP A 850 -2.71 25.70 -32.70
C ASP A 850 -1.73 25.37 -33.83
N THR A 851 -1.04 24.24 -33.75
CA THR A 851 -0.10 23.80 -34.77
C THR A 851 -0.80 23.55 -36.09
N LEU A 852 -1.98 22.93 -36.09
CA LEU A 852 -2.75 22.67 -37.30
C LEU A 852 -3.20 23.98 -37.96
N MET A 853 -3.63 24.95 -37.17
CA MET A 853 -4.14 26.23 -37.64
C MET A 853 -3.10 27.33 -37.85
N GLN A 854 -1.85 27.11 -37.45
CA GLN A 854 -0.81 28.12 -37.57
C GLN A 854 -0.53 28.46 -39.04
N GLY A 855 -0.58 29.74 -39.36
CA GLY A 855 -0.31 30.28 -40.69
C GLY A 855 -1.35 29.95 -41.77
N VAL A 856 -2.51 29.40 -41.40
CA VAL A 856 -3.52 29.01 -42.39
C VAL A 856 -4.35 30.21 -42.80
N THR A 857 -4.33 30.50 -44.10
CA THR A 857 -5.10 31.58 -44.74
C THR A 857 -5.96 30.96 -45.82
N LEU A 858 -7.26 31.20 -45.80
CA LEU A 858 -8.24 30.67 -46.75
C LEU A 858 -9.00 31.80 -47.41
N SER A 859 -9.44 31.58 -48.64
CA SER A 859 -10.28 32.55 -49.32
C SER A 859 -11.72 32.40 -48.85
N SER A 860 -12.42 33.51 -48.67
CA SER A 860 -13.82 33.55 -48.27
C SER A 860 -14.73 33.00 -49.36
N ASN A 861 -14.21 32.84 -50.59
CA ASN A 861 -14.94 32.32 -51.75
C ASN A 861 -14.96 30.78 -51.80
N LEU A 862 -14.30 30.07 -50.87
CA LEU A 862 -14.30 28.61 -50.84
C LEU A 862 -15.67 28.04 -50.50
N ASN A 863 -16.11 27.04 -51.28
CA ASN A 863 -17.38 26.36 -51.06
C ASN A 863 -17.21 24.84 -51.19
N THR A 864 -17.67 24.12 -50.18
CA THR A 864 -17.58 22.65 -50.07
C THR A 864 -18.32 21.94 -51.21
N ASN A 865 -19.46 22.51 -51.63
CA ASN A 865 -20.32 21.96 -52.67
C ASN A 865 -19.82 22.16 -54.12
N LEU A 866 -18.82 23.02 -54.36
CA LEU A 866 -18.31 23.32 -55.71
C LEU A 866 -16.83 23.01 -55.93
N HIS A 867 -15.98 23.22 -54.93
CA HIS A 867 -14.53 23.07 -55.07
C HIS A 867 -14.02 21.70 -54.63
N PHE A 868 -14.22 20.72 -55.50
CA PHE A 868 -13.85 19.32 -55.27
C PHE A 868 -12.38 18.99 -55.55
N ASP A 869 -11.90 19.27 -56.76
CA ASP A 869 -10.56 18.93 -57.21
C ASP A 869 -9.85 20.06 -57.95
N VAL A 870 -8.52 19.98 -58.02
CA VAL A 870 -7.67 20.95 -58.71
C VAL A 870 -6.58 20.19 -59.45
N ASP A 871 -6.31 20.52 -60.71
CA ASP A 871 -5.25 19.89 -61.51
C ASP A 871 -5.33 18.36 -61.56
N ASN A 872 -6.54 17.81 -61.68
CA ASN A 872 -6.85 16.38 -61.71
C ASN A 872 -6.60 15.64 -60.38
N ILE A 873 -6.29 16.32 -59.29
CA ILE A 873 -6.07 15.71 -57.97
C ILE A 873 -7.34 15.93 -57.16
N ASN A 874 -8.03 14.86 -56.80
CA ASN A 874 -9.30 14.88 -56.08
C ASN A 874 -9.18 14.80 -54.57
N PHE A 875 -9.49 15.89 -53.87
CA PHE A 875 -9.48 15.95 -52.41
C PHE A 875 -10.89 16.04 -51.81
N LYS A 876 -11.95 15.71 -52.55
CA LYS A 876 -13.31 15.81 -52.02
C LYS A 876 -13.51 14.96 -50.78
N SER A 877 -12.85 13.81 -50.67
CA SER A 877 -12.95 12.96 -49.50
C SER A 877 -12.15 13.47 -48.30
N LEU A 878 -11.18 14.36 -48.48
CA LEU A 878 -10.33 14.92 -47.42
C LEU A 878 -10.83 16.26 -46.88
N VAL A 879 -11.92 16.79 -47.43
CA VAL A 879 -12.49 18.09 -47.06
C VAL A 879 -13.90 17.94 -46.54
N GLY A 880 -14.15 18.45 -45.34
CA GLY A 880 -15.49 18.47 -44.75
C GLY A 880 -16.16 19.82 -44.95
N CYS A 881 -17.29 20.07 -44.30
CA CYS A 881 -17.98 21.36 -44.43
C CYS A 881 -17.11 22.50 -43.87
N LEU A 882 -17.12 23.66 -44.55
CA LEU A 882 -16.29 24.82 -44.21
C LEU A 882 -17.03 25.93 -43.45
N GLY A 883 -17.01 25.86 -42.11
CA GLY A 883 -17.55 26.92 -41.24
C GLY A 883 -19.06 26.99 -41.00
N PRO A 884 -19.69 28.18 -41.18
CA PRO A 884 -21.11 28.44 -40.87
C PRO A 884 -22.15 27.68 -41.68
N HIS A 885 -21.80 27.10 -42.84
CA HIS A 885 -22.77 26.34 -43.64
C HIS A 885 -23.29 25.10 -42.91
N CYS A 886 -22.53 24.53 -41.97
CA CYS A 886 -22.94 23.37 -41.19
C CYS A 886 -22.62 23.45 -39.69
N GLY A 887 -21.62 24.22 -39.25
CA GLY A 887 -21.20 24.24 -37.84
C GLY A 887 -20.53 22.89 -37.60
N SER A 888 -21.22 21.97 -36.93
CA SER A 888 -20.78 20.58 -36.77
C SER A 888 -20.80 19.87 -38.14
N SER A 889 -20.43 18.59 -38.22
CA SER A 889 -20.37 17.83 -39.48
C SER A 889 -19.29 18.35 -40.44
N SER A 890 -18.32 19.12 -39.93
CA SER A 890 -17.14 19.60 -40.67
C SER A 890 -16.14 18.46 -40.91
N ARG A 891 -16.46 17.24 -40.46
CA ARG A 891 -15.70 16.01 -40.64
C ARG A 891 -15.71 15.62 -42.11
N SER A 892 -14.56 15.25 -42.66
CA SER A 892 -14.47 14.84 -44.07
C SER A 892 -14.98 13.41 -44.27
N PHE A 893 -15.15 12.97 -45.53
CA PHE A 893 -15.56 11.59 -45.79
C PHE A 893 -14.52 10.60 -45.27
N PHE A 894 -13.24 10.93 -45.42
CA PHE A 894 -12.12 10.13 -44.93
C PHE A 894 -12.18 9.99 -43.41
N GLU A 895 -12.38 11.10 -42.69
CA GLU A 895 -12.47 11.05 -41.24
C GLU A 895 -13.77 10.37 -40.81
N ASP A 896 -14.88 10.53 -41.52
CA ASP A 896 -16.14 9.86 -41.19
C ASP A 896 -15.94 8.34 -41.27
N LEU A 897 -15.30 7.88 -42.33
CA LEU A 897 -15.01 6.46 -42.56
C LEU A 897 -14.11 5.90 -41.46
N LEU A 898 -13.21 6.71 -40.91
CA LEU A 898 -12.32 6.30 -39.82
C LEU A 898 -13.00 6.34 -38.45
N PHE A 899 -13.82 7.35 -38.17
CA PHE A 899 -14.53 7.50 -36.89
C PHE A 899 -15.66 6.49 -36.76
N ASP A 900 -16.32 6.08 -37.85
CA ASP A 900 -17.41 5.09 -37.78
C ASP A 900 -16.95 3.68 -37.34
N LYS A 901 -15.65 3.40 -37.40
CA LYS A 901 -15.07 2.11 -36.99
C LYS A 901 -14.54 2.11 -35.56
N VAL A 902 -14.67 3.21 -34.82
CA VAL A 902 -14.26 3.34 -33.42
C VAL A 902 -15.46 3.87 -32.64
N LYS A 903 -16.03 3.05 -31.76
CA LYS A 903 -17.25 3.46 -31.05
C LYS A 903 -17.00 4.39 -29.87
N LEU A 904 -15.96 4.16 -29.08
CA LEU A 904 -15.68 4.97 -27.88
C LEU A 904 -14.78 6.19 -28.13
N SER A 905 -15.23 7.08 -28.99
CA SER A 905 -14.57 8.37 -29.24
C SER A 905 -15.13 9.39 -28.26
N ASP A 906 -14.85 10.68 -28.40
CA ASP A 906 -15.40 11.69 -27.49
C ASP A 906 -16.94 11.67 -27.53
N VAL A 907 -17.53 11.70 -28.73
CA VAL A 907 -18.98 11.64 -28.90
C VAL A 907 -19.49 10.27 -28.44
N GLY A 908 -18.71 9.21 -28.64
CA GLY A 908 -19.06 7.86 -28.21
C GLY A 908 -19.18 7.75 -26.70
N PHE A 909 -18.24 8.34 -25.96
CA PHE A 909 -18.29 8.36 -24.50
C PHE A 909 -19.48 9.19 -24.03
N VAL A 910 -19.73 10.36 -24.62
CA VAL A 910 -20.88 11.17 -24.25
C VAL A 910 -22.18 10.41 -24.51
N GLU A 911 -22.35 9.76 -25.65
CA GLU A 911 -23.55 8.98 -25.96
C GLU A 911 -23.69 7.77 -25.01
N ALA A 912 -22.60 7.08 -24.68
CA ALA A 912 -22.66 5.95 -23.76
C ALA A 912 -23.08 6.38 -22.35
N TYR A 913 -22.54 7.49 -21.84
CA TYR A 913 -22.93 7.96 -20.52
C TYR A 913 -24.33 8.58 -20.54
N ASN A 914 -24.82 9.07 -21.69
CA ASN A 914 -26.17 9.62 -21.78
C ASN A 914 -27.22 8.51 -21.61
N ASN A 915 -26.85 7.26 -21.86
CA ASN A 915 -27.75 6.12 -21.74
C ASN A 915 -27.73 5.48 -20.34
N CYS A 916 -26.99 6.00 -19.35
CA CYS A 916 -26.98 5.41 -18.02
C CYS A 916 -28.30 5.59 -17.25
N THR A 917 -29.04 6.66 -17.51
CA THR A 917 -30.35 6.94 -16.91
C THR A 917 -31.51 6.50 -17.80
N GLY A 918 -31.24 5.91 -18.97
CA GLY A 918 -32.28 5.43 -19.87
C GLY A 918 -32.88 4.11 -19.37
N GLY A 919 -34.07 3.76 -19.83
CA GLY A 919 -34.77 2.53 -19.46
C GLY A 919 -34.27 1.31 -20.24
N SER A 920 -32.96 1.20 -20.42
CA SER A 920 -32.31 0.11 -21.16
C SER A 920 -32.04 -1.11 -20.30
N GLU A 921 -32.39 -2.29 -20.81
CA GLU A 921 -32.12 -3.56 -20.13
C GLU A 921 -30.63 -3.97 -20.23
N ILE A 922 -29.90 -3.40 -21.20
CA ILE A 922 -28.48 -3.67 -21.43
C ILE A 922 -27.66 -2.95 -20.36
N ARG A 923 -26.79 -3.70 -19.67
CA ARG A 923 -25.93 -3.18 -18.60
C ARG A 923 -24.61 -2.73 -19.17
N ASP A 924 -24.50 -1.46 -19.53
CA ASP A 924 -23.25 -0.95 -20.07
C ASP A 924 -22.19 -0.90 -18.96
N LEU A 925 -21.02 -1.47 -19.22
CA LEU A 925 -19.93 -1.49 -18.25
C LEU A 925 -19.46 -0.07 -17.90
N LEU A 926 -19.58 0.88 -18.83
CA LEU A 926 -19.25 2.27 -18.58
C LEU A 926 -20.19 2.87 -17.54
N CYS A 927 -21.48 2.50 -17.55
CA CYS A 927 -22.40 3.02 -16.55
C CYS A 927 -22.04 2.49 -15.18
N VAL A 928 -21.66 1.20 -15.07
CA VAL A 928 -21.23 0.65 -13.79
C VAL A 928 -20.00 1.41 -13.30
N GLN A 929 -19.04 1.65 -14.19
CA GLN A 929 -17.82 2.40 -13.84
C GLN A 929 -18.15 3.82 -13.37
N SER A 930 -19.01 4.54 -14.08
CA SER A 930 -19.37 5.92 -13.72
C SER A 930 -20.08 5.99 -12.38
N PHE A 931 -20.99 5.04 -12.09
CA PHE A 931 -21.70 5.00 -10.82
C PHE A 931 -20.75 4.68 -9.66
N ASN A 932 -19.64 3.97 -9.93
CA ASN A 932 -18.57 3.71 -8.98
C ASN A 932 -17.46 4.76 -8.99
N GLY A 933 -17.71 5.94 -9.58
CA GLY A 933 -16.79 7.07 -9.53
C GLY A 933 -15.75 7.16 -10.63
N ILE A 934 -15.71 6.24 -11.59
CA ILE A 934 -14.73 6.23 -12.68
C ILE A 934 -15.41 6.72 -13.96
N LYS A 935 -15.07 7.91 -14.44
CA LYS A 935 -15.71 8.46 -15.63
C LYS A 935 -14.75 9.17 -16.58
N VAL A 936 -14.96 9.02 -17.88
CA VAL A 936 -14.14 9.66 -18.90
C VAL A 936 -14.81 10.97 -19.29
N LEU A 937 -14.14 12.09 -19.08
CA LEU A 937 -14.69 13.38 -19.47
C LEU A 937 -14.31 13.70 -20.92
N PRO A 938 -15.14 14.45 -21.65
CA PRO A 938 -14.81 14.80 -23.02
C PRO A 938 -13.62 15.77 -23.05
N PRO A 939 -12.84 15.80 -24.14
CA PRO A 939 -11.71 16.71 -24.28
C PRO A 939 -12.19 18.15 -24.37
N ILE A 940 -11.35 19.14 -24.11
CA ILE A 940 -11.80 20.54 -24.16
C ILE A 940 -12.25 20.96 -25.55
N LEU A 941 -11.65 20.45 -26.61
CA LEU A 941 -12.04 20.70 -27.98
C LEU A 941 -12.67 19.43 -28.51
N SER A 942 -13.87 19.49 -29.10
CA SER A 942 -14.50 18.30 -29.63
C SER A 942 -13.73 17.77 -30.84
N GLU A 943 -13.84 16.48 -31.15
CA GLU A 943 -13.16 15.95 -32.33
C GLU A 943 -13.70 16.62 -33.59
N SER A 944 -14.94 17.13 -33.58
CA SER A 944 -15.50 17.86 -34.71
C SER A 944 -14.72 19.16 -34.95
N GLN A 945 -14.27 19.85 -33.89
CA GLN A 945 -13.46 21.05 -34.04
C GLN A 945 -12.10 20.70 -34.62
N ILE A 946 -11.48 19.60 -34.17
CA ILE A 946 -10.19 19.18 -34.70
C ILE A 946 -10.35 18.79 -36.18
N SER A 947 -11.45 18.14 -36.55
CA SER A 947 -11.76 17.82 -37.95
C SER A 947 -11.91 19.09 -38.79
N GLY A 948 -12.46 20.16 -38.21
CA GLY A 948 -12.55 21.44 -38.89
C GLY A 948 -11.16 22.01 -39.12
N TYR A 949 -10.27 21.89 -38.13
CA TYR A 949 -8.88 22.35 -38.23
C TYR A 949 -8.10 21.53 -39.27
N THR A 950 -8.23 20.21 -39.32
CA THR A 950 -7.57 19.39 -40.34
C THR A 950 -8.13 19.67 -41.72
N THR A 951 -9.43 19.96 -41.84
CA THR A 951 -10.04 20.34 -43.11
C THR A 951 -9.46 21.67 -43.57
N ALA A 952 -9.35 22.67 -42.68
CA ALA A 952 -8.78 23.97 -43.02
C ALA A 952 -7.31 23.81 -43.45
N ALA A 953 -6.54 22.97 -42.76
CA ALA A 953 -5.15 22.71 -43.10
C ALA A 953 -5.02 22.03 -44.46
N THR A 954 -5.98 21.19 -44.84
CA THR A 954 -5.98 20.50 -46.13
C THR A 954 -6.37 21.43 -47.27
N VAL A 955 -7.44 22.24 -47.13
CA VAL A 955 -7.84 23.14 -48.22
C VAL A 955 -6.83 24.26 -48.42
N ALA A 956 -6.02 24.56 -47.39
CA ALA A 956 -4.96 25.55 -47.44
C ALA A 956 -3.83 25.17 -48.41
N ALA A 957 -3.79 23.93 -48.89
CA ALA A 957 -2.81 23.48 -49.86
C ALA A 957 -3.36 23.46 -51.29
N MET A 958 -4.68 23.34 -51.48
CA MET A 958 -5.33 23.27 -52.78
C MET A 958 -5.52 24.58 -53.54
N PHE A 959 -5.90 25.65 -52.83
CA PHE A 959 -6.27 26.92 -53.46
C PHE A 959 -5.45 28.11 -52.98
N PRO A 960 -5.42 29.21 -53.75
CA PRO A 960 -4.72 30.42 -53.36
C PRO A 960 -5.17 30.90 -51.97
N PRO A 961 -4.27 31.43 -51.14
CA PRO A 961 -2.86 31.68 -51.41
C PRO A 961 -1.91 30.49 -51.18
N TRP A 962 -2.42 29.26 -51.10
CA TRP A 962 -1.64 28.04 -50.86
C TRP A 962 -0.75 28.16 -49.61
N SER A 963 -1.32 28.68 -48.53
CA SER A 963 -0.63 28.96 -47.27
C SER A 963 0.00 27.75 -46.56
N ALA A 964 -0.37 26.53 -46.93
CA ALA A 964 0.18 25.30 -46.39
C ALA A 964 0.84 24.42 -47.46
N ALA A 965 1.23 25.00 -48.60
CA ALA A 965 1.88 24.32 -49.73
C ALA A 965 3.02 25.15 -50.35
N ALA A 966 3.79 25.85 -49.51
CA ALA A 966 4.90 26.69 -49.95
C ALA A 966 4.50 27.83 -50.91
N GLY A 967 3.25 28.27 -50.87
CA GLY A 967 2.76 29.36 -51.71
C GLY A 967 2.63 29.06 -53.19
N ILE A 968 2.55 27.79 -53.61
CA ILE A 968 2.38 27.42 -55.04
C ILE A 968 1.30 26.34 -55.19
N PRO A 969 0.72 26.15 -56.37
CA PRO A 969 -0.31 25.13 -56.59
C PRO A 969 0.12 23.75 -56.13
N PHE A 970 -0.82 22.95 -55.63
CA PHE A 970 -0.51 21.62 -55.10
C PHE A 970 0.14 20.70 -56.14
N SER A 971 -0.34 20.69 -57.37
CA SER A 971 0.26 19.86 -58.42
C SER A 971 1.70 20.25 -58.69
N LEU A 972 2.02 21.54 -58.70
CA LEU A 972 3.38 22.04 -58.91
C LEU A 972 4.24 21.66 -57.71
N ASN A 973 3.71 21.73 -56.49
CA ASN A 973 4.47 21.32 -55.32
C ASN A 973 4.79 19.83 -55.40
N VAL A 974 3.85 18.97 -55.83
CA VAL A 974 4.10 17.55 -56.03
C VAL A 974 5.17 17.37 -57.10
N GLN A 975 5.07 18.06 -58.23
CA GLN A 975 6.05 17.96 -59.30
C GLN A 975 7.44 18.41 -58.84
N TYR A 976 7.58 19.52 -58.14
CA TYR A 976 8.88 19.98 -57.67
C TYR A 976 9.44 19.05 -56.61
N ARG A 977 8.60 18.47 -55.75
CA ARG A 977 9.04 17.50 -54.76
C ARG A 977 9.54 16.23 -55.42
N ILE A 978 8.86 15.74 -56.46
CA ILE A 978 9.34 14.54 -57.17
C ILE A 978 10.64 14.88 -57.92
N ASN A 979 10.75 16.06 -58.53
CA ASN A 979 11.97 16.46 -59.23
C ASN A 979 13.17 16.51 -58.27
N GLY A 980 12.97 16.95 -57.04
CA GLY A 980 14.02 17.02 -56.02
C GLY A 980 14.61 15.66 -55.65
N LEU A 981 13.94 14.54 -55.98
CA LEU A 981 14.43 13.19 -55.72
C LEU A 981 15.39 12.70 -56.83
N GLY A 982 15.53 13.43 -57.93
CA GLY A 982 16.38 13.05 -59.05
C GLY A 982 15.58 12.58 -60.25
N VAL A 983 14.44 13.19 -60.51
CA VAL A 983 13.56 12.88 -61.65
C VAL A 983 13.56 14.10 -62.55
N THR A 984 13.90 13.96 -63.83
CA THR A 984 13.94 15.12 -64.73
C THR A 984 12.57 15.77 -64.87
N MET A 985 12.50 17.08 -65.01
CA MET A 985 11.22 17.78 -65.10
C MET A 985 10.46 17.48 -66.39
N ASP A 986 11.13 17.00 -67.43
CA ASP A 986 10.50 16.69 -68.73
C ASP A 986 9.48 15.58 -68.61
N VAL A 987 9.89 14.38 -68.19
CA VAL A 987 8.93 13.28 -68.03
C VAL A 987 7.91 13.58 -66.95
N LEU A 988 8.29 14.40 -65.98
CA LEU A 988 7.45 14.75 -64.86
C LEU A 988 6.32 15.70 -65.24
N ASN A 989 6.54 16.61 -66.18
CA ASN A 989 5.47 17.52 -66.59
C ASN A 989 4.71 16.97 -67.81
N LYS A 990 5.27 16.01 -68.56
CA LYS A 990 4.56 15.40 -69.69
C LYS A 990 3.61 14.30 -69.20
N ASN A 991 3.84 13.74 -68.01
CA ASN A 991 3.04 12.70 -67.38
C ASN A 991 2.21 13.27 -66.21
N GLN A 992 1.75 14.52 -66.29
CA GLN A 992 0.99 15.15 -65.19
C GLN A 992 -0.29 14.39 -64.87
N LYS A 993 -1.09 13.97 -65.85
CA LYS A 993 -2.32 13.21 -65.58
C LYS A 993 -2.01 11.84 -64.97
N LEU A 994 -0.96 11.17 -65.41
CA LEU A 994 -0.55 9.88 -64.84
C LEU A 994 -0.14 10.10 -63.37
N ILE A 995 0.58 11.16 -63.05
CA ILE A 995 0.98 11.47 -61.67
C ILE A 995 -0.25 11.80 -60.82
N ALA A 996 -1.18 12.62 -61.32
CA ALA A 996 -2.39 12.97 -60.58
C ALA A 996 -3.26 11.74 -60.34
N THR A 997 -3.44 10.88 -61.34
CA THR A 997 -4.20 9.63 -61.18
C THR A 997 -3.47 8.71 -60.21
N ALA A 998 -2.15 8.59 -60.25
CA ALA A 998 -1.42 7.77 -59.30
C ALA A 998 -1.60 8.32 -57.87
N PHE A 999 -1.60 9.64 -57.71
CA PHE A 999 -1.79 10.27 -56.42
C PHE A 999 -3.20 9.99 -55.89
N ASN A 1000 -4.25 10.18 -56.69
CA ASN A 1000 -5.60 9.92 -56.19
C ASN A 1000 -5.84 8.41 -56.00
N ASN A 1001 -5.19 7.54 -56.76
CA ASN A 1001 -5.27 6.10 -56.57
C ASN A 1001 -4.58 5.72 -55.24
N ALA A 1002 -3.48 6.38 -54.87
CA ALA A 1002 -2.82 6.13 -53.60
C ALA A 1002 -3.74 6.53 -52.45
N LEU A 1003 -4.41 7.68 -52.56
CA LEU A 1003 -5.37 8.14 -51.56
C LEU A 1003 -6.55 7.16 -51.45
N LEU A 1004 -7.08 6.66 -52.57
CA LEU A 1004 -8.15 5.66 -52.54
C LEU A 1004 -7.65 4.38 -51.88
N SER A 1005 -6.41 3.96 -52.13
CA SER A 1005 -5.85 2.77 -51.51
C SER A 1005 -5.78 2.91 -50.00
N ILE A 1006 -5.43 4.11 -49.49
CA ILE A 1006 -5.40 4.36 -48.05
C ILE A 1006 -6.82 4.23 -47.48
N GLN A 1007 -7.81 4.84 -48.14
CA GLN A 1007 -9.21 4.77 -47.70
C GLN A 1007 -9.73 3.34 -47.68
N ASN A 1008 -9.43 2.55 -48.72
CA ASN A 1008 -9.89 1.18 -48.80
C ASN A 1008 -9.17 0.26 -47.81
N GLY A 1009 -7.96 0.63 -47.37
CA GLY A 1009 -7.17 -0.14 -46.42
C GLY A 1009 -7.82 -0.25 -45.03
N PHE A 1010 -8.69 0.69 -44.65
CA PHE A 1010 -9.39 0.64 -43.36
C PHE A 1010 -10.46 -0.47 -43.32
N SER A 1011 -10.94 -0.95 -44.48
CA SER A 1011 -11.90 -2.06 -44.55
C SER A 1011 -11.24 -3.42 -44.25
N ALA A 1012 -9.91 -3.46 -44.24
CA ALA A 1012 -9.05 -4.61 -43.96
C ALA A 1012 -8.36 -4.43 -42.59
N PRO A 1013 -7.79 -5.49 -41.98
CA PRO A 1013 -7.08 -5.38 -40.71
C PRO A 1013 -5.72 -4.67 -40.87
N ASN A 1014 -5.73 -3.35 -41.06
CA ASN A 1014 -4.50 -2.55 -41.22
C ASN A 1014 -3.95 -2.08 -39.86
N SER A 1015 -2.68 -1.68 -39.83
CA SER A 1015 -2.02 -1.27 -38.59
C SER A 1015 -2.48 0.07 -38.03
N ALA A 1016 -2.90 1.04 -38.85
CA ALA A 1016 -3.36 2.33 -38.34
C ALA A 1016 -4.66 2.21 -37.56
N LEU A 1017 -5.69 1.57 -38.11
CA LEU A 1017 -6.95 1.38 -37.39
C LEU A 1017 -6.73 0.48 -36.17
N ALA A 1018 -5.85 -0.51 -36.26
CA ALA A 1018 -5.53 -1.37 -35.13
C ALA A 1018 -4.90 -0.53 -34.01
N LYS A 1019 -4.01 0.42 -34.32
CA LYS A 1019 -3.39 1.30 -33.33
C LYS A 1019 -4.44 2.21 -32.72
N ILE A 1020 -5.35 2.78 -33.50
CA ILE A 1020 -6.44 3.63 -32.98
C ILE A 1020 -7.32 2.83 -32.03
N GLN A 1021 -7.72 1.62 -32.41
CA GLN A 1021 -8.54 0.77 -31.56
C GLN A 1021 -7.76 0.30 -30.33
N SER A 1022 -6.44 0.13 -30.41
CA SER A 1022 -5.63 -0.27 -29.24
C SER A 1022 -5.64 0.81 -28.16
N VAL A 1023 -5.74 2.08 -28.55
CA VAL A 1023 -5.84 3.20 -27.60
C VAL A 1023 -7.12 3.03 -26.77
N VAL A 1024 -8.25 2.81 -27.43
CA VAL A 1024 -9.54 2.61 -26.75
C VAL A 1024 -9.54 1.31 -25.95
N ASN A 1025 -9.01 0.22 -26.50
CA ASN A 1025 -8.98 -1.07 -25.81
C ASN A 1025 -8.10 -1.01 -24.56
N SER A 1026 -6.94 -0.36 -24.62
CA SER A 1026 -6.06 -0.23 -23.45
C SER A 1026 -6.72 0.61 -22.36
N ASN A 1027 -7.41 1.70 -22.72
CA ASN A 1027 -8.13 2.51 -21.75
C ASN A 1027 -9.27 1.72 -21.10
N ALA A 1028 -10.06 1.01 -21.91
CA ALA A 1028 -11.17 0.20 -21.41
C ALA A 1028 -10.65 -0.92 -20.50
N GLN A 1029 -9.53 -1.56 -20.83
CA GLN A 1029 -8.94 -2.61 -20.02
C GLN A 1029 -8.46 -2.01 -18.68
N ALA A 1030 -7.81 -0.85 -18.68
CA ALA A 1030 -7.34 -0.21 -17.46
C ALA A 1030 -8.52 0.15 -16.55
N LEU A 1031 -9.59 0.73 -17.11
CA LEU A 1031 -10.80 1.10 -16.39
C LEU A 1031 -11.53 -0.12 -15.85
N ASN A 1032 -11.64 -1.20 -16.62
CA ASN A 1032 -12.28 -2.41 -16.14
C ASN A 1032 -11.41 -3.03 -15.03
N SER A 1033 -10.09 -3.06 -15.18
CA SER A 1033 -9.22 -3.61 -14.15
C SER A 1033 -9.33 -2.79 -12.86
N LEU A 1034 -9.47 -1.48 -12.96
CA LEU A 1034 -9.66 -0.61 -11.80
C LEU A 1034 -11.01 -0.87 -11.14
N LEU A 1035 -12.09 -1.04 -11.92
CA LEU A 1035 -13.41 -1.36 -11.36
C LEU A 1035 -13.36 -2.72 -10.66
N GLN A 1036 -12.61 -3.69 -11.19
CA GLN A 1036 -12.48 -5.00 -10.58
C GLN A 1036 -11.87 -4.93 -9.18
N GLN A 1037 -11.15 -3.86 -8.82
CA GLN A 1037 -10.57 -3.70 -7.49
C GLN A 1037 -11.65 -3.60 -6.42
N LEU A 1038 -12.85 -3.14 -6.78
CA LEU A 1038 -13.97 -3.06 -5.85
C LEU A 1038 -14.52 -4.42 -5.46
N PHE A 1039 -14.13 -5.50 -6.15
CA PHE A 1039 -14.57 -6.85 -5.85
C PHE A 1039 -13.50 -7.70 -5.19
N ASN A 1040 -12.33 -7.14 -4.89
CA ASN A 1040 -11.28 -7.86 -4.17
C ASN A 1040 -11.56 -7.74 -2.68
N LYS A 1041 -11.33 -8.82 -1.94
CA LYS A 1041 -11.56 -8.82 -0.49
C LYS A 1041 -10.39 -8.20 0.27
N PHE A 1042 -9.18 -8.20 -0.26
CA PHE A 1042 -7.99 -7.63 0.39
C PHE A 1042 -7.80 -8.15 1.82
N GLY A 1043 -8.07 -9.44 2.04
CA GLY A 1043 -7.98 -10.07 3.37
C GLY A 1043 -9.18 -9.79 4.28
N ALA A 1044 -10.25 -9.17 3.80
CA ALA A 1044 -11.47 -8.92 4.58
C ALA A 1044 -12.48 -10.06 4.39
N ILE A 1045 -13.51 -10.11 5.22
CA ILE A 1045 -14.55 -11.15 5.13
C ILE A 1045 -15.37 -11.10 3.84
N SER A 1046 -15.48 -9.94 3.22
CA SER A 1046 -16.21 -9.72 1.97
C SER A 1046 -15.69 -8.48 1.28
N SER A 1047 -15.89 -8.38 -0.03
CA SER A 1047 -15.52 -7.20 -0.82
C SER A 1047 -16.63 -6.15 -0.80
N SER A 1048 -17.81 -6.47 -0.27
CA SER A 1048 -18.95 -5.57 -0.25
C SER A 1048 -19.12 -4.91 1.11
N LEU A 1049 -19.19 -3.58 1.13
CA LEU A 1049 -19.46 -2.80 2.34
C LEU A 1049 -20.86 -3.06 2.87
N GLN A 1050 -21.84 -3.36 2.03
CA GLN A 1050 -23.17 -3.76 2.46
C GLN A 1050 -23.11 -5.04 3.30
N GLU A 1051 -22.37 -6.04 2.86
CA GLU A 1051 -22.23 -7.28 3.60
C GLU A 1051 -21.51 -7.05 4.91
N ILE A 1052 -20.39 -6.34 4.94
CA ILE A 1052 -19.67 -6.10 6.20
C ILE A 1052 -20.56 -5.36 7.20
N LEU A 1053 -21.24 -4.29 6.78
CA LEU A 1053 -22.08 -3.51 7.69
C LEU A 1053 -23.36 -4.22 8.11
N SER A 1054 -23.82 -5.23 7.36
CA SER A 1054 -24.97 -6.05 7.74
C SER A 1054 -24.57 -7.27 8.59
N ARG A 1055 -23.27 -7.55 8.74
CA ARG A 1055 -22.73 -8.66 9.53
C ARG A 1055 -22.09 -8.28 10.86
N LEU A 1056 -21.32 -7.20 10.89
CA LEU A 1056 -20.50 -6.82 12.04
C LEU A 1056 -20.86 -5.47 12.67
N ASP A 1057 -20.64 -5.35 13.97
CA ASP A 1057 -20.81 -4.11 14.73
C ASP A 1057 -19.66 -3.13 14.43
N PRO A 1058 -19.81 -1.82 14.69
CA PRO A 1058 -18.79 -0.82 14.39
C PRO A 1058 -17.37 -1.13 14.84
N PRO A 1059 -17.08 -1.69 16.04
CA PRO A 1059 -15.72 -1.99 16.46
C PRO A 1059 -14.93 -2.94 15.54
N GLU A 1060 -15.54 -4.00 14.99
CA GLU A 1060 -14.85 -4.91 14.08
C GLU A 1060 -15.25 -4.67 12.62
N ALA A 1061 -16.42 -4.09 12.34
CA ALA A 1061 -16.76 -3.70 10.97
C ALA A 1061 -15.70 -2.69 10.52
N GLN A 1062 -15.21 -1.85 11.42
CA GLN A 1062 -14.15 -0.90 11.15
C GLN A 1062 -12.88 -1.62 10.70
N VAL A 1063 -12.51 -2.76 11.29
CA VAL A 1063 -11.32 -3.52 10.89
C VAL A 1063 -11.44 -4.02 9.46
N GLN A 1064 -12.60 -4.57 9.10
CA GLN A 1064 -12.87 -5.06 7.76
C GLN A 1064 -12.91 -3.94 6.73
N ILE A 1065 -13.60 -2.85 7.03
CA ILE A 1065 -13.70 -1.69 6.13
C ILE A 1065 -12.33 -1.05 5.96
N ASP A 1066 -11.49 -1.05 6.99
CA ASP A 1066 -10.14 -0.51 6.92
C ASP A 1066 -9.27 -1.31 5.95
N ARG A 1067 -9.39 -2.65 5.93
CA ARG A 1067 -8.67 -3.49 4.97
C ARG A 1067 -9.10 -3.15 3.55
N LEU A 1068 -10.40 -2.96 3.30
CA LEU A 1068 -10.90 -2.54 2.00
C LEU A 1068 -10.42 -1.15 1.61
N ILE A 1069 -10.45 -0.17 2.51
CA ILE A 1069 -9.92 1.16 2.25
C ILE A 1069 -8.44 1.08 1.88
N ASN A 1070 -7.61 0.32 2.60
CA ASN A 1070 -6.19 0.23 2.26
C ASN A 1070 -5.97 -0.39 0.88
N GLY A 1071 -6.69 -1.45 0.54
CA GLY A 1071 -6.59 -2.10 -0.76
C GLY A 1071 -7.02 -1.17 -1.89
N ARG A 1072 -8.17 -0.51 -1.74
CA ARG A 1072 -8.72 0.40 -2.75
C ARG A 1072 -7.88 1.66 -2.93
N LEU A 1073 -7.34 2.25 -1.87
CA LEU A 1073 -6.40 3.35 -2.00
C LEU A 1073 -5.08 2.92 -2.64
N THR A 1074 -4.55 1.74 -2.33
CA THR A 1074 -3.34 1.23 -2.99
C THR A 1074 -3.59 1.04 -4.48
N ALA A 1075 -4.76 0.52 -4.85
CA ALA A 1075 -5.14 0.34 -6.26
C ALA A 1075 -5.22 1.67 -6.99
N LEU A 1076 -5.82 2.71 -6.38
CA LEU A 1076 -5.87 4.04 -6.98
C LEU A 1076 -4.48 4.64 -7.13
N ASN A 1077 -3.60 4.46 -6.15
CA ASN A 1077 -2.22 4.93 -6.25
C ASN A 1077 -1.51 4.26 -7.43
N ALA A 1078 -1.68 2.96 -7.60
CA ALA A 1078 -1.08 2.23 -8.70
C ALA A 1078 -1.66 2.72 -10.04
N TYR A 1079 -2.97 2.93 -10.14
CA TYR A 1079 -3.59 3.40 -11.37
C TYR A 1079 -3.10 4.81 -11.71
N VAL A 1080 -3.00 5.71 -10.73
CA VAL A 1080 -2.51 7.08 -10.93
C VAL A 1080 -1.06 7.08 -11.41
N SER A 1081 -0.21 6.23 -10.84
CA SER A 1081 1.18 6.11 -11.28
C SER A 1081 1.25 5.65 -12.73
N GLN A 1082 0.44 4.66 -13.11
CA GLN A 1082 0.37 4.18 -14.48
C GLN A 1082 -0.14 5.28 -15.43
N GLN A 1083 -1.13 6.04 -15.01
CA GLN A 1083 -1.71 7.12 -15.82
C GLN A 1083 -0.69 8.22 -16.07
N LEU A 1084 0.12 8.61 -15.09
CA LEU A 1084 1.19 9.60 -15.28
C LEU A 1084 2.20 9.10 -16.31
N SER A 1085 2.62 7.85 -16.18
CA SER A 1085 3.56 7.23 -17.10
C SER A 1085 3.00 7.18 -18.53
N ASP A 1086 1.73 6.83 -18.70
CA ASP A 1086 1.14 6.77 -20.04
C ASP A 1086 0.97 8.16 -20.64
N ILE A 1087 0.62 9.17 -19.85
CA ILE A 1087 0.47 10.53 -20.39
C ILE A 1087 1.81 11.10 -20.84
N SER A 1088 2.94 10.68 -20.25
CA SER A 1088 4.25 11.09 -20.74
C SER A 1088 4.46 10.63 -22.19
N LEU A 1089 4.05 9.39 -22.50
CA LEU A 1089 4.14 8.83 -23.86
C LEU A 1089 3.17 9.55 -24.79
N VAL A 1090 2.00 9.95 -24.31
CA VAL A 1090 1.03 10.71 -25.10
C VAL A 1090 1.61 12.09 -25.44
N LYS A 1091 2.26 12.76 -24.49
CA LYS A 1091 2.91 14.05 -24.76
C LYS A 1091 4.02 13.89 -25.79
N PHE A 1092 4.82 12.84 -25.68
CA PHE A 1092 5.88 12.55 -26.64
C PHE A 1092 5.29 12.34 -28.04
N GLY A 1093 4.22 11.55 -28.15
CA GLY A 1093 3.53 11.30 -29.42
C GLY A 1093 2.91 12.57 -29.99
N ALA A 1094 2.34 13.43 -29.16
CA ALA A 1094 1.76 14.68 -29.62
C ALA A 1094 2.86 15.62 -30.14
N ALA A 1095 4.03 15.65 -29.50
CA ALA A 1095 5.15 16.46 -29.97
C ALA A 1095 5.60 15.96 -31.34
N LEU A 1096 5.69 14.65 -31.53
CA LEU A 1096 6.03 14.06 -32.82
C LEU A 1096 4.98 14.40 -33.86
N ALA A 1097 3.70 14.38 -33.52
CA ALA A 1097 2.63 14.72 -34.45
C ALA A 1097 2.70 16.19 -34.85
N MET A 1098 2.97 17.11 -33.91
CA MET A 1098 3.10 18.53 -34.24
C MET A 1098 4.31 18.74 -35.16
N GLU A 1099 5.41 18.05 -34.90
CA GLU A 1099 6.61 18.11 -35.73
C GLU A 1099 6.32 17.58 -37.13
N LYS A 1100 5.58 16.47 -37.26
CA LYS A 1100 5.20 15.93 -38.57
C LYS A 1100 4.27 16.89 -39.30
N VAL A 1101 3.33 17.54 -38.63
CA VAL A 1101 2.47 18.56 -39.28
C VAL A 1101 3.33 19.65 -39.90
N ASN A 1102 4.19 20.27 -39.09
CA ASN A 1102 5.06 21.35 -39.50
C ASN A 1102 6.08 20.97 -40.57
N GLU A 1103 6.65 19.77 -40.50
CA GLU A 1103 7.74 19.35 -41.39
C GLU A 1103 7.40 18.32 -42.47
N CYS A 1104 6.14 17.92 -42.60
CA CYS A 1104 5.67 17.00 -43.65
C CYS A 1104 4.42 17.49 -44.36
N VAL A 1105 3.54 18.25 -43.70
CA VAL A 1105 2.28 18.72 -44.30
C VAL A 1105 2.39 20.17 -44.74
N LYS A 1106 2.73 21.08 -43.82
CA LYS A 1106 2.87 22.51 -44.12
C LYS A 1106 4.12 22.84 -44.91
N SER A 1107 5.13 21.98 -44.83
CA SER A 1107 6.40 22.12 -45.52
C SER A 1107 7.04 20.75 -45.63
N GLN A 1108 8.09 20.63 -46.42
CA GLN A 1108 8.80 19.37 -46.65
C GLN A 1108 10.23 19.54 -46.17
N SER A 1109 10.48 19.26 -44.90
CA SER A 1109 11.81 19.42 -44.31
C SER A 1109 12.80 18.42 -44.91
N PRO A 1110 14.08 18.77 -45.13
CA PRO A 1110 15.08 17.89 -45.72
C PRO A 1110 15.60 16.81 -44.75
N ARG A 1111 14.70 15.97 -44.28
CA ARG A 1111 14.93 14.84 -43.36
C ARG A 1111 14.44 13.61 -44.11
N ILE A 1112 15.25 12.56 -44.23
CA ILE A 1112 14.92 11.44 -45.12
C ILE A 1112 13.75 10.54 -44.72
N ASN A 1113 13.82 9.85 -43.59
CA ASN A 1113 12.74 8.94 -43.19
C ASN A 1113 11.84 9.51 -42.08
N PHE A 1114 11.86 10.82 -41.88
CA PHE A 1114 11.04 11.45 -40.86
C PHE A 1114 9.55 11.35 -41.22
N CYS A 1115 9.20 11.67 -42.45
CA CYS A 1115 7.83 11.61 -42.95
C CYS A 1115 7.53 10.27 -43.62
N GLY A 1116 7.71 9.18 -42.88
CA GLY A 1116 7.47 7.84 -43.42
C GLY A 1116 8.65 7.32 -44.22
N ASN A 1117 8.62 6.03 -44.56
CA ASN A 1117 9.68 5.36 -45.29
C ASN A 1117 9.61 5.60 -46.81
N GLY A 1118 10.76 5.57 -47.47
CA GLY A 1118 10.89 5.73 -48.93
C GLY A 1118 11.19 7.16 -49.38
N ASN A 1119 11.04 7.39 -50.68
CA ASN A 1119 11.26 8.68 -51.32
C ASN A 1119 10.04 9.57 -51.09
N HIS A 1120 9.97 10.23 -49.95
CA HIS A 1120 8.83 11.05 -49.56
C HIS A 1120 8.61 12.28 -50.45
N ILE A 1121 7.40 12.42 -50.98
CA ILE A 1121 7.00 13.56 -51.80
C ILE A 1121 6.43 14.62 -50.89
N LEU A 1122 5.31 14.31 -50.23
CA LEU A 1122 4.62 15.17 -49.28
C LEU A 1122 3.64 14.36 -48.45
N SER A 1123 3.06 14.99 -47.44
CA SER A 1123 2.08 14.36 -46.57
C SER A 1123 0.84 15.22 -46.39
N LEU A 1124 -0.27 14.58 -46.07
CA LEU A 1124 -1.56 15.22 -45.78
C LEU A 1124 -2.00 14.73 -44.40
N VAL A 1125 -2.81 15.51 -43.70
CA VAL A 1125 -3.30 15.15 -42.35
C VAL A 1125 -4.81 15.15 -42.26
N GLN A 1126 -5.36 14.18 -41.55
CA GLN A 1126 -6.78 14.03 -41.29
C GLN A 1126 -6.96 13.75 -39.80
N ASN A 1127 -8.09 14.16 -39.23
CA ASN A 1127 -8.38 13.94 -37.84
C ASN A 1127 -8.61 12.46 -37.55
N ALA A 1128 -8.22 11.96 -36.39
CA ALA A 1128 -8.43 10.58 -36.02
C ALA A 1128 -8.84 10.50 -34.55
N PRO A 1129 -9.57 9.46 -34.12
CA PRO A 1129 -9.95 9.34 -32.72
C PRO A 1129 -8.69 9.35 -31.84
N TYR A 1130 -8.57 10.33 -30.94
CA TYR A 1130 -7.43 10.53 -30.04
C TYR A 1130 -6.08 10.76 -30.73
N GLY A 1131 -6.05 11.29 -31.94
CA GLY A 1131 -4.81 11.51 -32.64
C GLY A 1131 -4.99 12.09 -34.04
N LEU A 1132 -3.96 11.94 -34.86
CA LEU A 1132 -3.98 12.42 -36.23
C LEU A 1132 -3.54 11.30 -37.17
N LEU A 1133 -4.11 11.27 -38.36
CA LEU A 1133 -3.72 10.34 -39.40
C LEU A 1133 -2.94 11.11 -40.43
N PHE A 1134 -1.74 10.65 -40.72
CA PHE A 1134 -0.88 11.24 -41.73
C PHE A 1134 -0.81 10.31 -42.92
N MET A 1135 -1.10 10.82 -44.11
CA MET A 1135 -0.98 10.08 -45.34
C MET A 1135 0.33 10.53 -45.95
N HIS A 1136 1.33 9.68 -45.97
CA HIS A 1136 2.63 9.99 -46.55
C HIS A 1136 2.65 9.46 -47.97
N PHE A 1137 2.86 10.32 -48.95
CA PHE A 1137 2.90 9.93 -50.35
C PHE A 1137 4.36 9.85 -50.78
N SER A 1138 4.76 8.70 -51.32
CA SER A 1138 6.13 8.43 -51.72
C SER A 1138 6.27 8.05 -53.19
N TYR A 1139 7.39 8.42 -53.77
CA TYR A 1139 7.75 8.06 -55.14
C TYR A 1139 8.22 6.61 -55.13
N LYS A 1140 7.49 5.72 -55.80
CA LYS A 1140 7.78 4.30 -55.84
C LYS A 1140 8.17 3.83 -57.24
N PRO A 1141 9.42 3.43 -57.47
CA PRO A 1141 9.83 2.85 -58.73
C PRO A 1141 9.07 1.56 -59.03
N ILE A 1142 8.63 1.35 -60.27
CA ILE A 1142 7.89 0.15 -60.69
C ILE A 1142 8.86 -0.83 -61.31
N SER A 1143 9.64 -0.37 -62.29
CA SER A 1143 10.62 -1.15 -63.04
C SER A 1143 11.95 -0.42 -63.11
N PHE A 1144 13.04 -1.17 -63.25
CA PHE A 1144 14.40 -0.65 -63.27
C PHE A 1144 15.19 -1.09 -64.50
N LYS A 1145 16.15 -0.26 -64.91
CA LYS A 1145 17.07 -0.52 -66.00
C LYS A 1145 18.47 -0.56 -65.39
N THR A 1146 19.24 -1.61 -65.63
CA THR A 1146 20.63 -1.67 -65.14
C THR A 1146 21.49 -0.90 -66.12
N VAL A 1147 22.16 0.16 -65.67
CA VAL A 1147 23.00 1.00 -66.51
C VAL A 1147 24.37 1.23 -65.89
N LEU A 1148 25.33 1.57 -66.72
CA LEU A 1148 26.69 1.85 -66.28
C LEU A 1148 26.82 3.35 -66.08
N VAL A 1149 27.17 3.77 -64.87
CA VAL A 1149 27.28 5.17 -64.46
C VAL A 1149 28.66 5.58 -64.02
N SER A 1150 28.96 6.86 -64.13
CA SER A 1150 30.21 7.47 -63.69
C SER A 1150 29.85 8.54 -62.66
N PRO A 1151 30.42 8.52 -61.45
CA PRO A 1151 30.11 9.52 -60.43
C PRO A 1151 30.75 10.87 -60.69
N GLY A 1152 31.63 10.99 -61.69
CA GLY A 1152 32.32 12.22 -62.07
C GLY A 1152 33.12 12.05 -63.35
N LEU A 1153 33.51 13.17 -63.97
CA LEU A 1153 34.30 13.18 -65.20
C LEU A 1153 35.38 14.27 -65.16
N CYS A 1154 36.51 14.00 -65.82
CA CYS A 1154 37.58 14.97 -66.01
C CYS A 1154 37.42 15.47 -67.44
N ILE A 1155 37.14 16.75 -67.63
CA ILE A 1155 36.84 17.34 -68.94
C ILE A 1155 37.78 18.48 -69.32
N SER A 1156 37.93 18.72 -70.63
CA SER A 1156 38.75 19.82 -71.17
C SER A 1156 40.15 19.88 -70.51
N GLY A 1157 40.49 20.99 -69.87
CA GLY A 1157 41.77 21.21 -69.19
C GLY A 1157 41.81 20.61 -67.78
N ASP A 1158 41.49 19.31 -67.65
CA ASP A 1158 41.46 18.56 -66.39
C ASP A 1158 40.52 19.17 -65.33
N VAL A 1159 39.43 19.79 -65.77
CA VAL A 1159 38.39 20.37 -64.91
C VAL A 1159 37.47 19.24 -64.50
N GLY A 1160 37.14 19.12 -63.21
CA GLY A 1160 36.27 18.06 -62.72
C GLY A 1160 34.81 18.46 -62.70
N ILE A 1161 33.92 17.55 -63.07
CA ILE A 1161 32.48 17.75 -62.99
C ILE A 1161 31.84 16.56 -62.28
N ALA A 1162 30.87 16.84 -61.43
CA ALA A 1162 30.10 15.83 -60.70
C ALA A 1162 28.62 16.07 -60.99
N PRO A 1163 27.78 15.03 -61.14
CA PRO A 1163 26.37 15.19 -61.45
C PRO A 1163 25.54 15.61 -60.23
N LYS A 1164 24.59 16.52 -60.39
CA LYS A 1164 23.70 16.97 -59.31
C LYS A 1164 22.47 16.06 -59.25
N GLN A 1165 22.31 15.30 -58.17
CA GLN A 1165 21.15 14.41 -57.98
C GLN A 1165 20.95 13.46 -59.18
N GLY A 1166 22.04 12.91 -59.69
CA GLY A 1166 22.02 12.02 -60.84
C GLY A 1166 23.36 11.36 -61.13
N TYR A 1167 23.53 10.93 -62.37
CA TYR A 1167 24.73 10.23 -62.83
C TYR A 1167 25.11 10.57 -64.26
N PHE A 1168 26.37 10.36 -64.61
CA PHE A 1168 26.84 10.50 -65.99
C PHE A 1168 26.83 9.11 -66.62
N ILE A 1169 26.27 8.99 -67.81
CA ILE A 1169 26.08 7.74 -68.54
C ILE A 1169 26.54 7.87 -70.00
N LYS A 1170 26.92 6.76 -70.61
CA LYS A 1170 27.27 6.69 -72.04
C LYS A 1170 26.00 6.38 -72.81
N HIS A 1171 25.41 7.38 -73.46
CA HIS A 1171 24.21 7.20 -74.29
C HIS A 1171 24.64 7.40 -75.72
N ASN A 1172 24.26 6.48 -76.62
CA ASN A 1172 24.75 6.48 -77.99
C ASN A 1172 26.28 6.39 -77.97
N ASP A 1173 26.99 7.42 -78.44
CA ASP A 1173 28.45 7.49 -78.48
C ASP A 1173 29.08 8.46 -77.46
N HIS A 1174 28.32 9.37 -76.85
CA HIS A 1174 28.84 10.42 -75.96
C HIS A 1174 28.25 10.40 -74.54
N TRP A 1175 28.86 11.19 -73.65
CA TRP A 1175 28.41 11.32 -72.26
C TRP A 1175 27.15 12.18 -72.15
N MET A 1176 26.23 11.72 -71.33
CA MET A 1176 24.96 12.35 -71.01
C MET A 1176 24.71 12.23 -69.52
N PHE A 1177 23.76 13.00 -68.99
CA PHE A 1177 23.37 13.01 -67.60
C PHE A 1177 22.00 12.36 -67.46
N THR A 1178 21.75 11.67 -66.37
CA THR A 1178 20.44 11.11 -66.04
C THR A 1178 20.15 11.31 -64.57
N GLY A 1179 18.89 11.54 -64.20
CA GLY A 1179 18.54 11.71 -62.80
C GLY A 1179 18.71 10.38 -62.05
N SER A 1180 18.98 10.42 -60.76
CA SER A 1180 19.21 9.18 -59.99
C SER A 1180 17.94 8.37 -59.74
N SER A 1181 16.76 8.99 -59.84
CA SER A 1181 15.47 8.36 -59.59
C SER A 1181 14.65 8.10 -60.85
N TYR A 1182 15.12 8.48 -62.04
CA TYR A 1182 14.42 8.18 -63.28
C TYR A 1182 15.39 8.20 -64.46
N TYR A 1183 15.42 7.14 -65.26
CA TYR A 1183 16.30 7.04 -66.41
C TYR A 1183 15.73 7.82 -67.59
N TYR A 1184 16.41 8.92 -67.92
CA TYR A 1184 16.08 9.80 -69.02
C TYR A 1184 17.36 10.53 -69.41
N PRO A 1185 18.11 10.05 -70.41
CA PRO A 1185 19.33 10.69 -70.85
C PRO A 1185 19.05 12.15 -71.24
N GLU A 1186 19.92 13.03 -70.80
CA GLU A 1186 19.81 14.48 -70.94
C GLU A 1186 21.19 15.09 -71.14
N PRO A 1187 21.36 16.15 -71.95
CA PRO A 1187 22.68 16.72 -72.18
C PRO A 1187 23.31 17.28 -70.89
N ILE A 1188 24.62 17.10 -70.74
CA ILE A 1188 25.38 17.60 -69.59
C ILE A 1188 25.45 19.12 -69.70
N SER A 1189 25.12 19.84 -68.64
CA SER A 1189 25.17 21.31 -68.62
C SER A 1189 25.38 21.85 -67.21
N ASP A 1190 25.58 23.16 -67.07
CA ASP A 1190 25.75 23.77 -65.75
C ASP A 1190 24.50 23.63 -64.87
N LYS A 1191 23.34 23.28 -65.45
CA LYS A 1191 22.09 23.09 -64.72
C LYS A 1191 22.09 21.78 -63.91
N ASN A 1192 22.91 20.79 -64.27
CA ASN A 1192 22.96 19.49 -63.59
C ASN A 1192 24.38 19.05 -63.23
N VAL A 1193 25.28 19.99 -62.95
CA VAL A 1193 26.68 19.72 -62.66
C VAL A 1193 27.28 20.61 -61.58
N VAL A 1194 28.14 20.03 -60.76
CA VAL A 1194 28.97 20.71 -59.75
C VAL A 1194 30.38 20.77 -60.35
N PHE A 1195 30.95 21.95 -60.52
CA PHE A 1195 32.29 22.12 -61.08
C PHE A 1195 33.40 22.06 -60.04
N MET A 1196 34.58 21.59 -60.45
CA MET A 1196 35.80 21.49 -59.65
C MET A 1196 36.98 22.03 -60.46
N ASN A 1197 37.85 22.85 -59.89
CA ASN A 1197 39.00 23.38 -60.64
C ASN A 1197 39.98 22.26 -61.03
N THR A 1198 40.13 21.26 -60.15
CA THR A 1198 40.95 20.07 -60.32
C THR A 1198 40.05 18.85 -60.28
N CYS A 1199 40.16 17.93 -61.23
CA CYS A 1199 39.33 16.72 -61.25
C CYS A 1199 39.81 15.66 -60.24
N SER A 1200 38.87 14.93 -59.64
CA SER A 1200 39.20 13.88 -58.68
C SER A 1200 39.87 12.69 -59.35
N VAL A 1201 40.70 11.95 -58.61
CA VAL A 1201 41.31 10.74 -59.15
C VAL A 1201 40.18 9.72 -59.36
N ASN A 1202 40.40 8.78 -60.27
CA ASN A 1202 39.43 7.76 -60.67
C ASN A 1202 38.17 8.30 -61.36
N PHE A 1203 38.01 9.61 -61.56
CA PHE A 1203 36.92 10.15 -62.36
C PHE A 1203 37.21 9.73 -63.79
N THR A 1204 36.20 9.37 -64.57
CA THR A 1204 36.43 8.92 -65.94
C THR A 1204 36.94 10.06 -66.80
N LYS A 1205 38.03 9.85 -67.56
CA LYS A 1205 38.59 10.89 -68.43
C LYS A 1205 37.70 11.09 -69.66
N ALA A 1206 37.32 12.33 -69.95
CA ALA A 1206 36.47 12.68 -71.08
C ALA A 1206 36.87 14.06 -71.65
N PRO A 1207 38.00 14.16 -72.37
CA PRO A 1207 38.48 15.44 -72.92
C PRO A 1207 37.54 16.10 -73.93
N LEU A 1208 36.69 15.32 -74.60
CA LEU A 1208 35.75 15.80 -75.61
C LEU A 1208 34.51 16.51 -75.03
N VAL A 1209 34.30 16.49 -73.72
CA VAL A 1209 33.14 17.12 -73.08
C VAL A 1209 33.34 18.62 -72.89
N TYR A 1210 32.39 19.43 -73.36
CA TYR A 1210 32.35 20.88 -73.24
C TYR A 1210 33.63 21.59 -73.68
N VAL B 1 30.26 -3.96 50.24
CA VAL B 1 30.33 -5.46 50.28
C VAL B 1 29.71 -6.05 49.03
N ILE B 2 30.01 -7.31 48.71
CA ILE B 2 29.42 -7.96 47.51
C ILE B 2 28.31 -8.89 47.96
N GLY B 3 28.61 -9.96 48.67
CA GLY B 3 27.60 -10.83 49.25
C GLY B 3 27.27 -10.38 50.66
N ASP B 4 26.46 -11.13 51.40
CA ASP B 4 26.11 -10.78 52.77
C ASP B 4 26.70 -11.78 53.78
N PHE B 5 27.58 -12.68 53.36
CA PHE B 5 28.17 -13.68 54.24
C PHE B 5 29.54 -13.28 54.76
N ASN B 6 29.68 -13.31 56.09
CA ASN B 6 30.92 -12.98 56.78
C ASN B 6 31.87 -14.19 56.74
N CYS B 7 32.56 -14.36 55.63
CA CYS B 7 33.51 -15.46 55.44
C CYS B 7 34.76 -15.29 56.32
N THR B 8 35.22 -14.05 56.54
CA THR B 8 36.38 -13.76 57.39
C THR B 8 36.46 -12.28 57.81
N ASN B 9 37.22 -11.99 58.86
CA ASN B 9 37.52 -10.65 59.36
C ASN B 9 39.05 -10.44 59.50
N PHE B 10 39.85 -11.34 58.93
CA PHE B 10 41.31 -11.29 58.96
C PHE B 10 41.85 -10.25 57.99
N ALA B 11 42.75 -9.38 58.45
CA ALA B 11 43.43 -8.38 57.64
C ALA B 11 42.51 -7.51 56.75
N ILE B 12 41.52 -6.85 57.34
CA ILE B 12 40.56 -5.98 56.63
C ILE B 12 40.74 -4.54 57.09
N ASN B 13 40.82 -3.59 56.16
CA ASN B 13 40.96 -2.16 56.44
C ASN B 13 40.10 -1.31 55.49
N ASP B 14 40.20 0.02 55.55
CA ASP B 14 39.44 0.94 54.70
C ASP B 14 40.36 1.88 53.91
N LEU B 15 41.60 1.47 53.63
CA LEU B 15 42.58 2.32 52.92
C LEU B 15 42.25 2.46 51.44
N ASN B 16 42.26 3.70 50.95
CA ASN B 16 42.08 4.02 49.55
C ASN B 16 43.43 3.84 48.85
N THR B 17 43.74 2.62 48.43
CA THR B 17 45.02 2.30 47.79
C THR B 17 45.11 2.73 46.34
N THR B 18 44.05 2.53 45.55
CA THR B 18 44.00 2.88 44.13
C THR B 18 42.56 2.95 43.61
N VAL B 19 42.38 3.44 42.39
CA VAL B 19 41.11 3.55 41.66
C VAL B 19 41.33 2.93 40.27
N PRO B 20 40.28 2.48 39.55
CA PRO B 20 40.45 1.89 38.22
C PRO B 20 41.12 2.87 37.26
N ARG B 21 42.31 2.51 36.75
CA ARG B 21 43.03 3.39 35.82
C ARG B 21 42.45 3.29 34.41
N ILE B 22 42.40 4.41 33.70
CA ILE B 22 41.89 4.45 32.33
C ILE B 22 43.01 4.08 31.36
N SER B 23 42.75 3.23 30.38
CA SER B 23 43.74 2.79 29.41
C SER B 23 44.09 3.85 28.36
N GLU B 24 45.36 3.90 27.98
CA GLU B 24 45.82 4.75 26.87
C GLU B 24 45.38 4.10 25.54
N TYR B 25 45.27 2.76 25.56
CA TYR B 25 44.77 1.93 24.47
C TYR B 25 43.26 2.14 24.36
N VAL B 26 42.71 2.12 23.14
CA VAL B 26 41.27 2.30 22.90
C VAL B 26 40.73 1.20 22.01
N VAL B 27 39.41 1.07 21.95
CA VAL B 27 38.77 0.05 21.12
C VAL B 27 38.99 0.36 19.65
N ASP B 28 39.60 -0.57 18.92
CA ASP B 28 39.86 -0.48 17.49
C ASP B 28 39.42 -1.78 16.83
N VAL B 29 38.22 -1.75 16.26
CA VAL B 29 37.62 -2.93 15.63
C VAL B 29 37.98 -3.10 14.16
N SER B 30 38.88 -2.28 13.62
CA SER B 30 39.22 -2.34 12.19
C SER B 30 39.78 -3.68 11.71
N TYR B 31 40.29 -4.54 12.62
CA TYR B 31 40.82 -5.86 12.31
C TYR B 31 40.07 -7.01 13.01
N GLY B 32 38.81 -6.78 13.39
CA GLY B 32 37.96 -7.80 14.02
C GLY B 32 38.01 -7.88 15.54
N LEU B 33 39.03 -7.31 16.19
CA LEU B 33 39.12 -7.33 17.65
C LEU B 33 37.95 -6.54 18.24
N GLY B 34 37.28 -7.06 19.27
CA GLY B 34 36.11 -6.40 19.83
C GLY B 34 34.81 -6.98 19.27
N THR B 35 34.88 -7.80 18.22
CA THR B 35 33.75 -8.51 17.62
C THR B 35 33.77 -9.98 18.02
N TYR B 36 32.72 -10.72 17.68
CA TYR B 36 32.59 -12.13 17.97
C TYR B 36 32.01 -12.88 16.78
N TYR B 37 32.29 -14.16 16.66
CA TYR B 37 31.66 -14.99 15.63
C TYR B 37 30.21 -15.22 16.03
N ILE B 38 29.26 -15.08 15.10
CA ILE B 38 27.84 -15.21 15.41
C ILE B 38 27.41 -16.65 15.71
N LEU B 39 27.30 -16.99 17.00
CA LEU B 39 26.84 -18.30 17.48
C LEU B 39 27.60 -19.45 16.82
N ASP B 40 26.91 -20.39 16.21
CA ASP B 40 27.48 -21.55 15.50
C ASP B 40 27.46 -21.33 13.97
N ARG B 41 27.25 -20.10 13.50
CA ARG B 41 27.20 -19.74 12.09
C ARG B 41 28.57 -19.47 11.49
N VAL B 42 28.69 -19.78 10.22
CA VAL B 42 29.84 -19.56 9.36
C VAL B 42 29.39 -18.67 8.20
N TYR B 43 30.08 -17.57 7.94
CA TYR B 43 29.84 -16.70 6.81
C TYR B 43 31.12 -16.73 5.97
N LEU B 44 31.05 -16.93 4.65
CA LEU B 44 32.23 -17.05 3.80
C LEU B 44 32.31 -15.98 2.71
N ASN B 45 33.47 -15.33 2.60
CA ASN B 45 33.80 -14.34 1.58
C ASN B 45 32.69 -13.30 1.37
N THR B 46 32.27 -12.62 2.43
CA THR B 46 31.17 -11.66 2.36
C THR B 46 31.21 -10.62 3.48
N THR B 47 30.49 -9.51 3.29
CA THR B 47 30.33 -8.43 4.27
C THR B 47 28.90 -8.49 4.79
N ILE B 48 28.73 -8.48 6.11
CA ILE B 48 27.44 -8.59 6.79
C ILE B 48 27.19 -7.40 7.69
N LEU B 49 26.02 -6.79 7.60
CA LEU B 49 25.62 -5.73 8.54
C LEU B 49 24.92 -6.47 9.67
N PHE B 50 25.60 -6.62 10.80
CA PHE B 50 25.07 -7.34 11.95
C PHE B 50 24.90 -6.43 13.16
N THR B 51 23.72 -6.42 13.77
CA THR B 51 23.46 -5.62 14.97
C THR B 51 23.51 -6.55 16.16
N GLY B 52 24.46 -6.33 17.05
CA GLY B 52 24.71 -7.13 18.23
C GLY B 52 25.19 -6.30 19.40
N TYR B 53 25.85 -6.94 20.37
CA TYR B 53 26.35 -6.28 21.57
C TYR B 53 27.85 -6.10 21.43
N PHE B 54 28.24 -4.93 20.98
CA PHE B 54 29.62 -4.58 20.70
C PHE B 54 30.12 -3.36 21.47
N PRO B 55 31.44 -3.25 21.68
CA PRO B 55 32.02 -2.10 22.34
C PRO B 55 31.97 -0.89 21.40
N LYS B 56 31.94 0.33 21.94
CA LYS B 56 31.95 1.56 21.14
C LYS B 56 33.36 1.79 20.62
N SER B 57 33.54 1.95 19.31
CA SER B 57 34.87 2.18 18.74
C SER B 57 35.46 3.49 19.24
N GLY B 58 36.73 3.48 19.65
CA GLY B 58 37.42 4.64 20.20
C GLY B 58 37.26 4.81 21.71
N ALA B 59 36.43 4.00 22.37
CA ALA B 59 36.24 4.08 23.82
C ALA B 59 37.44 3.49 24.59
N ASN B 60 37.63 3.93 25.82
CA ASN B 60 38.72 3.44 26.68
C ASN B 60 38.26 2.23 27.51
N PHE B 61 39.20 1.68 28.25
CA PHE B 61 39.01 0.57 29.16
C PHE B 61 39.39 0.97 30.59
N ARG B 62 38.76 0.33 31.56
CA ARG B 62 39.04 0.51 32.99
C ARG B 62 39.72 -0.74 33.50
N ASP B 63 40.88 -0.65 34.13
CA ASP B 63 41.53 -1.83 34.68
C ASP B 63 40.91 -2.13 36.05
N LEU B 64 40.07 -3.15 36.12
CA LEU B 64 39.39 -3.56 37.34
C LEU B 64 40.15 -4.62 38.14
N SER B 65 41.31 -5.06 37.66
CA SER B 65 42.10 -6.03 38.42
C SER B 65 42.61 -5.40 39.72
N LEU B 66 42.74 -6.21 40.77
CA LEU B 66 43.19 -5.76 42.09
C LEU B 66 44.12 -6.81 42.71
N LYS B 67 45.42 -6.53 42.76
CA LYS B 67 46.38 -7.44 43.40
C LYS B 67 46.59 -7.01 44.85
N GLY B 68 46.43 -7.92 45.80
CA GLY B 68 46.73 -7.68 47.22
C GLY B 68 47.75 -8.70 47.71
N THR B 69 48.32 -8.50 48.89
CA THR B 69 49.25 -9.50 49.46
C THR B 69 48.64 -10.17 50.69
N THR B 70 48.32 -9.40 51.73
CA THR B 70 47.69 -9.92 52.96
C THR B 70 46.40 -9.16 53.27
N TYR B 71 46.44 -7.83 53.22
CA TYR B 71 45.30 -6.98 53.52
C TYR B 71 44.36 -6.78 52.32
N LEU B 72 43.08 -6.59 52.64
CA LEU B 72 42.00 -6.29 51.69
C LEU B 72 41.31 -5.01 52.17
N SER B 73 40.99 -4.09 51.27
CA SER B 73 40.33 -2.84 51.62
C SER B 73 38.83 -2.92 51.37
N THR B 74 38.00 -2.49 52.30
CA THR B 74 36.55 -2.51 52.11
C THR B 74 36.12 -1.63 50.93
N LEU B 75 36.92 -0.63 50.55
CA LEU B 75 36.65 0.23 49.39
C LEU B 75 36.76 -0.54 48.07
N TRP B 76 37.53 -1.63 48.03
CA TRP B 76 37.66 -2.46 46.82
C TRP B 76 36.36 -3.19 46.49
N TYR B 77 35.41 -3.28 47.42
CA TYR B 77 34.13 -3.99 47.28
C TYR B 77 32.93 -3.06 47.19
N GLN B 78 33.13 -1.87 46.62
CA GLN B 78 32.12 -0.83 46.41
C GLN B 78 32.31 -0.19 45.04
N LYS B 79 31.47 0.78 44.67
CA LYS B 79 31.67 1.53 43.42
C LYS B 79 32.98 2.32 43.58
N PRO B 80 33.76 2.54 42.52
CA PRO B 80 33.50 2.15 41.13
C PRO B 80 33.92 0.73 40.76
N PHE B 81 34.47 -0.10 41.66
CA PHE B 81 34.87 -1.46 41.28
C PHE B 81 33.65 -2.33 41.03
N LEU B 82 32.65 -2.29 41.91
CA LEU B 82 31.38 -2.98 41.75
C LEU B 82 30.63 -2.17 40.69
N SER B 83 30.64 -2.66 39.46
CA SER B 83 30.09 -1.93 38.32
C SER B 83 28.77 -2.47 37.81
N ASP B 84 27.93 -1.60 37.24
CA ASP B 84 26.65 -1.99 36.67
C ASP B 84 26.90 -2.76 35.37
N PHE B 85 26.26 -3.90 35.17
CA PHE B 85 26.43 -4.72 33.97
C PHE B 85 25.75 -4.11 32.75
N ASN B 86 24.58 -3.49 32.89
CA ASN B 86 23.84 -2.89 31.78
C ASN B 86 23.65 -3.94 30.67
N ASN B 87 23.98 -3.62 29.42
CA ASN B 87 23.84 -4.59 28.34
C ASN B 87 24.94 -5.65 28.34
N GLY B 88 26.11 -5.38 28.93
CA GLY B 88 27.23 -6.29 28.97
C GLY B 88 28.58 -5.58 28.93
N ILE B 89 29.67 -6.34 28.85
CA ILE B 89 31.04 -5.84 28.81
C ILE B 89 31.96 -6.64 27.89
N PHE B 90 32.98 -5.96 27.35
CA PHE B 90 34.05 -6.53 26.56
C PHE B 90 35.30 -6.42 27.43
N SER B 91 35.94 -7.54 27.71
CA SER B 91 37.11 -7.61 28.56
C SER B 91 38.38 -7.93 27.80
N ARG B 92 39.45 -7.19 28.06
CA ARG B 92 40.80 -7.44 27.56
C ARG B 92 41.59 -7.82 28.81
N VAL B 93 41.93 -9.08 28.95
CA VAL B 93 42.59 -9.62 30.14
C VAL B 93 44.03 -10.00 29.89
N LYS B 94 44.96 -9.44 30.66
CA LYS B 94 46.38 -9.78 30.54
C LYS B 94 46.62 -11.15 31.15
N ASN B 95 47.19 -12.06 30.39
CA ASN B 95 47.59 -13.35 30.92
C ASN B 95 48.87 -13.09 31.72
N THR B 96 48.80 -13.09 33.04
CA THR B 96 49.95 -12.85 33.91
C THR B 96 50.75 -14.13 34.03
N LYS B 97 51.97 -14.16 33.48
CA LYS B 97 52.79 -15.38 33.39
C LYS B 97 53.88 -15.40 34.45
N LEU B 98 53.83 -16.40 35.33
CA LEU B 98 54.75 -16.60 36.46
C LEU B 98 55.53 -17.90 36.26
N TYR B 99 56.83 -17.88 36.47
CA TYR B 99 57.68 -19.06 36.35
C TYR B 99 58.13 -19.58 37.71
N VAL B 100 57.45 -20.59 38.24
CA VAL B 100 57.86 -21.23 39.52
C VAL B 100 59.03 -22.12 39.14
N ASN B 101 60.23 -21.88 39.70
CA ASN B 101 61.48 -22.56 39.30
C ASN B 101 61.70 -22.26 37.80
N LYS B 102 61.30 -23.19 36.92
CA LYS B 102 61.35 -23.08 35.45
C LYS B 102 59.99 -23.26 34.79
N THR B 103 59.06 -23.96 35.45
CA THR B 103 57.70 -24.23 34.98
C THR B 103 56.84 -22.97 34.87
N LEU B 104 56.16 -22.78 33.75
CA LEU B 104 55.29 -21.62 33.50
C LEU B 104 53.88 -21.85 34.07
N TYR B 105 53.36 -20.82 34.73
CA TYR B 105 52.02 -20.75 35.32
C TYR B 105 51.30 -19.49 34.83
N SER B 106 50.04 -19.63 34.44
CA SER B 106 49.16 -18.57 33.94
C SER B 106 48.14 -18.17 35.00
N GLU B 107 48.11 -16.89 35.36
CA GLU B 107 47.19 -16.30 36.34
C GLU B 107 46.45 -15.11 35.73
N PHE B 108 45.22 -14.85 36.14
CA PHE B 108 44.47 -13.63 35.83
C PHE B 108 43.28 -13.49 36.79
N SER B 109 42.71 -12.29 36.93
CA SER B 109 41.60 -12.05 37.84
C SER B 109 40.32 -12.79 37.46
N THR B 110 39.58 -13.28 38.45
CA THR B 110 38.30 -13.96 38.27
C THR B 110 37.19 -12.93 38.18
N ILE B 111 36.25 -13.07 37.25
CA ILE B 111 35.11 -12.15 37.15
C ILE B 111 33.86 -12.86 37.66
N VAL B 112 33.03 -12.10 38.36
CA VAL B 112 31.78 -12.53 38.96
C VAL B 112 30.69 -11.63 38.40
N ILE B 113 29.61 -12.19 37.86
CA ILE B 113 28.48 -11.46 37.27
C ILE B 113 27.20 -11.90 37.96
N GLY B 114 26.35 -10.99 38.39
CA GLY B 114 25.13 -11.33 39.12
C GLY B 114 24.21 -10.16 39.32
N SER B 115 23.30 -10.26 40.28
CA SER B 115 22.36 -9.19 40.62
C SER B 115 22.58 -8.68 42.04
N VAL B 116 22.47 -9.57 43.02
CA VAL B 116 22.62 -9.26 44.45
C VAL B 116 23.68 -10.10 45.15
N PHE B 117 24.21 -11.14 44.49
CA PHE B 117 25.26 -12.02 45.01
C PHE B 117 24.86 -12.80 46.28
N ILE B 118 23.57 -13.14 46.40
CA ILE B 118 23.00 -13.89 47.53
C ILE B 118 22.52 -15.24 47.00
N ASN B 119 22.45 -16.27 47.84
CA ASN B 119 22.02 -17.62 47.44
C ASN B 119 20.55 -17.70 47.01
N ASN B 120 19.78 -16.61 47.00
CA ASN B 120 18.42 -16.60 46.47
C ASN B 120 18.42 -16.19 44.99
N SER B 121 19.61 -15.93 44.41
CA SER B 121 19.83 -15.49 43.03
C SER B 121 21.02 -16.21 42.40
N TYR B 122 21.10 -16.27 41.08
CA TYR B 122 22.20 -16.96 40.39
C TYR B 122 23.35 -15.99 40.12
N THR B 123 24.57 -16.46 40.40
CA THR B 123 25.82 -15.72 40.19
C THR B 123 26.68 -16.51 39.21
N ILE B 124 27.20 -15.86 38.19
CA ILE B 124 28.04 -16.43 37.14
C ILE B 124 29.49 -16.11 37.49
N VAL B 125 30.34 -17.12 37.53
CA VAL B 125 31.76 -16.98 37.88
C VAL B 125 32.62 -17.56 36.77
N VAL B 126 33.58 -16.79 36.29
CA VAL B 126 34.55 -17.21 35.26
C VAL B 126 35.91 -17.14 35.92
N GLN B 127 36.53 -18.29 36.17
CA GLN B 127 37.81 -18.37 36.88
C GLN B 127 38.88 -19.20 36.17
N PRO B 128 40.12 -18.71 36.06
CA PRO B 128 41.21 -19.48 35.47
C PRO B 128 41.86 -20.41 36.50
N HIS B 129 42.38 -21.52 36.00
CA HIS B 129 43.05 -22.60 36.71
C HIS B 129 44.28 -23.06 35.94
N ASN B 130 45.13 -22.12 35.50
CA ASN B 130 46.37 -22.40 34.76
C ASN B 130 46.15 -23.25 33.49
N GLY B 131 45.46 -22.68 32.50
CA GLY B 131 45.16 -23.35 31.23
C GLY B 131 43.73 -23.90 31.12
N VAL B 132 43.03 -23.97 32.25
CA VAL B 132 41.64 -24.39 32.36
C VAL B 132 40.82 -23.21 32.84
N LEU B 133 39.74 -22.89 32.15
CA LEU B 133 38.82 -21.83 32.49
C LEU B 133 37.53 -22.46 33.00
N GLU B 134 37.28 -22.36 34.29
CA GLU B 134 36.07 -22.91 34.91
C GLU B 134 34.98 -21.86 34.93
N ILE B 135 33.87 -22.17 34.29
CA ILE B 135 32.70 -21.29 34.20
C ILE B 135 31.52 -21.97 34.85
N THR B 136 30.92 -21.30 35.82
CA THR B 136 29.77 -21.81 36.56
C THR B 136 28.74 -20.73 36.83
N ALA B 137 27.49 -21.12 36.97
CA ALA B 137 26.37 -20.28 37.37
C ALA B 137 25.67 -21.13 38.42
N CYS B 138 26.09 -21.00 39.68
CA CYS B 138 25.66 -21.92 40.73
C CYS B 138 25.02 -21.35 41.99
N GLN B 139 24.35 -20.19 41.96
CA GLN B 139 23.63 -19.70 43.14
C GLN B 139 24.47 -19.66 44.43
N TYR B 140 25.72 -19.22 44.33
CA TYR B 140 26.67 -19.22 45.42
C TYR B 140 26.37 -18.26 46.56
N THR B 141 26.93 -18.55 47.73
CA THR B 141 26.87 -17.71 48.93
C THR B 141 28.09 -16.81 48.89
N MET B 142 28.04 -15.75 48.07
CA MET B 142 29.17 -14.85 47.93
C MET B 142 29.56 -14.21 49.27
N CYS B 143 30.86 -14.09 49.51
CA CYS B 143 31.36 -13.45 50.71
C CYS B 143 31.19 -11.93 50.68
N GLU B 144 31.30 -11.26 51.82
CA GLU B 144 31.25 -9.80 51.88
C GLU B 144 32.45 -9.19 51.14
N TYR B 145 33.62 -9.83 51.28
CA TYR B 145 34.92 -9.46 50.71
C TYR B 145 35.54 -10.66 49.97
N PRO B 146 34.99 -11.08 48.82
CA PRO B 146 35.48 -12.23 48.08
C PRO B 146 36.83 -11.99 47.41
N HIS B 147 37.66 -13.01 47.25
CA HIS B 147 38.97 -12.88 46.58
C HIS B 147 39.52 -14.25 46.17
N THR B 148 40.54 -14.25 45.32
CA THR B 148 41.24 -15.47 44.85
C THR B 148 42.70 -15.44 45.28
N ILE B 149 43.45 -16.52 45.08
CA ILE B 149 44.87 -16.61 45.48
C ILE B 149 45.73 -17.19 44.35
N CYS B 150 47.02 -16.86 44.33
CA CYS B 150 47.99 -17.51 43.43
C CYS B 150 48.16 -19.00 43.80
N LYS B 151 47.75 -19.94 42.95
CA LYS B 151 48.00 -21.37 43.20
C LYS B 151 49.41 -21.79 42.77
N SER B 152 50.12 -20.90 42.06
CA SER B 152 51.49 -21.10 41.59
C SER B 152 52.52 -20.73 42.67
N LYS B 153 52.67 -19.42 42.96
CA LYS B 153 53.63 -18.83 43.93
C LYS B 153 53.06 -18.62 45.35
N GLY B 154 51.82 -19.01 45.60
CA GLY B 154 51.20 -18.95 46.93
C GLY B 154 50.77 -17.56 47.40
N SER B 155 50.11 -17.54 48.57
CA SER B 155 49.59 -16.35 49.24
C SER B 155 49.50 -16.60 50.74
N SER B 156 49.55 -15.54 51.57
CA SER B 156 49.28 -15.68 53.01
C SER B 156 47.78 -15.97 53.30
N ARG B 157 46.92 -15.59 52.36
CA ARG B 157 45.45 -15.77 52.37
C ARG B 157 45.01 -17.14 51.84
N ASN B 158 43.91 -17.64 52.38
CA ASN B 158 43.24 -18.85 51.90
C ASN B 158 42.20 -18.39 50.87
N GLU B 159 41.98 -19.10 49.76
CA GLU B 159 41.00 -18.68 48.76
C GLU B 159 39.58 -18.66 49.35
N SER B 160 38.87 -17.55 49.19
CA SER B 160 37.53 -17.41 49.74
C SER B 160 36.69 -16.39 48.99
N TRP B 161 35.70 -16.88 48.25
CA TRP B 161 34.73 -16.03 47.55
C TRP B 161 33.30 -16.52 47.75
N HIS B 162 33.12 -17.75 48.23
CA HIS B 162 31.82 -18.35 48.57
C HIS B 162 31.99 -19.30 49.75
N PHE B 163 30.91 -19.63 50.45
CA PHE B 163 30.98 -20.53 51.63
C PHE B 163 30.10 -21.79 51.48
N ASP B 164 29.69 -22.16 50.28
CA ASP B 164 28.85 -23.33 50.07
C ASP B 164 29.63 -24.63 50.36
N LYS B 165 29.41 -25.25 51.53
CA LYS B 165 30.07 -26.50 51.92
C LYS B 165 29.55 -27.66 51.07
N SER B 166 28.24 -27.71 50.87
CA SER B 166 27.55 -28.66 50.00
C SER B 166 27.42 -28.01 48.61
N GLU B 167 27.26 -28.78 47.54
CA GLU B 167 27.13 -28.19 46.19
C GLU B 167 25.81 -27.41 46.06
N PRO B 168 25.83 -26.11 45.74
CA PRO B 168 24.61 -25.31 45.55
C PRO B 168 23.97 -25.60 44.18
N LEU B 169 22.75 -25.12 43.94
CA LEU B 169 22.04 -25.37 42.69
C LEU B 169 22.74 -24.71 41.49
N CYS B 170 23.03 -25.49 40.44
CA CYS B 170 23.73 -25.01 39.25
C CYS B 170 22.87 -25.04 37.98
N LEU B 171 22.88 -23.93 37.24
CA LEU B 171 22.18 -23.88 35.95
C LEU B 171 23.14 -24.26 34.82
N PHE B 172 24.43 -24.00 35.02
CA PHE B 172 25.50 -24.29 34.08
C PHE B 172 26.81 -24.47 34.86
N LYS B 173 27.62 -25.44 34.44
CA LYS B 173 28.92 -25.80 35.03
C LYS B 173 29.74 -26.50 33.96
N LYS B 174 30.75 -25.86 33.40
CA LYS B 174 31.60 -26.42 32.34
C LYS B 174 32.99 -25.80 32.34
N ASN B 175 33.96 -26.54 31.82
CA ASN B 175 35.35 -26.09 31.70
C ASN B 175 35.70 -25.90 30.24
N PHE B 176 36.62 -24.98 30.01
CA PHE B 176 37.16 -24.61 28.71
C PHE B 176 38.67 -24.50 28.82
N THR B 177 39.41 -24.64 27.74
CA THR B 177 40.88 -24.55 27.76
C THR B 177 41.38 -23.34 26.98
N TYR B 178 42.51 -22.79 27.40
CA TYR B 178 43.12 -21.65 26.72
C TYR B 178 44.65 -21.82 26.66
N ASN B 179 45.30 -21.19 25.68
CA ASN B 179 46.74 -21.26 25.52
C ASN B 179 47.44 -20.42 26.60
N VAL B 180 48.12 -21.11 27.53
CA VAL B 180 48.86 -20.50 28.64
C VAL B 180 50.01 -19.60 28.21
N SER B 181 50.60 -19.81 27.02
CA SER B 181 51.70 -19.00 26.51
C SER B 181 51.29 -17.63 25.98
N THR B 182 50.00 -17.39 25.74
CA THR B 182 49.49 -16.11 25.20
C THR B 182 49.62 -14.94 26.15
N ASP B 183 49.54 -13.71 25.64
CA ASP B 183 49.63 -12.50 26.45
C ASP B 183 48.27 -11.88 26.80
N TRP B 184 47.24 -12.15 25.98
CA TRP B 184 45.91 -11.56 26.17
C TRP B 184 44.75 -12.49 25.89
N LEU B 185 43.72 -12.41 26.71
CA LEU B 185 42.46 -13.12 26.53
C LEU B 185 41.38 -12.06 26.40
N TYR B 186 40.48 -12.25 25.46
CA TYR B 186 39.37 -11.36 25.18
C TYR B 186 38.07 -12.05 25.51
N PHE B 187 37.14 -11.37 26.17
CA PHE B 187 35.84 -11.94 26.54
C PHE B 187 34.67 -11.02 26.24
N HIS B 188 33.56 -11.55 25.76
CA HIS B 188 32.32 -10.79 25.59
C HIS B 188 31.32 -11.38 26.54
N PHE B 189 30.76 -10.59 27.45
CA PHE B 189 29.70 -11.03 28.35
C PHE B 189 28.52 -10.11 28.14
N TYR B 190 27.35 -10.62 27.78
CA TYR B 190 26.18 -9.80 27.55
C TYR B 190 24.89 -10.55 27.80
N GLN B 191 23.78 -9.83 27.91
CA GLN B 191 22.47 -10.42 28.09
C GLN B 191 21.49 -9.84 27.10
N GLU B 192 20.55 -10.65 26.63
CA GLU B 192 19.54 -10.27 25.65
C GLU B 192 18.29 -11.10 25.84
N ARG B 193 17.14 -10.44 26.07
CA ARG B 193 15.83 -11.08 26.26
C ARG B 193 15.88 -12.20 27.32
N GLY B 194 16.55 -11.91 28.43
CA GLY B 194 16.68 -12.83 29.56
C GLY B 194 17.74 -13.92 29.41
N THR B 195 18.48 -13.97 28.31
CA THR B 195 19.52 -14.98 28.09
C THR B 195 20.90 -14.36 28.20
N PHE B 196 21.81 -14.98 28.95
CA PHE B 196 23.19 -14.52 29.11
C PHE B 196 24.06 -15.24 28.07
N TYR B 197 24.93 -14.52 27.40
CA TYR B 197 25.85 -15.04 26.39
C TYR B 197 27.29 -14.73 26.76
N ALA B 198 28.18 -15.69 26.56
CA ALA B 198 29.60 -15.54 26.84
C ALA B 198 30.43 -15.97 25.64
N TYR B 199 31.45 -15.19 25.30
CA TYR B 199 32.37 -15.47 24.21
C TYR B 199 33.79 -15.26 24.70
N TYR B 200 34.78 -15.96 24.15
CA TYR B 200 36.17 -15.79 24.53
C TYR B 200 37.14 -16.03 23.38
N ALA B 201 38.34 -15.51 23.48
CA ALA B 201 39.42 -15.72 22.54
C ALA B 201 40.72 -15.53 23.29
N ASP B 202 41.71 -16.37 23.07
CA ASP B 202 43.01 -16.29 23.74
C ASP B 202 44.14 -15.79 22.83
N SER B 203 43.86 -15.40 21.58
CA SER B 203 44.90 -15.02 20.62
C SER B 203 44.66 -13.73 19.84
N GLY B 204 44.07 -12.70 20.45
CA GLY B 204 43.86 -11.39 19.80
C GLY B 204 43.12 -11.49 18.47
N MET B 205 41.88 -11.94 18.52
CA MET B 205 41.02 -12.19 17.38
C MET B 205 39.55 -12.08 17.82
N PRO B 206 38.57 -12.11 16.90
CA PRO B 206 37.17 -12.09 17.27
C PRO B 206 36.88 -13.22 18.26
N THR B 207 36.08 -12.97 19.29
CA THR B 207 35.79 -13.99 20.29
C THR B 207 34.89 -15.10 19.76
N THR B 208 35.05 -16.28 20.34
CA THR B 208 34.38 -17.54 20.05
C THR B 208 33.33 -17.83 21.10
N PHE B 209 32.16 -18.29 20.69
CA PHE B 209 31.06 -18.61 21.60
C PHE B 209 31.45 -19.66 22.64
N LEU B 210 31.25 -19.35 23.92
CA LEU B 210 31.51 -20.27 25.04
C LEU B 210 30.22 -21.01 25.36
N PHE B 211 29.19 -20.27 25.77
CA PHE B 211 27.89 -20.80 26.15
C PHE B 211 26.82 -19.72 26.22
N SER B 212 25.57 -20.15 26.26
CA SER B 212 24.40 -19.31 26.47
C SER B 212 23.60 -19.90 27.63
N LEU B 213 22.96 -19.08 28.44
CA LEU B 213 22.22 -19.53 29.60
C LEU B 213 20.96 -18.68 29.83
N TYR B 214 19.79 -19.30 29.83
CA TYR B 214 18.56 -18.57 30.10
C TYR B 214 18.44 -18.29 31.60
N LEU B 215 18.11 -17.07 31.96
CA LEU B 215 17.95 -16.62 33.34
C LEU B 215 16.61 -15.93 33.57
N GLY B 216 16.09 -15.22 32.58
CA GLY B 216 14.87 -14.44 32.67
C GLY B 216 15.15 -13.12 33.39
N THR B 217 15.75 -13.19 34.57
CA THR B 217 16.15 -12.03 35.37
C THR B 217 17.29 -11.28 34.70
N LEU B 218 17.40 -9.99 34.97
CA LEU B 218 18.48 -9.17 34.43
C LEU B 218 19.68 -9.19 35.38
N LEU B 219 20.86 -9.52 34.87
CA LEU B 219 22.09 -9.44 35.64
C LEU B 219 22.36 -7.95 35.75
N SER B 220 22.48 -7.40 36.94
CA SER B 220 22.65 -5.96 37.13
C SER B 220 24.06 -5.52 37.49
N HIS B 221 24.91 -6.40 38.01
CA HIS B 221 26.25 -6.04 38.45
C HIS B 221 27.30 -7.06 38.09
N TYR B 222 28.53 -6.61 37.95
CA TYR B 222 29.67 -7.49 37.74
C TYR B 222 30.81 -6.95 38.59
N TYR B 223 31.71 -7.84 38.94
CA TYR B 223 32.85 -7.50 39.76
C TYR B 223 34.04 -8.38 39.43
N VAL B 224 35.24 -7.81 39.43
CA VAL B 224 36.47 -8.54 39.17
C VAL B 224 37.10 -8.78 40.53
N LEU B 225 37.16 -10.06 40.93
CA LEU B 225 37.67 -10.46 42.22
C LEU B 225 39.15 -10.13 42.40
N PRO B 226 39.55 -9.54 43.55
CA PRO B 226 40.92 -9.28 43.87
C PRO B 226 41.69 -10.60 43.96
N LEU B 227 42.94 -10.62 43.54
CA LEU B 227 43.79 -11.80 43.60
C LEU B 227 44.93 -11.53 44.58
N THR B 228 45.10 -12.42 45.54
CA THR B 228 46.12 -12.27 46.57
C THR B 228 47.32 -13.17 46.28
N CYS B 229 48.51 -12.62 46.36
CA CYS B 229 49.71 -13.34 45.96
C CYS B 229 50.94 -12.83 46.70
N ASN B 230 51.93 -13.68 46.93
CA ASN B 230 53.24 -13.25 47.41
C ASN B 230 54.08 -12.55 46.31
N ALA B 231 53.78 -12.84 45.03
CA ALA B 231 54.51 -12.35 43.84
C ALA B 231 53.84 -11.10 43.22
N ILE B 232 54.13 -10.81 41.95
CA ILE B 232 53.42 -9.85 41.08
C ILE B 232 53.32 -8.43 41.65
N SER B 233 54.49 -7.85 41.96
CA SER B 233 54.63 -6.44 42.33
C SER B 233 56.04 -5.92 42.03
N SER B 234 56.21 -4.60 42.00
CA SER B 234 57.46 -3.96 41.55
C SER B 234 58.67 -4.28 42.42
N ASN B 235 58.47 -4.61 43.69
CA ASN B 235 59.52 -5.04 44.62
C ASN B 235 59.56 -6.57 44.80
N THR B 236 59.24 -7.34 43.76
CA THR B 236 59.54 -8.78 43.68
C THR B 236 59.81 -9.27 42.24
N ASP B 237 59.06 -8.82 41.23
CA ASP B 237 59.24 -9.32 39.85
C ASP B 237 58.82 -8.35 38.73
N ASN B 238 58.24 -7.18 39.06
CA ASN B 238 57.67 -6.23 38.09
C ASN B 238 56.58 -6.81 37.17
N GLU B 239 56.03 -7.99 37.44
CA GLU B 239 54.91 -8.56 36.68
C GLU B 239 53.56 -8.15 37.31
N THR B 240 52.48 -8.11 36.53
CA THR B 240 51.21 -7.48 36.91
C THR B 240 49.97 -8.20 36.39
N LEU B 241 48.86 -8.10 37.13
CA LEU B 241 47.50 -8.39 36.67
C LEU B 241 46.97 -7.20 35.89
N GLN B 242 46.16 -7.45 34.86
CA GLN B 242 45.38 -6.40 34.21
C GLN B 242 44.07 -7.03 33.72
N TYR B 243 42.96 -6.38 33.97
CA TYR B 243 41.65 -6.84 33.55
C TYR B 243 40.91 -5.60 33.08
N TRP B 244 41.13 -5.26 31.83
CA TRP B 244 40.57 -4.09 31.18
C TRP B 244 39.14 -4.36 30.76
N VAL B 245 38.22 -3.47 31.09
CA VAL B 245 36.81 -3.62 30.77
C VAL B 245 36.23 -2.38 30.10
N THR B 246 35.43 -2.59 29.06
CA THR B 246 34.70 -1.54 28.36
C THR B 246 33.26 -1.99 28.18
N PRO B 247 32.25 -1.13 28.30
CA PRO B 247 30.86 -1.55 28.19
C PRO B 247 30.40 -1.87 26.76
N LEU B 248 29.41 -2.75 26.64
CA LEU B 248 28.78 -3.12 25.38
C LEU B 248 27.44 -2.40 25.24
N SER B 249 26.90 -2.36 24.03
CA SER B 249 25.60 -1.76 23.75
C SER B 249 25.02 -2.34 22.46
N LYS B 250 23.70 -2.28 22.28
CA LYS B 250 23.04 -2.75 21.05
C LYS B 250 23.54 -1.83 19.95
N ARG B 251 24.34 -2.36 19.04
CA ARG B 251 25.05 -1.58 18.02
C ARG B 251 25.23 -2.31 16.70
N GLN B 252 25.12 -1.60 15.59
CA GLN B 252 25.27 -2.18 14.26
C GLN B 252 26.72 -2.11 13.81
N TYR B 253 27.25 -3.23 13.33
CA TYR B 253 28.60 -3.38 12.84
C TYR B 253 28.60 -3.98 11.45
N LEU B 254 29.62 -3.64 10.68
CA LEU B 254 29.87 -4.25 9.38
C LEU B 254 30.97 -5.27 9.66
N LEU B 255 30.76 -6.54 9.35
CA LEU B 255 31.72 -7.62 9.55
C LEU B 255 32.13 -8.19 8.21
N LYS B 256 33.44 -8.29 7.92
CA LYS B 256 33.96 -8.85 6.67
C LYS B 256 34.60 -10.20 6.94
N PHE B 257 34.13 -11.22 6.25
CA PHE B 257 34.63 -12.59 6.36
C PHE B 257 35.40 -12.98 5.10
N ASP B 258 36.56 -13.63 5.23
CA ASP B 258 37.33 -14.09 4.07
C ASP B 258 36.82 -15.46 3.59
N ASN B 259 37.51 -16.08 2.64
CA ASN B 259 37.14 -17.40 2.12
C ASN B 259 37.27 -18.53 3.16
N ARG B 260 37.98 -18.31 4.27
CA ARG B 260 38.12 -19.29 5.37
C ARG B 260 37.05 -19.07 6.44
N GLY B 261 36.26 -18.01 6.34
CA GLY B 261 35.22 -17.67 7.31
C GLY B 261 35.74 -16.87 8.49
N VAL B 262 36.97 -16.35 8.44
CA VAL B 262 37.57 -15.57 9.51
C VAL B 262 37.19 -14.10 9.37
N ILE B 263 36.80 -13.43 10.45
CA ILE B 263 36.46 -12.00 10.39
C ILE B 263 37.76 -11.23 10.22
N THR B 264 38.03 -10.69 9.05
CA THR B 264 39.27 -9.96 8.77
C THR B 264 39.18 -8.51 9.18
N ASN B 265 38.03 -7.87 8.96
CA ASN B 265 37.81 -6.45 9.27
C ASN B 265 36.41 -6.22 9.81
N ALA B 266 36.26 -5.17 10.61
CA ALA B 266 34.98 -4.77 11.16
C ALA B 266 34.89 -3.25 11.27
N VAL B 267 33.67 -2.71 11.21
CA VAL B 267 33.42 -1.28 11.33
C VAL B 267 32.27 -0.99 12.27
N ASP B 268 32.45 -0.10 13.25
CA ASP B 268 31.37 0.34 14.14
C ASP B 268 30.64 1.45 13.38
N CYS B 269 29.47 1.16 12.82
CA CYS B 269 28.76 2.07 11.93
C CYS B 269 28.46 3.45 12.46
N SER B 270 28.03 3.59 13.71
CA SER B 270 27.70 4.89 14.30
C SER B 270 28.87 5.58 15.00
N SER B 271 30.09 5.05 14.93
CA SER B 271 31.25 5.64 15.60
C SER B 271 31.75 6.95 14.98
N SER B 272 31.62 7.12 13.67
CA SER B 272 32.06 8.31 12.94
C SER B 272 31.34 8.43 11.60
N PHE B 273 31.46 9.57 10.94
CA PHE B 273 30.85 9.76 9.62
C PHE B 273 31.45 8.82 8.57
N PHE B 274 32.76 8.59 8.58
CA PHE B 274 33.33 7.67 7.60
C PHE B 274 32.82 6.25 7.80
N SER B 275 32.64 5.83 9.05
CA SER B 275 32.09 4.52 9.38
C SER B 275 30.67 4.39 8.88
N GLU B 276 29.90 5.46 8.94
CA GLU B 276 28.53 5.48 8.42
C GLU B 276 28.55 5.24 6.90
N ILE B 277 29.47 5.85 6.16
CA ILE B 277 29.61 5.66 4.71
C ILE B 277 30.06 4.23 4.42
N GLN B 278 31.01 3.69 5.18
CA GLN B 278 31.48 2.31 5.02
C GLN B 278 30.33 1.32 5.20
N CYS B 279 29.50 1.53 6.21
CA CYS B 279 28.35 0.67 6.46
C CYS B 279 27.25 0.87 5.44
N LYS B 280 26.93 2.08 5.00
CA LYS B 280 25.89 2.31 4.00
C LYS B 280 26.23 1.67 2.66
N THR B 281 27.49 1.73 2.26
CA THR B 281 28.02 1.11 1.04
C THR B 281 28.43 -0.36 1.21
N LYS B 282 28.38 -0.91 2.44
CA LYS B 282 28.77 -2.28 2.78
C LYS B 282 30.19 -2.62 2.29
N SER B 283 31.11 -1.66 2.37
CA SER B 283 32.49 -1.81 1.90
C SER B 283 33.51 -1.11 2.80
N LEU B 284 34.70 -1.69 2.94
CA LEU B 284 35.77 -1.13 3.76
C LEU B 284 36.33 0.16 3.14
N LEU B 285 36.37 0.23 1.81
CA LEU B 285 36.83 1.40 1.06
C LEU B 285 35.70 1.84 0.10
N PRO B 286 34.86 2.81 0.49
CA PRO B 286 33.76 3.29 -0.33
C PRO B 286 34.25 3.94 -1.63
N ASN B 287 33.42 3.97 -2.66
CA ASN B 287 33.78 4.65 -3.91
C ASN B 287 33.83 6.16 -3.69
N THR B 288 34.58 6.88 -4.52
CA THR B 288 34.66 8.34 -4.44
C THR B 288 33.26 8.91 -4.70
N GLY B 289 32.79 9.83 -3.86
CA GLY B 289 31.48 10.43 -4.03
C GLY B 289 31.06 11.31 -2.87
N VAL B 290 29.92 11.98 -3.04
CA VAL B 290 29.33 12.84 -2.01
C VAL B 290 28.19 12.04 -1.41
N TYR B 291 28.24 11.84 -0.11
CA TYR B 291 27.27 11.06 0.64
C TYR B 291 26.48 11.93 1.59
N ASP B 292 25.16 11.95 1.43
CA ASP B 292 24.28 12.65 2.36
C ASP B 292 24.01 11.67 3.48
N LEU B 293 24.56 11.95 4.65
CA LEU B 293 24.46 11.06 5.80
C LEU B 293 23.07 11.11 6.43
N SER B 294 22.74 10.11 7.25
CA SER B 294 21.46 10.05 7.93
C SER B 294 21.28 11.25 8.86
N GLY B 295 20.06 11.77 8.90
CA GLY B 295 19.76 13.01 9.59
C GLY B 295 19.90 12.89 11.11
N PHE B 296 20.23 13.99 11.74
CA PHE B 296 20.39 14.10 13.18
C PHE B 296 19.54 15.25 13.70
N THR B 297 19.05 15.13 14.93
CA THR B 297 18.34 16.19 15.64
C THR B 297 19.23 16.63 16.79
N VAL B 298 19.38 17.92 17.05
CA VAL B 298 20.22 18.36 18.17
C VAL B 298 19.63 17.83 19.49
N LYS B 299 20.45 17.19 20.33
CA LYS B 299 19.95 16.63 21.59
C LYS B 299 19.48 17.75 22.52
N PRO B 300 18.41 17.55 23.29
CA PRO B 300 17.92 18.56 24.21
C PRO B 300 18.94 18.81 25.34
N VAL B 301 19.21 20.08 25.59
CA VAL B 301 20.18 20.57 26.57
C VAL B 301 19.68 20.38 28.00
N ALA B 302 18.40 20.67 28.23
CA ALA B 302 17.75 20.57 29.52
C ALA B 302 16.33 20.04 29.37
N THR B 303 15.61 19.97 30.49
CA THR B 303 14.21 19.52 30.53
C THR B 303 13.36 20.60 31.16
N VAL B 304 12.17 20.84 30.63
CA VAL B 304 11.21 21.82 31.16
C VAL B 304 10.02 21.06 31.70
N HIS B 305 9.69 21.21 32.97
CA HIS B 305 8.53 20.56 33.58
C HIS B 305 7.67 21.61 34.25
N ARG B 306 6.42 21.75 33.82
CA ARG B 306 5.49 22.74 34.36
C ARG B 306 4.19 22.10 34.80
N ARG B 307 3.79 22.30 36.05
CA ARG B 307 2.54 21.84 36.67
C ARG B 307 1.99 22.95 37.56
N ILE B 308 0.67 23.03 37.73
CA ILE B 308 0.08 24.06 38.60
C ILE B 308 0.38 23.67 40.06
N PRO B 309 1.00 24.55 40.86
CA PRO B 309 1.33 24.23 42.24
C PRO B 309 0.15 24.44 43.19
N ASP B 310 0.30 23.96 44.42
CA ASP B 310 -0.67 24.10 45.51
C ASP B 310 -2.08 23.52 45.24
N LEU B 311 -2.22 22.59 44.30
CA LEU B 311 -3.51 21.96 44.04
C LEU B 311 -3.80 20.94 45.15
N PRO B 312 -5.06 20.78 45.57
CA PRO B 312 -5.43 19.85 46.63
C PRO B 312 -5.40 18.39 46.18
N ASP B 313 -5.46 17.47 47.14
CA ASP B 313 -5.56 16.04 46.85
C ASP B 313 -6.93 15.76 46.23
N CYS B 314 -7.02 14.92 45.22
CA CYS B 314 -8.29 14.58 44.59
C CYS B 314 -9.22 13.82 45.54
N ASP B 315 -8.70 13.12 46.57
CA ASP B 315 -9.49 12.32 47.52
C ASP B 315 -10.36 11.26 46.81
N ILE B 316 -9.83 10.66 45.74
CA ILE B 316 -10.54 9.65 44.97
C ILE B 316 -10.83 8.43 45.84
N ASP B 317 -9.88 8.03 46.69
CA ASP B 317 -10.06 6.90 47.59
C ASP B 317 -11.19 7.16 48.57
N LYS B 318 -11.35 8.39 49.07
CA LYS B 318 -12.40 8.71 50.03
C LYS B 318 -13.78 8.53 49.44
N TRP B 319 -13.95 8.91 48.17
CA TRP B 319 -15.22 8.73 47.48
C TRP B 319 -15.46 7.28 47.09
N LEU B 320 -14.44 6.56 46.64
CA LEU B 320 -14.55 5.14 46.32
C LEU B 320 -14.78 4.30 47.58
N ASN B 321 -14.21 4.66 48.72
CA ASN B 321 -14.38 3.94 49.98
C ASN B 321 -15.64 4.36 50.74
N ASN B 322 -16.48 5.25 50.20
CA ASN B 322 -17.71 5.65 50.86
C ASN B 322 -18.63 4.42 51.03
N PHE B 323 -19.14 4.18 52.24
CA PHE B 323 -19.93 2.97 52.53
C PHE B 323 -21.35 2.96 51.99
N ASN B 324 -21.85 4.08 51.46
CA ASN B 324 -23.17 4.17 50.85
C ASN B 324 -23.02 3.86 49.34
N VAL B 325 -22.84 2.59 48.98
CA VAL B 325 -22.54 2.20 47.60
C VAL B 325 -23.81 2.18 46.73
N PRO B 326 -23.86 2.84 45.56
CA PRO B 326 -25.02 2.80 44.68
C PRO B 326 -25.13 1.49 43.89
N SER B 327 -26.32 1.18 43.40
CA SER B 327 -26.53 0.02 42.54
C SER B 327 -26.24 0.39 41.08
N PRO B 328 -26.08 -0.58 40.16
CA PRO B 328 -25.88 -0.27 38.75
C PRO B 328 -27.01 0.57 38.18
N LEU B 329 -28.24 0.47 38.71
CA LEU B 329 -29.38 1.24 38.23
C LEU B 329 -29.20 2.74 38.44
N ASN B 330 -28.65 3.13 39.59
CA ASN B 330 -28.41 4.52 39.97
C ASN B 330 -26.92 4.77 40.20
N TRP B 331 -26.08 4.31 39.28
CA TRP B 331 -24.63 4.50 39.40
C TRP B 331 -24.31 5.97 39.59
N GLU B 332 -23.40 6.28 40.50
CA GLU B 332 -23.01 7.64 40.83
C GLU B 332 -21.75 8.05 40.08
N ARG B 333 -21.66 9.32 39.73
CA ARG B 333 -20.52 9.93 39.03
C ARG B 333 -19.93 11.04 39.88
N LYS B 334 -18.60 11.12 39.93
CA LYS B 334 -17.87 12.21 40.56
C LYS B 334 -16.82 12.68 39.57
N ILE B 335 -16.68 13.98 39.41
CA ILE B 335 -15.72 14.57 38.49
C ILE B 335 -14.59 15.17 39.30
N PHE B 336 -13.36 14.75 39.00
CA PHE B 336 -12.16 15.22 39.66
C PHE B 336 -11.39 16.09 38.69
N SER B 337 -11.10 17.32 39.10
CA SER B 337 -10.35 18.30 38.30
C SER B 337 -9.63 19.26 39.23
N ASN B 338 -8.58 19.93 38.74
CA ASN B 338 -7.79 20.89 39.53
C ASN B 338 -7.29 20.28 40.84
N CYS B 339 -6.82 19.03 40.79
CA CYS B 339 -6.34 18.30 41.95
C CYS B 339 -5.22 17.32 41.58
N ASN B 340 -4.45 16.88 42.56
CA ASN B 340 -3.36 15.93 42.38
C ASN B 340 -3.73 14.57 42.97
N PHE B 341 -3.23 13.48 42.42
CA PHE B 341 -3.49 12.13 42.92
C PHE B 341 -2.28 11.22 42.74
N ASN B 342 -2.18 10.17 43.54
CA ASN B 342 -1.13 9.17 43.44
C ASN B 342 -1.84 7.87 43.11
N LEU B 343 -1.82 7.44 41.85
CA LEU B 343 -2.52 6.23 41.43
C LEU B 343 -1.99 5.00 42.17
N SER B 344 -0.69 4.92 42.42
CA SER B 344 -0.12 3.77 43.14
C SER B 344 -0.68 3.67 44.56
N THR B 345 -0.79 4.79 45.28
CA THR B 345 -1.35 4.80 46.65
C THR B 345 -2.86 4.61 46.61
N LEU B 346 -3.53 5.18 45.62
CA LEU B 346 -4.98 5.08 45.46
C LEU B 346 -5.41 3.62 45.28
N LEU B 347 -4.71 2.84 44.45
CA LEU B 347 -5.06 1.44 44.22
C LEU B 347 -4.91 0.61 45.50
N ARG B 348 -3.94 0.91 46.36
CA ARG B 348 -3.75 0.20 47.63
C ARG B 348 -4.71 0.65 48.73
N LEU B 349 -5.21 1.89 48.66
CA LEU B 349 -6.17 2.44 49.61
C LEU B 349 -7.59 1.92 49.38
N VAL B 350 -7.91 1.53 48.15
CA VAL B 350 -9.26 1.02 47.80
C VAL B 350 -9.38 -0.50 47.82
N HIS B 351 -8.33 -1.25 48.18
CA HIS B 351 -8.38 -2.72 48.21
C HIS B 351 -8.78 -3.30 46.84
N THR B 352 -8.06 -2.90 45.80
CA THR B 352 -8.34 -3.31 44.41
C THR B 352 -8.27 -4.82 44.21
N ASP B 353 -9.18 -5.35 43.40
CA ASP B 353 -9.22 -6.74 42.94
C ASP B 353 -8.56 -6.85 41.56
N SER B 354 -8.88 -5.92 40.66
CA SER B 354 -8.37 -5.83 39.31
C SER B 354 -8.39 -4.38 38.81
N PHE B 355 -7.47 -4.01 37.94
CA PHE B 355 -7.39 -2.69 37.32
C PHE B 355 -6.78 -2.79 35.93
N SER B 356 -7.52 -2.40 34.91
CA SER B 356 -7.07 -2.45 33.52
C SER B 356 -7.51 -1.22 32.77
N CYS B 357 -6.83 -0.90 31.67
CA CYS B 357 -7.14 0.27 30.86
C CYS B 357 -7.43 -0.11 29.42
N ASN B 358 -8.30 0.67 28.79
CA ASN B 358 -8.76 0.56 27.43
C ASN B 358 -8.40 1.84 26.68
N ASN B 359 -7.83 1.73 25.48
CA ASN B 359 -7.35 2.85 24.66
C ASN B 359 -6.30 3.73 25.35
N PHE B 360 -5.68 3.20 26.40
CA PHE B 360 -4.66 3.80 27.24
C PHE B 360 -3.95 2.68 28.01
N ASP B 361 -2.87 2.98 28.71
CA ASP B 361 -2.15 2.01 29.52
C ASP B 361 -1.94 2.55 30.93
N GLU B 362 -2.06 1.69 31.96
CA GLU B 362 -1.91 2.11 33.35
C GLU B 362 -0.55 2.74 33.60
N SER B 363 0.52 2.21 32.99
CA SER B 363 1.86 2.74 33.18
C SER B 363 2.00 4.17 32.68
N LYS B 364 1.16 4.60 31.73
CA LYS B 364 1.14 5.95 31.19
C LYS B 364 0.35 6.91 32.06
N ILE B 365 -0.47 6.44 33.01
CA ILE B 365 -1.21 7.36 33.91
C ILE B 365 -0.24 7.99 34.89
N TYR B 366 0.75 7.25 35.36
CA TYR B 366 1.74 7.73 36.31
C TYR B 366 2.51 8.92 35.74
N GLY B 367 2.41 10.08 36.40
CA GLY B 367 3.06 11.33 35.99
C GLY B 367 2.32 12.16 34.94
N SER B 368 1.23 11.66 34.39
CA SER B 368 0.43 12.36 33.36
C SER B 368 -0.62 13.29 33.95
N CYS B 369 -1.18 14.15 33.10
CA CYS B 369 -2.23 15.10 33.44
C CYS B 369 -3.43 14.91 32.53
N PHE B 370 -4.61 15.19 33.07
CA PHE B 370 -5.88 15.06 32.38
C PHE B 370 -6.74 16.29 32.64
N LYS B 371 -7.63 16.67 31.72
CA LYS B 371 -8.51 17.83 31.91
C LYS B 371 -9.39 17.56 33.13
N SER B 372 -9.88 16.34 33.23
CA SER B 372 -10.66 15.84 34.35
C SER B 372 -10.66 14.32 34.34
N ILE B 373 -10.81 13.72 35.51
CA ILE B 373 -10.97 12.28 35.68
C ILE B 373 -12.41 12.12 36.12
N VAL B 374 -13.21 11.49 35.28
CA VAL B 374 -14.62 11.24 35.57
C VAL B 374 -14.70 9.85 36.13
N LEU B 375 -15.27 9.69 37.31
CA LEU B 375 -15.37 8.40 37.97
C LEU B 375 -16.80 7.99 38.23
N ASP B 376 -17.19 6.86 37.65
CA ASP B 376 -18.52 6.28 37.81
C ASP B 376 -18.44 5.02 38.68
N LYS B 377 -19.26 4.85 39.72
CA LYS B 377 -19.19 3.67 40.61
C LYS B 377 -20.52 2.98 40.84
N PHE B 378 -20.50 1.66 41.04
CA PHE B 378 -21.63 0.87 41.54
C PHE B 378 -21.21 -0.47 42.14
N ALA B 379 -22.01 -1.01 43.05
CA ALA B 379 -21.86 -2.38 43.54
C ALA B 379 -22.18 -3.37 42.43
N ILE B 380 -21.50 -4.51 42.37
CA ILE B 380 -21.71 -5.51 41.33
C ILE B 380 -22.66 -6.59 41.86
N PRO B 381 -23.83 -6.82 41.27
CA PRO B 381 -24.63 -7.99 41.60
C PRO B 381 -23.89 -9.26 41.15
N ASN B 382 -23.60 -10.19 42.05
CA ASN B 382 -22.62 -11.27 41.82
C ASN B 382 -22.85 -12.06 40.53
N SER B 383 -24.07 -12.52 40.27
CA SER B 383 -24.41 -13.28 39.06
C SER B 383 -24.22 -12.51 37.75
N ARG B 384 -24.12 -11.18 37.79
CA ARG B 384 -23.90 -10.34 36.63
C ARG B 384 -22.46 -9.87 36.44
N ARG B 385 -21.48 -10.34 37.23
CA ARG B 385 -20.07 -9.93 37.14
C ARG B 385 -19.51 -9.98 35.71
N SER B 386 -19.89 -10.99 34.92
CA SER B 386 -19.43 -11.15 33.55
C SER B 386 -20.05 -10.14 32.57
N ASP B 387 -21.11 -9.42 32.93
CA ASP B 387 -21.71 -8.41 32.05
C ASP B 387 -20.82 -7.17 31.91
N LEU B 388 -19.82 -7.00 32.78
CA LEU B 388 -18.92 -5.85 32.75
C LEU B 388 -17.74 -6.02 31.80
N GLN B 389 -17.63 -7.14 31.08
CA GLN B 389 -16.58 -7.30 30.06
C GLN B 389 -16.84 -6.32 28.92
N LEU B 390 -15.81 -5.70 28.36
CA LEU B 390 -15.99 -4.72 27.29
C LEU B 390 -16.74 -5.30 26.10
N GLY B 391 -17.74 -4.57 25.60
CA GLY B 391 -18.57 -4.98 24.47
C GLY B 391 -19.64 -6.03 24.78
N SER B 392 -19.83 -6.43 26.04
CA SER B 392 -20.85 -7.42 26.40
C SER B 392 -22.27 -6.89 26.24
N SER B 393 -23.22 -7.75 25.87
CA SER B 393 -24.63 -7.41 25.69
C SER B 393 -25.51 -7.82 26.89
N GLY B 394 -24.90 -8.12 28.03
CA GLY B 394 -25.62 -8.52 29.24
C GLY B 394 -26.48 -7.39 29.81
N PHE B 395 -27.26 -7.70 30.84
CA PHE B 395 -28.19 -6.75 31.45
C PHE B 395 -27.50 -5.49 31.97
N LEU B 396 -26.31 -5.57 32.57
CA LEU B 396 -25.66 -4.38 33.10
C LEU B 396 -25.33 -3.35 32.01
N GLN B 397 -24.66 -3.74 30.93
CA GLN B 397 -24.33 -2.77 29.89
C GLN B 397 -25.45 -2.46 28.91
N SER B 398 -26.47 -3.33 28.83
CA SER B 398 -27.61 -3.12 27.95
C SER B 398 -28.64 -2.19 28.59
N SER B 399 -28.77 -2.20 29.92
CA SER B 399 -29.81 -1.47 30.64
C SER B 399 -29.38 -0.67 31.87
N ASN B 400 -28.15 -0.74 32.36
CA ASN B 400 -27.76 -0.01 33.58
C ASN B 400 -26.64 1.00 33.39
N TYR B 401 -25.51 0.57 32.84
CA TYR B 401 -24.32 1.40 32.64
C TYR B 401 -23.53 0.88 31.44
N LYS B 402 -23.52 1.58 30.31
CA LYS B 402 -22.73 1.17 29.15
C LYS B 402 -21.31 1.69 29.30
N ILE B 403 -20.33 0.80 29.35
CA ILE B 403 -18.93 1.17 29.42
C ILE B 403 -18.51 1.69 28.05
N ASP B 404 -18.06 2.94 27.96
CA ASP B 404 -17.64 3.53 26.69
C ASP B 404 -16.35 2.89 26.19
N THR B 405 -16.47 2.06 25.16
CA THR B 405 -15.34 1.36 24.56
C THR B 405 -14.48 2.26 23.68
N THR B 406 -15.04 3.35 23.14
CA THR B 406 -14.30 4.27 22.25
C THR B 406 -13.33 5.21 22.96
N SER B 407 -13.67 5.69 24.15
CA SER B 407 -12.84 6.61 24.93
C SER B 407 -11.75 5.93 25.75
N SER B 408 -10.79 6.74 26.19
CA SER B 408 -9.68 6.31 27.04
C SER B 408 -10.20 6.16 28.46
N SER B 409 -10.29 4.92 28.95
CA SER B 409 -10.83 4.64 30.28
C SER B 409 -10.15 3.46 30.96
N CYS B 410 -10.26 3.36 32.28
CA CYS B 410 -9.72 2.26 33.06
C CYS B 410 -10.78 1.70 33.99
N GLN B 411 -10.96 0.39 34.02
CA GLN B 411 -11.97 -0.27 34.84
C GLN B 411 -11.32 -0.79 36.11
N LEU B 412 -11.84 -0.36 37.26
CA LEU B 412 -11.40 -0.77 38.57
C LEU B 412 -12.45 -1.70 39.17
N TYR B 413 -12.00 -2.87 39.59
CA TYR B 413 -12.76 -3.74 40.46
C TYR B 413 -12.11 -3.66 41.83
N TYR B 414 -12.90 -3.45 42.87
CA TYR B 414 -12.43 -3.34 44.24
C TYR B 414 -13.53 -3.81 45.18
N SER B 415 -13.29 -3.76 46.48
CA SER B 415 -14.32 -4.16 47.43
C SER B 415 -14.21 -3.47 48.77
N LEU B 416 -15.32 -3.40 49.48
CA LEU B 416 -15.42 -2.86 50.83
C LEU B 416 -15.91 -3.92 51.81
N PRO B 417 -15.56 -3.84 53.09
CA PRO B 417 -16.01 -4.81 54.09
C PRO B 417 -17.53 -4.78 54.20
N ALA B 418 -18.18 -5.94 54.06
CA ALA B 418 -19.62 -6.01 53.91
C ALA B 418 -20.37 -5.44 55.11
N ILE B 419 -19.83 -5.60 56.33
CA ILE B 419 -20.49 -5.12 57.55
C ILE B 419 -20.68 -3.59 57.58
N ASN B 420 -19.82 -2.82 56.91
CA ASN B 420 -19.92 -1.37 56.87
C ASN B 420 -20.70 -0.85 55.67
N VAL B 421 -20.77 -1.61 54.56
CA VAL B 421 -21.51 -1.26 53.35
C VAL B 421 -23.03 -1.34 53.51
N THR B 422 -23.74 -0.34 53.00
CA THR B 422 -25.19 -0.30 52.84
C THR B 422 -25.45 0.02 51.37
N ILE B 423 -26.27 -0.76 50.66
CA ILE B 423 -26.53 -0.51 49.24
C ILE B 423 -27.64 0.51 49.05
N ASN B 424 -27.36 1.56 48.29
CA ASN B 424 -28.31 2.60 47.96
C ASN B 424 -29.02 2.25 46.64
N ASN B 425 -30.10 1.48 46.71
CA ASN B 425 -30.91 1.12 45.55
C ASN B 425 -31.90 2.27 45.32
N TYR B 426 -31.90 2.87 44.14
CA TYR B 426 -32.79 3.98 43.79
C TYR B 426 -33.16 3.93 42.31
N ASN B 427 -34.40 4.27 41.94
CA ASN B 427 -34.82 4.32 40.55
C ASN B 427 -34.70 5.77 40.07
N PRO B 428 -33.79 6.10 39.14
CA PRO B 428 -33.57 7.47 38.69
C PRO B 428 -34.65 7.94 37.71
N SER B 429 -35.47 7.04 37.17
CA SER B 429 -36.44 7.36 36.12
C SER B 429 -37.54 8.30 36.62
N SER B 430 -37.61 9.49 36.03
CA SER B 430 -38.61 10.49 36.38
C SER B 430 -40.01 10.04 35.99
N TRP B 431 -40.21 9.33 34.88
CA TRP B 431 -41.55 8.87 34.51
C TRP B 431 -42.01 7.70 35.36
N ASN B 432 -41.12 6.87 35.90
CA ASN B 432 -41.52 5.81 36.81
C ASN B 432 -41.94 6.42 38.15
N ARG B 433 -41.18 7.40 38.65
CA ARG B 433 -41.50 8.13 39.88
C ARG B 433 -42.75 9.00 39.77
N ARG B 434 -43.06 9.52 38.57
CA ARG B 434 -44.32 10.24 38.32
C ARG B 434 -45.55 9.36 38.54
N TYR B 435 -45.46 8.06 38.26
CA TYR B 435 -46.60 7.14 38.31
C TYR B 435 -46.56 6.11 39.43
N GLY B 436 -46.08 6.49 40.62
CA GLY B 436 -46.14 5.63 41.80
C GLY B 436 -44.90 4.87 42.26
N PHE B 437 -43.79 4.88 41.54
CA PHE B 437 -42.61 4.16 42.05
C PHE B 437 -41.99 4.96 43.20
N ASN B 438 -41.79 4.34 44.36
CA ASN B 438 -41.25 5.00 45.54
C ASN B 438 -39.86 4.52 45.93
N ASN B 439 -39.69 3.22 46.22
CA ASN B 439 -38.42 2.62 46.63
C ASN B 439 -38.46 1.08 46.54
N PHE B 440 -37.34 0.45 46.85
CA PHE B 440 -37.16 -0.99 46.84
C PHE B 440 -37.16 -1.54 48.27
N ASN B 441 -37.92 -2.60 48.54
CA ASN B 441 -37.98 -3.24 49.85
C ASN B 441 -37.11 -4.50 49.79
N LEU B 442 -35.80 -4.33 50.01
CA LEU B 442 -34.76 -5.35 49.85
C LEU B 442 -33.76 -5.34 51.03
N SER B 443 -32.94 -6.39 51.15
CA SER B 443 -31.92 -6.53 52.20
C SER B 443 -30.82 -5.47 52.10
N SER B 444 -29.95 -5.40 53.11
CA SER B 444 -28.87 -4.40 53.18
C SER B 444 -27.85 -4.52 52.04
N HIS B 445 -27.60 -5.74 51.54
CA HIS B 445 -26.62 -6.03 50.49
C HIS B 445 -27.20 -6.42 49.13
N SER B 446 -28.52 -6.41 48.96
CA SER B 446 -29.16 -6.66 47.67
C SER B 446 -28.93 -5.49 46.72
N VAL B 447 -28.43 -5.76 45.52
CA VAL B 447 -28.13 -4.76 44.49
C VAL B 447 -29.12 -4.90 43.34
N VAL B 448 -29.92 -3.89 43.04
CA VAL B 448 -30.86 -3.94 41.91
C VAL B 448 -30.20 -3.68 40.57
N TYR B 449 -30.67 -4.33 39.52
CA TYR B 449 -30.28 -4.05 38.15
C TYR B 449 -31.48 -4.18 37.21
N SER B 450 -31.59 -3.27 36.25
CA SER B 450 -32.60 -3.33 35.22
C SER B 450 -32.24 -4.37 34.18
N ARG B 451 -33.18 -5.23 33.79
CA ARG B 451 -33.00 -6.20 32.70
C ARG B 451 -33.37 -5.52 31.40
N TYR B 452 -34.46 -4.75 31.39
CA TYR B 452 -34.96 -4.02 30.23
C TYR B 452 -35.37 -2.59 30.60
N CYS B 453 -35.03 -1.61 29.77
CA CYS B 453 -35.38 -0.20 29.96
C CYS B 453 -36.38 0.24 28.90
N PHE B 454 -37.32 1.10 29.30
CA PHE B 454 -38.34 1.65 28.44
C PHE B 454 -38.39 3.18 28.55
N SER B 455 -38.43 3.84 27.40
CA SER B 455 -38.53 5.28 27.30
C SER B 455 -39.93 5.63 26.80
N VAL B 456 -40.45 6.74 27.30
CA VAL B 456 -41.77 7.25 26.94
C VAL B 456 -41.69 8.75 26.66
N ASN B 457 -42.62 9.28 25.87
CA ASN B 457 -42.66 10.72 25.57
C ASN B 457 -43.15 11.48 26.82
N ASN B 458 -42.95 12.80 26.88
CA ASN B 458 -43.44 13.62 27.99
C ASN B 458 -44.97 13.64 28.13
N THR B 459 -45.71 13.18 27.10
CA THR B 459 -47.17 13.08 27.08
C THR B 459 -47.67 11.71 27.52
N PHE B 460 -46.81 10.79 27.94
CA PHE B 460 -47.22 9.45 28.36
C PHE B 460 -47.94 9.39 29.71
N CYS B 461 -48.91 8.47 29.81
CA CYS B 461 -49.67 8.16 31.01
C CYS B 461 -50.16 6.71 30.90
N PRO B 462 -49.98 5.85 31.92
CA PRO B 462 -50.37 4.45 31.86
C PRO B 462 -51.83 4.13 32.23
N CYS B 463 -52.68 5.11 32.58
CA CYS B 463 -54.07 4.84 32.96
C CYS B 463 -55.06 5.06 31.82
N ALA B 464 -56.08 4.21 31.69
CA ALA B 464 -57.12 4.40 30.68
C ALA B 464 -58.06 5.54 31.07
N LYS B 465 -58.78 6.10 30.09
CA LYS B 465 -59.70 7.22 30.35
C LYS B 465 -60.95 6.72 31.08
N PRO B 466 -61.39 7.32 32.20
CA PRO B 466 -62.58 6.89 32.93
C PRO B 466 -63.86 6.85 32.07
N SER B 467 -64.02 7.78 31.12
CA SER B 467 -65.17 7.78 30.21
C SER B 467 -65.18 6.52 29.34
N PHE B 468 -64.03 6.11 28.81
CA PHE B 468 -63.91 4.89 28.02
C PHE B 468 -64.06 3.64 28.89
N ALA B 469 -63.40 3.58 30.05
CA ALA B 469 -63.43 2.42 30.95
C ALA B 469 -64.83 2.11 31.48
N SER B 470 -65.61 3.13 31.83
CA SER B 470 -66.98 2.93 32.34
C SER B 470 -67.90 2.26 31.31
N SER B 471 -67.61 2.38 30.01
CA SER B 471 -68.40 1.75 28.94
C SER B 471 -68.03 0.29 28.65
N CYS B 472 -66.88 -0.20 29.14
CA CYS B 472 -66.44 -1.58 28.88
C CYS B 472 -67.27 -2.59 29.68
N LYS B 473 -67.76 -3.65 29.00
CA LYS B 473 -68.56 -4.72 29.62
C LYS B 473 -67.76 -5.99 29.90
N SER B 474 -66.62 -6.17 29.21
CA SER B 474 -65.69 -7.28 29.41
C SER B 474 -64.26 -6.77 29.28
N HIS B 475 -63.36 -7.28 30.12
CA HIS B 475 -61.95 -6.89 30.19
C HIS B 475 -61.80 -5.37 30.40
N LYS B 476 -62.50 -4.82 31.40
CA LYS B 476 -62.45 -3.39 31.71
C LYS B 476 -61.05 -3.02 32.21
N PRO B 477 -60.35 -2.08 31.56
CA PRO B 477 -59.03 -1.65 32.02
C PRO B 477 -59.17 -0.64 33.16
N PRO B 478 -58.25 -0.61 34.13
CA PRO B 478 -58.32 0.35 35.22
C PRO B 478 -58.14 1.77 34.68
N SER B 479 -58.75 2.75 35.34
CA SER B 479 -58.74 4.15 34.95
C SER B 479 -58.52 5.08 36.13
N ALA B 480 -58.05 6.28 35.82
CA ALA B 480 -57.78 7.37 36.74
C ALA B 480 -57.56 8.64 35.91
N SER B 481 -57.43 9.80 36.55
CA SER B 481 -57.16 11.04 35.82
C SER B 481 -55.68 11.15 35.46
N CYS B 482 -55.38 11.16 34.16
CA CYS B 482 -54.00 11.34 33.72
C CYS B 482 -53.58 12.80 33.94
N PRO B 483 -52.29 13.10 34.19
CA PRO B 483 -51.83 14.47 34.38
C PRO B 483 -52.16 15.37 33.20
N ILE B 484 -52.32 16.67 33.44
CA ILE B 484 -52.60 17.64 32.37
C ILE B 484 -51.44 17.61 31.35
N GLY B 485 -51.77 17.66 30.06
CA GLY B 485 -50.78 17.61 28.99
C GLY B 485 -50.33 16.19 28.61
N THR B 486 -51.01 15.15 29.08
CA THR B 486 -50.70 13.75 28.78
C THR B 486 -51.89 13.08 28.09
N ASN B 487 -51.59 12.06 27.30
CA ASN B 487 -52.57 11.27 26.56
C ASN B 487 -52.88 10.00 27.35
N TYR B 488 -54.15 9.65 27.48
CA TYR B 488 -54.55 8.45 28.20
C TYR B 488 -54.11 7.18 27.48
N ARG B 489 -54.08 6.06 28.21
CA ARG B 489 -53.71 4.73 27.70
C ARG B 489 -54.58 4.36 26.51
N SER B 490 -53.96 4.16 25.36
CA SER B 490 -54.68 3.82 24.14
C SER B 490 -55.39 2.46 24.28
N CYS B 491 -56.68 2.46 23.99
CA CYS B 491 -57.59 1.31 24.08
C CYS B 491 -58.70 1.38 23.03
N GLU B 492 -59.30 0.22 22.74
CA GLU B 492 -60.38 0.05 21.79
C GLU B 492 -61.47 -0.85 22.39
N SER B 493 -62.72 -0.62 22.01
CA SER B 493 -63.89 -1.39 22.43
C SER B 493 -64.47 -2.06 21.19
N THR B 494 -64.71 -3.37 21.21
CA THR B 494 -65.24 -4.09 20.03
C THR B 494 -66.18 -5.21 20.45
N THR B 495 -67.23 -5.44 19.65
CA THR B 495 -68.20 -6.50 19.91
C THR B 495 -67.61 -7.84 19.48
N VAL B 496 -67.18 -8.67 20.44
CA VAL B 496 -66.56 -9.99 20.22
C VAL B 496 -67.14 -11.00 21.21
N LEU B 497 -67.32 -12.27 20.79
CA LEU B 497 -67.85 -13.33 21.65
C LEU B 497 -69.22 -12.99 22.26
N ASP B 498 -70.08 -12.38 21.45
CA ASP B 498 -71.43 -11.91 21.81
C ASP B 498 -71.48 -10.83 22.91
N HIS B 499 -70.33 -10.28 23.31
CA HIS B 499 -70.23 -9.20 24.29
C HIS B 499 -70.02 -7.91 23.48
N THR B 500 -70.93 -6.95 23.59
CA THR B 500 -70.91 -5.70 22.82
C THR B 500 -69.74 -4.76 23.12
N ASP B 501 -69.15 -4.84 24.32
CA ASP B 501 -68.09 -3.92 24.75
C ASP B 501 -66.88 -4.62 25.35
N TRP B 502 -66.34 -5.62 24.64
CA TRP B 502 -65.10 -6.28 25.05
C TRP B 502 -63.97 -5.29 24.71
N CYS B 503 -63.24 -4.82 25.72
CA CYS B 503 -62.18 -3.83 25.55
C CYS B 503 -60.79 -4.45 25.52
N ARG B 504 -59.97 -3.97 24.58
CA ARG B 504 -58.57 -4.38 24.39
C ARG B 504 -57.74 -3.10 24.44
N CYS B 505 -56.58 -3.17 25.08
CA CYS B 505 -55.69 -2.03 25.21
C CYS B 505 -54.29 -2.34 24.70
N SER B 506 -53.44 -1.32 24.63
CA SER B 506 -52.06 -1.46 24.19
C SER B 506 -51.15 -2.00 25.31
N CYS B 507 -49.91 -2.36 24.99
CA CYS B 507 -48.92 -2.85 25.96
C CYS B 507 -49.39 -4.04 26.82
N LEU B 508 -49.94 -5.10 26.21
CA LEU B 508 -50.38 -6.32 26.90
C LEU B 508 -49.70 -7.57 26.31
N PRO B 509 -49.42 -8.61 27.11
CA PRO B 509 -49.67 -8.75 28.56
C PRO B 509 -48.92 -7.74 29.43
N ASP B 510 -47.73 -7.32 29.01
CA ASP B 510 -46.88 -6.32 29.64
C ASP B 510 -45.92 -5.77 28.54
N PRO B 511 -45.25 -4.62 28.71
CA PRO B 511 -44.37 -4.07 27.68
C PRO B 511 -43.19 -4.96 27.29
N ILE B 512 -42.73 -5.85 28.17
CA ILE B 512 -41.60 -6.76 27.91
C ILE B 512 -42.01 -7.85 26.91
N THR B 513 -43.18 -8.47 27.13
CA THR B 513 -43.71 -9.54 26.27
C THR B 513 -44.91 -9.09 25.43
N ALA B 514 -44.99 -7.80 25.09
CA ALA B 514 -46.12 -7.25 24.34
C ALA B 514 -46.27 -7.94 22.97
N TYR B 515 -47.50 -8.28 22.61
CA TYR B 515 -47.80 -8.96 21.33
C TYR B 515 -47.45 -8.09 20.12
N ASP B 516 -47.54 -6.77 20.24
CA ASP B 516 -47.18 -5.83 19.17
C ASP B 516 -46.51 -4.60 19.78
N PRO B 517 -45.17 -4.56 19.87
CA PRO B 517 -44.44 -3.43 20.41
C PRO B 517 -44.67 -2.12 19.64
N ARG B 518 -45.12 -2.20 18.39
CA ARG B 518 -45.41 -1.03 17.54
C ARG B 518 -46.50 -0.14 18.12
N SER B 519 -47.57 -0.73 18.65
CA SER B 519 -48.70 0.02 19.23
C SER B 519 -48.50 0.39 20.71
N CYS B 520 -47.50 -0.19 21.39
CA CYS B 520 -47.23 0.11 22.79
C CYS B 520 -46.51 1.46 22.94
N SER B 521 -46.97 2.31 23.86
CA SER B 521 -46.38 3.64 24.10
C SER B 521 -45.00 3.57 24.76
N GLN B 522 -44.72 2.50 25.49
CA GLN B 522 -43.44 2.28 26.15
C GLN B 522 -42.47 1.65 25.15
N LYS B 523 -41.41 2.35 24.76
CA LYS B 523 -40.46 1.87 23.76
C LYS B 523 -39.19 1.32 24.40
N LYS B 524 -38.86 0.07 24.07
CA LYS B 524 -37.66 -0.60 24.56
C LYS B 524 -36.44 0.20 24.13
N SER B 525 -35.51 0.45 25.04
CA SER B 525 -34.31 1.23 24.76
C SER B 525 -33.10 0.69 25.50
N LEU B 526 -31.93 0.98 24.94
CA LEU B 526 -30.65 0.61 25.52
C LEU B 526 -30.06 1.85 26.17
N VAL B 527 -29.29 1.70 27.25
CA VAL B 527 -28.71 2.89 27.91
C VAL B 527 -27.60 3.49 27.07
N GLY B 528 -27.62 4.81 26.89
CA GLY B 528 -26.56 5.50 26.18
C GLY B 528 -25.35 5.69 27.09
N VAL B 529 -24.21 6.06 26.53
CA VAL B 529 -23.01 6.30 27.34
C VAL B 529 -23.26 7.51 28.22
N GLY B 530 -22.99 7.40 29.52
CA GLY B 530 -23.19 8.50 30.45
C GLY B 530 -24.63 8.72 30.88
N GLU B 531 -25.54 7.78 30.62
CA GLU B 531 -26.96 7.90 30.97
C GLU B 531 -27.46 6.71 31.81
N HIS B 532 -28.50 6.93 32.59
CA HIS B 532 -29.12 5.89 33.43
C HIS B 532 -30.27 5.22 32.68
N CYS B 533 -30.88 4.18 33.26
CA CYS B 533 -32.01 3.50 32.64
C CYS B 533 -33.16 4.49 32.44
N ALA B 534 -33.82 4.45 31.28
CA ALA B 534 -34.94 5.35 31.01
C ALA B 534 -36.10 5.11 31.98
N GLY B 535 -36.29 3.87 32.42
CA GLY B 535 -37.30 3.43 33.37
C GLY B 535 -37.70 1.98 33.16
N PHE B 536 -38.28 1.37 34.18
CA PHE B 536 -38.80 0.02 34.14
C PHE B 536 -40.14 0.03 33.40
N GLY B 537 -40.42 -1.01 32.62
CA GLY B 537 -41.71 -1.11 31.94
C GLY B 537 -42.82 -1.30 32.98
N VAL B 538 -44.00 -0.73 32.75
CA VAL B 538 -45.14 -0.86 33.67
C VAL B 538 -46.24 -1.70 33.08
N ASP B 539 -46.71 -2.68 33.85
CA ASP B 539 -47.88 -3.47 33.51
C ASP B 539 -49.06 -2.53 33.73
N GLU B 540 -49.53 -1.91 32.64
CA GLU B 540 -50.59 -0.90 32.68
C GLU B 540 -51.91 -1.40 33.28
N GLU B 541 -52.14 -2.71 33.32
CA GLU B 541 -53.33 -3.30 33.93
C GLU B 541 -53.30 -3.15 35.47
N LYS B 542 -52.18 -2.70 36.05
CA LYS B 542 -51.98 -2.42 37.47
C LYS B 542 -51.85 -0.92 37.77
N CYS B 543 -52.20 -0.06 36.81
CA CYS B 543 -52.15 1.40 36.96
C CYS B 543 -53.56 1.96 37.11
N GLY B 544 -53.83 2.72 38.18
CA GLY B 544 -55.18 3.21 38.47
C GLY B 544 -56.02 2.11 39.12
N VAL B 545 -57.34 2.31 39.18
CA VAL B 545 -58.28 1.31 39.77
C VAL B 545 -59.37 0.97 38.75
N LEU B 546 -60.04 -0.17 38.92
CA LEU B 546 -61.03 -0.69 37.95
C LEU B 546 -62.16 0.32 37.63
N ASP B 547 -62.74 0.95 38.65
CA ASP B 547 -63.82 1.93 38.48
C ASP B 547 -63.37 3.35 38.90
N GLY B 548 -62.10 3.69 38.66
CA GLY B 548 -61.55 4.99 39.04
C GLY B 548 -62.05 6.15 38.18
N SER B 549 -62.64 7.15 38.84
CA SER B 549 -63.18 8.37 38.20
C SER B 549 -62.07 9.43 38.04
N TYR B 550 -62.42 10.66 37.66
CA TYR B 550 -61.43 11.73 37.48
C TYR B 550 -60.92 12.37 38.79
N ASN B 551 -61.49 12.01 39.94
CA ASN B 551 -61.11 12.54 41.26
C ASN B 551 -59.89 11.82 41.88
N VAL B 552 -59.39 10.77 41.24
CA VAL B 552 -58.22 9.99 41.66
C VAL B 552 -57.13 10.13 40.59
N SER B 553 -55.90 10.44 41.01
CA SER B 553 -54.73 10.62 40.14
C SER B 553 -54.19 9.27 39.64
N CYS B 554 -53.61 9.24 38.44
CA CYS B 554 -53.03 8.01 37.93
C CYS B 554 -51.72 7.63 38.61
N LEU B 555 -51.63 6.41 39.12
CA LEU B 555 -50.43 5.83 39.71
C LEU B 555 -50.52 4.31 39.64
N CYS B 556 -49.38 3.64 39.61
CA CYS B 556 -49.25 2.20 39.51
C CYS B 556 -48.75 1.60 40.83
N SER B 557 -49.20 0.39 41.15
CA SER B 557 -48.74 -0.31 42.35
C SER B 557 -47.26 -0.68 42.21
N THR B 558 -46.55 -0.92 43.31
CA THR B 558 -45.12 -1.25 43.27
C THR B 558 -44.78 -2.50 42.48
N ASP B 559 -45.69 -3.47 42.38
CA ASP B 559 -45.51 -4.70 41.62
C ASP B 559 -45.83 -4.52 40.12
N ALA B 560 -46.31 -3.35 39.69
CA ALA B 560 -46.59 -3.09 38.28
C ALA B 560 -45.32 -2.83 37.48
N PHE B 561 -44.24 -2.38 38.13
CA PHE B 561 -42.96 -2.11 37.48
C PHE B 561 -42.21 -3.43 37.32
N LEU B 562 -42.00 -3.86 36.09
CA LEU B 562 -41.36 -5.13 35.73
C LEU B 562 -40.02 -4.91 35.02
N GLY B 563 -39.34 -6.00 34.69
CA GLY B 563 -38.08 -5.92 33.95
C GLY B 563 -36.85 -5.60 34.78
N TRP B 564 -36.86 -5.83 36.08
CA TRP B 564 -35.71 -5.63 36.96
C TRP B 564 -35.53 -6.84 37.87
N SER B 565 -34.34 -6.96 38.46
CA SER B 565 -33.99 -8.03 39.37
C SER B 565 -32.93 -7.53 40.35
N TYR B 566 -32.47 -8.37 41.26
CA TYR B 566 -31.42 -8.04 42.20
C TYR B 566 -30.57 -9.27 42.53
N ASP B 567 -29.37 -9.02 43.05
CA ASP B 567 -28.50 -10.06 43.60
C ASP B 567 -27.60 -9.43 44.67
N THR B 568 -27.01 -10.23 45.56
CA THR B 568 -26.04 -9.72 46.52
C THR B 568 -24.73 -9.31 45.83
N CYS B 569 -24.02 -8.32 46.35
CA CYS B 569 -22.62 -8.05 45.97
C CYS B 569 -21.60 -8.75 46.86
N VAL B 570 -22.03 -9.46 47.91
CA VAL B 570 -21.10 -9.98 48.92
C VAL B 570 -20.40 -11.25 48.42
N SER B 571 -19.08 -11.28 48.57
CA SER B 571 -18.24 -12.49 48.49
C SER B 571 -17.20 -12.41 49.60
N ASN B 572 -16.90 -13.50 50.32
CA ASN B 572 -15.81 -13.52 51.32
C ASN B 572 -15.85 -12.37 52.33
N ASN B 573 -17.05 -12.04 52.82
CA ASN B 573 -17.33 -10.90 53.73
C ASN B 573 -17.02 -9.50 53.17
N ARG B 574 -16.91 -9.33 51.85
CA ARG B 574 -16.71 -8.03 51.19
C ARG B 574 -17.71 -7.81 50.06
N CYS B 575 -18.27 -6.61 49.93
CA CYS B 575 -19.09 -6.25 48.78
C CYS B 575 -18.19 -5.92 47.57
N ASN B 576 -18.39 -6.58 46.44
CA ASN B 576 -17.67 -6.29 45.21
C ASN B 576 -18.23 -5.06 44.50
N ILE B 577 -17.35 -4.15 44.08
CA ILE B 577 -17.69 -2.84 43.54
C ILE B 577 -16.90 -2.61 42.26
N PHE B 578 -17.55 -2.05 41.25
CA PHE B 578 -16.95 -1.62 40.00
C PHE B 578 -16.89 -0.10 39.99
N SER B 579 -15.82 0.47 39.46
CA SER B 579 -15.84 1.83 38.96
C SER B 579 -15.10 1.99 37.65
N ASN B 580 -15.51 2.97 36.86
CA ASN B 580 -14.92 3.27 35.56
C ASN B 580 -14.24 4.63 35.63
N PHE B 581 -12.92 4.66 35.50
CA PHE B 581 -12.10 5.85 35.39
C PHE B 581 -12.17 6.31 33.95
N ILE B 582 -12.77 7.44 33.68
CA ILE B 582 -12.85 8.00 32.35
C ILE B 582 -11.84 9.15 32.33
N LEU B 583 -10.87 9.06 31.43
CA LEU B 583 -9.81 10.05 31.32
C LEU B 583 -10.16 11.02 30.20
N ASN B 584 -10.46 12.28 30.52
CA ASN B 584 -10.83 13.29 29.53
C ASN B 584 -9.65 14.21 29.25
N GLY B 585 -9.42 14.52 27.97
CA GLY B 585 -8.32 15.40 27.59
C GLY B 585 -6.98 14.82 28.02
N ILE B 586 -6.70 13.57 27.65
CA ILE B 586 -5.46 12.90 28.04
C ILE B 586 -4.22 13.70 27.67
N ASN B 587 -3.22 13.66 28.54
CA ASN B 587 -1.94 14.35 28.39
C ASN B 587 -2.10 15.88 28.25
N SER B 588 -3.03 16.46 29.01
CA SER B 588 -3.31 17.90 29.03
C SER B 588 -4.25 18.24 30.18
N GLY B 589 -4.07 19.35 30.90
CA GLY B 589 -4.99 19.76 31.96
C GLY B 589 -4.39 19.94 33.34
N THR B 590 -5.24 19.87 34.36
CA THR B 590 -4.86 20.10 35.76
C THR B 590 -5.01 18.90 36.68
N THR B 591 -5.67 17.83 36.26
CA THR B 591 -5.83 16.61 37.08
C THR B 591 -4.56 15.81 36.86
N CYS B 592 -3.53 16.05 37.66
CA CYS B 592 -2.21 15.47 37.46
C CYS B 592 -1.81 14.40 38.49
N SER B 593 -1.19 13.34 38.01
CA SER B 593 -0.67 12.30 38.88
C SER B 593 0.70 12.74 39.43
N ASN B 594 0.92 12.57 40.73
CA ASN B 594 2.17 12.88 41.42
C ASN B 594 3.01 11.62 41.69
N ASP B 595 2.76 10.53 40.97
CA ASP B 595 3.51 9.29 41.17
C ASP B 595 5.00 9.40 40.84
N LEU B 596 5.37 10.14 39.79
CA LEU B 596 6.78 10.34 39.42
C LEU B 596 7.36 11.54 40.18
N LEU B 597 6.58 12.62 40.25
CA LEU B 597 6.89 13.89 40.93
C LEU B 597 8.20 14.57 40.50
N GLN B 598 8.28 14.93 39.22
CA GLN B 598 9.41 15.71 38.72
C GLN B 598 9.18 17.14 39.24
N PRO B 599 10.19 17.82 39.80
CA PRO B 599 10.01 19.17 40.32
C PRO B 599 9.77 20.19 39.20
N ASN B 600 9.00 21.25 39.47
CA ASN B 600 8.78 22.30 38.48
C ASN B 600 10.10 23.00 38.19
N THR B 601 10.34 23.28 36.91
CA THR B 601 11.54 23.98 36.45
C THR B 601 11.15 25.30 35.79
N GLU B 602 12.11 26.19 35.58
CA GLU B 602 11.82 27.40 34.82
C GLU B 602 11.63 27.01 33.35
N VAL B 603 10.94 27.84 32.57
CA VAL B 603 10.75 27.61 31.14
C VAL B 603 12.03 28.09 30.45
N PHE B 604 13.02 27.23 30.29
CA PHE B 604 14.28 27.60 29.65
C PHE B 604 14.05 28.02 28.20
N THR B 605 14.68 29.09 27.75
CA THR B 605 14.49 29.63 26.39
C THR B 605 15.77 29.59 25.56
N ASP B 606 15.60 29.68 24.24
CA ASP B 606 16.67 29.73 23.24
C ASP B 606 17.57 28.50 23.13
N VAL B 607 17.16 27.38 23.72
CA VAL B 607 17.88 26.10 23.69
C VAL B 607 16.90 24.96 23.45
N CYS B 608 17.33 23.89 22.80
CA CYS B 608 16.47 22.72 22.58
C CYS B 608 16.24 22.02 23.91
N VAL B 609 15.00 21.76 24.29
CA VAL B 609 14.67 21.10 25.55
C VAL B 609 13.54 20.09 25.39
N ASP B 610 13.53 19.08 26.25
CA ASP B 610 12.41 18.15 26.35
C ASP B 610 11.42 18.86 27.27
N TYR B 611 10.15 18.97 26.90
CA TYR B 611 9.18 19.68 27.72
C TYR B 611 7.96 18.86 28.07
N ASP B 612 7.42 19.14 29.23
CA ASP B 612 6.18 18.60 29.78
C ASP B 612 5.41 19.82 30.32
N LEU B 613 4.64 20.45 29.45
CA LEU B 613 3.85 21.63 29.77
C LEU B 613 2.45 21.23 30.19
N TYR B 614 2.21 21.08 31.48
CA TYR B 614 0.88 20.76 32.01
C TYR B 614 0.30 19.48 31.37
N GLY B 615 1.16 18.50 31.15
CA GLY B 615 0.82 17.22 30.53
C GLY B 615 1.16 17.14 29.05
N ILE B 616 1.32 18.27 28.35
CA ILE B 616 1.65 18.27 26.92
C ILE B 616 3.15 18.06 26.79
N THR B 617 3.53 16.91 26.29
CA THR B 617 4.94 16.56 26.12
C THR B 617 5.42 16.78 24.72
N GLY B 618 6.70 17.09 24.57
CA GLY B 618 7.32 17.25 23.26
C GLY B 618 8.76 17.70 23.39
N GLN B 619 9.30 18.17 22.29
CA GLN B 619 10.69 18.59 22.20
C GLN B 619 10.78 19.81 21.29
N GLY B 620 11.43 20.88 21.74
CA GLY B 620 11.52 22.12 20.98
C GLY B 620 12.31 23.20 21.69
N ILE B 621 12.29 24.39 21.11
CA ILE B 621 12.97 25.58 21.59
C ILE B 621 11.91 26.61 21.96
N PHE B 622 11.98 27.15 23.17
CA PHE B 622 11.05 28.17 23.63
C PHE B 622 11.65 29.56 23.45
N LYS B 623 10.84 30.52 23.03
CA LYS B 623 11.23 31.92 22.89
C LYS B 623 10.13 32.78 23.48
N GLU B 624 10.44 33.56 24.50
CA GLU B 624 9.45 34.40 25.16
C GLU B 624 9.01 35.56 24.27
N VAL B 625 7.70 35.83 24.19
CA VAL B 625 7.14 36.92 23.38
C VAL B 625 6.04 37.64 24.13
N SER B 626 5.78 38.91 23.80
CA SER B 626 4.74 39.70 24.45
C SER B 626 3.44 39.61 23.65
N ALA B 627 2.85 38.42 23.62
CA ALA B 627 1.60 38.19 22.88
C ALA B 627 0.38 38.81 23.56
N VAL B 628 -0.62 39.14 22.76
CA VAL B 628 -1.88 39.75 23.21
C VAL B 628 -3.12 38.99 22.76
N TYR B 629 -2.97 37.85 22.08
CA TYR B 629 -4.08 37.06 21.56
C TYR B 629 -4.69 36.05 22.53
N TYR B 630 -4.12 35.83 23.71
CA TYR B 630 -4.69 34.90 24.69
C TYR B 630 -5.77 35.55 25.53
N ASN B 631 -7.01 35.07 25.45
CA ASN B 631 -8.08 35.58 26.31
C ASN B 631 -8.00 34.90 27.69
N SER B 632 -8.95 35.15 28.57
CA SER B 632 -8.93 34.58 29.93
C SER B 632 -8.96 33.05 29.96
N TRP B 633 -9.69 32.40 29.05
CA TRP B 633 -9.82 30.94 29.01
C TRP B 633 -8.83 30.22 28.08
N GLN B 634 -7.93 30.93 27.40
CA GLN B 634 -7.00 30.36 26.42
C GLN B 634 -5.56 30.33 26.91
N ASN B 635 -4.87 29.21 26.68
CA ASN B 635 -3.48 29.05 27.11
C ASN B 635 -2.58 28.32 26.10
N LEU B 636 -3.10 27.85 24.96
CA LEU B 636 -2.32 27.12 23.95
C LEU B 636 -2.53 27.68 22.55
N LEU B 637 -1.47 27.79 21.75
CA LEU B 637 -1.50 28.28 20.38
C LEU B 637 -1.25 27.10 19.45
N TYR B 638 -2.15 26.89 18.49
CA TYR B 638 -2.09 25.78 17.54
C TYR B 638 -2.00 26.24 16.09
N ASP B 639 -1.26 25.50 15.26
CA ASP B 639 -1.18 25.79 13.83
C ASP B 639 -2.37 25.11 13.11
N SER B 640 -2.45 25.24 11.79
CA SER B 640 -3.54 24.61 11.02
C SER B 640 -3.51 23.09 11.02
N ASN B 641 -2.38 22.48 11.40
CA ASN B 641 -2.19 21.04 11.45
C ASN B 641 -2.41 20.41 12.83
N GLY B 642 -2.81 21.20 13.83
CA GLY B 642 -3.05 20.67 15.17
C GLY B 642 -1.80 20.52 16.03
N ASN B 643 -0.67 21.12 15.68
CA ASN B 643 0.55 21.08 16.47
C ASN B 643 0.59 22.26 17.45
N ILE B 644 1.13 22.05 18.64
CA ILE B 644 1.29 23.11 19.63
C ILE B 644 2.49 23.95 19.16
N ILE B 645 2.29 25.26 18.95
CA ILE B 645 3.34 26.17 18.49
C ILE B 645 3.59 27.35 19.43
N GLY B 646 2.87 27.42 20.55
CA GLY B 646 3.01 28.50 21.52
C GLY B 646 2.13 28.24 22.72
N PHE B 647 2.44 28.83 23.86
CA PHE B 647 1.62 28.66 25.05
C PHE B 647 1.79 29.81 26.03
N LYS B 648 0.84 29.96 26.93
CA LYS B 648 0.88 30.91 28.03
C LYS B 648 1.03 30.08 29.31
N ASP B 649 2.08 30.31 30.08
CA ASP B 649 2.31 29.57 31.31
C ASP B 649 1.20 29.86 32.33
N PHE B 650 0.56 28.83 32.89
CA PHE B 650 -0.55 29.02 33.82
C PHE B 650 -0.14 29.73 35.11
N VAL B 651 1.10 29.54 35.58
CA VAL B 651 1.59 30.15 36.81
C VAL B 651 2.07 31.59 36.64
N THR B 652 3.01 31.83 35.74
CA THR B 652 3.61 33.15 35.52
C THR B 652 2.94 34.03 34.49
N ASN B 653 1.95 33.54 33.74
CA ASN B 653 1.27 34.26 32.65
C ASN B 653 2.22 34.69 31.52
N LYS B 654 3.48 34.24 31.53
CA LYS B 654 4.45 34.57 30.48
C LYS B 654 4.10 33.76 29.24
N THR B 655 4.26 34.36 28.07
CA THR B 655 3.96 33.71 26.80
C THR B 655 5.21 33.33 26.04
N TYR B 656 5.21 32.15 25.45
CA TYR B 656 6.32 31.64 24.67
C TYR B 656 5.88 31.05 23.34
N ASN B 657 6.73 31.17 22.33
CA ASN B 657 6.57 30.52 21.04
C ASN B 657 7.41 29.25 21.13
N ILE B 658 6.93 28.16 20.54
CA ILE B 658 7.61 26.88 20.49
C ILE B 658 8.06 26.63 19.06
N PHE B 659 9.35 26.39 18.87
CA PHE B 659 9.96 26.11 17.59
C PHE B 659 10.58 24.72 17.62
N PRO B 660 10.58 23.96 16.52
CA PRO B 660 11.18 22.64 16.51
C PRO B 660 12.71 22.73 16.66
N CYS B 661 13.33 21.74 17.29
CA CYS B 661 14.78 21.73 17.43
C CYS B 661 15.41 21.52 16.05
N TYR B 662 16.65 21.99 15.85
CA TYR B 662 17.28 21.84 14.55
C TYR B 662 17.48 20.37 14.18
N ALA B 663 17.19 20.04 12.93
CA ALA B 663 17.36 18.73 12.35
C ALA B 663 17.92 18.89 10.94
N GLY B 664 18.89 18.07 10.58
CA GLY B 664 19.52 18.15 9.27
C GLY B 664 20.46 17.01 9.00
N ARG B 665 21.16 17.07 7.88
CA ARG B 665 22.11 16.07 7.36
C ARG B 665 23.48 16.69 7.19
N VAL B 666 24.50 15.84 7.09
CA VAL B 666 25.87 16.26 6.81
C VAL B 666 26.20 15.71 5.44
N SER B 667 26.62 16.56 4.52
CA SER B 667 27.01 16.13 3.18
C SER B 667 28.50 15.86 3.22
N ALA B 668 28.90 14.60 3.22
CA ALA B 668 30.31 14.22 3.31
C ALA B 668 30.88 13.88 1.94
N ALA B 669 31.97 14.53 1.54
CA ALA B 669 32.65 14.27 0.30
C ALA B 669 33.85 13.36 0.59
N PHE B 670 33.91 12.22 -0.08
CA PHE B 670 34.97 11.23 0.11
C PHE B 670 35.69 10.90 -1.18
N HIS B 671 37.02 10.80 -1.13
CA HIS B 671 37.84 10.37 -2.24
C HIS B 671 38.54 9.08 -1.82
N GLN B 672 38.57 8.05 -2.67
CA GLN B 672 39.19 6.76 -2.35
C GLN B 672 40.64 6.85 -1.88
N ASN B 673 41.42 7.80 -2.39
CA ASN B 673 42.81 7.96 -2.02
C ASN B 673 43.01 8.68 -0.67
N ALA B 674 41.95 9.23 -0.09
CA ALA B 674 42.01 9.97 1.16
C ALA B 674 41.83 9.09 2.40
N SER B 675 42.39 9.55 3.53
CA SER B 675 42.28 8.91 4.83
C SER B 675 41.24 9.58 5.73
N SER B 676 40.50 10.57 5.21
CA SER B 676 39.48 11.33 5.91
C SER B 676 38.35 11.80 4.97
N LEU B 677 37.46 12.65 5.47
CA LEU B 677 36.31 13.22 4.76
C LEU B 677 36.30 14.74 4.79
N ALA B 678 35.69 15.35 3.79
CA ALA B 678 35.42 16.78 3.76
C ALA B 678 33.93 16.88 4.07
N LEU B 679 33.54 17.55 5.15
CA LEU B 679 32.14 17.62 5.56
C LEU B 679 31.52 18.97 5.25
N LEU B 680 30.31 19.00 4.72
CA LEU B 680 29.58 20.22 4.46
C LEU B 680 28.26 20.19 5.23
N TYR B 681 28.12 21.12 6.17
CA TYR B 681 26.89 21.32 6.91
C TYR B 681 26.14 22.36 6.10
N ARG B 682 25.28 21.90 5.20
CA ARG B 682 24.58 22.77 4.27
C ARG B 682 23.72 23.79 4.98
N ASN B 683 23.83 25.04 4.55
CA ASN B 683 23.11 26.21 5.03
C ASN B 683 23.30 26.56 6.51
N LEU B 684 24.40 26.13 7.12
CA LEU B 684 24.72 26.40 8.52
C LEU B 684 26.03 27.15 8.67
N LYS B 685 26.06 28.19 9.49
CA LYS B 685 27.28 28.94 9.79
C LYS B 685 28.18 28.09 10.69
N CYS B 686 29.50 28.20 10.60
CA CYS B 686 30.40 27.40 11.43
C CYS B 686 30.22 27.69 12.92
N SER B 687 29.88 28.91 13.29
CA SER B 687 29.62 29.26 14.69
C SER B 687 28.44 28.42 15.20
N TYR B 688 27.38 28.29 14.42
CA TYR B 688 26.22 27.48 14.77
C TYR B 688 26.58 26.00 14.93
N VAL B 689 27.34 25.46 13.99
CA VAL B 689 27.75 24.04 14.06
C VAL B 689 28.55 23.77 15.32
N LEU B 690 29.58 24.57 15.59
CA LEU B 690 30.43 24.38 16.76
C LEU B 690 29.72 24.67 18.08
N ASN B 691 28.85 25.68 18.14
CA ASN B 691 28.16 26.04 19.38
C ASN B 691 26.93 25.19 19.66
N ASN B 692 26.22 24.67 18.66
CA ASN B 692 24.96 23.96 18.86
C ASN B 692 24.86 22.54 18.31
N ILE B 693 25.81 22.05 17.51
CA ILE B 693 25.73 20.68 16.95
C ILE B 693 26.83 19.82 17.54
N SER B 694 28.09 20.16 17.31
CA SER B 694 29.23 19.40 17.81
C SER B 694 30.54 20.14 17.61
N LEU B 695 31.45 20.01 18.57
CA LEU B 695 32.79 20.60 18.48
C LEU B 695 33.72 19.60 17.79
N THR B 696 34.71 20.09 17.05
CA THR B 696 35.68 19.23 16.36
C THR B 696 37.02 19.94 16.23
N THR B 697 38.09 19.17 16.03
CA THR B 697 39.46 19.68 15.87
C THR B 697 39.83 19.94 14.41
N GLN B 698 38.98 19.57 13.46
CA GLN B 698 39.24 19.79 12.03
C GLN B 698 39.16 21.27 11.67
N PRO B 699 39.94 21.75 10.68
CA PRO B 699 39.87 23.13 10.25
C PRO B 699 38.52 23.37 9.57
N TYR B 700 38.00 24.59 9.63
CA TYR B 700 36.71 24.93 9.06
C TYR B 700 36.63 26.36 8.52
N PHE B 701 35.67 26.60 7.63
CA PHE B 701 35.39 27.93 7.10
C PHE B 701 33.95 28.00 6.60
N ASP B 702 33.40 29.21 6.55
CA ASP B 702 32.05 29.47 6.08
C ASP B 702 32.06 29.59 4.54
N SER B 703 31.56 28.58 3.84
CA SER B 703 31.45 28.64 2.39
C SER B 703 30.07 29.17 1.99
N TYR B 704 29.84 29.38 0.71
CA TYR B 704 28.54 29.85 0.22
C TYR B 704 27.44 28.81 0.51
N LEU B 705 27.77 27.53 0.42
CA LEU B 705 26.85 26.42 0.65
C LEU B 705 26.63 26.05 2.12
N GLY B 706 27.45 26.57 3.04
CA GLY B 706 27.39 26.27 4.46
C GLY B 706 28.78 26.01 5.03
N CYS B 707 28.88 25.60 6.30
CA CYS B 707 30.16 25.34 6.94
C CYS B 707 30.86 24.12 6.35
N VAL B 708 32.12 24.27 5.97
CA VAL B 708 32.93 23.19 5.38
C VAL B 708 34.05 22.85 6.34
N PHE B 709 34.21 21.57 6.64
CA PHE B 709 35.24 21.02 7.53
C PHE B 709 36.24 20.17 6.75
N ASN B 710 37.50 20.25 7.15
CA ASN B 710 38.60 19.47 6.59
C ASN B 710 38.88 19.68 5.10
N ALA B 711 38.67 20.90 4.60
CA ALA B 711 38.95 21.25 3.22
C ALA B 711 39.46 22.69 3.17
N ASP B 712 40.50 22.95 2.39
CA ASP B 712 41.07 24.29 2.26
C ASP B 712 40.19 25.17 1.38
N ASN B 713 39.92 26.41 1.78
CA ASN B 713 39.14 27.34 0.97
C ASN B 713 40.00 27.85 -0.19
N LEU B 714 39.79 27.34 -1.39
CA LEU B 714 40.53 27.70 -2.59
C LEU B 714 39.58 27.99 -3.76
N THR B 715 38.54 28.77 -3.50
CA THR B 715 37.54 29.13 -4.53
C THR B 715 38.13 29.97 -5.67
N ASP B 716 39.30 30.57 -5.48
CA ASP B 716 40.00 31.30 -6.54
C ASP B 716 40.58 30.35 -7.60
N TYR B 717 40.79 29.08 -7.24
CA TYR B 717 41.25 28.04 -8.15
C TYR B 717 40.02 27.40 -8.80
N SER B 718 40.18 26.80 -9.97
CA SER B 718 39.10 26.16 -10.71
C SER B 718 39.48 24.82 -11.32
N VAL B 719 38.53 23.93 -11.48
CA VAL B 719 38.73 22.60 -12.10
C VAL B 719 37.67 22.36 -13.16
N SER B 720 38.06 21.74 -14.28
CA SER B 720 37.17 21.43 -15.40
C SER B 720 36.46 20.08 -15.25
N SER B 721 37.02 19.19 -14.43
CA SER B 721 36.44 17.88 -14.10
C SER B 721 36.35 17.80 -12.59
N CYS B 722 35.25 17.23 -12.10
CA CYS B 722 35.00 17.15 -10.67
C CYS B 722 34.18 15.91 -10.32
N ALA B 723 34.70 15.09 -9.41
CA ALA B 723 34.01 13.89 -8.95
C ALA B 723 33.15 14.16 -7.70
N LEU B 724 33.44 15.24 -6.96
CA LEU B 724 32.75 15.64 -5.75
C LEU B 724 32.13 17.02 -5.96
N ARG B 725 30.97 17.04 -6.61
CA ARG B 725 30.24 18.27 -6.93
C ARG B 725 29.35 18.62 -5.75
N MET B 726 29.57 19.78 -5.16
CA MET B 726 28.83 20.21 -3.97
C MET B 726 27.67 21.15 -4.29
N GLY B 727 27.53 21.66 -5.50
CA GLY B 727 26.44 22.56 -5.86
C GLY B 727 26.90 23.99 -6.10
N SER B 728 26.12 24.77 -6.84
CA SER B 728 26.38 26.18 -7.14
C SER B 728 27.77 26.45 -7.72
N GLY B 729 28.30 25.56 -8.54
CA GLY B 729 29.61 25.73 -9.14
C GLY B 729 30.76 25.49 -8.18
N PHE B 730 30.56 24.73 -7.11
CA PHE B 730 31.60 24.39 -6.14
C PHE B 730 31.88 22.89 -6.18
N CYS B 731 33.14 22.55 -5.98
CA CYS B 731 33.68 21.21 -6.02
C CYS B 731 34.65 20.97 -4.87
N VAL B 732 34.84 19.71 -4.51
CA VAL B 732 35.82 19.28 -3.54
C VAL B 732 36.86 18.49 -4.33
N ASP B 733 38.09 18.95 -4.34
CA ASP B 733 39.19 18.33 -5.08
C ASP B 733 40.20 17.73 -4.11
N TYR B 734 40.62 16.48 -4.31
CA TYR B 734 41.60 15.83 -3.44
C TYR B 734 42.96 15.65 -4.14
N ASN B 735 44.05 16.04 -3.48
CA ASN B 735 45.41 15.86 -4.03
C ASN B 735 45.88 14.41 -3.88
N SER B 752 45.47 16.59 0.78
CA SER B 752 44.28 17.13 1.44
C SER B 752 43.16 17.51 0.45
N TYR B 753 41.97 17.77 0.99
CA TYR B 753 40.80 18.24 0.23
C TYR B 753 40.85 19.75 0.04
N ARG B 754 40.40 20.23 -1.12
CA ARG B 754 40.34 21.64 -1.48
C ARG B 754 38.94 22.01 -1.93
N PHE B 755 38.36 23.05 -1.38
CA PHE B 755 37.05 23.56 -1.79
C PHE B 755 37.35 24.53 -2.94
N VAL B 756 37.05 24.11 -4.16
CA VAL B 756 37.41 24.75 -5.41
C VAL B 756 36.23 25.03 -6.31
N THR B 757 36.25 26.06 -7.14
CA THR B 757 35.15 26.30 -8.08
C THR B 757 35.15 25.29 -9.22
N PHE B 758 33.99 24.89 -9.71
CA PHE B 758 33.81 23.95 -10.81
C PHE B 758 33.49 24.71 -12.09
N GLU B 759 34.37 24.65 -13.09
CA GLU B 759 34.20 25.33 -14.38
C GLU B 759 34.38 24.32 -15.51
N PRO B 760 33.37 23.49 -15.80
CA PRO B 760 33.45 22.46 -16.82
C PRO B 760 33.61 22.97 -18.24
N PHE B 761 33.15 24.19 -18.52
CA PHE B 761 33.22 24.78 -19.84
C PHE B 761 33.75 26.20 -19.78
N ASN B 762 34.55 26.56 -20.77
CA ASN B 762 35.14 27.89 -20.92
C ASN B 762 35.21 28.21 -22.41
N VAL B 763 35.33 29.50 -22.71
CA VAL B 763 35.40 29.99 -24.08
C VAL B 763 36.77 29.75 -24.70
N SER B 764 36.84 29.37 -25.98
CA SER B 764 38.13 29.30 -26.68
C SER B 764 38.48 30.74 -27.01
N PHE B 765 39.59 31.28 -26.50
CA PHE B 765 39.97 32.67 -26.75
C PHE B 765 41.00 32.83 -27.85
N VAL B 766 40.87 33.93 -28.59
CA VAL B 766 41.77 34.37 -29.66
C VAL B 766 42.13 35.83 -29.41
N ASN B 767 43.28 36.33 -29.86
CA ASN B 767 43.69 37.72 -29.64
C ASN B 767 43.47 38.62 -30.86
N ASP B 768 42.60 38.23 -31.79
CA ASP B 768 42.28 39.00 -33.00
C ASP B 768 41.47 40.26 -32.70
N SER B 769 41.47 41.25 -33.58
CA SER B 769 40.72 42.50 -33.36
C SER B 769 39.21 42.28 -33.35
N ILE B 770 38.50 43.10 -32.58
CA ILE B 770 37.04 43.05 -32.45
C ILE B 770 36.32 43.98 -33.43
N GLU B 771 37.06 44.88 -34.09
CA GLU B 771 36.55 45.88 -35.02
C GLU B 771 37.20 45.74 -36.40
N SER B 772 36.51 46.21 -37.44
CA SER B 772 37.01 46.18 -38.80
C SER B 772 37.88 47.39 -39.13
N VAL B 773 39.01 47.14 -39.80
CA VAL B 773 39.95 48.18 -40.25
C VAL B 773 39.83 48.24 -41.76
N GLY B 774 39.42 49.40 -42.30
CA GLY B 774 39.22 49.55 -43.75
C GLY B 774 38.10 48.64 -44.28
N GLY B 775 37.18 48.20 -43.41
CA GLY B 775 36.09 47.30 -43.73
C GLY B 775 36.46 45.80 -43.70
N LEU B 776 37.67 45.45 -43.24
CA LEU B 776 38.14 44.06 -43.11
C LEU B 776 38.27 43.66 -41.64
N TYR B 777 37.79 42.46 -41.31
CA TYR B 777 37.82 41.88 -39.96
C TYR B 777 38.92 40.83 -39.86
N GLU B 778 39.48 40.61 -38.68
CA GLU B 778 40.50 39.58 -38.46
C GLU B 778 39.83 38.26 -38.09
N ILE B 779 40.06 37.21 -38.88
CA ILE B 779 39.46 35.89 -38.69
C ILE B 779 40.52 34.81 -38.78
N LYS B 780 40.46 33.80 -37.91
CA LYS B 780 41.38 32.66 -37.99
C LYS B 780 40.75 31.60 -38.89
N ILE B 781 41.36 31.36 -40.04
CA ILE B 781 40.91 30.36 -41.01
C ILE B 781 41.86 29.16 -40.92
N PRO B 782 41.38 27.92 -40.85
CA PRO B 782 42.25 26.76 -40.77
C PRO B 782 43.17 26.59 -41.98
N THR B 783 44.40 26.15 -41.78
CA THR B 783 45.37 25.88 -42.87
C THR B 783 45.68 24.41 -43.02
N ASN B 784 45.33 23.60 -42.02
CA ASN B 784 45.51 22.16 -42.01
C ASN B 784 44.39 21.55 -41.17
N PHE B 785 44.05 20.30 -41.41
CA PHE B 785 42.97 19.61 -40.70
C PHE B 785 43.19 18.10 -40.62
N THR B 786 42.42 17.49 -39.75
CA THR B 786 42.37 16.05 -39.54
C THR B 786 40.92 15.65 -39.36
N ILE B 787 40.63 14.36 -39.38
CA ILE B 787 39.30 13.83 -39.13
C ILE B 787 39.34 13.20 -37.75
N VAL B 788 38.42 13.60 -36.87
CA VAL B 788 38.31 13.05 -35.52
C VAL B 788 37.04 12.23 -35.43
N GLY B 789 37.09 11.12 -34.72
CA GLY B 789 35.95 10.24 -34.52
C GLY B 789 35.49 10.33 -33.08
N GLN B 790 34.19 10.43 -32.88
CA GLN B 790 33.58 10.49 -31.56
C GLN B 790 32.48 9.44 -31.49
N GLU B 791 32.59 8.49 -30.58
CA GLU B 791 31.58 7.46 -30.40
C GLU B 791 30.46 7.94 -29.48
N GLU B 792 29.25 7.43 -29.68
CA GLU B 792 28.10 7.77 -28.86
C GLU B 792 27.20 6.54 -28.72
N PHE B 793 27.02 6.03 -27.51
CA PHE B 793 26.13 4.91 -27.28
C PHE B 793 24.74 5.45 -26.95
N ILE B 794 23.73 4.94 -27.63
CA ILE B 794 22.35 5.32 -27.39
C ILE B 794 21.62 4.02 -27.03
N GLN B 795 21.06 3.98 -25.84
CA GLN B 795 20.34 2.81 -25.38
C GLN B 795 19.00 2.72 -26.10
N THR B 796 18.73 1.59 -26.75
CA THR B 796 17.48 1.37 -27.48
C THR B 796 16.68 0.19 -26.94
N ASN B 797 17.23 -0.53 -25.97
CA ASN B 797 16.66 -1.71 -25.37
C ASN B 797 17.10 -1.85 -23.92
N SER B 798 16.47 -2.72 -23.16
CA SER B 798 16.82 -3.01 -21.79
C SER B 798 16.47 -4.45 -21.48
N PRO B 799 17.04 -5.08 -20.44
CA PRO B 799 16.70 -6.45 -20.09
C PRO B 799 15.18 -6.59 -19.87
N LYS B 800 14.55 -7.61 -20.45
CA LYS B 800 13.10 -7.82 -20.32
C LYS B 800 12.82 -8.55 -19.03
N VAL B 801 12.63 -7.82 -17.95
CA VAL B 801 12.36 -8.41 -16.65
C VAL B 801 10.93 -8.90 -16.58
N THR B 802 10.75 -10.15 -16.18
CA THR B 802 9.47 -10.79 -15.96
C THR B 802 9.44 -11.26 -14.53
N ILE B 803 8.33 -11.05 -13.84
CA ILE B 803 8.18 -11.45 -12.46
C ILE B 803 6.97 -12.34 -12.29
N ASP B 804 7.13 -13.55 -11.76
CA ASP B 804 5.99 -14.33 -11.31
C ASP B 804 5.56 -13.82 -9.94
N CYS B 805 4.56 -12.95 -9.92
CA CYS B 805 4.08 -12.36 -8.68
C CYS B 805 3.66 -13.42 -7.66
N SER B 806 3.08 -14.55 -8.08
CA SER B 806 2.68 -15.61 -7.16
C SER B 806 3.89 -16.27 -6.50
N LEU B 807 4.89 -16.67 -7.29
CA LEU B 807 6.12 -17.32 -6.82
C LEU B 807 7.01 -16.36 -6.02
N PHE B 808 7.08 -15.09 -6.40
CA PHE B 808 7.81 -14.09 -5.65
C PHE B 808 7.19 -13.89 -4.27
N VAL B 809 5.89 -13.62 -4.20
CA VAL B 809 5.23 -13.32 -2.91
C VAL B 809 5.17 -14.55 -2.01
N CYS B 810 4.87 -15.73 -2.55
CA CYS B 810 4.73 -16.99 -1.82
C CYS B 810 5.51 -18.11 -2.52
N SER B 811 6.60 -18.62 -1.96
CA SER B 811 7.49 -19.54 -2.69
C SER B 811 6.78 -20.81 -3.19
N ASN B 812 6.33 -21.66 -2.28
CA ASN B 812 5.45 -22.80 -2.57
C ASN B 812 4.54 -23.14 -1.39
N TYR B 813 4.34 -22.17 -0.50
CA TYR B 813 3.58 -22.32 0.73
C TYR B 813 2.09 -22.13 0.47
N ALA B 814 1.33 -23.21 0.52
CA ALA B 814 -0.11 -23.19 0.23
C ALA B 814 -0.87 -22.17 1.09
N ALA B 815 -0.53 -22.05 2.37
CA ALA B 815 -1.13 -21.07 3.27
C ALA B 815 -0.95 -19.63 2.79
N CYS B 816 0.19 -19.32 2.18
CA CYS B 816 0.43 -18.01 1.59
C CYS B 816 -0.33 -17.82 0.28
N HIS B 817 -0.36 -18.81 -0.61
CA HIS B 817 -1.14 -18.74 -1.84
C HIS B 817 -2.65 -18.58 -1.59
N ASP B 818 -3.18 -19.23 -0.54
CA ASP B 818 -4.57 -19.05 -0.12
C ASP B 818 -4.85 -17.59 0.22
N LEU B 819 -4.08 -16.96 1.09
CA LEU B 819 -4.23 -15.54 1.42
C LEU B 819 -4.01 -14.63 0.21
N LEU B 820 -3.01 -14.92 -0.62
CA LEU B 820 -2.73 -14.14 -1.81
C LEU B 820 -3.88 -14.20 -2.80
N SER B 821 -4.64 -15.29 -2.86
CA SER B 821 -5.82 -15.37 -3.73
C SER B 821 -6.93 -14.39 -3.33
N GLU B 822 -6.93 -13.84 -2.11
CA GLU B 822 -7.88 -12.79 -1.70
C GLU B 822 -7.48 -11.41 -2.28
N TYR B 823 -6.25 -11.30 -2.77
CA TYR B 823 -5.66 -10.19 -3.51
C TYR B 823 -5.59 -10.61 -4.99
N GLY B 824 -6.60 -11.32 -5.51
CA GLY B 824 -6.56 -11.94 -6.84
C GLY B 824 -6.19 -11.02 -7.99
N THR B 825 -6.77 -9.83 -8.06
CA THR B 825 -6.46 -8.87 -9.14
C THR B 825 -5.06 -8.26 -9.02
N PHE B 826 -4.40 -8.34 -7.87
CA PHE B 826 -3.08 -7.73 -7.67
C PHE B 826 -2.00 -8.36 -8.53
N CYS B 827 -1.82 -9.68 -8.44
CA CYS B 827 -0.81 -10.35 -9.25
C CYS B 827 -1.13 -10.34 -10.74
N ASP B 828 -2.40 -10.43 -11.12
CA ASP B 828 -2.79 -10.32 -12.52
C ASP B 828 -2.41 -8.96 -13.08
N ASN B 829 -2.62 -7.88 -12.32
CA ASN B 829 -2.25 -6.53 -12.75
C ASN B 829 -0.75 -6.37 -12.90
N ILE B 830 0.07 -6.87 -11.96
CA ILE B 830 1.54 -6.77 -12.08
C ILE B 830 2.02 -7.53 -13.30
N ASN B 831 1.51 -8.75 -13.52
CA ASN B 831 1.89 -9.54 -14.69
C ASN B 831 1.49 -8.80 -15.96
N SER B 832 0.29 -8.23 -16.00
CA SER B 832 -0.22 -7.50 -17.17
C SER B 832 0.59 -6.25 -17.48
N ILE B 833 0.98 -5.47 -16.47
CA ILE B 833 1.79 -4.27 -16.68
C ILE B 833 3.18 -4.64 -17.18
N LEU B 834 3.83 -5.67 -16.60
CA LEU B 834 5.14 -6.10 -17.07
C LEU B 834 5.03 -6.68 -18.48
N ASP B 835 3.97 -7.40 -18.82
CA ASP B 835 3.80 -7.93 -20.17
C ASP B 835 3.63 -6.78 -21.19
N GLU B 836 2.88 -5.74 -20.85
CA GLU B 836 2.71 -4.58 -21.73
C GLU B 836 4.04 -3.85 -21.91
N VAL B 837 4.80 -3.67 -20.84
CA VAL B 837 6.12 -3.02 -20.87
C VAL B 837 7.07 -3.82 -21.76
N ASN B 838 7.10 -5.14 -21.62
CA ASN B 838 7.94 -5.99 -22.44
C ASN B 838 7.48 -5.98 -23.90
N GLY B 839 6.18 -5.86 -24.16
CA GLY B 839 5.63 -5.76 -25.51
C GLY B 839 6.08 -4.44 -26.17
N LEU B 840 6.16 -3.36 -25.39
CA LEU B 840 6.65 -2.06 -25.83
C LEU B 840 8.14 -2.16 -26.20
N LEU B 841 8.94 -2.86 -25.40
CA LEU B 841 10.35 -3.09 -25.68
C LEU B 841 10.53 -3.89 -26.96
N ASP B 842 9.73 -4.94 -27.17
CA ASP B 842 9.78 -5.75 -28.38
C ASP B 842 9.38 -4.93 -29.61
N THR B 843 8.31 -4.15 -29.52
CA THR B 843 7.84 -3.29 -30.62
C THR B 843 8.91 -2.26 -30.97
N THR B 844 9.59 -1.71 -29.96
CA THR B 844 10.66 -0.74 -30.13
C THR B 844 11.86 -1.39 -30.81
N GLN B 845 12.24 -2.61 -30.43
CA GLN B 845 13.36 -3.30 -31.06
C GLN B 845 13.08 -3.57 -32.53
N LEU B 846 11.85 -3.96 -32.87
CA LEU B 846 11.43 -4.17 -34.25
C LEU B 846 11.51 -2.86 -35.04
N HIS B 847 11.09 -1.74 -34.46
CA HIS B 847 11.15 -0.43 -35.11
C HIS B 847 12.59 0.01 -35.35
N VAL B 848 13.51 -0.26 -34.41
CA VAL B 848 14.93 0.05 -34.57
C VAL B 848 15.53 -0.80 -35.68
N ALA B 849 15.23 -2.09 -35.71
CA ALA B 849 15.70 -3.00 -36.75
C ALA B 849 15.15 -2.59 -38.11
N ASP B 850 13.88 -2.21 -38.20
CA ASP B 850 13.26 -1.75 -39.45
C ASP B 850 13.95 -0.49 -39.93
N THR B 851 14.24 0.44 -39.03
CA THR B 851 14.93 1.68 -39.38
C THR B 851 16.32 1.39 -39.92
N LEU B 852 17.09 0.51 -39.27
CA LEU B 852 18.42 0.12 -39.74
C LEU B 852 18.35 -0.59 -41.09
N MET B 853 17.31 -1.38 -41.35
CA MET B 853 17.17 -2.16 -42.57
C MET B 853 16.41 -1.48 -43.71
N GLN B 854 15.79 -0.33 -43.47
CA GLN B 854 14.99 0.36 -44.47
C GLN B 854 15.82 0.90 -45.64
N GLY B 855 15.39 0.63 -46.86
CA GLY B 855 16.03 1.09 -48.09
C GLY B 855 17.38 0.46 -48.41
N VAL B 856 17.86 -0.50 -47.62
CA VAL B 856 19.16 -1.14 -47.85
C VAL B 856 19.06 -2.11 -49.02
N THR B 857 19.86 -1.84 -50.06
CA THR B 857 19.96 -2.67 -51.26
C THR B 857 21.40 -3.13 -51.37
N LEU B 858 21.64 -4.44 -51.49
CA LEU B 858 22.98 -5.02 -51.56
C LEU B 858 23.18 -5.85 -52.83
N SER B 859 24.41 -5.88 -53.32
CA SER B 859 24.75 -6.71 -54.48
C SER B 859 24.91 -8.16 -54.02
N SER B 860 24.43 -9.11 -54.81
CA SER B 860 24.56 -10.54 -54.54
C SER B 860 26.02 -10.97 -54.60
N ASN B 861 26.84 -10.25 -55.38
CA ASN B 861 28.26 -10.50 -55.58
C ASN B 861 29.12 -10.02 -54.40
N LEU B 862 28.55 -9.32 -53.43
CA LEU B 862 29.25 -8.79 -52.27
C LEU B 862 29.67 -9.91 -51.31
N ASN B 863 30.98 -10.13 -51.19
CA ASN B 863 31.56 -11.12 -50.30
C ASN B 863 32.56 -10.40 -49.39
N THR B 864 32.23 -10.27 -48.11
CA THR B 864 33.05 -9.50 -47.15
C THR B 864 34.42 -10.10 -46.86
N ASN B 865 34.63 -11.38 -47.19
CA ASN B 865 35.94 -12.00 -47.01
C ASN B 865 36.99 -11.40 -47.98
N LEU B 866 36.55 -10.82 -49.11
CA LEU B 866 37.42 -10.19 -50.11
C LEU B 866 37.14 -8.68 -50.29
N HIS B 867 35.93 -8.23 -49.99
CA HIS B 867 35.48 -6.85 -50.14
C HIS B 867 35.32 -6.14 -48.79
N PHE B 868 36.37 -5.46 -48.35
CA PHE B 868 36.39 -4.76 -47.06
C PHE B 868 36.97 -3.34 -47.10
N ASP B 869 37.66 -2.94 -48.16
CA ASP B 869 38.22 -1.60 -48.28
C ASP B 869 38.10 -1.03 -49.69
N VAL B 870 37.71 0.24 -49.79
CA VAL B 870 37.55 0.96 -51.06
C VAL B 870 38.06 2.39 -50.92
N ASP B 871 38.69 2.90 -51.96
CA ASP B 871 39.22 4.26 -52.01
C ASP B 871 40.15 4.59 -50.83
N ASN B 872 41.00 3.63 -50.46
CA ASN B 872 41.94 3.69 -49.35
C ASN B 872 41.32 3.74 -47.95
N ILE B 873 40.01 3.52 -47.79
CA ILE B 873 39.34 3.52 -46.48
C ILE B 873 38.98 2.08 -46.15
N ASN B 874 39.52 1.60 -45.04
CA ASN B 874 39.32 0.24 -44.54
C ASN B 874 38.12 0.13 -43.61
N PHE B 875 37.21 -0.81 -43.88
CA PHE B 875 36.04 -1.07 -43.04
C PHE B 875 35.97 -2.53 -42.60
N LYS B 876 37.08 -3.28 -42.63
CA LYS B 876 37.09 -4.69 -42.25
C LYS B 876 36.56 -4.86 -40.83
N SER B 877 36.90 -3.97 -39.92
CA SER B 877 36.43 -4.06 -38.55
C SER B 877 34.96 -3.72 -38.35
N LEU B 878 34.31 -3.00 -39.28
CA LEU B 878 32.90 -2.62 -39.17
C LEU B 878 31.94 -3.59 -39.86
N VAL B 879 32.46 -4.64 -40.48
CA VAL B 879 31.66 -5.59 -41.25
C VAL B 879 31.95 -7.04 -40.86
N GLY B 880 30.88 -7.85 -40.73
CA GLY B 880 30.97 -9.29 -40.45
C GLY B 880 30.69 -10.09 -41.73
N CYS B 881 30.23 -11.33 -41.63
CA CYS B 881 29.87 -12.13 -42.81
C CYS B 881 28.43 -11.79 -43.22
N LEU B 882 28.03 -12.00 -44.48
CA LEU B 882 26.68 -11.66 -44.95
C LEU B 882 25.86 -12.86 -45.50
N GLY B 883 24.61 -12.95 -45.05
CA GLY B 883 23.65 -13.95 -45.53
C GLY B 883 23.98 -15.44 -45.28
N PRO B 884 23.90 -16.30 -46.32
CA PRO B 884 24.09 -17.75 -46.21
C PRO B 884 25.52 -18.25 -45.97
N HIS B 885 26.56 -17.42 -46.15
CA HIS B 885 27.95 -17.86 -45.96
C HIS B 885 28.26 -18.26 -44.51
N CYS B 886 27.55 -17.69 -43.53
CA CYS B 886 27.73 -18.00 -42.11
C CYS B 886 26.44 -18.13 -41.29
N GLY B 887 25.30 -17.55 -41.72
CA GLY B 887 24.07 -17.58 -40.94
C GLY B 887 24.26 -16.70 -39.70
N SER B 888 24.41 -17.30 -38.52
CA SER B 888 24.68 -16.60 -37.27
C SER B 888 26.14 -16.09 -37.22
N SER B 889 26.57 -15.50 -36.11
CA SER B 889 27.92 -14.97 -35.89
C SER B 889 28.36 -13.89 -36.89
N SER B 890 27.42 -13.13 -37.46
CA SER B 890 27.67 -12.02 -38.39
C SER B 890 28.16 -10.73 -37.69
N ARG B 891 28.50 -10.82 -36.39
CA ARG B 891 29.02 -9.71 -35.62
C ARG B 891 30.37 -9.26 -36.17
N SER B 892 30.60 -7.96 -36.32
CA SER B 892 31.87 -7.44 -36.84
C SER B 892 32.97 -7.42 -35.78
N PHE B 893 34.24 -7.18 -36.14
CA PHE B 893 35.33 -7.13 -35.16
C PHE B 893 35.09 -6.01 -34.15
N PHE B 894 34.58 -4.86 -34.60
CA PHE B 894 34.27 -3.73 -33.76
C PHE B 894 33.17 -4.09 -32.77
N GLU B 895 32.09 -4.74 -33.23
CA GLU B 895 31.02 -5.16 -32.33
C GLU B 895 31.54 -6.27 -31.41
N ASP B 896 32.41 -7.18 -31.85
CA ASP B 896 32.99 -8.23 -30.99
C ASP B 896 33.76 -7.56 -29.85
N LEU B 897 34.57 -6.56 -30.17
CA LEU B 897 35.35 -5.80 -29.19
C LEU B 897 34.45 -5.11 -28.17
N LEU B 898 33.24 -4.72 -28.58
CA LEU B 898 32.25 -4.05 -27.73
C LEU B 898 31.38 -5.02 -26.90
N PHE B 899 31.12 -6.23 -27.41
CA PHE B 899 30.29 -7.23 -26.73
C PHE B 899 31.09 -8.08 -25.74
N ASP B 900 32.39 -8.29 -25.95
CA ASP B 900 33.23 -9.07 -25.04
C ASP B 900 33.53 -8.38 -23.70
N LYS B 901 33.20 -7.09 -23.57
CA LYS B 901 33.41 -6.27 -22.37
C LYS B 901 32.15 -6.14 -21.49
N VAL B 902 31.07 -6.80 -21.88
CA VAL B 902 29.80 -6.83 -21.14
C VAL B 902 29.36 -8.28 -21.00
N LYS B 903 29.43 -8.83 -19.78
CA LYS B 903 29.05 -10.24 -19.56
C LYS B 903 27.56 -10.47 -19.75
N LEU B 904 26.70 -9.65 -19.14
CA LEU B 904 25.25 -9.85 -19.17
C LEU B 904 24.52 -9.28 -20.40
N SER B 905 24.92 -9.72 -21.59
CA SER B 905 24.20 -9.43 -22.82
C SER B 905 23.01 -10.40 -22.89
N ASP B 906 22.25 -10.42 -23.98
CA ASP B 906 21.16 -11.38 -24.16
C ASP B 906 21.70 -12.82 -24.07
N VAL B 907 22.81 -13.12 -24.75
CA VAL B 907 23.47 -14.43 -24.70
C VAL B 907 24.04 -14.71 -23.32
N GLY B 908 24.50 -13.67 -22.62
CA GLY B 908 25.04 -13.77 -21.27
C GLY B 908 23.97 -14.21 -20.29
N PHE B 909 22.79 -13.61 -20.38
CA PHE B 909 21.66 -14.00 -19.54
C PHE B 909 21.24 -15.43 -19.86
N VAL B 910 21.16 -15.81 -21.14
CA VAL B 910 20.79 -17.18 -21.53
C VAL B 910 21.80 -18.17 -20.97
N GLU B 911 23.10 -17.93 -21.11
CA GLU B 911 24.13 -18.81 -20.56
C GLU B 911 24.11 -18.85 -19.03
N ALA B 912 23.91 -17.72 -18.36
CA ALA B 912 23.84 -17.69 -16.91
C ALA B 912 22.64 -18.49 -16.39
N TYR B 913 21.47 -18.36 -17.02
CA TYR B 913 20.31 -19.14 -16.61
C TYR B 913 20.45 -20.61 -16.99
N ASN B 914 21.16 -20.95 -18.07
CA ASN B 914 21.39 -22.34 -18.46
C ASN B 914 22.20 -23.06 -17.38
N ASN B 915 23.08 -22.36 -16.69
CA ASN B 915 23.93 -22.91 -15.63
C ASN B 915 23.22 -23.04 -14.27
N CYS B 916 21.95 -22.66 -14.12
CA CYS B 916 21.26 -22.79 -12.83
C CYS B 916 20.96 -24.23 -12.43
N THR B 917 20.95 -25.16 -13.38
CA THR B 917 20.72 -26.60 -13.17
C THR B 917 21.92 -27.44 -13.60
N GLY B 918 23.11 -26.83 -13.65
CA GLY B 918 24.36 -27.52 -14.03
C GLY B 918 24.98 -28.36 -12.90
N GLY B 919 24.45 -28.27 -11.68
CA GLY B 919 24.95 -29.01 -10.51
C GLY B 919 26.21 -28.42 -9.87
N SER B 920 26.66 -27.25 -10.32
CA SER B 920 27.87 -26.58 -9.81
C SER B 920 27.69 -26.03 -8.39
N GLU B 921 28.79 -25.92 -7.66
CA GLU B 921 28.81 -25.37 -6.29
C GLU B 921 28.67 -23.83 -6.27
N ILE B 922 28.75 -23.19 -7.45
CA ILE B 922 28.63 -21.75 -7.63
C ILE B 922 27.17 -21.31 -7.38
N ARG B 923 26.99 -20.19 -6.67
CA ARG B 923 25.68 -19.62 -6.34
C ARG B 923 25.52 -18.26 -7.00
N ASP B 924 25.10 -18.27 -8.26
CA ASP B 924 24.87 -17.03 -9.00
C ASP B 924 23.60 -16.35 -8.49
N LEU B 925 23.64 -15.02 -8.31
CA LEU B 925 22.48 -14.25 -7.89
C LEU B 925 21.37 -14.36 -8.94
N LEU B 926 21.70 -14.53 -10.22
CA LEU B 926 20.69 -14.69 -11.25
C LEU B 926 19.88 -15.97 -11.01
N CYS B 927 20.53 -17.05 -10.57
CA CYS B 927 19.82 -18.29 -10.28
C CYS B 927 18.93 -18.13 -9.06
N VAL B 928 19.40 -17.45 -8.02
CA VAL B 928 18.59 -17.18 -6.84
C VAL B 928 17.40 -16.32 -7.21
N GLN B 929 17.57 -15.30 -8.06
CA GLN B 929 16.47 -14.47 -8.52
C GLN B 929 15.47 -15.26 -9.34
N SER B 930 15.94 -16.13 -10.25
CA SER B 930 15.04 -16.93 -11.08
C SER B 930 14.20 -17.90 -10.27
N PHE B 931 14.78 -18.53 -9.24
CA PHE B 931 14.05 -19.45 -8.37
C PHE B 931 13.00 -18.72 -7.52
N ASN B 932 13.21 -17.43 -7.27
CA ASN B 932 12.26 -16.56 -6.59
C ASN B 932 11.32 -15.81 -7.55
N GLY B 933 11.25 -16.24 -8.82
CA GLY B 933 10.29 -15.70 -9.78
C GLY B 933 10.75 -14.48 -10.55
N ILE B 934 11.96 -13.98 -10.36
CA ILE B 934 12.48 -12.80 -11.04
C ILE B 934 13.41 -13.26 -12.15
N LYS B 935 13.02 -13.12 -13.42
CA LYS B 935 13.84 -13.58 -14.55
C LYS B 935 13.85 -12.63 -15.72
N VAL B 936 14.97 -12.59 -16.43
CA VAL B 936 15.14 -11.73 -17.62
C VAL B 936 14.98 -12.60 -18.86
N LEU B 937 14.02 -12.28 -19.71
CA LEU B 937 13.81 -13.02 -20.95
C LEU B 937 14.64 -12.43 -22.08
N PRO B 938 15.05 -13.22 -23.07
CA PRO B 938 15.80 -12.70 -24.20
C PRO B 938 14.91 -11.81 -25.08
N PRO B 939 15.48 -10.83 -25.80
CA PRO B 939 14.72 -9.97 -26.69
C PRO B 939 14.18 -10.76 -27.88
N ILE B 940 13.14 -10.31 -28.57
CA ILE B 940 12.59 -11.06 -29.70
C ILE B 940 13.58 -11.25 -30.83
N LEU B 941 14.46 -10.28 -31.06
CA LEU B 941 15.52 -10.37 -32.05
C LEU B 941 16.83 -10.49 -31.28
N SER B 942 17.65 -11.48 -31.59
CA SER B 942 18.94 -11.64 -30.89
C SER B 942 19.90 -10.52 -31.26
N GLU B 943 20.89 -10.24 -30.42
CA GLU B 943 21.87 -9.21 -30.76
C GLU B 943 22.66 -9.61 -32.00
N SER B 944 22.76 -10.91 -32.32
CA SER B 944 23.42 -11.38 -33.54
C SER B 944 22.64 -10.90 -34.76
N GLN B 945 21.30 -10.91 -34.73
CA GLN B 945 20.48 -10.42 -35.83
C GLN B 945 20.64 -8.91 -35.99
N ILE B 946 20.65 -8.15 -34.89
CA ILE B 946 20.82 -6.70 -34.96
C ILE B 946 22.22 -6.40 -35.51
N SER B 947 23.23 -7.18 -35.16
CA SER B 947 24.58 -7.04 -35.70
C SER B 947 24.56 -7.29 -37.21
N GLY B 948 23.77 -8.26 -37.67
CA GLY B 948 23.61 -8.50 -39.10
C GLY B 948 22.98 -7.30 -39.79
N TYR B 949 21.99 -6.67 -39.16
CA TYR B 949 21.34 -5.47 -39.68
C TYR B 949 22.31 -4.28 -39.70
N THR B 950 23.11 -4.04 -38.67
CA THR B 950 24.09 -2.94 -38.65
C THR B 950 25.20 -3.20 -39.67
N THR B 951 25.68 -4.42 -39.85
CA THR B 951 26.68 -4.71 -40.87
C THR B 951 26.08 -4.50 -42.26
N ALA B 952 24.82 -4.89 -42.50
CA ALA B 952 24.15 -4.68 -43.78
C ALA B 952 24.03 -3.18 -44.05
N ALA B 953 23.62 -2.39 -43.06
CA ALA B 953 23.51 -0.95 -43.19
C ALA B 953 24.88 -0.29 -43.44
N THR B 954 25.95 -0.87 -42.89
CA THR B 954 27.31 -0.37 -43.08
C THR B 954 27.79 -0.66 -44.50
N VAL B 955 27.65 -1.88 -45.02
CA VAL B 955 28.10 -2.20 -46.38
C VAL B 955 27.24 -1.53 -47.45
N ALA B 956 26.02 -1.14 -47.13
CA ALA B 956 25.12 -0.45 -48.03
C ALA B 956 25.64 0.93 -48.45
N ALA B 957 26.60 1.49 -47.72
CA ALA B 957 27.25 2.75 -48.02
C ALA B 957 28.61 2.59 -48.71
N MET B 958 29.08 1.36 -48.94
CA MET B 958 30.43 1.11 -49.44
C MET B 958 30.54 0.66 -50.89
N PHE B 959 29.55 -0.06 -51.40
CA PHE B 959 29.56 -0.59 -52.76
C PHE B 959 28.27 -0.24 -53.49
N PRO B 960 28.22 -0.29 -54.83
CA PRO B 960 27.01 0.00 -55.57
C PRO B 960 25.83 -0.87 -55.06
N PRO B 961 24.60 -0.35 -55.02
CA PRO B 961 24.19 1.00 -55.43
C PRO B 961 24.37 2.11 -54.38
N TRP B 962 25.16 1.91 -53.32
CA TRP B 962 25.37 2.89 -52.25
C TRP B 962 24.06 3.42 -51.68
N SER B 963 23.13 2.51 -51.38
CA SER B 963 21.79 2.84 -50.90
C SER B 963 21.74 3.56 -49.54
N ALA B 964 22.85 3.58 -48.80
CA ALA B 964 22.97 4.29 -47.52
C ALA B 964 24.04 5.39 -47.56
N ALA B 965 24.45 5.84 -48.75
CA ALA B 965 25.46 6.88 -48.93
C ALA B 965 25.08 7.85 -50.08
N ALA B 966 23.80 8.19 -50.19
CA ALA B 966 23.30 9.11 -51.21
C ALA B 966 23.55 8.66 -52.66
N GLY B 967 23.70 7.36 -52.90
CA GLY B 967 23.91 6.80 -54.23
C GLY B 967 25.26 7.11 -54.87
N ILE B 968 26.29 7.46 -54.11
CA ILE B 968 27.64 7.76 -54.63
C ILE B 968 28.71 7.08 -53.78
N PRO B 969 29.94 6.87 -54.29
CA PRO B 969 31.01 6.25 -53.54
C PRO B 969 31.23 6.89 -52.18
N PHE B 970 31.63 6.10 -51.19
CA PHE B 970 31.83 6.59 -49.83
C PHE B 970 32.86 7.72 -49.75
N SER B 971 34.00 7.59 -50.44
CA SER B 971 35.02 8.62 -50.42
C SER B 971 34.50 9.92 -51.04
N LEU B 972 33.73 9.85 -52.13
CA LEU B 972 33.14 11.02 -52.74
C LEU B 972 32.13 11.65 -51.81
N ASN B 973 31.33 10.86 -51.10
CA ASN B 973 30.38 11.38 -50.13
C ASN B 973 31.13 12.11 -49.01
N VAL B 974 32.23 11.55 -48.51
CA VAL B 974 33.06 12.20 -47.49
C VAL B 974 33.64 13.49 -48.04
N GLN B 975 34.14 13.50 -49.26
CA GLN B 975 34.70 14.69 -49.87
C GLN B 975 33.63 15.77 -50.05
N TYR B 976 32.44 15.44 -50.53
CA TYR B 976 31.38 16.43 -50.72
C TYR B 976 30.91 16.95 -49.37
N ARG B 977 30.86 16.11 -48.33
CA ARG B 977 30.50 16.53 -46.99
C ARG B 977 31.53 17.49 -46.42
N ILE B 978 32.82 17.25 -46.61
CA ILE B 978 33.86 18.16 -46.14
C ILE B 978 33.80 19.46 -46.96
N ASN B 979 33.56 19.40 -48.27
CA ASN B 979 33.44 20.59 -49.09
C ASN B 979 32.27 21.48 -48.63
N GLY B 980 31.16 20.88 -48.22
CA GLY B 980 29.98 21.61 -47.74
C GLY B 980 30.26 22.45 -46.50
N LEU B 981 31.33 22.18 -45.76
CA LEU B 981 31.73 22.93 -44.57
C LEU B 981 32.50 24.21 -44.93
N GLY B 982 32.83 24.42 -46.19
CA GLY B 982 33.59 25.58 -46.63
C GLY B 982 35.06 25.25 -46.89
N VAL B 983 35.32 24.07 -47.45
CA VAL B 983 36.66 23.60 -47.79
C VAL B 983 36.72 23.45 -49.29
N THR B 984 37.71 24.02 -49.97
CA THR B 984 37.79 23.94 -51.43
C THR B 984 37.93 22.49 -51.91
N MET B 985 37.36 22.14 -53.06
CA MET B 985 37.48 20.78 -53.58
C MET B 985 38.90 20.47 -54.02
N ASP B 986 39.70 21.47 -54.36
CA ASP B 986 41.06 21.28 -54.83
C ASP B 986 41.94 20.59 -53.79
N VAL B 987 41.92 21.07 -52.54
CA VAL B 987 42.74 20.43 -51.50
C VAL B 987 42.18 19.07 -51.13
N LEU B 988 40.86 18.87 -51.25
CA LEU B 988 40.23 17.60 -50.92
C LEU B 988 40.61 16.52 -51.91
N ASN B 989 40.54 16.78 -53.21
CA ASN B 989 40.91 15.75 -54.17
C ASN B 989 42.43 15.63 -54.33
N LYS B 990 43.21 16.63 -53.92
CA LYS B 990 44.67 16.55 -53.90
C LYS B 990 45.14 15.70 -52.71
N ASN B 991 44.49 15.87 -51.56
CA ASN B 991 44.82 15.16 -50.32
C ASN B 991 43.85 14.00 -50.04
N GLN B 992 43.31 13.33 -51.06
CA GLN B 992 42.36 12.24 -50.85
C GLN B 992 42.94 11.11 -50.01
N LYS B 993 44.19 10.68 -50.27
CA LYS B 993 44.81 9.60 -49.50
C LYS B 993 45.05 10.03 -48.06
N LEU B 994 45.45 11.28 -47.82
CA LEU B 994 45.64 11.79 -46.45
C LEU B 994 44.30 11.79 -45.72
N ILE B 995 43.20 12.20 -46.38
CA ILE B 995 41.86 12.20 -45.79
C ILE B 995 41.43 10.77 -45.47
N ALA B 996 41.67 9.82 -46.36
CA ALA B 996 41.34 8.43 -46.12
C ALA B 996 42.12 7.89 -44.92
N THR B 997 43.41 8.18 -44.81
CA THR B 997 44.21 7.76 -43.66
C THR B 997 43.72 8.43 -42.39
N ALA B 998 43.34 9.71 -42.42
CA ALA B 998 42.80 10.38 -41.25
C ALA B 998 41.50 9.71 -40.82
N PHE B 999 40.65 9.33 -41.77
CA PHE B 999 39.39 8.65 -41.49
C PHE B 999 39.64 7.28 -40.86
N ASN B 1000 40.50 6.44 -41.43
CA ASN B 1000 40.73 5.12 -40.85
C ASN B 1000 41.50 5.23 -39.52
N ASN B 1001 42.32 6.25 -39.31
CA ASN B 1001 42.99 6.48 -38.05
C ASN B 1001 41.95 6.93 -36.99
N ALA B 1002 40.94 7.71 -37.36
CA ALA B 1002 39.88 8.11 -36.44
C ALA B 1002 39.07 6.88 -36.01
N LEU B 1003 38.77 5.98 -36.95
CA LEU B 1003 38.07 4.73 -36.69
C LEU B 1003 38.92 3.87 -35.74
N LEU B 1004 40.23 3.75 -35.97
CA LEU B 1004 41.10 3.00 -35.08
C LEU B 1004 41.16 3.66 -33.69
N SER B 1005 41.13 4.99 -33.61
CA SER B 1005 41.14 5.69 -32.32
C SER B 1005 39.88 5.37 -31.51
N ILE B 1006 38.71 5.26 -32.18
CA ILE B 1006 37.47 4.89 -31.52
C ILE B 1006 37.60 3.47 -30.96
N GLN B 1007 38.11 2.54 -31.78
CA GLN B 1007 38.29 1.14 -31.37
C GLN B 1007 39.25 1.01 -30.20
N ASN B 1008 40.37 1.73 -30.22
CA ASN B 1008 41.34 1.68 -29.15
C ASN B 1008 40.82 2.35 -27.88
N GLY B 1009 39.87 3.26 -27.99
CA GLY B 1009 39.25 3.96 -26.87
C GLY B 1009 38.47 3.04 -25.95
N PHE B 1010 38.09 1.83 -26.38
CA PHE B 1010 37.38 0.86 -25.53
C PHE B 1010 38.33 0.11 -24.60
N SER B 1011 39.65 0.19 -24.84
CA SER B 1011 40.68 -0.43 -23.97
C SER B 1011 41.04 0.49 -22.78
N ALA B 1012 40.32 1.60 -22.64
CA ALA B 1012 40.46 2.65 -21.63
C ALA B 1012 39.08 3.00 -21.08
N PRO B 1013 38.96 3.66 -19.92
CA PRO B 1013 37.68 4.02 -19.32
C PRO B 1013 36.96 5.16 -20.08
N ASN B 1014 36.36 4.87 -21.23
CA ASN B 1014 35.61 5.83 -22.02
C ASN B 1014 34.14 5.90 -21.57
N SER B 1015 33.46 7.01 -21.85
CA SER B 1015 32.07 7.20 -21.43
C SER B 1015 31.08 6.30 -22.15
N ALA B 1016 31.35 5.86 -23.38
CA ALA B 1016 30.45 4.95 -24.09
C ALA B 1016 30.41 3.57 -23.44
N LEU B 1017 31.54 2.91 -23.20
CA LEU B 1017 31.53 1.61 -22.53
C LEU B 1017 31.03 1.74 -21.11
N ALA B 1018 31.33 2.84 -20.43
CA ALA B 1018 30.82 3.09 -19.09
C ALA B 1018 29.29 3.15 -19.10
N LYS B 1019 28.68 3.83 -20.08
CA LYS B 1019 27.22 3.90 -20.19
C LYS B 1019 26.61 2.55 -20.54
N ILE B 1020 27.24 1.77 -21.41
CA ILE B 1020 26.74 0.42 -21.75
C ILE B 1020 26.77 -0.45 -20.48
N GLN B 1021 27.85 -0.44 -19.72
CA GLN B 1021 27.94 -1.22 -18.48
C GLN B 1021 26.98 -0.68 -17.42
N SER B 1022 26.67 0.63 -17.43
CA SER B 1022 25.72 1.22 -16.48
C SER B 1022 24.30 0.68 -16.70
N VAL B 1023 23.94 0.34 -17.94
CA VAL B 1023 22.63 -0.26 -18.23
C VAL B 1023 22.52 -1.60 -17.52
N VAL B 1024 23.53 -2.45 -17.67
CA VAL B 1024 23.56 -3.76 -17.00
C VAL B 1024 23.64 -3.63 -15.49
N ASN B 1025 24.48 -2.73 -14.97
CA ASN B 1025 24.61 -2.53 -13.54
C ASN B 1025 23.32 -2.01 -12.91
N SER B 1026 22.63 -1.07 -13.55
CA SER B 1026 21.37 -0.54 -13.03
C SER B 1026 20.30 -1.62 -12.99
N ASN B 1027 20.21 -2.46 -14.02
CA ASN B 1027 19.27 -3.57 -14.03
C ASN B 1027 19.60 -4.58 -12.93
N ALA B 1028 20.86 -4.96 -12.79
CA ALA B 1028 21.30 -5.90 -11.76
C ALA B 1028 21.00 -5.37 -10.37
N GLN B 1029 21.21 -4.07 -10.12
CA GLN B 1029 20.92 -3.44 -8.84
C GLN B 1029 19.41 -3.45 -8.57
N ALA B 1030 18.57 -3.15 -9.56
CA ALA B 1030 17.13 -3.18 -9.38
C ALA B 1030 16.65 -4.61 -9.06
N LEU B 1031 17.15 -5.61 -9.77
CA LEU B 1031 16.82 -7.02 -9.52
C LEU B 1031 17.30 -7.49 -8.17
N ASN B 1032 18.53 -7.14 -7.77
CA ASN B 1032 19.06 -7.52 -6.47
C ASN B 1032 18.27 -6.82 -5.36
N SER B 1033 18.03 -5.53 -5.45
CA SER B 1033 17.29 -4.82 -4.40
C SER B 1033 15.82 -5.26 -4.34
N LEU B 1034 15.24 -5.75 -5.43
CA LEU B 1034 13.95 -6.43 -5.41
C LEU B 1034 14.01 -7.79 -4.71
N LEU B 1035 15.03 -8.60 -4.95
CA LEU B 1035 15.21 -9.87 -4.24
C LEU B 1035 15.39 -9.60 -2.74
N GLN B 1036 16.08 -8.53 -2.34
CA GLN B 1036 16.23 -8.19 -0.92
C GLN B 1036 14.90 -7.99 -0.19
N GLN B 1037 13.83 -7.63 -0.90
CA GLN B 1037 12.52 -7.46 -0.29
C GLN B 1037 12.01 -8.77 0.32
N LEU B 1038 12.46 -9.92 -0.16
CA LEU B 1038 12.06 -11.21 0.38
C LEU B 1038 12.68 -11.51 1.75
N PHE B 1039 13.65 -10.72 2.20
CA PHE B 1039 14.30 -10.89 3.49
C PHE B 1039 13.92 -9.81 4.50
N ASN B 1040 13.12 -8.83 4.11
CA ASN B 1040 12.54 -7.84 5.01
C ASN B 1040 11.39 -8.47 5.78
N LYS B 1041 11.23 -8.12 7.06
CA LYS B 1041 10.16 -8.68 7.89
C LYS B 1041 8.86 -7.90 7.77
N PHE B 1042 8.88 -6.63 7.39
CA PHE B 1042 7.69 -5.77 7.33
C PHE B 1042 6.86 -5.80 8.63
N GLY B 1043 7.54 -5.84 9.78
CA GLY B 1043 6.91 -5.94 11.10
C GLY B 1043 6.33 -7.31 11.46
N ALA B 1044 6.52 -8.35 10.65
CA ALA B 1044 6.19 -9.72 11.02
C ALA B 1044 7.28 -10.32 11.93
N ILE B 1045 7.00 -11.43 12.60
CA ILE B 1045 7.97 -12.07 13.50
C ILE B 1045 9.22 -12.61 12.77
N SER B 1046 9.11 -12.86 11.47
CA SER B 1046 10.21 -13.34 10.60
C SER B 1046 9.89 -13.05 9.13
N SER B 1047 10.89 -13.03 8.28
CA SER B 1047 10.74 -12.84 6.82
C SER B 1047 10.62 -14.18 6.10
N SER B 1048 10.83 -15.29 6.80
CA SER B 1048 10.76 -16.62 6.22
C SER B 1048 9.41 -17.27 6.46
N LEU B 1049 8.66 -17.60 5.42
CA LEU B 1049 7.38 -18.30 5.56
C LEU B 1049 7.54 -19.67 6.20
N GLN B 1050 8.67 -20.33 6.01
CA GLN B 1050 9.00 -21.56 6.73
C GLN B 1050 9.01 -21.34 8.25
N GLU B 1051 9.63 -20.27 8.74
CA GLU B 1051 9.65 -19.97 10.17
C GLU B 1051 8.26 -19.62 10.67
N ILE B 1052 7.46 -18.86 9.93
CA ILE B 1052 6.10 -18.53 10.36
C ILE B 1052 5.26 -19.79 10.49
N LEU B 1053 5.28 -20.66 9.49
CA LEU B 1053 4.46 -21.86 9.46
C LEU B 1053 4.97 -22.97 10.38
N SER B 1054 6.21 -22.89 10.88
CA SER B 1054 6.74 -23.85 11.86
C SER B 1054 6.63 -23.33 13.29
N ARG B 1055 6.08 -22.12 13.49
CA ARG B 1055 5.90 -21.48 14.79
C ARG B 1055 4.45 -21.22 15.17
N LEU B 1056 3.59 -20.86 14.22
CA LEU B 1056 2.21 -20.44 14.46
C LEU B 1056 1.15 -21.28 13.77
N ASP B 1057 -0.01 -21.39 14.40
CA ASP B 1057 -1.21 -22.05 13.87
C ASP B 1057 -1.95 -21.12 12.89
N PRO B 1058 -2.90 -21.61 12.09
CA PRO B 1058 -3.57 -20.80 11.08
C PRO B 1058 -4.11 -19.42 11.49
N PRO B 1059 -4.83 -19.19 12.59
CA PRO B 1059 -5.33 -17.84 12.90
C PRO B 1059 -4.24 -16.79 13.13
N GLU B 1060 -3.08 -17.13 13.68
CA GLU B 1060 -2.00 -16.16 13.89
C GLU B 1060 -0.98 -16.22 12.77
N ALA B 1061 -0.74 -17.37 12.16
CA ALA B 1061 0.09 -17.46 10.98
C ALA B 1061 -0.50 -16.58 9.88
N GLN B 1062 -1.83 -16.56 9.71
CA GLN B 1062 -2.45 -15.69 8.70
C GLN B 1062 -2.07 -14.23 8.93
N VAL B 1063 -2.01 -13.75 10.18
CA VAL B 1063 -1.70 -12.34 10.47
C VAL B 1063 -0.26 -12.00 10.06
N GLN B 1064 0.69 -12.86 10.41
CA GLN B 1064 2.09 -12.67 10.05
C GLN B 1064 2.30 -12.75 8.54
N ILE B 1065 1.68 -13.72 7.88
CA ILE B 1065 1.78 -13.88 6.44
C ILE B 1065 1.12 -12.69 5.73
N ASP B 1066 0.05 -12.10 6.26
CA ASP B 1066 -0.59 -10.93 5.66
C ASP B 1066 0.38 -9.75 5.68
N ARG B 1067 1.15 -9.56 6.76
CA ARG B 1067 2.17 -8.51 6.83
C ARG B 1067 3.22 -8.70 5.73
N LEU B 1068 3.71 -9.92 5.52
CA LEU B 1068 4.66 -10.24 4.45
C LEU B 1068 4.05 -10.05 3.07
N ILE B 1069 2.83 -10.50 2.82
CA ILE B 1069 2.15 -10.30 1.54
C ILE B 1069 2.01 -8.81 1.26
N ASN B 1070 1.57 -7.99 2.21
CA ASN B 1070 1.41 -6.56 1.96
C ASN B 1070 2.76 -5.90 1.67
N GLY B 1071 3.82 -6.25 2.40
CA GLY B 1071 5.16 -5.71 2.14
C GLY B 1071 5.68 -6.12 0.77
N ARG B 1072 5.60 -7.40 0.43
CA ARG B 1072 6.09 -7.92 -0.85
C ARG B 1072 5.29 -7.37 -2.02
N LEU B 1073 3.97 -7.26 -1.93
CA LEU B 1073 3.14 -6.64 -2.95
C LEU B 1073 3.41 -5.14 -3.10
N THR B 1074 3.58 -4.41 -1.99
CA THR B 1074 3.94 -3.00 -2.05
C THR B 1074 5.26 -2.80 -2.78
N ALA B 1075 6.26 -3.64 -2.50
CA ALA B 1075 7.55 -3.57 -3.16
C ALA B 1075 7.49 -3.91 -4.64
N LEU B 1076 6.61 -4.84 -5.01
CA LEU B 1076 6.35 -5.20 -6.39
C LEU B 1076 5.68 -4.06 -7.16
N ASN B 1077 4.76 -3.31 -6.54
CA ASN B 1077 4.16 -2.13 -7.15
C ASN B 1077 5.23 -1.04 -7.35
N ALA B 1078 6.10 -0.83 -6.37
CA ALA B 1078 7.18 0.15 -6.48
C ALA B 1078 8.13 -0.21 -7.62
N TYR B 1079 8.51 -1.49 -7.74
CA TYR B 1079 9.37 -1.94 -8.83
C TYR B 1079 8.69 -1.77 -10.19
N VAL B 1080 7.39 -2.08 -10.30
CA VAL B 1080 6.63 -1.91 -11.54
C VAL B 1080 6.56 -0.44 -11.96
N SER B 1081 6.32 0.47 -11.01
CA SER B 1081 6.29 1.90 -11.31
C SER B 1081 7.65 2.39 -11.79
N GLN B 1082 8.73 1.95 -11.15
CA GLN B 1082 10.09 2.30 -11.57
C GLN B 1082 10.39 1.74 -12.97
N GLN B 1083 9.97 0.51 -13.26
CA GLN B 1083 10.18 -0.12 -14.56
C GLN B 1083 9.43 0.63 -15.66
N LEU B 1084 8.21 1.09 -15.42
CA LEU B 1084 7.44 1.88 -16.39
C LEU B 1084 8.19 3.16 -16.74
N SER B 1085 8.71 3.88 -15.73
CA SER B 1085 9.47 5.09 -15.96
C SER B 1085 10.73 4.80 -16.77
N ASP B 1086 11.49 3.77 -16.40
CA ASP B 1086 12.71 3.42 -17.12
C ASP B 1086 12.44 3.03 -18.56
N ILE B 1087 11.36 2.30 -18.85
CA ILE B 1087 11.06 1.92 -20.23
C ILE B 1087 10.61 3.13 -21.05
N SER B 1088 9.95 4.12 -20.44
CA SER B 1088 9.62 5.35 -21.16
C SER B 1088 10.91 6.06 -21.62
N LEU B 1089 11.95 6.08 -20.78
CA LEU B 1089 13.25 6.66 -21.11
C LEU B 1089 13.92 5.85 -22.24
N VAL B 1090 13.79 4.52 -22.22
CA VAL B 1090 14.33 3.65 -23.27
C VAL B 1090 13.64 3.94 -24.59
N LYS B 1091 12.32 4.18 -24.61
CA LYS B 1091 11.59 4.53 -25.83
C LYS B 1091 12.07 5.86 -26.39
N PHE B 1092 12.30 6.87 -25.54
CA PHE B 1092 12.83 8.17 -25.98
C PHE B 1092 14.23 7.98 -26.58
N GLY B 1093 15.08 7.18 -25.93
CA GLY B 1093 16.43 6.90 -26.42
C GLY B 1093 16.41 6.16 -27.75
N ALA B 1094 15.51 5.20 -27.93
CA ALA B 1094 15.38 4.47 -29.19
C ALA B 1094 14.88 5.39 -30.30
N ALA B 1095 13.97 6.32 -30.02
CA ALA B 1095 13.50 7.30 -31.00
C ALA B 1095 14.67 8.19 -31.45
N LEU B 1096 15.50 8.66 -30.51
CA LEU B 1096 16.67 9.45 -30.83
C LEU B 1096 17.65 8.62 -31.68
N ALA B 1097 17.83 7.33 -31.38
CA ALA B 1097 18.71 6.45 -32.14
C ALA B 1097 18.18 6.27 -33.57
N MET B 1098 16.87 6.10 -33.76
CA MET B 1098 16.30 5.98 -35.10
C MET B 1098 16.49 7.29 -35.87
N GLU B 1099 16.31 8.45 -35.22
CA GLU B 1099 16.55 9.73 -35.87
C GLU B 1099 18.02 9.83 -36.31
N LYS B 1100 18.99 9.45 -35.45
CA LYS B 1100 20.41 9.47 -35.78
C LYS B 1100 20.73 8.53 -36.93
N VAL B 1101 20.15 7.33 -36.98
CA VAL B 1101 20.35 6.42 -38.12
C VAL B 1101 19.89 7.10 -39.41
N ASN B 1102 18.65 7.59 -39.44
CA ASN B 1102 18.07 8.23 -40.61
C ASN B 1102 18.74 9.54 -41.03
N GLU B 1103 19.16 10.37 -40.09
CA GLU B 1103 19.71 11.71 -40.37
C GLU B 1103 21.19 11.94 -40.17
N CYS B 1104 21.97 10.92 -39.78
CA CYS B 1104 23.42 11.00 -39.64
C CYS B 1104 24.12 9.86 -40.38
N VAL B 1105 23.52 8.66 -40.40
CA VAL B 1105 24.14 7.49 -41.03
C VAL B 1105 23.69 7.34 -42.48
N LYS B 1106 22.39 7.19 -42.72
CA LYS B 1106 21.81 7.00 -44.07
C LYS B 1106 21.74 8.26 -44.91
N SER B 1107 21.80 9.40 -44.27
CA SER B 1107 21.78 10.71 -44.90
C SER B 1107 22.42 11.70 -43.95
N GLN B 1108 22.67 12.91 -44.42
CA GLN B 1108 23.28 13.97 -43.64
C GLN B 1108 22.34 15.16 -43.60
N SER B 1109 21.43 15.17 -42.62
CA SER B 1109 20.45 16.23 -42.48
C SER B 1109 21.12 17.56 -42.09
N PRO B 1110 20.69 18.72 -42.62
CA PRO B 1110 21.28 20.01 -42.33
C PRO B 1110 20.93 20.54 -40.93
N ARG B 1111 21.40 19.84 -39.89
CA ARG B 1111 21.21 20.12 -38.47
C ARG B 1111 22.60 20.16 -37.89
N ILE B 1112 22.99 21.25 -37.22
CA ILE B 1112 24.40 21.45 -36.81
C ILE B 1112 24.99 20.49 -35.79
N ASN B 1113 24.48 20.41 -34.57
CA ASN B 1113 25.07 19.54 -33.54
C ASN B 1113 24.23 18.29 -33.25
N PHE B 1114 23.39 17.89 -34.19
CA PHE B 1114 22.55 16.71 -34.02
C PHE B 1114 23.39 15.42 -34.00
N CYS B 1115 24.30 15.28 -34.95
CA CYS B 1115 25.18 14.12 -35.08
C CYS B 1115 26.52 14.35 -34.38
N GLY B 1116 26.47 14.66 -33.08
CA GLY B 1116 27.66 14.94 -32.30
C GLY B 1116 28.16 16.37 -32.49
N ASN B 1117 29.05 16.81 -31.61
CA ASN B 1117 29.61 18.16 -31.63
C ASN B 1117 30.68 18.36 -32.71
N GLY B 1118 30.78 19.58 -33.25
CA GLY B 1118 31.77 19.95 -34.26
C GLY B 1118 31.24 19.96 -35.69
N ASN B 1119 32.16 20.10 -36.64
CA ASN B 1119 31.86 20.12 -38.06
C ASN B 1119 31.61 18.68 -38.52
N HIS B 1120 30.39 18.19 -38.36
CA HIS B 1120 30.05 16.81 -38.69
C HIS B 1120 30.15 16.50 -40.18
N ILE B 1121 30.99 15.53 -40.53
CA ILE B 1121 31.18 15.09 -41.90
C ILE B 1121 30.18 14.00 -42.21
N LEU B 1122 30.24 12.90 -41.46
CA LEU B 1122 29.45 11.70 -41.66
C LEU B 1122 29.42 10.85 -40.40
N SER B 1123 28.45 9.96 -40.28
CA SER B 1123 28.31 9.06 -39.14
C SER B 1123 28.14 7.61 -39.57
N LEU B 1124 28.55 6.67 -38.73
CA LEU B 1124 28.43 5.22 -38.95
C LEU B 1124 27.79 4.59 -37.72
N VAL B 1125 27.14 3.44 -37.86
CA VAL B 1125 26.49 2.76 -36.74
C VAL B 1125 26.94 1.32 -36.61
N GLN B 1126 27.11 0.87 -35.37
CA GLN B 1126 27.48 -0.48 -35.01
C GLN B 1126 26.60 -0.93 -33.86
N ASN B 1127 26.33 -2.21 -33.77
CA ASN B 1127 25.50 -2.77 -32.72
C ASN B 1127 26.22 -2.72 -31.36
N ALA B 1128 25.47 -2.57 -30.28
CA ALA B 1128 26.03 -2.56 -28.94
C ALA B 1128 25.06 -3.27 -27.99
N PRO B 1129 25.52 -3.79 -26.84
CA PRO B 1129 24.61 -4.43 -25.91
C PRO B 1129 23.49 -3.48 -25.49
N TYR B 1130 22.25 -3.85 -25.74
CA TYR B 1130 21.06 -3.04 -25.43
C TYR B 1130 21.00 -1.67 -26.12
N GLY B 1131 21.57 -1.51 -27.30
CA GLY B 1131 21.53 -0.24 -27.99
C GLY B 1131 22.38 -0.19 -29.25
N LEU B 1132 22.66 1.00 -29.72
CA LEU B 1132 23.47 1.21 -30.91
C LEU B 1132 24.58 2.17 -30.57
N LEU B 1133 25.75 1.95 -31.14
CA LEU B 1133 26.88 2.83 -30.94
C LEU B 1133 27.10 3.55 -32.27
N PHE B 1134 26.92 4.86 -32.25
CA PHE B 1134 27.14 5.72 -33.40
C PHE B 1134 28.59 6.19 -33.36
N MET B 1135 29.19 6.39 -34.50
CA MET B 1135 30.55 6.85 -34.67
C MET B 1135 30.49 8.08 -35.55
N HIS B 1136 30.58 9.25 -34.95
CA HIS B 1136 30.49 10.51 -35.66
C HIS B 1136 31.87 10.99 -36.08
N PHE B 1137 32.09 11.24 -37.36
CA PHE B 1137 33.35 11.72 -37.90
C PHE B 1137 33.23 13.20 -38.20
N SER B 1138 34.13 14.00 -37.63
CA SER B 1138 34.11 15.45 -37.75
C SER B 1138 35.38 16.01 -38.34
N TYR B 1139 35.26 17.14 -39.03
CA TYR B 1139 36.37 17.88 -39.61
C TYR B 1139 36.97 18.72 -38.50
N LYS B 1140 38.21 18.42 -38.12
CA LYS B 1140 38.90 19.11 -37.03
C LYS B 1140 40.08 19.93 -37.53
N PRO B 1141 40.03 21.26 -37.45
CA PRO B 1141 41.18 22.10 -37.79
C PRO B 1141 42.36 21.79 -36.87
N ILE B 1142 43.57 21.75 -37.43
CA ILE B 1142 44.82 21.45 -36.73
C ILE B 1142 45.60 22.74 -36.47
N SER B 1143 45.77 23.56 -37.51
CA SER B 1143 46.48 24.84 -37.46
C SER B 1143 45.64 25.92 -38.11
N PHE B 1144 45.84 27.15 -37.67
CA PHE B 1144 45.11 28.33 -38.14
C PHE B 1144 46.01 29.46 -38.59
N LYS B 1145 45.49 30.30 -39.48
CA LYS B 1145 46.15 31.50 -40.00
C LYS B 1145 45.21 32.67 -39.79
N THR B 1146 45.67 33.73 -39.14
CA THR B 1146 44.86 34.94 -38.95
C THR B 1146 44.93 35.76 -40.22
N VAL B 1147 43.79 36.00 -40.85
CA VAL B 1147 43.71 36.76 -42.11
C VAL B 1147 42.64 37.83 -42.04
N LEU B 1148 42.85 38.90 -42.80
CA LEU B 1148 41.89 39.99 -42.91
C LEU B 1148 40.88 39.58 -43.97
N VAL B 1149 39.61 39.52 -43.60
CA VAL B 1149 38.51 39.11 -44.48
C VAL B 1149 37.46 40.16 -44.61
N SER B 1150 36.73 40.10 -45.73
CA SER B 1150 35.62 40.97 -46.05
C SER B 1150 34.38 40.12 -46.25
N PRO B 1151 33.26 40.40 -45.57
CA PRO B 1151 32.02 39.64 -45.71
C PRO B 1151 31.21 40.05 -46.95
N GLY B 1152 31.69 40.95 -47.80
CA GLY B 1152 31.00 41.39 -49.01
C GLY B 1152 31.72 42.52 -49.73
N LEU B 1153 31.56 42.62 -51.04
CA LEU B 1153 32.19 43.65 -51.88
C LEU B 1153 31.16 44.41 -52.72
N CYS B 1154 31.45 45.68 -52.94
CA CYS B 1154 30.68 46.54 -53.83
C CYS B 1154 31.51 46.65 -55.11
N ILE B 1155 31.05 46.04 -56.20
CA ILE B 1155 31.80 45.94 -57.46
C ILE B 1155 31.10 46.56 -58.67
N SER B 1156 31.87 46.88 -59.70
CA SER B 1156 31.36 47.42 -60.98
C SER B 1156 30.35 48.57 -60.79
N GLY B 1157 29.14 48.44 -61.33
CA GLY B 1157 28.06 49.42 -61.24
C GLY B 1157 27.30 49.31 -59.91
N ASP B 1158 28.01 49.38 -58.79
CA ASP B 1158 27.47 49.28 -57.43
C ASP B 1158 26.72 47.97 -57.14
N VAL B 1159 27.09 46.90 -57.84
CA VAL B 1159 26.53 45.56 -57.68
C VAL B 1159 27.17 44.93 -56.45
N GLY B 1160 26.37 44.34 -55.57
CA GLY B 1160 26.88 43.71 -54.37
C GLY B 1160 27.13 42.23 -54.53
N ILE B 1161 28.21 41.73 -53.96
CA ILE B 1161 28.52 40.31 -53.96
C ILE B 1161 28.85 39.87 -52.55
N ALA B 1162 28.32 38.73 -52.13
CA ALA B 1162 28.57 38.14 -50.83
C ALA B 1162 29.25 36.77 -51.04
N PRO B 1163 30.23 36.41 -50.22
CA PRO B 1163 30.93 35.15 -50.38
C PRO B 1163 30.02 33.98 -49.99
N LYS B 1164 30.02 32.90 -50.78
CA LYS B 1164 29.18 31.72 -50.52
C LYS B 1164 29.97 30.68 -49.71
N GLN B 1165 29.66 30.54 -48.43
CA GLN B 1165 30.34 29.61 -47.51
C GLN B 1165 31.86 29.86 -47.47
N GLY B 1166 32.24 31.13 -47.35
CA GLY B 1166 33.62 31.57 -47.33
C GLY B 1166 33.75 33.05 -47.09
N TYR B 1167 34.89 33.62 -47.49
CA TYR B 1167 35.20 35.03 -47.31
C TYR B 1167 36.00 35.61 -48.47
N PHE B 1168 35.97 36.93 -48.62
CA PHE B 1168 36.78 37.63 -49.60
C PHE B 1168 38.03 38.12 -48.89
N ILE B 1169 39.19 37.91 -49.50
CA ILE B 1169 40.51 38.26 -48.95
C ILE B 1169 41.37 38.96 -49.98
N LYS B 1170 42.35 39.73 -49.52
CA LYS B 1170 43.33 40.41 -50.36
C LYS B 1170 44.56 39.52 -50.49
N HIS B 1171 44.78 38.91 -51.64
CA HIS B 1171 45.94 38.05 -51.92
C HIS B 1171 46.64 38.57 -53.17
N ASN B 1172 47.97 38.71 -53.17
CA ASN B 1172 48.73 39.29 -54.30
C ASN B 1172 48.20 40.69 -54.68
N ASP B 1173 47.75 41.44 -53.68
CA ASP B 1173 47.14 42.77 -53.80
C ASP B 1173 45.89 42.86 -54.70
N HIS B 1174 45.07 41.81 -54.71
CA HIS B 1174 43.80 41.80 -55.45
C HIS B 1174 42.80 40.89 -54.74
N TRP B 1175 41.51 41.15 -54.94
CA TRP B 1175 40.46 40.39 -54.27
C TRP B 1175 40.31 38.97 -54.79
N MET B 1176 40.32 38.03 -53.86
CA MET B 1176 40.12 36.61 -54.07
C MET B 1176 39.18 36.04 -53.01
N PHE B 1177 38.76 34.81 -53.17
CA PHE B 1177 37.84 34.13 -52.27
C PHE B 1177 38.51 32.96 -51.57
N THR B 1178 38.18 32.67 -50.32
CA THR B 1178 38.70 31.50 -49.62
C THR B 1178 37.54 30.84 -48.88
N GLY B 1179 37.55 29.53 -48.77
CA GLY B 1179 36.51 28.82 -48.02
C GLY B 1179 36.61 29.17 -46.54
N SER B 1180 35.51 29.18 -45.81
CA SER B 1180 35.52 29.55 -44.39
C SER B 1180 36.18 28.53 -43.48
N SER B 1181 36.32 27.27 -43.92
CA SER B 1181 36.92 26.20 -43.14
C SER B 1181 38.31 25.79 -43.58
N TYR B 1182 38.86 26.36 -44.64
CA TYR B 1182 40.21 26.04 -45.10
C TYR B 1182 40.76 27.18 -45.92
N TYR B 1183 41.95 27.68 -45.59
CA TYR B 1183 42.57 28.80 -46.27
C TYR B 1183 43.22 28.37 -47.59
N TYR B 1184 42.59 28.73 -48.70
CA TYR B 1184 43.07 28.44 -50.04
C TYR B 1184 42.47 29.49 -50.98
N PRO B 1185 43.20 30.57 -51.30
CA PRO B 1185 42.70 31.61 -52.18
C PRO B 1185 42.33 31.09 -53.58
N GLU B 1186 41.17 31.48 -54.06
CA GLU B 1186 40.58 31.14 -55.36
C GLU B 1186 40.08 32.40 -56.06
N PRO B 1187 40.06 32.45 -57.39
CA PRO B 1187 39.53 33.62 -58.08
C PRO B 1187 38.03 33.76 -57.77
N ILE B 1188 37.55 35.00 -57.62
CA ILE B 1188 36.13 35.26 -57.37
C ILE B 1188 35.36 34.92 -58.63
N SER B 1189 34.31 34.10 -58.53
CA SER B 1189 33.49 33.72 -59.68
C SER B 1189 32.04 33.50 -59.27
N ASP B 1190 31.14 33.32 -60.23
CA ASP B 1190 29.72 33.09 -59.94
C ASP B 1190 29.46 31.81 -59.13
N LYS B 1191 30.42 30.88 -59.11
CA LYS B 1191 30.35 29.62 -58.37
C LYS B 1191 30.37 29.84 -56.84
N ASN B 1192 31.19 30.77 -56.36
CA ASN B 1192 31.38 31.06 -54.93
C ASN B 1192 30.86 32.43 -54.49
N VAL B 1193 29.84 32.97 -55.17
CA VAL B 1193 29.30 34.29 -54.90
C VAL B 1193 27.78 34.34 -54.95
N VAL B 1194 27.19 35.13 -54.06
CA VAL B 1194 25.75 35.43 -54.03
C VAL B 1194 25.63 36.86 -54.55
N PHE B 1195 24.94 37.07 -55.66
CA PHE B 1195 24.78 38.40 -56.28
C PHE B 1195 23.61 39.19 -55.70
N MET B 1196 23.78 40.51 -55.62
CA MET B 1196 22.79 41.48 -55.15
C MET B 1196 22.80 42.68 -56.12
N ASN B 1197 21.65 43.20 -56.56
CA ASN B 1197 21.64 44.33 -57.51
C ASN B 1197 22.26 45.60 -56.92
N THR B 1198 22.02 45.84 -55.62
CA THR B 1198 22.55 46.96 -54.84
C THR B 1198 23.47 46.43 -53.77
N CYS B 1199 24.67 46.99 -53.62
CA CYS B 1199 25.61 46.56 -52.59
C CYS B 1199 25.21 47.09 -51.21
N SER B 1200 25.40 46.31 -50.15
CA SER B 1200 25.07 46.75 -48.79
C SER B 1200 26.04 47.80 -48.31
N VAL B 1201 25.62 48.64 -47.36
CA VAL B 1201 26.53 49.63 -46.78
C VAL B 1201 27.62 48.88 -46.02
N ASN B 1202 28.77 49.51 -45.87
CA ASN B 1202 29.97 48.96 -45.23
C ASN B 1202 30.64 47.82 -46.00
N PHE B 1203 30.12 47.39 -47.15
CA PHE B 1203 30.81 46.43 -48.02
C PHE B 1203 32.01 47.20 -48.59
N THR B 1204 33.21 46.62 -48.59
CA THR B 1204 34.37 47.34 -49.13
C THR B 1204 34.23 47.60 -50.63
N LYS B 1205 34.52 48.82 -51.07
CA LYS B 1205 34.44 49.19 -52.49
C LYS B 1205 35.57 48.51 -53.26
N ALA B 1206 35.25 47.89 -54.38
CA ALA B 1206 36.18 47.21 -55.27
C ALA B 1206 35.70 47.30 -56.73
N PRO B 1207 35.71 48.49 -57.36
CA PRO B 1207 35.22 48.65 -58.74
C PRO B 1207 35.98 47.85 -59.79
N LEU B 1208 37.21 47.43 -59.51
CA LEU B 1208 38.06 46.67 -60.43
C LEU B 1208 37.69 45.18 -60.52
N VAL B 1209 36.80 44.67 -59.67
CA VAL B 1209 36.44 43.25 -59.67
C VAL B 1209 35.38 42.91 -60.73
N TYR B 1210 35.68 41.94 -61.60
CA TYR B 1210 34.80 41.43 -62.65
C TYR B 1210 34.14 42.51 -63.51
N VAL C 1 -49.13 22.35 28.16
CA VAL C 1 -48.57 22.80 29.46
C VAL C 1 -47.10 22.44 29.57
N ILE C 2 -46.32 23.18 30.36
CA ILE C 2 -44.89 22.88 30.60
C ILE C 2 -44.74 21.88 31.74
N GLY C 3 -44.82 22.32 33.00
CA GLY C 3 -44.96 21.42 34.15
C GLY C 3 -46.43 21.05 34.40
N ASP C 4 -46.76 20.63 35.61
CA ASP C 4 -48.14 20.30 35.98
C ASP C 4 -48.60 20.90 37.32
N PHE C 5 -47.91 21.91 37.83
CA PHE C 5 -48.36 22.65 39.01
C PHE C 5 -49.30 23.81 38.61
N ASN C 6 -50.53 23.82 39.13
CA ASN C 6 -51.48 24.92 38.95
C ASN C 6 -51.05 26.10 39.84
N CYS C 7 -50.07 26.87 39.37
CA CYS C 7 -49.55 28.03 40.09
C CYS C 7 -50.61 29.13 40.23
N THR C 8 -51.39 29.39 39.17
CA THR C 8 -52.46 30.37 39.15
C THR C 8 -53.46 30.11 38.02
N ASN C 9 -54.68 30.65 38.13
CA ASN C 9 -55.73 30.58 37.11
C ASN C 9 -56.16 32.00 36.68
N PHE C 10 -55.38 33.03 37.04
CA PHE C 10 -55.68 34.40 36.71
C PHE C 10 -55.34 34.70 35.26
N ALA C 11 -56.29 35.27 34.52
CA ALA C 11 -56.13 35.70 33.13
C ALA C 11 -55.52 34.65 32.18
N ILE C 12 -56.20 33.51 32.04
CA ILE C 12 -55.79 32.39 31.17
C ILE C 12 -56.88 32.16 30.13
N ASN C 13 -56.53 32.13 28.84
CA ASN C 13 -57.49 31.88 27.75
C ASN C 13 -56.89 30.96 26.68
N ASP C 14 -57.67 30.60 25.67
CA ASP C 14 -57.23 29.70 24.59
C ASP C 14 -57.15 30.39 23.22
N LEU C 15 -56.89 31.71 23.19
CA LEU C 15 -56.84 32.47 21.94
C LEU C 15 -55.56 32.18 21.14
N ASN C 16 -55.73 31.92 19.84
CA ASN C 16 -54.60 31.70 18.93
C ASN C 16 -54.07 33.08 18.49
N THR C 17 -53.28 33.72 19.35
CA THR C 17 -52.71 35.05 19.06
C THR C 17 -51.78 35.00 17.85
N THR C 18 -51.18 33.83 17.58
CA THR C 18 -50.28 33.58 16.47
C THR C 18 -51.02 33.08 15.21
N VAL C 19 -52.07 33.79 14.77
CA VAL C 19 -52.72 33.49 13.47
C VAL C 19 -51.60 33.65 12.43
N PRO C 20 -50.83 34.76 12.43
CA PRO C 20 -49.62 34.82 11.62
C PRO C 20 -48.64 33.90 12.37
N ARG C 21 -48.03 32.94 11.67
CA ARG C 21 -47.12 31.95 12.27
C ARG C 21 -45.89 32.58 12.94
N ILE C 22 -45.20 31.81 13.78
CA ILE C 22 -43.97 32.29 14.45
C ILE C 22 -42.97 32.71 13.36
N SER C 23 -42.31 33.84 13.55
CA SER C 23 -41.42 34.38 12.52
C SER C 23 -40.19 33.52 12.24
N GLU C 24 -39.76 33.48 10.97
CA GLU C 24 -38.56 32.77 10.53
C GLU C 24 -37.50 33.75 10.01
N TYR C 25 -36.24 33.32 10.06
CA TYR C 25 -35.07 34.08 9.60
C TYR C 25 -34.01 33.09 9.11
N VAL C 26 -33.25 33.38 8.07
CA VAL C 26 -32.27 32.43 7.52
C VAL C 26 -30.94 32.44 8.28
N VAL C 27 -30.41 31.27 8.60
CA VAL C 27 -29.12 31.11 9.27
C VAL C 27 -27.98 31.39 8.28
N ASP C 28 -27.14 32.36 8.58
CA ASP C 28 -25.98 32.74 7.78
C ASP C 28 -24.75 32.74 8.67
N VAL C 29 -23.85 31.79 8.45
CA VAL C 29 -22.64 31.63 9.26
C VAL C 29 -21.41 32.23 8.63
N SER C 30 -21.54 32.95 7.51
CA SER C 30 -20.38 33.51 6.78
C SER C 30 -19.57 34.54 7.56
N TYR C 31 -20.09 35.06 8.68
CA TYR C 31 -19.40 36.05 9.53
C TYR C 31 -19.15 35.54 10.96
N GLY C 32 -19.09 34.22 11.15
CA GLY C 32 -18.82 33.59 12.44
C GLY C 32 -20.05 33.26 13.29
N LEU C 33 -21.24 33.66 12.88
CA LEU C 33 -22.48 33.36 13.63
C LEU C 33 -22.66 31.85 13.71
N GLY C 34 -23.08 31.34 14.86
CA GLY C 34 -23.28 29.91 15.04
C GLY C 34 -22.02 29.15 15.37
N THR C 35 -20.86 29.79 15.43
CA THR C 35 -19.58 29.15 15.77
C THR C 35 -19.13 29.48 17.19
N TYR C 36 -18.14 28.74 17.70
CA TYR C 36 -17.58 28.94 19.03
C TYR C 36 -16.08 28.72 19.06
N TYR C 37 -15.40 29.31 20.03
CA TYR C 37 -13.96 29.12 20.19
C TYR C 37 -13.67 27.70 20.69
N ILE C 38 -12.59 27.11 20.22
CA ILE C 38 -12.26 25.72 20.50
C ILE C 38 -11.46 25.55 21.80
N LEU C 39 -12.11 25.06 22.85
CA LEU C 39 -11.46 24.75 24.14
C LEU C 39 -10.61 25.93 24.64
N ASP C 40 -9.37 25.67 25.02
CA ASP C 40 -8.38 26.67 25.46
C ASP C 40 -7.35 26.98 24.36
N ARG C 41 -7.67 26.63 23.11
CA ARG C 41 -6.81 26.82 21.94
C ARG C 41 -6.98 28.18 21.29
N VAL C 42 -5.92 28.66 20.68
CA VAL C 42 -5.81 29.88 19.90
C VAL C 42 -5.32 29.50 18.52
N TYR C 43 -5.98 29.96 17.47
CA TYR C 43 -5.58 29.79 16.08
C TYR C 43 -5.40 31.19 15.52
N LEU C 44 -4.30 31.48 14.82
CA LEU C 44 -4.00 32.82 14.29
C LEU C 44 -3.80 32.84 12.79
N ASN C 45 -4.49 33.75 12.11
CA ASN C 45 -4.37 33.98 10.67
C ASN C 45 -4.40 32.68 9.84
N THR C 46 -5.43 31.87 10.05
CA THR C 46 -5.52 30.56 9.38
C THR C 46 -6.95 30.04 9.27
N THR C 47 -7.16 29.04 8.42
CA THR C 47 -8.45 28.36 8.22
C THR C 47 -8.34 26.94 8.75
N ILE C 48 -9.33 26.50 9.50
CA ILE C 48 -9.38 25.18 10.15
C ILE C 48 -10.64 24.43 9.80
N LEU C 49 -10.55 23.15 9.45
CA LEU C 49 -11.73 22.31 9.26
C LEU C 49 -11.99 21.70 10.63
N PHE C 50 -13.02 22.15 11.33
CA PHE C 50 -13.37 21.68 12.66
C PHE C 50 -14.77 21.08 12.71
N THR C 51 -14.94 19.95 13.39
CA THR C 51 -16.25 19.31 13.54
C THR C 51 -16.78 19.56 14.94
N GLY C 52 -17.94 20.19 15.07
CA GLY C 52 -18.56 20.51 16.35
C GLY C 52 -20.07 20.62 16.26
N TYR C 53 -20.71 21.05 17.35
CA TYR C 53 -22.16 21.22 17.38
C TYR C 53 -22.49 22.57 16.79
N PHE C 54 -22.84 22.61 15.51
CA PHE C 54 -23.10 23.85 14.78
C PHE C 54 -24.47 23.87 14.11
N PRO C 55 -25.04 25.06 13.86
CA PRO C 55 -26.30 25.20 13.14
C PRO C 55 -26.12 24.77 11.69
N LYS C 56 -27.21 24.40 11.00
CA LYS C 56 -27.15 24.09 9.58
C LYS C 56 -27.25 25.43 8.83
N SER C 57 -26.28 25.79 8.01
CA SER C 57 -26.35 27.04 7.25
C SER C 57 -27.49 26.97 6.25
N GLY C 58 -28.23 28.05 6.07
CA GLY C 58 -29.39 28.08 5.19
C GLY C 58 -30.68 27.56 5.84
N ALA C 59 -30.62 27.04 7.07
CA ALA C 59 -31.82 26.61 7.79
C ALA C 59 -32.55 27.83 8.35
N ASN C 60 -33.72 27.62 8.95
CA ASN C 60 -34.52 28.71 9.48
C ASN C 60 -34.51 28.80 11.00
N PHE C 61 -34.19 29.99 11.49
CA PHE C 61 -34.32 30.35 12.89
C PHE C 61 -35.81 30.50 13.16
N ARG C 62 -36.24 30.24 14.39
CA ARG C 62 -37.63 30.42 14.84
C ARG C 62 -37.66 31.40 15.99
N ASP C 63 -38.36 32.51 15.88
CA ASP C 63 -38.45 33.46 16.99
C ASP C 63 -39.48 32.94 17.99
N LEU C 64 -39.02 32.24 19.03
CA LEU C 64 -39.90 31.67 20.05
C LEU C 64 -40.23 32.66 21.18
N SER C 65 -39.75 33.90 21.12
CA SER C 65 -40.09 34.87 22.16
C SER C 65 -41.58 35.19 22.10
N LEU C 66 -42.22 35.32 23.26
CA LEU C 66 -43.63 35.66 23.37
C LEU C 66 -43.78 36.79 24.41
N LYS C 67 -44.39 37.91 24.01
CA LYS C 67 -44.67 39.02 24.92
C LYS C 67 -46.16 39.09 25.19
N GLY C 68 -46.57 39.16 26.45
CA GLY C 68 -47.97 39.34 26.83
C GLY C 68 -48.13 40.54 27.77
N THR C 69 -49.34 41.02 28.01
CA THR C 69 -49.57 42.10 28.99
C THR C 69 -50.23 41.57 30.25
N THR C 70 -51.42 40.95 30.13
CA THR C 70 -52.16 40.39 31.27
C THR C 70 -52.54 38.94 31.05
N TYR C 71 -53.12 38.62 29.89
CA TYR C 71 -53.58 37.27 29.56
C TYR C 71 -52.49 36.39 28.93
N LEU C 72 -52.50 35.11 29.29
CA LEU C 72 -51.59 34.09 28.76
C LEU C 72 -52.40 33.07 27.97
N SER C 73 -52.07 32.85 26.71
CA SER C 73 -52.78 31.85 25.90
C SER C 73 -52.29 30.44 26.24
N THR C 74 -53.19 29.48 26.44
CA THR C 74 -52.78 28.09 26.72
C THR C 74 -52.05 27.48 25.51
N LEU C 75 -52.29 28.00 24.30
CA LEU C 75 -51.64 27.53 23.07
C LEU C 75 -50.15 27.90 23.03
N TRP C 76 -49.72 28.89 23.80
CA TRP C 76 -48.31 29.29 23.91
C TRP C 76 -47.47 28.21 24.60
N TYR C 77 -48.08 27.28 25.31
CA TYR C 77 -47.44 26.23 26.09
C TYR C 77 -47.60 24.84 25.47
N GLN C 78 -47.68 24.77 24.15
CA GLN C 78 -47.82 23.54 23.38
C GLN C 78 -46.92 23.59 22.15
N LYS C 79 -46.92 22.54 21.33
CA LYS C 79 -46.17 22.54 20.07
C LYS C 79 -46.79 23.63 19.16
N PRO C 80 -46.00 24.34 18.34
CA PRO C 80 -44.56 24.20 18.16
C PRO C 80 -43.70 24.99 19.14
N PHE C 81 -44.24 25.73 20.10
CA PHE C 81 -43.43 26.51 21.04
C PHE C 81 -42.62 25.57 21.95
N LEU C 82 -43.28 24.60 22.58
CA LEU C 82 -42.62 23.53 23.32
C LEU C 82 -41.88 22.64 22.31
N SER C 83 -40.60 22.88 22.13
CA SER C 83 -39.78 22.22 21.10
C SER C 83 -38.86 21.13 21.62
N ASP C 84 -38.55 20.15 20.77
CA ASP C 84 -37.65 19.07 21.11
C ASP C 84 -36.19 19.56 21.12
N PHE C 85 -35.39 19.13 22.09
CA PHE C 85 -34.01 19.56 22.23
C PHE C 85 -33.05 18.81 21.31
N ASN C 86 -33.22 17.50 21.13
CA ASN C 86 -32.36 16.66 20.29
C ASN C 86 -30.89 16.84 20.72
N ASN C 87 -29.95 17.08 19.80
CA ASN C 87 -28.56 17.30 20.16
C ASN C 87 -28.37 18.63 20.92
N GLY C 88 -29.09 19.67 20.53
CA GLY C 88 -28.99 20.99 21.13
C GLY C 88 -29.58 22.08 20.25
N ILE C 89 -29.42 23.34 20.66
CA ILE C 89 -29.89 24.53 19.96
C ILE C 89 -28.89 25.68 20.01
N PHE C 90 -28.97 26.55 19.02
CA PHE C 90 -28.22 27.79 18.95
C PHE C 90 -29.22 28.91 19.04
N SER C 91 -29.01 29.88 19.91
CA SER C 91 -29.90 31.00 20.15
C SER C 91 -29.27 32.32 19.79
N ARG C 92 -30.01 33.16 19.05
CA ARG C 92 -29.66 34.53 18.71
C ARG C 92 -30.74 35.33 19.43
N VAL C 93 -30.36 36.00 20.51
CA VAL C 93 -31.28 36.70 21.40
C VAL C 93 -31.12 38.20 21.34
N LYS C 94 -32.21 38.93 21.10
CA LYS C 94 -32.20 40.40 21.08
C LYS C 94 -32.22 40.90 22.51
N ASN C 95 -31.31 41.78 22.86
CA ASN C 95 -31.29 42.40 24.17
C ASN C 95 -32.24 43.61 24.13
N THR C 96 -33.48 43.44 24.57
CA THR C 96 -34.49 44.49 24.59
C THR C 96 -34.12 45.56 25.63
N LYS C 97 -33.44 46.61 25.19
CA LYS C 97 -32.96 47.71 26.01
C LYS C 97 -34.08 48.73 26.25
N LEU C 98 -34.67 48.71 27.44
CA LEU C 98 -35.71 49.62 27.89
C LEU C 98 -35.11 50.76 28.72
N TYR C 99 -35.88 51.82 28.93
CA TYR C 99 -35.43 52.98 29.71
C TYR C 99 -36.51 53.49 30.66
N VAL C 100 -36.13 53.75 31.91
CA VAL C 100 -37.00 54.33 32.95
C VAL C 100 -36.22 55.52 33.49
N ASN C 101 -36.74 56.75 33.39
CA ASN C 101 -36.03 57.95 33.84
C ASN C 101 -34.62 58.00 33.22
N LYS C 102 -34.56 57.73 31.90
CA LYS C 102 -33.36 57.63 31.04
C LYS C 102 -32.31 56.60 31.49
N THR C 103 -32.61 55.77 32.48
CA THR C 103 -31.72 54.74 33.01
C THR C 103 -31.96 53.47 32.22
N LEU C 104 -30.92 52.91 31.61
CA LEU C 104 -31.00 51.70 30.78
C LEU C 104 -31.27 50.43 31.59
N TYR C 105 -32.16 49.60 31.08
CA TYR C 105 -32.52 48.30 31.62
C TYR C 105 -32.52 47.27 30.49
N SER C 106 -31.94 46.10 30.75
CA SER C 106 -31.83 45.00 29.79
C SER C 106 -32.81 43.89 30.14
N GLU C 107 -33.67 43.51 29.18
CA GLU C 107 -34.65 42.43 29.31
C GLU C 107 -34.55 41.49 28.10
N PHE C 108 -34.76 40.20 28.31
CA PHE C 108 -34.91 39.22 27.23
C PHE C 108 -35.59 37.97 27.79
N SER C 109 -36.14 37.14 26.92
CA SER C 109 -36.85 35.92 27.32
C SER C 109 -35.98 34.91 28.06
N THR C 110 -36.52 34.35 29.13
CA THR C 110 -35.87 33.28 29.90
C THR C 110 -36.10 31.96 29.19
N ILE C 111 -35.10 31.09 29.11
CA ILE C 111 -35.24 29.77 28.47
C ILE C 111 -35.11 28.68 29.52
N VAL C 112 -35.96 27.66 29.43
CA VAL C 112 -35.91 26.47 30.28
C VAL C 112 -35.62 25.26 29.41
N ILE C 113 -34.78 24.35 29.89
CA ILE C 113 -34.38 23.14 29.17
C ILE C 113 -34.55 21.97 30.14
N GLY C 114 -35.19 20.89 29.72
CA GLY C 114 -35.55 19.80 30.62
C GLY C 114 -36.07 18.59 29.88
N SER C 115 -36.95 17.82 30.52
CA SER C 115 -37.60 16.67 29.90
C SER C 115 -39.09 16.63 30.19
N VAL C 116 -39.47 16.35 31.43
CA VAL C 116 -40.88 16.32 31.88
C VAL C 116 -41.29 17.56 32.68
N PHE C 117 -40.33 18.40 33.09
CA PHE C 117 -40.56 19.62 33.89
C PHE C 117 -41.27 19.35 35.24
N ILE C 118 -41.14 18.14 35.79
CA ILE C 118 -41.63 17.74 37.11
C ILE C 118 -40.48 17.79 38.12
N ASN C 119 -40.74 18.02 39.40
CA ASN C 119 -39.73 17.94 40.47
C ASN C 119 -39.07 16.55 40.67
N ASN C 120 -39.49 15.50 39.94
CA ASN C 120 -38.73 14.26 39.79
C ASN C 120 -37.53 14.37 38.81
N SER C 121 -37.27 15.55 38.24
CA SER C 121 -36.29 15.77 37.17
C SER C 121 -35.63 17.14 37.29
N TYR C 122 -34.40 17.28 36.84
CA TYR C 122 -33.71 18.57 36.82
C TYR C 122 -34.10 19.38 35.58
N THR C 123 -34.52 20.62 35.78
CA THR C 123 -34.75 21.60 34.72
C THR C 123 -33.69 22.68 34.79
N ILE C 124 -32.94 22.89 33.70
CA ILE C 124 -32.01 24.00 33.56
C ILE C 124 -32.80 25.25 33.20
N VAL C 125 -32.49 26.38 33.85
CA VAL C 125 -33.12 27.68 33.59
C VAL C 125 -32.04 28.71 33.37
N VAL C 126 -32.14 29.48 32.29
CA VAL C 126 -31.22 30.59 31.98
C VAL C 126 -32.07 31.84 31.99
N GLN C 127 -31.89 32.70 32.98
CA GLN C 127 -32.70 33.91 33.16
C GLN C 127 -31.88 35.18 33.37
N PRO C 128 -32.17 36.27 32.65
CA PRO C 128 -31.47 37.53 32.85
C PRO C 128 -32.08 38.34 34.00
N HIS C 129 -31.24 39.11 34.66
CA HIS C 129 -31.52 40.00 35.79
C HIS C 129 -30.82 41.34 35.60
N ASN C 130 -30.97 41.94 34.42
CA ASN C 130 -30.39 43.25 34.07
C ASN C 130 -28.87 43.30 34.23
N GLY C 131 -28.14 42.53 33.41
CA GLY C 131 -26.67 42.46 33.43
C GLY C 131 -26.12 41.21 34.11
N VAL C 132 -26.96 40.51 34.87
CA VAL C 132 -26.63 39.26 35.55
C VAL C 132 -27.44 38.16 34.89
N LEU C 133 -26.78 37.13 34.42
CA LEU C 133 -27.39 35.96 33.80
C LEU C 133 -27.41 34.85 34.85
N GLU C 134 -28.55 34.63 35.49
CA GLU C 134 -28.70 33.60 36.50
C GLU C 134 -28.97 32.26 35.80
N ILE C 135 -28.08 31.30 36.00
CA ILE C 135 -28.21 29.96 35.44
C ILE C 135 -28.30 28.96 36.57
N THR C 136 -29.37 28.17 36.61
CA THR C 136 -29.60 27.15 37.63
C THR C 136 -30.06 25.86 36.98
N ALA C 137 -29.86 24.73 37.66
CA ALA C 137 -30.40 23.45 37.26
C ALA C 137 -30.90 22.73 38.50
N CYS C 138 -32.21 22.71 38.70
CA CYS C 138 -32.83 22.28 39.94
C CYS C 138 -34.06 21.41 39.69
N GLN C 139 -34.48 20.68 40.70
CA GLN C 139 -35.73 19.92 40.69
C GLN C 139 -36.96 20.83 40.89
N TYR C 140 -37.15 21.81 40.01
CA TYR C 140 -38.23 22.79 40.11
C TYR C 140 -39.64 22.19 39.90
N THR C 141 -40.62 22.66 40.67
CA THR C 141 -42.05 22.49 40.39
C THR C 141 -42.51 23.47 39.30
N MET C 142 -42.20 23.20 38.05
CA MET C 142 -42.59 24.10 36.96
C MET C 142 -44.11 24.26 36.87
N CYS C 143 -44.57 25.47 36.59
CA CYS C 143 -45.99 25.74 36.50
C CYS C 143 -46.57 25.17 35.20
N GLU C 144 -47.88 25.04 35.11
CA GLU C 144 -48.54 24.59 33.89
C GLU C 144 -48.31 25.61 32.76
N TYR C 145 -48.35 26.90 33.11
CA TYR C 145 -48.20 28.08 32.25
C TYR C 145 -47.14 29.03 32.83
N PRO C 146 -45.84 28.68 32.77
CA PRO C 146 -44.77 29.49 33.33
C PRO C 146 -44.54 30.79 32.55
N HIS C 147 -44.07 31.85 33.19
CA HIS C 147 -43.78 33.11 32.52
C HIS C 147 -42.87 33.99 33.38
N THR C 148 -42.25 34.99 32.78
CA THR C 148 -41.42 35.98 33.47
C THR C 148 -42.07 37.35 33.39
N ILE C 149 -41.53 38.35 34.10
CA ILE C 149 -42.07 39.71 34.08
C ILE C 149 -40.97 40.77 33.94
N CYS C 150 -41.30 41.94 33.40
CA CYS C 150 -40.41 43.10 33.45
C CYS C 150 -40.13 43.55 34.90
N LYS C 151 -38.86 43.74 35.29
CA LYS C 151 -38.51 44.20 36.65
C LYS C 151 -38.25 45.71 36.73
N SER C 152 -38.43 46.43 35.62
CA SER C 152 -38.22 47.88 35.51
C SER C 152 -39.49 48.62 35.09
N LYS C 153 -40.12 48.20 33.98
CA LYS C 153 -41.42 48.73 33.54
C LYS C 153 -42.62 48.12 34.25
N GLY C 154 -42.42 47.06 35.02
CA GLY C 154 -43.48 46.33 35.73
C GLY C 154 -44.36 45.48 34.82
N SER C 155 -45.27 44.72 35.43
CA SER C 155 -46.23 43.85 34.74
C SER C 155 -47.57 43.81 35.48
N SER C 156 -48.63 43.46 34.77
CA SER C 156 -49.99 43.33 35.29
C SER C 156 -50.22 42.04 36.09
N ARG C 157 -49.20 41.17 36.22
CA ARG C 157 -49.23 39.93 37.01
C ARG C 157 -47.86 39.66 37.65
N ASN C 158 -47.85 38.93 38.77
CA ASN C 158 -46.61 38.57 39.47
C ASN C 158 -45.84 37.47 38.73
N GLU C 159 -44.51 37.42 38.88
CA GLU C 159 -43.68 36.41 38.22
C GLU C 159 -43.91 35.01 38.79
N SER C 160 -44.10 34.02 37.92
CA SER C 160 -44.32 32.65 38.37
C SER C 160 -44.00 31.61 37.30
N TRP C 161 -42.90 30.89 37.45
CA TRP C 161 -42.56 29.73 36.61
C TRP C 161 -42.29 28.47 37.43
N HIS C 162 -42.16 28.58 38.75
CA HIS C 162 -42.00 27.47 39.70
C HIS C 162 -42.67 27.84 41.03
N PHE C 163 -43.08 26.84 41.81
CA PHE C 163 -43.77 27.09 43.08
C PHE C 163 -42.89 26.92 44.31
N ASP C 164 -41.76 26.21 44.20
CA ASP C 164 -40.94 25.71 45.31
C ASP C 164 -40.73 26.69 46.45
N LYS C 165 -41.49 26.46 47.53
CA LYS C 165 -41.49 27.26 48.76
C LYS C 165 -40.18 27.07 49.55
N SER C 166 -39.72 25.83 49.66
CA SER C 166 -38.40 25.45 50.17
C SER C 166 -37.43 25.29 49.00
N GLU C 167 -36.14 25.54 49.21
CA GLU C 167 -35.16 25.44 48.12
C GLU C 167 -35.05 24.00 47.60
N PRO C 168 -35.29 23.75 46.29
CA PRO C 168 -35.18 22.42 45.70
C PRO C 168 -33.72 21.98 45.58
N LEU C 169 -33.49 20.68 45.38
CA LEU C 169 -32.16 20.18 45.04
C LEU C 169 -31.69 20.84 43.73
N CYS C 170 -30.43 21.27 43.69
CA CYS C 170 -29.81 21.81 42.49
C CYS C 170 -28.48 21.12 42.17
N LEU C 171 -28.29 20.70 40.92
CA LEU C 171 -26.99 20.27 40.42
C LEU C 171 -26.09 21.46 40.08
N PHE C 172 -26.66 22.62 39.76
CA PHE C 172 -25.91 23.80 39.34
C PHE C 172 -26.62 25.09 39.74
N LYS C 173 -25.83 26.11 40.10
CA LYS C 173 -26.30 27.46 40.41
C LYS C 173 -25.12 28.42 40.30
N LYS C 174 -25.10 29.25 39.26
CA LYS C 174 -24.07 30.27 39.02
C LYS C 174 -24.64 31.49 38.33
N ASN C 175 -23.96 32.61 38.48
CA ASN C 175 -24.29 33.88 37.86
C ASN C 175 -23.14 34.31 36.97
N PHE C 176 -23.47 34.81 35.79
CA PHE C 176 -22.50 35.30 34.81
C PHE C 176 -22.88 36.72 34.42
N THR C 177 -21.93 37.62 34.29
CA THR C 177 -22.24 39.01 33.91
C THR C 177 -22.22 39.17 32.41
N TYR C 178 -23.11 39.98 31.85
CA TYR C 178 -23.14 40.28 30.43
C TYR C 178 -23.29 41.78 30.22
N ASN C 179 -22.76 42.31 29.13
CA ASN C 179 -22.82 43.74 28.83
C ASN C 179 -24.25 44.14 28.42
N VAL C 180 -24.93 44.92 29.27
CA VAL C 180 -26.29 45.41 29.04
C VAL C 180 -26.41 46.33 27.83
N SER C 181 -25.31 46.96 27.42
CA SER C 181 -25.27 47.86 26.28
C SER C 181 -25.33 47.15 24.93
N THR C 182 -24.98 45.86 24.86
CA THR C 182 -24.97 45.08 23.61
C THR C 182 -26.36 44.85 23.03
N ASP C 183 -26.48 44.75 21.71
CA ASP C 183 -27.78 44.55 21.06
C ASP C 183 -28.20 43.09 20.95
N TRP C 184 -27.25 42.15 20.89
CA TRP C 184 -27.51 40.72 20.71
C TRP C 184 -26.65 39.84 21.60
N LEU C 185 -27.24 38.75 22.09
CA LEU C 185 -26.55 37.71 22.84
C LEU C 185 -26.69 36.42 22.05
N TYR C 186 -25.66 35.60 22.05
CA TYR C 186 -25.64 34.33 21.33
C TYR C 186 -25.36 33.20 22.29
N PHE C 187 -26.07 32.08 22.16
CA PHE C 187 -25.89 30.93 23.03
C PHE C 187 -25.88 29.59 22.32
N HIS C 188 -24.99 28.68 22.71
CA HIS C 188 -24.99 27.30 22.24
C HIS C 188 -25.38 26.46 23.43
N PHE C 189 -26.45 25.69 23.34
CA PHE C 189 -26.86 24.77 24.38
C PHE C 189 -26.93 23.40 23.75
N TYR C 190 -26.14 22.44 24.20
CA TYR C 190 -26.16 21.10 23.63
C TYR C 190 -25.84 20.05 24.68
N GLN C 191 -26.14 18.80 24.37
CA GLN C 191 -25.87 17.69 25.27
C GLN C 191 -25.06 16.60 24.57
N GLU C 192 -24.22 15.91 25.33
CA GLU C 192 -23.39 14.82 24.83
C GLU C 192 -22.99 13.94 26.01
N ARG C 193 -23.22 12.63 25.92
CA ARG C 193 -22.85 11.64 26.96
C ARG C 193 -23.41 12.01 28.35
N GLY C 194 -24.68 12.40 28.41
CA GLY C 194 -25.35 12.75 29.68
C GLY C 194 -24.89 14.06 30.31
N THR C 195 -24.13 14.87 29.60
CA THR C 195 -23.60 16.16 30.07
C THR C 195 -24.13 17.29 29.20
N PHE C 196 -24.61 18.35 29.82
CA PHE C 196 -25.10 19.56 29.17
C PHE C 196 -23.97 20.57 29.05
N TYR C 197 -23.83 21.22 27.91
CA TYR C 197 -22.80 22.21 27.62
C TYR C 197 -23.44 23.52 27.22
N ALA C 198 -22.87 24.63 27.69
CA ALA C 198 -23.33 25.96 27.38
C ALA C 198 -22.19 26.88 26.93
N TYR C 199 -22.37 27.55 25.80
CA TYR C 199 -21.46 28.56 25.28
C TYR C 199 -22.25 29.84 25.12
N TYR C 200 -21.63 31.00 25.26
CA TYR C 200 -22.31 32.27 25.11
C TYR C 200 -21.40 33.39 24.62
N ALA C 201 -21.98 34.46 24.12
CA ALA C 201 -21.27 35.66 23.71
C ALA C 201 -22.21 36.87 23.79
N ASP C 202 -21.79 37.90 24.51
CA ASP C 202 -22.50 39.17 24.60
C ASP C 202 -21.91 40.16 23.58
N SER C 203 -20.62 40.05 23.27
CA SER C 203 -19.90 40.87 22.29
C SER C 203 -19.33 39.95 21.19
N GLY C 204 -19.62 40.28 19.93
CA GLY C 204 -19.19 39.46 18.80
C GLY C 204 -20.13 38.28 18.57
N MET C 205 -20.05 37.67 17.38
CA MET C 205 -20.90 36.53 17.03
C MET C 205 -20.37 35.19 17.54
N PRO C 206 -19.08 34.84 17.44
CA PRO C 206 -18.56 33.57 17.96
C PRO C 206 -18.71 33.47 19.48
N THR C 207 -19.23 32.36 19.99
CA THR C 207 -19.45 32.17 21.42
C THR C 207 -18.25 31.53 22.12
N THR C 208 -18.23 31.62 23.44
CA THR C 208 -17.18 31.06 24.29
C THR C 208 -17.80 30.18 25.37
N PHE C 209 -17.06 29.20 25.88
CA PHE C 209 -17.56 28.25 26.87
C PHE C 209 -17.96 28.90 28.20
N LEU C 210 -19.18 28.65 28.67
CA LEU C 210 -19.68 29.15 29.95
C LEU C 210 -19.47 28.10 31.04
N PHE C 211 -20.11 26.94 30.88
CA PHE C 211 -20.06 25.84 31.82
C PHE C 211 -20.55 24.54 31.19
N SER C 212 -20.18 23.43 31.83
CA SER C 212 -20.67 22.09 31.49
C SER C 212 -21.30 21.53 32.76
N LEU C 213 -22.28 20.63 32.63
CA LEU C 213 -23.03 20.10 33.74
C LEU C 213 -23.43 18.65 33.50
N TYR C 214 -22.92 17.71 34.31
CA TYR C 214 -23.34 16.33 34.18
C TYR C 214 -24.76 16.19 34.76
N LEU C 215 -25.67 15.58 34.00
CA LEU C 215 -27.05 15.32 34.40
C LEU C 215 -27.32 13.83 34.57
N GLY C 216 -26.74 12.98 33.70
CA GLY C 216 -26.95 11.54 33.74
C GLY C 216 -28.26 11.09 33.12
N THR C 217 -29.01 12.00 32.51
CA THR C 217 -30.32 11.80 31.89
C THR C 217 -30.38 12.61 30.63
N LEU C 218 -31.18 12.15 29.68
CA LEU C 218 -31.34 12.79 28.37
C LEU C 218 -32.34 13.95 28.41
N LEU C 219 -31.90 15.19 28.17
CA LEU C 219 -32.81 16.33 28.02
C LEU C 219 -33.61 16.10 26.73
N SER C 220 -34.89 16.40 26.72
CA SER C 220 -35.72 16.16 25.54
C SER C 220 -36.47 17.38 25.05
N HIS C 221 -36.68 18.40 25.87
CA HIS C 221 -37.47 19.57 25.50
C HIS C 221 -36.85 20.85 26.00
N TYR C 222 -37.12 21.94 25.30
CA TYR C 222 -36.84 23.28 25.76
C TYR C 222 -38.03 24.18 25.48
N TYR C 223 -38.13 25.27 26.23
CA TYR C 223 -39.20 26.22 26.08
C TYR C 223 -38.73 27.62 26.45
N VAL C 224 -39.11 28.60 25.66
CA VAL C 224 -38.79 30.01 25.89
C VAL C 224 -39.98 30.60 26.62
N LEU C 225 -39.79 31.01 27.87
CA LEU C 225 -40.86 31.53 28.70
C LEU C 225 -41.43 32.85 28.19
N PRO C 226 -42.75 32.99 28.08
CA PRO C 226 -43.36 34.25 27.71
C PRO C 226 -43.01 35.30 28.77
N LEU C 227 -42.75 36.52 28.35
CA LEU C 227 -42.41 37.63 29.25
C LEU C 227 -43.59 38.60 29.27
N THR C 228 -44.07 38.95 30.46
CA THR C 228 -45.21 39.85 30.60
C THR C 228 -44.78 41.22 31.08
N CYS C 229 -45.29 42.27 30.45
CA CYS C 229 -44.79 43.62 30.70
C CYS C 229 -45.86 44.67 30.39
N ASN C 230 -45.84 45.79 31.12
CA ASN C 230 -46.65 46.97 30.80
C ASN C 230 -46.01 47.88 29.73
N ALA C 231 -44.92 47.43 29.12
CA ALA C 231 -44.16 48.07 28.03
C ALA C 231 -43.86 47.05 26.92
N ILE C 232 -42.90 47.31 26.02
CA ILE C 232 -42.52 46.39 24.92
C ILE C 232 -43.68 46.14 23.96
N SER C 233 -44.28 47.18 23.38
CA SER C 233 -45.30 47.04 22.33
C SER C 233 -45.51 48.34 21.53
N SER C 234 -46.18 48.24 20.38
CA SER C 234 -46.33 49.34 19.43
C SER C 234 -47.11 50.54 19.96
N ASN C 235 -48.05 50.34 20.89
CA ASN C 235 -48.82 51.42 21.50
C ASN C 235 -48.13 52.07 22.72
N THR C 236 -46.86 51.76 23.01
CA THR C 236 -46.16 52.28 24.20
C THR C 236 -44.69 52.63 23.97
N ASP C 237 -43.93 51.85 23.20
CA ASP C 237 -42.50 52.14 22.97
C ASP C 237 -41.90 51.61 21.65
N ASN C 238 -42.64 50.81 20.88
CA ASN C 238 -42.14 50.09 19.68
C ASN C 238 -40.92 49.18 19.93
N GLU C 239 -40.59 48.84 21.18
CA GLU C 239 -39.62 47.78 21.43
C GLU C 239 -40.23 46.38 21.31
N THR C 240 -39.37 45.38 21.13
CA THR C 240 -39.77 43.98 20.91
C THR C 240 -38.81 43.00 21.58
N LEU C 241 -39.33 41.85 22.00
CA LEU C 241 -38.52 40.68 22.32
C LEU C 241 -38.19 39.94 21.03
N GLN C 242 -37.03 39.29 20.95
CA GLN C 242 -36.70 38.33 19.90
C GLN C 242 -35.79 37.27 20.50
N TYR C 243 -36.14 36.01 20.30
CA TYR C 243 -35.36 34.88 20.80
C TYR C 243 -35.38 33.84 19.69
N TRP C 244 -34.47 34.02 18.73
CA TRP C 244 -34.35 33.14 17.58
C TRP C 244 -33.60 31.89 17.94
N VAL C 245 -34.15 30.71 17.65
CA VAL C 245 -33.49 29.43 17.92
C VAL C 245 -33.41 28.58 16.67
N THR C 246 -32.37 27.77 16.56
CA THR C 246 -32.16 26.82 15.48
C THR C 246 -31.52 25.55 16.01
N PRO C 247 -31.85 24.35 15.51
CA PRO C 247 -31.23 23.12 15.99
C PRO C 247 -29.73 23.04 15.72
N LEU C 248 -29.00 22.37 16.61
CA LEU C 248 -27.59 22.07 16.47
C LEU C 248 -27.44 20.62 16.03
N SER C 249 -26.34 20.31 15.38
CA SER C 249 -26.00 18.95 14.95
C SER C 249 -24.50 18.86 14.77
N LYS C 250 -23.95 17.65 14.77
CA LYS C 250 -22.51 17.44 14.59
C LYS C 250 -22.18 17.71 13.12
N ARG C 251 -21.58 18.86 12.83
CA ARG C 251 -21.25 19.32 11.47
C ARG C 251 -19.80 19.75 11.32
N GLN C 252 -19.23 19.57 10.14
CA GLN C 252 -17.88 20.03 9.85
C GLN C 252 -17.97 21.45 9.30
N TYR C 253 -17.19 22.36 9.85
CA TYR C 253 -17.14 23.77 9.47
C TYR C 253 -15.73 24.20 9.13
N LEU C 254 -15.60 25.14 8.20
CA LEU C 254 -14.34 25.78 7.90
C LEU C 254 -14.36 27.05 8.74
N LEU C 255 -13.50 27.18 9.74
CA LEU C 255 -13.43 28.35 10.60
C LEU C 255 -12.22 29.18 10.21
N LYS C 256 -12.37 30.47 9.92
CA LYS C 256 -11.25 31.35 9.61
C LYS C 256 -10.97 32.25 10.80
N PHE C 257 -9.73 32.28 11.25
CA PHE C 257 -9.27 33.10 12.36
C PHE C 257 -8.38 34.21 11.84
N ASP C 258 -8.54 35.43 12.33
CA ASP C 258 -7.70 36.55 11.90
C ASP C 258 -6.36 36.60 12.66
N ASN C 259 -5.56 37.64 12.45
CA ASN C 259 -4.27 37.81 13.10
C ASN C 259 -4.34 37.98 14.63
N ARG C 260 -5.53 38.20 15.21
CA ARG C 260 -5.71 38.35 16.66
C ARG C 260 -6.49 37.19 17.30
N GLY C 261 -6.72 36.13 16.54
CA GLY C 261 -7.39 34.92 17.02
C GLY C 261 -8.91 34.93 17.02
N VAL C 262 -9.56 35.93 16.44
CA VAL C 262 -11.01 36.02 16.39
C VAL C 262 -11.56 35.29 15.18
N ILE C 263 -12.61 34.48 15.34
CA ILE C 263 -13.25 33.81 14.21
C ILE C 263 -13.98 34.89 13.41
N THR C 264 -13.49 35.24 12.23
CA THR C 264 -14.11 36.29 11.42
C THR C 264 -15.11 35.76 10.42
N ASN C 265 -14.92 34.54 9.93
CA ASN C 265 -15.79 33.92 8.94
C ASN C 265 -15.88 32.41 9.16
N ALA C 266 -16.95 31.81 8.66
CA ALA C 266 -17.15 30.38 8.77
C ALA C 266 -17.95 29.81 7.59
N VAL C 267 -17.78 28.54 7.28
CA VAL C 267 -18.49 27.87 6.19
C VAL C 267 -19.04 26.53 6.65
N ASP C 268 -20.32 26.27 6.45
CA ASP C 268 -20.91 24.97 6.75
C ASP C 268 -20.66 24.10 5.52
N CYS C 269 -19.71 23.19 5.57
CA CYS C 269 -19.25 22.45 4.41
C CYS C 269 -20.32 21.69 3.62
N SER C 270 -21.25 21.02 4.27
CA SER C 270 -22.31 20.26 3.57
C SER C 270 -23.59 21.06 3.32
N SER C 271 -23.60 22.38 3.53
CA SER C 271 -24.80 23.19 3.33
C SER C 271 -25.16 23.43 1.86
N SER C 272 -24.18 23.58 0.98
CA SER C 272 -24.40 23.84 -0.45
C SER C 272 -23.18 23.48 -1.28
N PHE C 273 -23.31 23.51 -2.60
CA PHE C 273 -22.21 23.22 -3.52
C PHE C 273 -21.09 24.25 -3.36
N PHE C 274 -21.39 25.55 -3.23
CA PHE C 274 -20.33 26.54 -3.05
C PHE C 274 -19.60 26.33 -1.73
N SER C 275 -20.32 25.98 -0.66
CA SER C 275 -19.69 25.70 0.63
C SER C 275 -18.75 24.51 0.53
N GLU C 276 -19.11 23.50 -0.27
CA GLU C 276 -18.26 22.34 -0.50
C GLU C 276 -16.96 22.75 -1.20
N ILE C 277 -17.01 23.66 -2.17
CA ILE C 277 -15.82 24.18 -2.85
C ILE C 277 -14.96 24.97 -1.86
N GLN C 278 -15.57 25.82 -1.03
CA GLN C 278 -14.86 26.60 -0.03
C GLN C 278 -14.14 25.69 0.96
N CYS C 279 -14.79 24.63 1.44
CA CYS C 279 -14.15 23.69 2.36
C CYS C 279 -13.08 22.84 1.66
N LYS C 280 -13.28 22.45 0.39
CA LYS C 280 -12.31 21.65 -0.38
C LYS C 280 -11.02 22.42 -0.61
N THR C 281 -11.13 23.69 -0.94
CA THR C 281 -9.98 24.59 -1.15
C THR C 281 -9.49 25.28 0.13
N LYS C 282 -10.20 25.11 1.25
CA LYS C 282 -9.91 25.73 2.56
C LYS C 282 -9.79 27.25 2.46
N SER C 283 -10.64 27.88 1.64
CA SER C 283 -10.63 29.33 1.42
C SER C 283 -12.04 29.90 1.23
N LEU C 284 -12.24 31.16 1.61
CA LEU C 284 -13.54 31.82 1.48
C LEU C 284 -13.87 32.19 0.04
N LEU C 285 -12.87 32.54 -0.75
CA LEU C 285 -13.02 32.87 -2.16
C LEU C 285 -12.13 31.94 -2.99
N PRO C 286 -12.66 30.80 -3.45
CA PRO C 286 -11.90 29.86 -4.26
C PRO C 286 -11.44 30.48 -5.58
N ASN C 287 -10.36 29.97 -6.15
CA ASN C 287 -9.87 30.47 -7.44
C ASN C 287 -10.88 30.16 -8.55
N THR C 288 -10.88 30.95 -9.62
CA THR C 288 -11.76 30.69 -10.77
C THR C 288 -11.40 29.33 -11.34
N GLY C 289 -12.36 28.43 -11.46
CA GLY C 289 -12.11 27.09 -11.98
C GLY C 289 -13.35 26.21 -12.00
N VAL C 290 -13.21 25.03 -12.59
CA VAL C 290 -14.28 24.05 -12.65
C VAL C 290 -13.97 22.99 -11.61
N TYR C 291 -14.87 22.80 -10.67
CA TYR C 291 -14.72 21.87 -9.56
C TYR C 291 -15.66 20.68 -9.71
N ASP C 292 -15.12 19.48 -9.72
CA ASP C 292 -15.92 18.26 -9.75
C ASP C 292 -16.20 17.94 -8.28
N LEU C 293 -17.43 18.20 -7.86
CA LEU C 293 -17.82 18.00 -6.47
C LEU C 293 -17.94 16.53 -6.10
N SER C 294 -18.03 16.24 -4.81
CA SER C 294 -18.15 14.86 -4.34
C SER C 294 -19.43 14.24 -4.89
N GLY C 295 -19.33 12.98 -5.30
CA GLY C 295 -20.43 12.27 -5.91
C GLY C 295 -21.58 12.04 -4.97
N PHE C 296 -22.77 12.41 -5.43
CA PHE C 296 -24.01 12.19 -4.72
C PHE C 296 -24.61 10.86 -5.20
N THR C 297 -25.52 10.27 -4.43
CA THR C 297 -26.32 9.12 -4.85
C THR C 297 -27.78 9.47 -4.67
N VAL C 298 -28.63 9.09 -5.62
CA VAL C 298 -30.07 9.37 -5.55
C VAL C 298 -30.63 8.72 -4.30
N LYS C 299 -31.25 9.51 -3.42
CA LYS C 299 -31.84 9.01 -2.18
C LYS C 299 -33.01 8.06 -2.48
N PRO C 300 -33.16 6.96 -1.72
CA PRO C 300 -34.23 6.01 -1.94
C PRO C 300 -35.58 6.67 -1.64
N VAL C 301 -36.51 6.59 -2.59
CA VAL C 301 -37.86 7.15 -2.50
C VAL C 301 -38.71 6.38 -1.51
N ALA C 302 -38.63 5.06 -1.56
CA ALA C 302 -39.38 4.13 -0.72
C ALA C 302 -38.50 2.97 -0.25
N THR C 303 -39.08 2.07 0.54
CA THR C 303 -38.43 0.86 1.04
C THR C 303 -39.19 -0.36 0.55
N VAL C 304 -38.49 -1.38 0.08
CA VAL C 304 -39.08 -2.64 -0.39
C VAL C 304 -38.73 -3.70 0.61
N HIS C 305 -39.72 -4.34 1.23
CA HIS C 305 -39.50 -5.40 2.20
C HIS C 305 -40.26 -6.65 1.77
N ARG C 306 -39.56 -7.77 1.57
CA ARG C 306 -40.17 -9.02 1.11
C ARG C 306 -39.76 -10.17 2.01
N ARG C 307 -40.73 -10.88 2.58
CA ARG C 307 -40.56 -12.07 3.43
C ARG C 307 -41.63 -13.09 3.09
N ILE C 308 -41.36 -14.38 3.22
CA ILE C 308 -42.38 -15.39 2.91
C ILE C 308 -43.42 -15.35 4.05
N PRO C 309 -44.71 -15.13 3.76
CA PRO C 309 -45.74 -15.06 4.78
C PRO C 309 -46.22 -16.44 5.25
N ASP C 310 -46.96 -16.46 6.35
CA ASP C 310 -47.57 -17.65 6.94
C ASP C 310 -46.61 -18.78 7.34
N LEU C 311 -45.33 -18.48 7.54
CA LEU C 311 -44.36 -19.48 7.99
C LEU C 311 -44.59 -19.77 9.48
N PRO C 312 -44.42 -21.02 9.93
CA PRO C 312 -44.62 -21.39 11.32
C PRO C 312 -43.54 -20.81 12.22
N ASP C 313 -43.75 -20.84 13.53
CA ASP C 313 -42.73 -20.40 14.48
C ASP C 313 -41.68 -21.50 14.60
N CYS C 314 -40.40 -21.14 14.71
CA CYS C 314 -39.33 -22.12 14.81
C CYS C 314 -39.38 -22.96 16.10
N ASP C 315 -39.93 -22.45 17.20
CA ASP C 315 -39.98 -23.16 18.49
C ASP C 315 -38.58 -23.57 18.98
N ILE C 316 -37.59 -22.68 18.81
CA ILE C 316 -36.21 -22.95 19.21
C ILE C 316 -36.14 -23.15 20.73
N ASP C 317 -36.91 -22.38 21.49
CA ASP C 317 -36.96 -22.47 22.95
C ASP C 317 -37.46 -23.84 23.39
N LYS C 318 -38.48 -24.40 22.72
CA LYS C 318 -39.02 -25.72 23.07
C LYS C 318 -38.01 -26.82 22.90
N TRP C 319 -37.05 -26.66 21.99
CA TRP C 319 -36.01 -27.65 21.78
C TRP C 319 -34.84 -27.44 22.73
N LEU C 320 -34.43 -26.19 22.98
CA LEU C 320 -33.39 -25.89 23.96
C LEU C 320 -33.82 -26.22 25.40
N ASN C 321 -35.08 -25.98 25.76
CA ASN C 321 -35.63 -26.26 27.07
C ASN C 321 -36.09 -27.72 27.25
N ASN C 322 -35.87 -28.61 26.29
CA ASN C 322 -36.20 -30.02 26.46
C ASN C 322 -35.35 -30.60 27.60
N PHE C 323 -35.97 -31.24 28.59
CA PHE C 323 -35.28 -31.72 29.79
C PHE C 323 -34.38 -32.95 29.56
N ASN C 324 -34.46 -33.61 28.42
CA ASN C 324 -33.61 -34.75 28.06
C ASN C 324 -32.34 -34.22 27.38
N VAL C 325 -31.46 -33.55 28.13
CA VAL C 325 -30.25 -32.89 27.62
C VAL C 325 -29.13 -33.90 27.27
N PRO C 326 -28.51 -33.85 26.08
CA PRO C 326 -27.43 -34.77 25.71
C PRO C 326 -26.06 -34.36 26.27
N SER C 327 -25.15 -35.31 26.42
CA SER C 327 -23.78 -35.02 26.84
C SER C 327 -22.96 -34.50 25.66
N PRO C 328 -21.79 -33.87 25.84
CA PRO C 328 -20.97 -33.44 24.72
C PRO C 328 -20.57 -34.59 23.82
N LEU C 329 -20.50 -35.82 24.34
CA LEU C 329 -20.14 -36.99 23.53
C LEU C 329 -21.17 -37.25 22.42
N ASN C 330 -22.46 -37.13 22.75
CA ASN C 330 -23.58 -37.35 21.85
C ASN C 330 -24.38 -36.07 21.64
N TRP C 331 -23.69 -34.95 21.41
CA TRP C 331 -24.34 -33.67 21.20
C TRP C 331 -25.39 -33.78 20.10
N GLU C 332 -26.55 -33.18 20.30
CA GLU C 332 -27.67 -33.23 19.36
C GLU C 332 -27.72 -31.99 18.51
N ARG C 333 -28.21 -32.13 17.27
CA ARG C 333 -28.39 -31.07 16.30
C ARG C 333 -29.82 -30.97 15.84
N LYS C 334 -30.34 -29.76 15.71
CA LYS C 334 -31.67 -29.50 15.13
C LYS C 334 -31.50 -28.40 14.10
N ILE C 335 -32.05 -28.60 12.93
CA ILE C 335 -31.96 -27.63 11.84
C ILE C 335 -33.28 -26.90 11.71
N PHE C 336 -33.25 -25.58 11.83
CA PHE C 336 -34.42 -24.73 11.72
C PHE C 336 -34.41 -24.02 10.38
N SER C 337 -35.43 -24.24 9.57
CA SER C 337 -35.59 -23.67 8.24
C SER C 337 -37.07 -23.44 7.94
N ASN C 338 -37.37 -22.48 7.05
CA ASN C 338 -38.74 -22.13 6.67
C ASN C 338 -39.62 -21.84 7.90
N CYS C 339 -39.10 -21.06 8.85
CA CYS C 339 -39.79 -20.70 10.07
C CYS C 339 -39.36 -19.32 10.55
N ASN C 340 -40.16 -18.69 11.39
CA ASN C 340 -39.88 -17.39 11.97
C ASN C 340 -39.46 -17.53 13.44
N PHE C 341 -38.57 -16.68 13.92
CA PHE C 341 -38.12 -16.69 15.32
C PHE C 341 -37.87 -15.29 15.83
N ASN C 342 -37.91 -15.09 17.14
CA ASN C 342 -37.59 -13.83 17.79
C ASN C 342 -36.43 -14.07 18.72
N LEU C 343 -35.27 -13.50 18.46
CA LEU C 343 -34.11 -13.66 19.32
C LEU C 343 -34.38 -13.01 20.68
N SER C 344 -35.09 -11.88 20.72
CA SER C 344 -35.40 -11.24 22.00
C SER C 344 -36.25 -12.17 22.88
N THR C 345 -37.31 -12.79 22.34
CA THR C 345 -38.13 -13.73 23.11
C THR C 345 -37.34 -14.98 23.49
N LEU C 346 -36.54 -15.52 22.57
CA LEU C 346 -35.75 -16.71 22.79
C LEU C 346 -34.76 -16.52 23.93
N LEU C 347 -34.06 -15.39 24.01
CA LEU C 347 -33.11 -15.16 25.08
C LEU C 347 -33.78 -15.06 26.47
N ARG C 348 -35.07 -14.71 26.54
CA ARG C 348 -35.82 -14.68 27.82
C ARG C 348 -36.32 -16.07 28.20
N LEU C 349 -36.86 -16.82 27.24
CA LEU C 349 -37.44 -18.15 27.46
C LEU C 349 -36.43 -19.24 27.80
N VAL C 350 -35.16 -19.09 27.43
CA VAL C 350 -34.13 -20.11 27.70
C VAL C 350 -33.36 -19.92 29.01
N HIS C 351 -33.54 -18.80 29.71
CA HIS C 351 -32.73 -18.46 30.91
C HIS C 351 -31.24 -18.37 30.57
N THR C 352 -30.92 -17.38 29.76
CA THR C 352 -29.57 -17.10 29.23
C THR C 352 -28.58 -16.65 30.29
N ASP C 353 -27.46 -17.37 30.43
CA ASP C 353 -26.31 -16.98 31.24
C ASP C 353 -25.41 -16.01 30.44
N SER C 354 -25.13 -16.33 29.18
CA SER C 354 -24.32 -15.52 28.27
C SER C 354 -24.66 -15.82 26.81
N PHE C 355 -24.58 -14.83 25.93
CA PHE C 355 -24.83 -14.96 24.50
C PHE C 355 -23.88 -14.07 23.73
N SER C 356 -23.04 -14.64 22.87
CA SER C 356 -22.08 -13.89 22.07
C SER C 356 -21.95 -14.50 20.69
N CYS C 357 -21.52 -13.71 19.70
CA CYS C 357 -21.37 -14.16 18.34
C CYS C 357 -19.94 -13.98 17.82
N ASN C 358 -19.54 -14.90 16.96
CA ASN C 358 -18.26 -14.99 16.30
C ASN C 358 -18.48 -14.78 14.79
N ASN C 359 -17.69 -13.91 14.17
CA ASN C 359 -17.81 -13.53 12.74
C ASN C 359 -19.18 -12.94 12.36
N PHE C 360 -19.95 -12.52 13.36
CA PHE C 360 -21.29 -11.95 13.27
C PHE C 360 -21.56 -11.18 14.57
N ASP C 361 -22.58 -10.34 14.60
CA ASP C 361 -22.98 -9.58 15.78
C ASP C 361 -24.41 -9.90 16.19
N GLU C 362 -24.69 -9.97 17.49
CA GLU C 362 -26.05 -10.26 17.98
C GLU C 362 -27.05 -9.22 17.47
N SER C 363 -26.70 -7.93 17.44
CA SER C 363 -27.63 -6.90 16.98
C SER C 363 -28.01 -7.06 15.52
N LYS C 364 -27.14 -7.71 14.72
CA LYS C 364 -27.39 -7.97 13.30
C LYS C 364 -28.34 -9.14 13.08
N ILE C 365 -28.58 -10.00 14.07
CA ILE C 365 -29.53 -11.11 13.92
C ILE C 365 -30.96 -10.57 13.86
N TYR C 366 -31.27 -9.52 14.64
CA TYR C 366 -32.59 -8.93 14.69
C TYR C 366 -33.04 -8.43 13.32
N GLY C 367 -34.14 -8.99 12.80
CA GLY C 367 -34.70 -8.64 11.49
C GLY C 367 -34.04 -9.30 10.28
N SER C 368 -32.98 -10.09 10.45
CA SER C 368 -32.26 -10.75 9.37
C SER C 368 -32.82 -12.13 9.04
N CYS C 369 -32.48 -12.65 7.87
CA CYS C 369 -32.86 -13.98 7.40
C CYS C 369 -31.63 -14.83 7.15
N PHE C 370 -31.77 -16.13 7.33
CA PHE C 370 -30.74 -17.13 7.13
C PHE C 370 -31.31 -18.30 6.34
N LYS C 371 -30.50 -19.02 5.58
CA LYS C 371 -30.95 -20.21 4.84
C LYS C 371 -31.42 -21.28 5.82
N SER C 372 -30.71 -21.42 6.91
CA SER C 372 -31.06 -22.29 8.02
C SER C 372 -30.29 -21.87 9.27
N ILE C 373 -30.81 -22.21 10.43
CA ILE C 373 -30.15 -21.99 11.70
C ILE C 373 -29.91 -23.40 12.21
N VAL C 374 -28.66 -23.83 12.24
CA VAL C 374 -28.29 -25.15 12.73
C VAL C 374 -27.95 -24.95 14.20
N LEU C 375 -28.62 -25.69 15.08
CA LEU C 375 -28.43 -25.55 16.50
C LEU C 375 -27.93 -26.84 17.12
N ASP C 376 -26.73 -26.79 17.70
CA ASP C 376 -26.11 -27.92 18.36
C ASP C 376 -26.17 -27.69 19.87
N LYS C 377 -26.61 -28.67 20.68
CA LYS C 377 -26.70 -28.52 22.14
C LYS C 377 -26.07 -29.66 22.92
N PHE C 378 -25.49 -29.34 24.07
CA PHE C 378 -25.08 -30.33 25.08
C PHE C 378 -24.96 -29.74 26.48
N ALA C 379 -25.12 -30.57 27.50
CA ALA C 379 -24.84 -30.20 28.89
C ALA C 379 -23.34 -30.00 29.10
N ILE C 380 -22.94 -28.98 29.86
CA ILE C 380 -21.52 -28.68 30.10
C ILE C 380 -21.07 -29.43 31.36
N PRO C 381 -20.11 -30.37 31.31
CA PRO C 381 -19.51 -30.89 32.52
C PRO C 381 -18.75 -29.76 33.24
N ASN C 382 -19.04 -29.47 34.51
CA ASN C 382 -18.61 -28.25 35.20
C ASN C 382 -17.11 -27.95 35.10
N SER C 383 -16.26 -28.94 35.35
CA SER C 383 -14.80 -28.80 35.29
C SER C 383 -14.28 -28.49 33.89
N ARG C 384 -15.01 -28.85 32.84
CA ARG C 384 -14.63 -28.64 31.44
C ARG C 384 -15.16 -27.32 30.85
N ARG C 385 -15.81 -26.45 31.61
CA ARG C 385 -16.42 -25.20 31.10
C ARG C 385 -15.45 -24.34 30.28
N SER C 386 -14.19 -24.22 30.68
CA SER C 386 -13.18 -23.45 29.96
C SER C 386 -12.82 -24.04 28.59
N ASP C 387 -13.12 -25.31 28.33
CA ASP C 387 -12.82 -25.93 27.02
C ASP C 387 -13.70 -25.36 25.91
N LEU C 388 -14.78 -24.66 26.23
CA LEU C 388 -15.69 -24.08 25.25
C LEU C 388 -15.25 -22.70 24.75
N GLN C 389 -14.10 -22.19 25.19
CA GLN C 389 -13.57 -20.94 24.66
C GLN C 389 -13.14 -21.20 23.20
N LEU C 390 -13.34 -20.23 22.31
CA LEU C 390 -12.98 -20.43 20.90
C LEU C 390 -11.49 -20.70 20.73
N GLY C 391 -11.16 -21.72 19.93
CA GLY C 391 -9.78 -22.14 19.67
C GLY C 391 -9.15 -23.02 20.75
N SER C 392 -9.86 -23.36 21.83
CA SER C 392 -9.30 -24.18 22.90
C SER C 392 -9.01 -25.61 22.45
N SER C 393 -7.93 -26.19 22.99
CA SER C 393 -7.49 -27.56 22.72
C SER C 393 -7.87 -28.53 23.84
N GLY C 394 -8.81 -28.15 24.71
CA GLY C 394 -9.27 -28.99 25.82
C GLY C 394 -10.03 -30.22 25.33
N PHE C 395 -10.40 -31.10 26.25
CA PHE C 395 -11.08 -32.36 25.91
C PHE C 395 -12.39 -32.17 25.15
N LEU C 396 -13.20 -31.15 25.45
CA LEU C 396 -14.46 -30.96 24.72
C LEU C 396 -14.24 -30.68 23.24
N GLN C 397 -13.42 -29.72 22.86
CA GLN C 397 -13.21 -29.42 21.44
C GLN C 397 -12.23 -30.34 20.75
N SER C 398 -11.40 -31.07 21.48
CA SER C 398 -10.45 -32.00 20.90
C SER C 398 -11.09 -33.37 20.63
N SER C 399 -12.07 -33.78 21.43
CA SER C 399 -12.67 -35.11 21.33
C SER C 399 -14.21 -35.19 21.36
N ASN C 400 -14.95 -34.12 21.59
CA ASN C 400 -16.41 -34.19 21.67
C ASN C 400 -17.15 -33.34 20.64
N TYR C 401 -16.85 -32.04 20.60
CA TYR C 401 -17.53 -31.06 19.73
C TYR C 401 -16.60 -29.90 19.40
N LYS C 402 -16.06 -29.80 18.19
CA LYS C 402 -15.22 -28.67 17.79
C LYS C 402 -16.11 -27.53 17.33
N ILE C 403 -15.97 -26.36 17.95
CA ILE C 403 -16.72 -25.17 17.54
C ILE C 403 -16.05 -24.63 16.29
N ASP C 404 -16.79 -24.50 15.19
CA ASP C 404 -16.23 -23.94 13.96
C ASP C 404 -15.96 -22.45 14.08
N THR C 405 -14.68 -22.10 14.15
CA THR C 405 -14.25 -20.70 14.27
C THR C 405 -14.35 -19.95 12.95
N THR C 406 -14.30 -20.62 11.81
CA THR C 406 -14.35 -19.99 10.48
C THR C 406 -15.74 -19.47 10.09
N SER C 407 -16.81 -20.17 10.46
CA SER C 407 -18.19 -19.82 10.13
C SER C 407 -18.81 -18.81 11.09
N SER C 408 -19.87 -18.14 10.62
CA SER C 408 -20.65 -17.19 11.40
C SER C 408 -21.51 -17.96 12.39
N SER C 409 -21.26 -17.80 13.68
CA SER C 409 -22.00 -18.55 14.71
C SER C 409 -22.12 -17.80 16.03
N CYS C 410 -23.07 -18.19 16.87
CA CYS C 410 -23.27 -17.60 18.18
C CYS C 410 -23.31 -18.68 19.24
N GLN C 411 -22.64 -18.46 20.37
CA GLN C 411 -22.61 -19.41 21.46
C GLN C 411 -23.54 -18.92 22.58
N LEU C 412 -24.50 -19.75 22.93
CA LEU C 412 -25.43 -19.53 24.01
C LEU C 412 -25.04 -20.41 25.18
N TYR C 413 -24.82 -19.80 26.34
CA TYR C 413 -24.74 -20.47 27.61
C TYR C 413 -26.04 -20.20 28.35
N TYR C 414 -26.71 -21.25 28.79
CA TYR C 414 -28.02 -21.17 29.42
C TYR C 414 -28.17 -22.34 30.37
N SER C 415 -29.21 -22.35 31.19
CA SER C 415 -29.37 -23.42 32.17
C SER C 415 -30.82 -23.78 32.44
N LEU C 416 -31.05 -25.02 32.85
CA LEU C 416 -32.37 -25.56 33.18
C LEU C 416 -32.41 -26.06 34.63
N PRO C 417 -33.56 -26.07 35.30
CA PRO C 417 -33.68 -26.55 36.67
C PRO C 417 -33.30 -28.03 36.79
N ALA C 418 -32.35 -28.33 37.66
CA ALA C 418 -31.79 -29.67 37.78
C ALA C 418 -32.83 -30.72 38.19
N ILE C 419 -33.86 -30.34 38.96
CA ILE C 419 -34.94 -31.25 39.34
C ILE C 419 -35.68 -31.85 38.13
N ASN C 420 -35.74 -31.14 36.99
CA ASN C 420 -36.41 -31.64 35.79
C ASN C 420 -35.45 -32.22 34.75
N VAL C 421 -34.21 -31.73 34.67
CA VAL C 421 -33.18 -32.23 33.74
C VAL C 421 -32.79 -33.68 34.04
N THR C 422 -32.62 -34.46 32.99
CA THR C 422 -32.04 -35.81 33.00
C THR C 422 -31.00 -35.84 31.89
N ILE C 423 -29.77 -36.29 32.16
CA ILE C 423 -28.71 -36.29 31.14
C ILE C 423 -28.73 -37.59 30.34
N ASN C 424 -28.80 -37.46 29.02
CA ASN C 424 -28.78 -38.56 28.08
C ASN C 424 -27.34 -38.81 27.64
N ASN C 425 -26.65 -39.74 28.30
CA ASN C 425 -25.28 -40.13 27.97
C ASN C 425 -25.37 -41.32 27.02
N TYR C 426 -24.80 -41.22 25.84
CA TYR C 426 -24.85 -42.28 24.83
C TYR C 426 -23.55 -42.28 24.03
N ASN C 427 -23.01 -43.45 23.70
CA ASN C 427 -21.81 -43.53 22.88
C ASN C 427 -22.22 -43.63 21.40
N PRO C 428 -21.95 -42.62 20.57
CA PRO C 428 -22.33 -42.64 19.16
C PRO C 428 -21.40 -43.48 18.28
N SER C 429 -20.27 -43.96 18.81
CA SER C 429 -19.34 -44.75 18.01
C SER C 429 -19.92 -46.11 17.62
N SER C 430 -20.09 -46.33 16.32
CA SER C 430 -20.54 -47.62 15.78
C SER C 430 -19.53 -48.73 16.04
N TRP C 431 -18.23 -48.48 15.93
CA TRP C 431 -17.23 -49.53 16.13
C TRP C 431 -17.10 -49.95 17.60
N ASN C 432 -17.32 -49.05 18.56
CA ASN C 432 -17.35 -49.39 19.98
C ASN C 432 -18.57 -50.26 20.28
N ARG C 433 -19.74 -49.91 19.72
CA ARG C 433 -20.98 -50.68 19.87
C ARG C 433 -20.93 -52.03 19.17
N ARG C 434 -20.19 -52.17 18.07
CA ARG C 434 -19.97 -53.47 17.40
C ARG C 434 -19.30 -54.47 18.34
N TYR C 435 -18.42 -54.02 19.22
CA TYR C 435 -17.61 -54.86 20.08
C TYR C 435 -17.97 -54.82 21.57
N GLY C 436 -19.25 -54.73 21.91
CA GLY C 436 -19.70 -54.84 23.30
C GLY C 436 -20.09 -53.59 24.06
N PHE C 437 -19.84 -52.37 23.57
CA PHE C 437 -20.26 -51.20 24.32
C PHE C 437 -21.79 -51.08 24.28
N ASN C 438 -22.45 -50.95 25.44
CA ASN C 438 -23.90 -50.89 25.54
C ASN C 438 -24.42 -49.54 26.04
N ASN C 439 -24.04 -49.11 27.23
CA ASN C 439 -24.46 -47.85 27.85
C ASN C 439 -23.65 -47.54 29.10
N PHE C 440 -23.83 -46.33 29.63
CA PHE C 440 -23.19 -45.87 30.86
C PHE C 440 -24.12 -46.09 32.06
N ASN C 441 -23.54 -46.29 33.25
CA ASN C 441 -24.29 -46.46 34.49
C ASN C 441 -23.82 -45.38 35.47
N LEU C 442 -24.44 -44.20 35.38
CA LEU C 442 -24.05 -42.97 36.08
C LEU C 442 -25.28 -42.25 36.67
N SER C 443 -25.07 -41.25 37.52
CA SER C 443 -26.14 -40.47 38.15
C SER C 443 -26.97 -39.71 37.11
N SER C 444 -28.13 -39.19 37.50
CA SER C 444 -29.03 -38.47 36.60
C SER C 444 -28.44 -37.17 36.03
N HIS C 445 -27.47 -36.55 36.73
CA HIS C 445 -26.79 -35.33 36.30
C HIS C 445 -25.32 -35.51 35.93
N SER C 446 -24.80 -36.73 35.90
CA SER C 446 -23.44 -36.98 35.40
C SER C 446 -23.42 -36.84 33.88
N VAL C 447 -22.51 -36.03 33.36
CA VAL C 447 -22.31 -35.78 31.94
C VAL C 447 -21.00 -36.43 31.50
N VAL C 448 -21.03 -37.39 30.58
CA VAL C 448 -19.80 -38.00 30.04
C VAL C 448 -19.13 -37.10 29.01
N TYR C 449 -17.81 -37.19 28.91
CA TYR C 449 -17.06 -36.60 27.82
C TYR C 449 -15.87 -37.50 27.47
N SER C 450 -15.57 -37.60 26.19
CA SER C 450 -14.41 -38.32 25.70
C SER C 450 -13.16 -37.49 25.91
N ARG C 451 -12.08 -38.07 26.41
CA ARG C 451 -10.79 -37.39 26.55
C ARG C 451 -9.99 -37.63 25.28
N TYR C 452 -10.01 -38.85 24.76
CA TYR C 452 -9.29 -39.24 23.55
C TYR C 452 -10.17 -40.09 22.63
N CYS C 453 -10.19 -39.77 21.34
CA CYS C 453 -10.97 -40.52 20.34
C CYS C 453 -10.04 -41.32 19.44
N PHE C 454 -10.47 -42.52 19.08
CA PHE C 454 -9.74 -43.43 18.23
C PHE C 454 -10.59 -43.89 17.05
N SER C 455 -10.05 -43.76 15.86
CA SER C 455 -10.68 -44.20 14.62
C SER C 455 -10.04 -45.52 14.19
N VAL C 456 -10.84 -46.40 13.60
CA VAL C 456 -10.42 -47.70 13.10
C VAL C 456 -10.96 -47.93 11.70
N ASN C 457 -10.33 -48.81 10.94
CA ASN C 457 -10.80 -49.15 9.59
C ASN C 457 -12.03 -50.05 9.71
N ASN C 458 -12.82 -50.20 8.65
CA ASN C 458 -13.99 -51.09 8.66
C ASN C 458 -13.63 -52.58 8.85
N THR C 459 -12.36 -52.95 8.68
CA THR C 459 -11.85 -54.32 8.86
C THR C 459 -11.25 -54.55 10.26
N PHE C 460 -11.37 -53.61 11.20
CA PHE C 460 -10.84 -53.75 12.55
C PHE C 460 -11.61 -54.75 13.43
N CYS C 461 -10.90 -55.50 14.26
CA CYS C 461 -11.43 -56.41 15.26
C CYS C 461 -10.45 -56.47 16.43
N PRO C 462 -10.88 -56.30 17.69
CA PRO C 462 -9.99 -56.30 18.84
C PRO C 462 -9.63 -57.68 19.40
N CYS C 463 -10.15 -58.78 18.86
CA CYS C 463 -9.86 -60.12 19.38
C CYS C 463 -8.74 -60.84 18.60
N ALA C 464 -7.88 -61.60 19.29
CA ALA C 464 -6.83 -62.37 18.63
C ALA C 464 -7.42 -63.63 18.00
N LYS C 465 -6.72 -64.21 17.02
CA LYS C 465 -7.21 -65.41 16.33
C LYS C 465 -7.12 -66.63 17.25
N PRO C 466 -8.19 -67.43 17.43
CA PRO C 466 -8.15 -68.60 18.29
C PRO C 466 -7.03 -69.60 17.93
N SER C 467 -6.73 -69.77 16.64
CA SER C 467 -5.64 -70.65 16.22
C SER C 467 -4.30 -70.15 16.76
N PHE C 468 -4.02 -68.85 16.65
CA PHE C 468 -2.77 -68.28 17.17
C PHE C 468 -2.74 -68.32 18.70
N ALA C 469 -3.85 -67.96 19.36
CA ALA C 469 -3.96 -67.95 20.81
C ALA C 469 -3.74 -69.34 21.42
N SER C 470 -4.24 -70.40 20.79
CA SER C 470 -4.06 -71.77 21.29
C SER C 470 -2.58 -72.20 21.32
N SER C 471 -1.72 -71.60 20.48
CA SER C 471 -0.27 -71.92 20.44
C SER C 471 0.55 -71.21 21.52
N CYS C 472 0.03 -70.12 22.11
CA CYS C 472 0.73 -69.35 23.13
C CYS C 472 0.66 -70.00 24.50
N LYS C 473 1.78 -70.02 25.24
CA LYS C 473 1.79 -70.60 26.61
C LYS C 473 2.17 -69.59 27.69
N SER C 474 2.89 -68.53 27.31
CA SER C 474 3.26 -67.41 28.17
C SER C 474 2.63 -66.15 27.60
N HIS C 475 1.89 -65.38 28.41
CA HIS C 475 1.16 -64.18 27.99
C HIS C 475 0.17 -64.48 26.86
N LYS C 476 -0.68 -65.51 27.03
CA LYS C 476 -1.68 -65.92 26.04
C LYS C 476 -2.73 -64.80 25.88
N PRO C 477 -2.95 -64.27 24.67
CA PRO C 477 -3.93 -63.21 24.47
C PRO C 477 -5.35 -63.80 24.37
N PRO C 478 -6.40 -63.09 24.81
CA PRO C 478 -7.76 -63.58 24.70
C PRO C 478 -8.20 -63.62 23.22
N SER C 479 -9.06 -64.56 22.88
CA SER C 479 -9.53 -64.79 21.51
C SER C 479 -11.04 -65.06 21.45
N ALA C 480 -11.59 -64.86 20.25
CA ALA C 480 -12.98 -65.08 19.89
C ALA C 480 -13.12 -65.01 18.36
N SER C 481 -14.30 -65.31 17.83
CA SER C 481 -14.52 -65.21 16.38
C SER C 481 -14.76 -63.76 15.98
N CYS C 482 -13.86 -63.20 15.18
CA CYS C 482 -14.01 -61.84 14.67
C CYS C 482 -15.08 -61.81 13.58
N PRO C 483 -15.81 -60.70 13.39
CA PRO C 483 -16.82 -60.59 12.34
C PRO C 483 -16.25 -60.86 10.95
N ILE C 484 -17.06 -61.40 10.05
CA ILE C 484 -16.66 -61.70 8.69
C ILE C 484 -16.16 -60.44 7.97
N GLY C 485 -15.06 -60.54 7.25
CA GLY C 485 -14.45 -59.43 6.53
C GLY C 485 -13.47 -58.59 7.36
N THR C 486 -13.33 -58.87 8.66
CA THR C 486 -12.41 -58.14 9.54
C THR C 486 -11.12 -58.94 9.72
N ASN C 487 -10.08 -58.27 10.18
CA ASN C 487 -8.76 -58.83 10.43
C ASN C 487 -8.57 -58.98 11.94
N TYR C 488 -8.05 -60.11 12.38
CA TYR C 488 -7.83 -60.37 13.80
C TYR C 488 -6.73 -59.48 14.37
N ARG C 489 -6.73 -59.32 15.69
CA ARG C 489 -5.74 -58.54 16.45
C ARG C 489 -4.34 -59.05 16.12
N SER C 490 -3.48 -58.19 15.57
CA SER C 490 -2.12 -58.56 15.21
C SER C 490 -1.29 -58.93 16.44
N CYS C 491 -0.63 -60.09 16.37
CA CYS C 491 0.19 -60.68 17.42
C CYS C 491 1.37 -61.48 16.86
N GLU C 492 2.40 -61.70 17.69
CA GLU C 492 3.61 -62.43 17.34
C GLU C 492 4.04 -63.38 18.47
N SER C 493 4.61 -64.52 18.10
CA SER C 493 5.17 -65.51 19.03
C SER C 493 6.68 -65.43 18.87
N THR C 494 7.42 -65.24 19.96
CA THR C 494 8.89 -65.10 19.92
C THR C 494 9.53 -65.75 21.15
N THR C 495 10.67 -66.41 21.01
CA THR C 495 11.33 -67.02 22.17
C THR C 495 12.01 -65.95 23.02
N VAL C 496 11.63 -65.85 24.30
CA VAL C 496 12.14 -64.85 25.26
C VAL C 496 12.39 -65.54 26.60
N LEU C 497 13.56 -65.32 27.22
CA LEU C 497 13.91 -65.92 28.52
C LEU C 497 13.72 -67.45 28.53
N ASP C 498 14.20 -68.08 27.45
CA ASP C 498 14.11 -69.54 27.18
C ASP C 498 12.68 -70.08 26.98
N HIS C 499 11.64 -69.24 27.02
CA HIS C 499 10.26 -69.65 26.77
C HIS C 499 10.11 -69.88 25.26
N THR C 500 9.51 -70.99 24.84
CA THR C 500 9.35 -71.33 23.41
C THR C 500 8.30 -70.48 22.67
N ASP C 501 7.17 -70.18 23.31
CA ASP C 501 6.04 -69.46 22.71
C ASP C 501 5.55 -68.27 23.53
N TRP C 502 6.49 -67.42 23.95
CA TRP C 502 6.15 -66.17 24.61
C TRP C 502 5.45 -65.28 23.56
N CYS C 503 4.26 -64.77 23.88
CA CYS C 503 3.47 -64.01 22.92
C CYS C 503 3.27 -62.53 23.27
N ARG C 504 3.35 -61.69 22.25
CA ARG C 504 3.15 -60.23 22.32
C ARG C 504 2.15 -59.80 21.26
N CYS C 505 1.44 -58.70 21.49
CA CYS C 505 0.43 -58.20 20.56
C CYS C 505 0.50 -56.68 20.39
N SER C 506 -0.29 -56.18 19.45
CA SER C 506 -0.37 -54.74 19.15
C SER C 506 -1.23 -54.00 20.19
N CYS C 507 -1.18 -52.66 20.21
CA CYS C 507 -1.98 -51.84 21.12
C CYS C 507 -1.85 -52.20 22.61
N LEU C 508 -0.62 -52.30 23.14
CA LEU C 508 -0.38 -52.58 24.57
C LEU C 508 0.53 -51.50 25.17
N PRO C 509 0.38 -51.15 26.45
CA PRO C 509 -0.58 -51.68 27.43
C PRO C 509 -2.05 -51.45 27.08
N ASP C 510 -2.34 -50.36 26.40
CA ASP C 510 -3.66 -49.95 25.90
C ASP C 510 -3.44 -48.94 24.76
N PRO C 511 -4.43 -48.63 23.89
CA PRO C 511 -4.24 -47.70 22.78
C PRO C 511 -3.86 -46.27 23.18
N ILE C 512 -4.24 -45.81 24.37
CA ILE C 512 -3.94 -44.46 24.86
C ILE C 512 -2.45 -44.33 25.17
N THR C 513 -1.88 -45.32 25.87
CA THR C 513 -0.46 -45.33 26.24
C THR C 513 0.30 -46.44 25.49
N ALA C 514 -0.05 -46.69 24.23
CA ALA C 514 0.63 -47.73 23.46
C ALA C 514 2.12 -47.40 23.33
N TYR C 515 2.98 -48.41 23.42
CA TYR C 515 4.43 -48.19 23.32
C TYR C 515 4.82 -47.63 21.95
N ASP C 516 4.16 -48.09 20.88
CA ASP C 516 4.33 -47.54 19.53
C ASP C 516 2.95 -47.46 18.86
N PRO C 517 2.44 -46.26 18.52
CA PRO C 517 1.16 -46.13 17.86
C PRO C 517 1.15 -46.66 16.42
N ARG C 518 2.32 -46.80 15.79
CA ARG C 518 2.42 -47.28 14.41
C ARG C 518 1.90 -48.70 14.24
N SER C 519 2.20 -49.62 15.15
CA SER C 519 1.68 -50.99 15.07
C SER C 519 0.25 -51.15 15.60
N CYS C 520 -0.27 -50.19 16.36
CA CYS C 520 -1.62 -50.24 16.90
C CYS C 520 -2.67 -49.93 15.82
N SER C 521 -3.70 -50.77 15.68
CA SER C 521 -4.77 -50.58 14.68
C SER C 521 -5.65 -49.36 14.97
N GLN C 522 -5.84 -49.03 16.26
CA GLN C 522 -6.63 -47.88 16.69
C GLN C 522 -5.77 -46.62 16.58
N LYS C 523 -6.22 -45.63 15.81
CA LYS C 523 -5.45 -44.39 15.57
C LYS C 523 -6.07 -43.20 16.29
N LYS C 524 -5.26 -42.45 17.04
CA LYS C 524 -5.71 -41.26 17.75
C LYS C 524 -6.22 -40.25 16.71
N SER C 525 -7.39 -39.66 16.94
CA SER C 525 -7.95 -38.69 15.99
C SER C 525 -8.73 -37.59 16.70
N LEU C 526 -8.64 -36.36 16.21
CA LEU C 526 -9.40 -35.24 16.74
C LEU C 526 -10.77 -35.22 16.06
N VAL C 527 -11.80 -34.68 16.72
CA VAL C 527 -13.11 -34.60 16.08
C VAL C 527 -13.14 -33.46 15.08
N GLY C 528 -13.70 -33.72 13.90
CA GLY C 528 -13.86 -32.68 12.88
C GLY C 528 -15.09 -31.83 13.18
N VAL C 529 -15.25 -30.73 12.45
CA VAL C 529 -16.43 -29.87 12.63
C VAL C 529 -17.68 -30.65 12.21
N GLY C 530 -18.72 -30.63 13.04
CA GLY C 530 -19.97 -31.33 12.76
C GLY C 530 -19.92 -32.86 12.92
N GLU C 531 -18.90 -33.40 13.58
CA GLU C 531 -18.73 -34.83 13.78
C GLU C 531 -18.64 -35.20 15.27
N HIS C 532 -19.03 -36.42 15.62
CA HIS C 532 -18.96 -36.95 16.98
C HIS C 532 -17.64 -37.70 17.19
N CYS C 533 -17.36 -38.12 18.41
CA CYS C 533 -16.16 -38.89 18.71
C CYS C 533 -16.13 -40.20 17.90
N ALA C 534 -15.00 -40.54 17.28
CA ALA C 534 -14.87 -41.75 16.49
C ALA C 534 -15.09 -43.00 17.33
N GLY C 535 -14.68 -42.96 18.60
CA GLY C 535 -14.84 -44.03 19.56
C GLY C 535 -13.78 -43.99 20.65
N PHE C 536 -14.08 -44.60 21.78
CA PHE C 536 -13.16 -44.74 22.89
C PHE C 536 -12.12 -45.81 22.55
N GLY C 537 -10.86 -45.57 22.93
CA GLY C 537 -9.82 -46.57 22.71
C GLY C 537 -10.15 -47.80 23.55
N VAL C 538 -10.09 -49.00 22.97
CA VAL C 538 -10.42 -50.23 23.69
C VAL C 538 -9.17 -51.03 24.04
N ASP C 539 -9.07 -51.44 25.29
CA ASP C 539 -7.98 -52.29 25.76
C ASP C 539 -8.26 -53.69 25.24
N GLU C 540 -7.54 -54.06 24.18
CA GLU C 540 -7.69 -55.34 23.51
C GLU C 540 -7.35 -56.55 24.41
N GLU C 541 -6.67 -56.37 25.54
CA GLU C 541 -6.39 -57.46 26.47
C GLU C 541 -7.67 -57.84 27.25
N LYS C 542 -8.78 -57.12 27.06
CA LYS C 542 -10.08 -57.35 27.73
C LYS C 542 -11.20 -57.70 26.75
N CYS C 543 -10.86 -58.05 25.51
CA CYS C 543 -11.79 -58.45 24.46
C CYS C 543 -11.72 -59.96 24.23
N GLY C 544 -12.86 -60.65 24.19
CA GLY C 544 -12.90 -62.10 24.04
C GLY C 544 -12.55 -62.80 25.37
N VAL C 545 -12.23 -64.09 25.32
CA VAL C 545 -11.86 -64.89 26.52
C VAL C 545 -10.55 -65.63 26.27
N LEU C 546 -9.83 -66.04 27.33
CA LEU C 546 -8.50 -66.65 27.20
C LEU C 546 -8.46 -67.91 26.33
N ASP C 547 -9.41 -68.81 26.49
CA ASP C 547 -9.50 -70.05 25.70
C ASP C 547 -10.66 -70.00 24.69
N GLY C 548 -11.06 -68.81 24.23
CA GLY C 548 -12.19 -68.64 23.30
C GLY C 548 -11.92 -69.17 21.90
N SER C 549 -12.77 -70.11 21.46
CA SER C 549 -12.71 -70.72 20.13
C SER C 549 -13.58 -69.95 19.13
N TYR C 550 -13.81 -70.48 17.93
CA TYR C 550 -14.63 -69.83 16.92
C TYR C 550 -16.14 -69.85 17.21
N ASN C 551 -16.60 -70.54 18.26
CA ASN C 551 -18.02 -70.64 18.61
C ASN C 551 -18.53 -69.49 19.50
N VAL C 552 -17.68 -68.51 19.85
CA VAL C 552 -18.03 -67.32 20.65
C VAL C 552 -17.74 -66.06 19.84
N SER C 553 -18.65 -65.09 19.84
CA SER C 553 -18.51 -63.82 19.10
C SER C 553 -17.57 -62.85 19.84
N CYS C 554 -16.79 -62.07 19.10
CA CYS C 554 -15.87 -61.12 19.69
C CYS C 554 -16.59 -59.89 20.27
N LEU C 555 -16.35 -59.59 21.54
CA LEU C 555 -16.86 -58.43 22.26
C LEU C 555 -15.94 -58.14 23.45
N CYS C 556 -16.00 -56.93 23.97
CA CYS C 556 -15.19 -56.46 25.08
C CYS C 556 -16.06 -56.07 26.28
N SER C 557 -15.53 -56.22 27.49
CA SER C 557 -16.23 -55.84 28.71
C SER C 557 -16.38 -54.32 28.82
N THR C 558 -17.30 -53.82 29.65
CA THR C 558 -17.55 -52.37 29.78
C THR C 558 -16.34 -51.57 30.27
N ASP C 559 -15.43 -52.18 31.03
CA ASP C 559 -14.22 -51.54 31.54
C ASP C 559 -13.08 -51.58 30.51
N ALA C 560 -13.24 -52.26 29.37
CA ALA C 560 -12.23 -52.30 28.33
C ALA C 560 -12.15 -50.99 27.55
N PHE C 561 -13.23 -50.19 27.49
CA PHE C 561 -13.26 -48.93 26.79
C PHE C 561 -12.72 -47.85 27.72
N LEU C 562 -11.62 -47.23 27.33
CA LEU C 562 -10.90 -46.22 28.12
C LEU C 562 -10.93 -44.84 27.49
N GLY C 563 -10.26 -43.88 28.13
CA GLY C 563 -10.13 -42.53 27.58
C GLY C 563 -11.36 -41.65 27.67
N TRP C 564 -12.25 -41.90 28.62
CA TRP C 564 -13.45 -41.09 28.88
C TRP C 564 -13.57 -40.78 30.36
N SER C 565 -14.42 -39.82 30.68
CA SER C 565 -14.60 -39.27 32.02
C SER C 565 -16.01 -38.71 32.14
N TYR C 566 -16.44 -38.36 33.35
CA TYR C 566 -17.72 -37.70 33.58
C TYR C 566 -17.62 -36.67 34.70
N ASP C 567 -18.53 -35.70 34.68
CA ASP C 567 -18.66 -34.68 35.72
C ASP C 567 -20.11 -34.18 35.78
N THR C 568 -20.53 -33.57 36.88
CA THR C 568 -21.88 -32.98 36.95
C THR C 568 -21.98 -31.70 36.12
N CYS C 569 -23.16 -31.38 35.60
CA CYS C 569 -23.46 -30.07 35.03
C CYS C 569 -24.05 -29.06 36.03
N VAL C 570 -24.29 -29.47 37.28
CA VAL C 570 -25.15 -28.73 38.20
C VAL C 570 -24.39 -27.66 38.98
N SER C 571 -24.92 -26.44 38.97
CA SER C 571 -24.55 -25.33 39.85
C SER C 571 -25.83 -24.64 40.33
N ASN C 572 -25.95 -24.31 41.62
CA ASN C 572 -27.10 -23.59 42.16
C ASN C 572 -28.47 -24.21 41.79
N ASN C 573 -28.58 -25.54 41.84
CA ASN C 573 -29.77 -26.31 41.44
C ASN C 573 -30.19 -26.15 39.96
N ARG C 574 -29.30 -25.65 39.09
CA ARG C 574 -29.50 -25.59 37.63
C ARG C 574 -28.39 -26.35 36.91
N CYS C 575 -28.72 -27.08 35.86
CA CYS C 575 -27.74 -27.74 34.99
C CYS C 575 -27.34 -26.75 33.89
N ASN C 576 -26.04 -26.46 33.73
CA ASN C 576 -25.56 -25.56 32.68
C ASN C 576 -25.45 -26.28 31.33
N ILE C 577 -25.84 -25.60 30.27
CA ILE C 577 -25.97 -26.13 28.92
C ILE C 577 -25.34 -25.14 27.95
N PHE C 578 -24.67 -25.66 26.94
CA PHE C 578 -24.13 -24.90 25.82
C PHE C 578 -24.95 -25.22 24.57
N SER C 579 -25.27 -24.21 23.77
CA SER C 579 -25.64 -24.45 22.39
C SER C 579 -24.96 -23.49 21.42
N ASN C 580 -24.64 -24.00 20.24
CA ASN C 580 -23.99 -23.27 19.18
C ASN C 580 -24.98 -23.02 18.05
N PHE C 581 -25.29 -21.75 17.81
CA PHE C 581 -26.14 -21.27 16.74
C PHE C 581 -25.29 -21.08 15.50
N ILE C 582 -25.30 -22.05 14.60
CA ILE C 582 -24.57 -21.94 13.35
C ILE C 582 -25.50 -21.28 12.36
N LEU C 583 -25.12 -20.13 11.82
CA LEU C 583 -25.94 -19.38 10.88
C LEU C 583 -25.49 -19.73 9.46
N ASN C 584 -26.32 -20.43 8.69
CA ASN C 584 -25.99 -20.85 7.33
C ASN C 584 -26.72 -19.99 6.32
N GLY C 585 -26.07 -19.62 5.22
CA GLY C 585 -26.69 -18.80 4.18
C GLY C 585 -27.18 -17.46 4.71
N ILE C 586 -26.31 -16.83 5.50
CA ILE C 586 -26.50 -15.54 6.15
C ILE C 586 -27.00 -14.46 5.19
N ASN C 587 -27.89 -13.60 5.68
CA ASN C 587 -28.51 -12.52 4.93
C ASN C 587 -29.17 -13.01 3.63
N SER C 588 -29.87 -14.14 3.72
CA SER C 588 -30.59 -14.80 2.62
C SER C 588 -31.53 -15.86 3.19
N GLY C 589 -32.13 -16.70 2.36
CA GLY C 589 -32.98 -17.78 2.82
C GLY C 589 -34.34 -17.43 3.42
N THR C 590 -34.88 -18.35 4.23
CA THR C 590 -36.22 -18.27 4.82
C THR C 590 -36.30 -18.34 6.33
N THR C 591 -35.23 -18.62 7.07
CA THR C 591 -35.25 -18.61 8.53
C THR C 591 -35.08 -17.16 8.94
N CYS C 592 -36.19 -16.44 9.13
CA CYS C 592 -36.16 -15.02 9.37
C CYS C 592 -36.52 -14.61 10.80
N SER C 593 -35.88 -13.56 11.30
CA SER C 593 -36.13 -13.01 12.62
C SER C 593 -37.26 -11.98 12.55
N ASN C 594 -38.28 -12.13 13.37
CA ASN C 594 -39.43 -11.22 13.44
C ASN C 594 -39.31 -10.20 14.59
N ASP C 595 -38.09 -9.95 15.07
CA ASP C 595 -37.82 -8.97 16.14
C ASP C 595 -38.22 -7.54 15.74
N LEU C 596 -38.01 -7.20 14.47
CA LEU C 596 -38.39 -5.94 13.85
C LEU C 596 -39.34 -6.32 12.71
N LEU C 597 -40.62 -6.55 13.02
CA LEU C 597 -41.58 -7.02 12.02
C LEU C 597 -42.12 -5.93 11.10
N GLN C 598 -41.34 -5.58 10.06
CA GLN C 598 -41.79 -4.64 9.04
C GLN C 598 -42.82 -5.38 8.16
N PRO C 599 -43.89 -4.72 7.73
CA PRO C 599 -44.89 -5.35 6.88
C PRO C 599 -44.33 -5.57 5.47
N ASN C 600 -44.81 -6.60 4.77
CA ASN C 600 -44.39 -6.83 3.40
C ASN C 600 -44.95 -5.72 2.51
N THR C 601 -44.10 -5.14 1.69
CA THR C 601 -44.47 -4.10 0.73
C THR C 601 -44.49 -4.68 -0.67
N GLU C 602 -45.16 -4.04 -1.62
CA GLU C 602 -45.08 -4.48 -3.01
C GLU C 602 -43.67 -4.14 -3.55
N VAL C 603 -43.25 -4.79 -4.63
CA VAL C 603 -41.95 -4.49 -5.25
C VAL C 603 -42.09 -3.23 -6.09
N PHE C 604 -41.81 -2.05 -5.52
CA PHE C 604 -41.89 -0.79 -6.24
C PHE C 604 -40.89 -0.81 -7.40
N THR C 605 -41.31 -0.36 -8.59
CA THR C 605 -40.47 -0.37 -9.79
C THR C 605 -40.20 1.02 -10.34
N ASP C 606 -39.12 1.14 -11.10
CA ASP C 606 -38.67 2.36 -11.76
C ASP C 606 -38.26 3.52 -10.84
N VAL C 607 -38.07 3.26 -9.55
CA VAL C 607 -37.66 4.27 -8.56
C VAL C 607 -36.57 3.72 -7.66
N CYS C 608 -35.61 4.55 -7.26
CA CYS C 608 -34.56 4.12 -6.34
C CYS C 608 -35.18 3.76 -5.00
N VAL C 609 -34.94 2.56 -4.47
CA VAL C 609 -35.51 2.10 -3.22
C VAL C 609 -34.53 1.29 -2.39
N ASP C 610 -34.56 1.48 -1.07
CA ASP C 610 -33.81 0.61 -0.17
C ASP C 610 -34.55 -0.71 -0.16
N TYR C 611 -33.90 -1.84 -0.38
CA TYR C 611 -34.59 -3.12 -0.43
C TYR C 611 -34.05 -4.14 0.55
N ASP C 612 -34.93 -5.02 0.99
CA ASP C 612 -34.67 -6.17 1.84
C ASP C 612 -35.48 -7.32 1.25
N LEU C 613 -34.88 -8.01 0.30
CA LEU C 613 -35.47 -9.13 -0.42
C LEU C 613 -35.12 -10.43 0.26
N TYR C 614 -35.96 -10.91 1.16
CA TYR C 614 -35.74 -12.19 1.85
C TYR C 614 -34.37 -12.25 2.52
N GLY C 615 -33.94 -11.15 3.15
CA GLY C 615 -32.67 -11.01 3.83
C GLY C 615 -31.57 -10.35 3.01
N ILE C 616 -31.72 -10.28 1.68
CA ILE C 616 -30.75 -9.66 0.79
C ILE C 616 -31.03 -8.17 0.75
N THR C 617 -30.26 -7.41 1.51
CA THR C 617 -30.41 -5.96 1.60
C THR C 617 -29.56 -5.24 0.56
N GLY C 618 -29.95 -4.02 0.22
CA GLY C 618 -29.21 -3.19 -0.71
C GLY C 618 -30.03 -1.99 -1.14
N GLN C 619 -29.54 -1.26 -2.14
CA GLN C 619 -30.20 -0.09 -2.68
C GLN C 619 -30.13 -0.12 -4.20
N GLY C 620 -31.27 0.04 -4.87
CA GLY C 620 -31.31 -0.03 -6.33
C GLY C 620 -32.68 0.28 -6.89
N ILE C 621 -32.83 0.09 -8.20
CA ILE C 621 -34.04 0.33 -8.97
C ILE C 621 -34.50 -1.02 -9.53
N PHE C 622 -35.77 -1.37 -9.31
CA PHE C 622 -36.34 -2.61 -9.83
C PHE C 622 -37.09 -2.36 -11.12
N LYS C 623 -36.95 -3.26 -12.09
CA LYS C 623 -37.67 -3.20 -13.37
C LYS C 623 -38.19 -4.59 -13.67
N GLU C 624 -39.51 -4.74 -13.72
CA GLU C 624 -40.13 -6.04 -14.00
C GLU C 624 -39.84 -6.46 -15.43
N VAL C 625 -39.50 -7.73 -15.63
CA VAL C 625 -39.19 -8.32 -16.93
C VAL C 625 -39.85 -9.68 -17.05
N SER C 626 -40.10 -10.18 -18.25
CA SER C 626 -40.69 -11.51 -18.45
C SER C 626 -39.56 -12.52 -18.60
N ALA C 627 -38.82 -12.77 -17.53
CA ALA C 627 -37.68 -13.69 -17.55
C ALA C 627 -38.12 -15.16 -17.59
N VAL C 628 -37.34 -15.99 -18.28
CA VAL C 628 -37.60 -17.43 -18.45
C VAL C 628 -36.44 -18.32 -17.99
N TYR C 629 -35.37 -17.74 -17.47
CA TYR C 629 -34.17 -18.47 -17.04
C TYR C 629 -34.20 -19.01 -15.61
N TYR C 630 -35.23 -18.71 -14.82
CA TYR C 630 -35.33 -19.21 -13.45
C TYR C 630 -35.99 -20.59 -13.43
N ASN C 631 -35.29 -21.63 -12.98
CA ASN C 631 -35.88 -22.96 -12.83
C ASN C 631 -36.65 -23.02 -11.50
N SER C 632 -37.18 -24.18 -11.14
CA SER C 632 -37.96 -24.36 -9.90
C SER C 632 -37.19 -24.03 -8.63
N TRP C 633 -35.90 -24.33 -8.58
CA TRP C 633 -35.03 -24.11 -7.41
C TRP C 633 -34.25 -22.79 -7.44
N GLN C 634 -34.40 -21.96 -8.47
CA GLN C 634 -33.63 -20.73 -8.65
C GLN C 634 -34.46 -19.47 -8.44
N ASN C 635 -33.93 -18.50 -7.69
CA ASN C 635 -34.63 -17.25 -7.40
C ASN C 635 -33.77 -15.99 -7.51
N LEU C 636 -32.46 -16.10 -7.70
CA LEU C 636 -31.56 -14.95 -7.76
C LEU C 636 -30.67 -14.97 -8.99
N LEU C 637 -30.45 -13.82 -9.62
CA LEU C 637 -29.61 -13.65 -10.78
C LEU C 637 -28.37 -12.87 -10.38
N TYR C 638 -27.21 -13.43 -10.65
CA TYR C 638 -25.91 -12.88 -10.30
C TYR C 638 -25.05 -12.58 -11.51
N ASP C 639 -24.22 -11.54 -11.43
CA ASP C 639 -23.27 -11.22 -12.50
C ASP C 639 -21.95 -11.97 -12.24
N SER C 640 -20.96 -11.79 -13.11
CA SER C 640 -19.66 -12.47 -12.94
C SER C 640 -18.89 -12.04 -11.69
N ASN C 641 -19.22 -10.90 -11.09
CA ASN C 641 -18.58 -10.38 -9.89
C ASN C 641 -19.27 -10.75 -8.58
N GLY C 642 -20.35 -11.53 -8.61
CA GLY C 642 -21.05 -11.94 -7.40
C GLY C 642 -22.09 -10.94 -6.90
N ASN C 643 -22.44 -9.90 -7.65
CA ASN C 643 -23.47 -8.95 -7.27
C ASN C 643 -24.85 -9.46 -7.67
N ILE C 644 -25.86 -9.18 -6.85
CA ILE C 644 -27.23 -9.54 -7.20
C ILE C 644 -27.70 -8.52 -8.25
N ILE C 645 -28.18 -8.98 -9.41
CA ILE C 645 -28.64 -8.13 -10.50
C ILE C 645 -30.07 -8.42 -10.93
N GLY C 646 -30.75 -9.37 -10.32
CA GLY C 646 -32.12 -9.73 -10.66
C GLY C 646 -32.64 -10.78 -9.71
N PHE C 647 -33.95 -10.88 -9.56
CA PHE C 647 -34.55 -11.88 -8.69
C PHE C 647 -35.97 -12.23 -9.11
N LYS C 648 -36.43 -13.40 -8.68
CA LYS C 648 -37.80 -13.86 -8.86
C LYS C 648 -38.42 -13.81 -7.47
N ASP C 649 -39.51 -13.09 -7.30
CA ASP C 649 -40.15 -12.98 -6.01
C ASP C 649 -40.74 -14.34 -5.60
N PHE C 650 -40.47 -14.81 -4.38
CA PHE C 650 -40.96 -16.12 -3.92
C PHE C 650 -42.48 -16.20 -3.81
N VAL C 651 -43.14 -15.10 -3.41
CA VAL C 651 -44.60 -15.06 -3.21
C VAL C 651 -45.39 -14.93 -4.51
N THR C 652 -45.01 -14.00 -5.38
CA THR C 652 -45.73 -13.70 -6.63
C THR C 652 -45.15 -14.31 -7.89
N ASN C 653 -43.96 -14.89 -7.85
CA ASN C 653 -43.23 -15.44 -8.99
C ASN C 653 -42.90 -14.38 -10.06
N LYS C 654 -43.11 -13.09 -9.78
CA LYS C 654 -42.79 -12.01 -10.72
C LYS C 654 -41.28 -11.83 -10.72
N THR C 655 -40.71 -11.60 -11.89
CA THR C 655 -39.26 -11.46 -12.10
C THR C 655 -38.85 -10.03 -12.36
N TYR C 656 -37.80 -9.58 -11.68
CA TYR C 656 -37.30 -8.22 -11.79
C TYR C 656 -35.80 -8.16 -11.99
N ASN C 657 -35.34 -7.13 -12.68
CA ASN C 657 -33.94 -6.81 -12.84
C ASN C 657 -33.63 -5.71 -11.84
N ILE C 658 -32.49 -5.79 -11.18
CA ILE C 658 -32.02 -4.82 -10.20
C ILE C 658 -30.93 -4.00 -10.86
N PHE C 659 -31.09 -2.69 -10.90
CA PHE C 659 -30.15 -1.74 -11.45
C PHE C 659 -29.66 -0.83 -10.32
N PRO C 660 -28.40 -0.41 -10.31
CA PRO C 660 -27.90 0.47 -9.27
C PRO C 660 -28.57 1.84 -9.34
N CYS C 661 -28.80 2.49 -8.20
CA CYS C 661 -29.36 3.84 -8.22
C CYS C 661 -28.33 4.79 -8.85
N TYR C 662 -28.79 5.86 -9.49
CA TYR C 662 -27.86 6.80 -10.11
C TYR C 662 -26.93 7.44 -9.08
N ALA C 663 -25.65 7.49 -9.44
CA ALA C 663 -24.60 8.13 -8.68
C ALA C 663 -23.73 8.95 -9.63
N GLY C 664 -23.34 10.15 -9.22
CA GLY C 664 -22.51 11.00 -10.06
C GLY C 664 -22.10 12.28 -9.39
N ARG C 665 -21.23 13.02 -10.05
CA ARG C 665 -20.71 14.32 -9.60
C ARG C 665 -21.45 15.45 -10.29
N VAL C 666 -21.25 16.64 -9.77
CA VAL C 666 -21.76 17.89 -10.34
C VAL C 666 -20.54 18.68 -10.73
N SER C 667 -20.39 19.06 -11.98
CA SER C 667 -19.27 19.88 -12.42
C SER C 667 -19.67 21.33 -12.20
N ALA C 668 -19.18 21.95 -11.13
CA ALA C 668 -19.52 23.32 -10.82
C ALA C 668 -18.44 24.27 -11.34
N ALA C 669 -18.81 25.20 -12.21
CA ALA C 669 -17.93 26.20 -12.76
C ALA C 669 -18.11 27.47 -11.94
N PHE C 670 -17.02 27.96 -11.35
CA PHE C 670 -17.04 29.15 -10.50
C PHE C 670 -16.05 30.20 -10.95
N HIS C 671 -16.45 31.46 -10.92
CA HIS C 671 -15.61 32.61 -11.21
C HIS C 671 -15.47 33.48 -9.95
N GLN C 672 -14.27 33.96 -9.64
CA GLN C 672 -14.03 34.77 -8.45
C GLN C 672 -14.90 36.03 -8.38
N ASN C 673 -15.18 36.68 -9.51
CA ASN C 673 -16.02 37.87 -9.54
C ASN C 673 -17.52 37.56 -9.33
N ALA C 674 -17.93 36.29 -9.33
CA ALA C 674 -19.31 35.88 -9.17
C ALA C 674 -19.74 35.62 -7.72
N SER C 675 -21.05 35.63 -7.50
CA SER C 675 -21.69 35.36 -6.20
C SER C 675 -22.50 34.05 -6.21
N SER C 676 -22.32 33.23 -7.24
CA SER C 676 -23.00 31.95 -7.44
C SER C 676 -22.18 31.01 -8.32
N LEU C 677 -22.66 29.79 -8.53
CA LEU C 677 -22.05 28.74 -9.35
C LEU C 677 -22.88 28.42 -10.58
N ALA C 678 -22.23 27.96 -11.64
CA ALA C 678 -22.86 27.44 -12.84
C ALA C 678 -22.70 25.92 -12.69
N LEU C 679 -23.79 25.17 -12.62
CA LEU C 679 -23.71 23.72 -12.38
C LEU C 679 -23.96 22.92 -13.65
N LEU C 680 -23.17 21.90 -13.90
CA LEU C 680 -23.34 20.99 -15.03
C LEU C 680 -23.51 19.57 -14.52
N TYR C 681 -24.69 19.01 -14.70
CA TYR C 681 -24.98 17.62 -14.38
C TYR C 681 -24.65 16.85 -15.66
N ARG C 682 -23.41 16.37 -15.77
CA ARG C 682 -22.94 15.69 -16.98
C ARG C 682 -23.77 14.46 -17.31
N ASN C 683 -24.16 14.37 -18.58
CA ASN C 683 -24.94 13.29 -19.19
C ASN C 683 -26.32 13.06 -18.56
N LEU C 684 -26.91 14.09 -17.97
CA LEU C 684 -28.23 14.04 -17.35
C LEU C 684 -29.15 15.08 -17.96
N LYS C 685 -30.35 14.68 -18.38
CA LYS C 685 -31.33 15.62 -18.90
C LYS C 685 -31.94 16.40 -17.74
N CYS C 686 -32.33 17.65 -17.94
CA CYS C 686 -32.88 18.47 -16.87
C CYS C 686 -34.13 17.87 -16.25
N SER C 687 -34.96 17.19 -17.03
CA SER C 687 -36.16 16.52 -16.52
C SER C 687 -35.76 15.48 -15.48
N TYR C 688 -34.72 14.68 -15.75
CA TYR C 688 -34.22 13.69 -14.80
C TYR C 688 -33.66 14.35 -13.54
N VAL C 689 -32.88 15.43 -13.67
CA VAL C 689 -32.31 16.11 -12.51
C VAL C 689 -33.41 16.65 -11.60
N LEU C 690 -34.37 17.37 -12.16
CA LEU C 690 -35.48 17.93 -11.38
C LEU C 690 -36.40 16.87 -10.79
N ASN C 691 -36.74 15.82 -11.54
CA ASN C 691 -37.64 14.78 -11.06
C ASN C 691 -37.01 13.75 -10.13
N ASN C 692 -35.71 13.45 -10.26
CA ASN C 692 -35.07 12.38 -9.48
C ASN C 692 -33.83 12.78 -8.67
N ILE C 693 -33.35 14.02 -8.72
CA ILE C 693 -32.17 14.42 -7.93
C ILE C 693 -32.54 15.56 -6.98
N SER C 694 -32.94 16.72 -7.48
CA SER C 694 -33.31 17.86 -6.63
C SER C 694 -34.00 18.99 -7.39
N LEU C 695 -35.03 19.57 -6.78
CA LEU C 695 -35.73 20.73 -7.32
C LEU C 695 -34.88 21.98 -7.05
N THR C 696 -35.01 23.02 -7.87
CA THR C 696 -34.27 24.27 -7.68
C THR C 696 -34.99 25.45 -8.31
N THR C 697 -34.63 26.66 -7.88
CA THR C 697 -35.19 27.93 -8.37
C THR C 697 -34.32 28.55 -9.48
N GLN C 698 -33.13 27.99 -9.72
CA GLN C 698 -32.21 28.48 -10.75
C GLN C 698 -32.70 28.12 -12.16
N PRO C 699 -32.43 28.96 -13.17
CA PRO C 699 -32.80 28.67 -14.55
C PRO C 699 -31.97 27.49 -15.04
N TYR C 700 -32.50 26.70 -15.97
CA TYR C 700 -31.81 25.52 -16.49
C TYR C 700 -32.13 25.25 -17.95
N PHE C 701 -31.24 24.51 -18.62
CA PHE C 701 -31.44 24.08 -20.00
C PHE C 701 -30.61 22.83 -20.30
N ASP C 702 -31.00 22.07 -21.31
CA ASP C 702 -30.30 20.86 -21.74
C ASP C 702 -29.20 21.20 -22.75
N SER C 703 -27.95 21.12 -22.33
CA SER C 703 -26.80 21.34 -23.22
C SER C 703 -26.36 20.00 -23.79
N TYR C 704 -25.38 20.01 -24.69
CA TYR C 704 -24.85 18.77 -25.25
C TYR C 704 -24.18 17.90 -24.17
N LEU C 705 -23.50 18.53 -23.22
CA LEU C 705 -22.78 17.87 -22.13
C LEU C 705 -23.69 17.36 -21.01
N GLY C 706 -24.86 17.95 -20.82
CA GLY C 706 -25.84 17.59 -19.79
C GLY C 706 -26.66 18.79 -19.36
N CYS C 707 -27.42 18.68 -18.28
CA CYS C 707 -28.23 19.77 -17.77
C CYS C 707 -27.36 20.85 -17.15
N VAL C 708 -27.53 22.09 -17.58
CA VAL C 708 -26.78 23.24 -17.08
C VAL C 708 -27.70 24.15 -16.31
N PHE C 709 -27.34 24.50 -15.08
CA PHE C 709 -28.08 25.38 -14.19
C PHE C 709 -27.35 26.68 -13.99
N ASN C 710 -28.11 27.78 -13.86
CA ASN C 710 -27.60 29.11 -13.60
C ASN C 710 -26.65 29.68 -14.67
N ALA C 711 -26.82 29.29 -15.93
CA ALA C 711 -26.04 29.83 -17.04
C ALA C 711 -26.95 29.98 -18.26
N ASP C 712 -26.85 31.11 -18.95
CA ASP C 712 -27.68 31.39 -20.13
C ASP C 712 -27.20 30.59 -21.34
N ASN C 713 -28.09 29.97 -22.10
CA ASN C 713 -27.72 29.21 -23.28
C ASN C 713 -27.38 30.18 -24.43
N LEU C 714 -26.11 30.33 -24.75
CA LEU C 714 -25.61 31.20 -25.81
C LEU C 714 -24.58 30.47 -26.67
N THR C 715 -24.87 29.22 -27.05
CA THR C 715 -23.98 28.41 -27.90
C THR C 715 -23.76 29.01 -29.29
N ASP C 716 -24.67 29.86 -29.77
CA ASP C 716 -24.52 30.56 -31.05
C ASP C 716 -23.44 31.65 -30.96
N TYR C 717 -23.08 32.09 -29.76
CA TYR C 717 -22.00 33.04 -29.52
C TYR C 717 -20.72 32.22 -29.29
N SER C 718 -19.54 32.83 -29.47
CA SER C 718 -18.26 32.13 -29.33
C SER C 718 -17.17 32.97 -28.66
N VAL C 719 -16.23 32.32 -27.96
CA VAL C 719 -15.11 33.00 -27.31
C VAL C 719 -13.78 32.32 -27.67
N SER C 720 -12.70 33.09 -27.76
CA SER C 720 -11.37 32.59 -28.12
C SER C 720 -10.51 32.22 -26.93
N SER C 721 -10.83 32.68 -25.73
CA SER C 721 -10.14 32.35 -24.50
C SER C 721 -11.18 31.92 -23.48
N CYS C 722 -10.86 30.90 -22.69
CA CYS C 722 -11.79 30.36 -21.71
C CYS C 722 -11.08 29.89 -20.43
N ALA C 723 -11.62 30.27 -19.27
CA ALA C 723 -11.07 29.86 -17.98
C ALA C 723 -11.87 28.70 -17.39
N LEU C 724 -13.13 28.52 -17.79
CA LEU C 724 -14.04 27.48 -17.33
C LEU C 724 -14.42 26.61 -18.52
N ARG C 725 -13.53 25.69 -18.89
CA ARG C 725 -13.69 24.81 -20.05
C ARG C 725 -14.50 23.60 -19.63
N MET C 726 -15.67 23.39 -20.22
CA MET C 726 -16.54 22.28 -19.83
C MET C 726 -16.37 21.01 -20.64
N GLY C 727 -15.79 21.08 -21.83
CA GLY C 727 -15.59 19.93 -22.71
C GLY C 727 -16.32 20.06 -24.04
N SER C 728 -15.89 19.33 -25.06
CA SER C 728 -16.47 19.30 -26.40
C SER C 728 -16.67 20.68 -27.04
N GLY C 729 -15.74 21.60 -26.82
CA GLY C 729 -15.83 22.94 -27.38
C GLY C 729 -16.82 23.86 -26.68
N PHE C 730 -17.19 23.59 -25.44
CA PHE C 730 -18.11 24.43 -24.67
C PHE C 730 -17.38 25.06 -23.48
N CYS C 731 -17.70 26.31 -23.22
CA CYS C 731 -17.13 27.15 -22.18
C CYS C 731 -18.20 27.85 -21.36
N VAL C 732 -17.90 28.15 -20.10
CA VAL C 732 -18.76 28.95 -19.23
C VAL C 732 -18.05 30.29 -19.10
N ASP C 733 -18.70 31.39 -19.46
CA ASP C 733 -18.12 32.73 -19.40
C ASP C 733 -18.89 33.60 -18.40
N TYR C 734 -18.23 34.39 -17.56
CA TYR C 734 -18.91 35.23 -16.58
C TYR C 734 -18.79 36.73 -16.92
N ASN C 735 -19.89 37.47 -16.82
CA ASN C 735 -19.91 38.91 -17.07
C ASN C 735 -19.39 39.67 -15.83
N SER C 752 -23.97 37.67 -14.96
CA SER C 752 -24.36 36.27 -15.01
C SER C 752 -23.39 35.38 -15.80
N TYR C 753 -23.58 34.06 -15.70
CA TYR C 753 -22.81 33.08 -16.43
C TYR C 753 -23.46 32.80 -17.79
N ARG C 754 -22.66 32.68 -18.84
CA ARG C 754 -23.07 32.39 -20.20
C ARG C 754 -22.47 31.07 -20.65
N PHE C 755 -23.29 30.14 -21.12
CA PHE C 755 -22.80 28.87 -21.66
C PHE C 755 -22.56 29.14 -23.14
N VAL C 756 -21.29 29.17 -23.54
CA VAL C 756 -20.85 29.60 -24.87
C VAL C 756 -19.94 28.60 -25.55
N THR C 757 -19.80 28.65 -26.87
CA THR C 757 -18.85 27.77 -27.56
C THR C 757 -17.44 28.31 -27.43
N PHE C 758 -16.45 27.43 -27.40
CA PHE C 758 -15.03 27.74 -27.28
C PHE C 758 -14.35 27.50 -28.62
N GLU C 759 -13.89 28.56 -29.28
CA GLU C 759 -13.20 28.48 -30.56
C GLU C 759 -11.89 29.24 -30.42
N PRO C 760 -10.83 28.59 -29.89
CA PRO C 760 -9.55 29.25 -29.66
C PRO C 760 -8.79 29.61 -30.92
N PHE C 761 -9.12 29.03 -32.07
CA PHE C 761 -8.41 29.30 -33.31
C PHE C 761 -9.34 29.56 -34.48
N ASN C 762 -9.08 30.66 -35.20
CA ASN C 762 -9.79 31.03 -36.41
C ASN C 762 -8.86 30.82 -37.60
N VAL C 763 -9.45 30.93 -38.77
CA VAL C 763 -8.76 30.88 -40.05
C VAL C 763 -8.58 32.32 -40.50
N SER C 764 -7.38 32.73 -40.92
CA SER C 764 -7.23 34.07 -41.46
C SER C 764 -7.94 34.08 -42.81
N PHE C 765 -8.90 34.98 -43.02
CA PHE C 765 -9.66 35.03 -44.26
C PHE C 765 -9.26 36.19 -45.14
N VAL C 766 -9.28 35.93 -46.45
CA VAL C 766 -9.03 36.90 -47.52
C VAL C 766 -10.19 36.82 -48.50
N ASN C 767 -10.48 37.86 -49.28
CA ASN C 767 -11.59 37.85 -50.26
C ASN C 767 -11.11 37.70 -51.71
N ASP C 768 -9.86 37.30 -51.91
CA ASP C 768 -9.27 37.06 -53.22
C ASP C 768 -9.87 35.84 -53.90
N SER C 769 -9.90 35.79 -55.23
CA SER C 769 -10.48 34.66 -55.96
C SER C 769 -9.61 33.41 -55.89
N ILE C 770 -10.25 32.24 -55.91
CA ILE C 770 -9.58 30.93 -55.90
C ILE C 770 -9.44 30.37 -57.32
N GLU C 771 -10.16 30.92 -58.28
CA GLU C 771 -10.10 30.52 -59.68
C GLU C 771 -8.95 31.30 -60.36
N SER C 772 -8.42 30.81 -61.48
CA SER C 772 -7.38 31.50 -62.23
C SER C 772 -7.94 32.18 -63.48
N VAL C 773 -7.72 33.49 -63.62
CA VAL C 773 -8.14 34.26 -64.80
C VAL C 773 -7.01 34.14 -65.80
N GLY C 774 -7.27 33.58 -66.99
CA GLY C 774 -6.20 33.30 -67.93
C GLY C 774 -5.31 32.25 -67.25
N GLY C 775 -4.04 32.57 -67.01
CA GLY C 775 -3.11 31.70 -66.28
C GLY C 775 -2.64 32.31 -64.94
N LEU C 776 -3.34 33.33 -64.43
CA LEU C 776 -2.95 34.07 -63.21
C LEU C 776 -3.93 33.89 -62.04
N TYR C 777 -3.39 33.90 -60.81
CA TYR C 777 -4.11 33.76 -59.55
C TYR C 777 -3.99 35.02 -58.69
N GLU C 778 -4.96 35.32 -57.83
CA GLU C 778 -4.90 36.48 -56.94
C GLU C 778 -4.20 36.12 -55.63
N ILE C 779 -3.14 36.85 -55.26
CA ILE C 779 -2.36 36.62 -54.05
C ILE C 779 -2.09 37.93 -53.33
N LYS C 780 -2.20 37.94 -52.00
CA LYS C 780 -1.85 39.11 -51.21
C LYS C 780 -0.36 39.00 -50.88
N ILE C 781 0.44 39.90 -51.42
CA ILE C 781 1.88 39.95 -51.20
C ILE C 781 2.17 41.15 -50.28
N PRO C 782 3.00 41.01 -49.23
CA PRO C 782 3.31 42.12 -48.34
C PRO C 782 3.96 43.30 -49.05
N THR C 783 3.62 44.53 -48.67
CA THR C 783 4.23 45.76 -49.20
C THR C 783 5.05 46.49 -48.16
N ASN C 784 4.95 46.07 -46.89
CA ASN C 784 5.67 46.62 -45.77
C ASN C 784 5.80 45.52 -44.71
N PHE C 785 6.80 45.60 -43.83
CA PHE C 785 7.02 44.59 -42.80
C PHE C 785 7.69 45.16 -41.56
N THR C 786 7.62 44.39 -40.48
CA THR C 786 8.24 44.66 -39.20
C THR C 786 8.80 43.37 -38.66
N ILE C 787 9.58 43.44 -37.58
CA ILE C 787 10.14 42.28 -36.92
C ILE C 787 9.41 42.12 -35.60
N VAL C 788 8.87 40.94 -35.33
CA VAL C 788 8.18 40.65 -34.07
C VAL C 788 9.00 39.67 -33.27
N GLY C 789 9.11 39.91 -31.98
CA GLY C 789 9.85 39.06 -31.06
C GLY C 789 8.86 38.23 -30.24
N GLN C 790 9.16 36.96 -30.03
CA GLN C 790 8.32 36.06 -29.27
C GLN C 790 9.15 35.32 -28.22
N GLU C 791 8.70 35.30 -26.99
CA GLU C 791 9.36 34.59 -25.91
C GLU C 791 8.93 33.12 -25.87
N GLU C 792 9.82 32.26 -25.40
CA GLU C 792 9.53 30.86 -25.19
C GLU C 792 10.41 30.36 -24.07
N PHE C 793 9.83 30.03 -22.93
CA PHE C 793 10.58 29.47 -21.82
C PHE C 793 10.54 27.97 -21.94
N ILE C 794 11.70 27.31 -21.95
CA ILE C 794 11.77 25.86 -21.98
C ILE C 794 12.43 25.44 -20.68
N GLN C 795 11.74 24.64 -19.89
CA GLN C 795 12.27 24.16 -18.64
C GLN C 795 13.32 23.10 -18.92
N THR C 796 14.54 23.31 -18.45
CA THR C 796 15.66 22.38 -18.65
C THR C 796 16.17 21.80 -17.34
N ASN C 797 15.62 22.23 -16.22
CA ASN C 797 16.01 21.83 -14.89
C ASN C 797 14.82 21.92 -13.93
N SER C 798 14.94 21.33 -12.75
CA SER C 798 13.91 21.40 -11.71
C SER C 798 14.59 21.40 -10.35
N PRO C 799 13.95 21.84 -9.27
CA PRO C 799 14.57 21.80 -7.95
C PRO C 799 15.00 20.37 -7.61
N LYS C 800 16.21 20.16 -7.09
CA LYS C 800 16.72 18.83 -6.74
C LYS C 800 16.25 18.45 -5.35
N VAL C 801 15.05 17.90 -5.25
CA VAL C 801 14.48 17.51 -3.97
C VAL C 801 15.18 16.25 -3.45
N THR C 802 15.60 16.31 -2.19
CA THR C 802 16.14 15.16 -1.45
C THR C 802 15.25 14.90 -0.26
N ILE C 803 14.91 13.64 -0.01
CA ILE C 803 14.23 13.22 1.20
C ILE C 803 15.20 12.40 2.03
N ASP C 804 15.39 12.70 3.30
CA ASP C 804 15.85 11.68 4.25
C ASP C 804 14.66 10.84 4.69
N CYS C 805 14.51 9.66 4.11
CA CYS C 805 13.40 8.76 4.40
C CYS C 805 13.32 8.41 5.90
N SER C 806 14.44 8.22 6.58
CA SER C 806 14.45 7.87 7.99
C SER C 806 13.93 9.02 8.85
N LEU C 807 14.41 10.25 8.63
CA LEU C 807 13.98 11.42 9.36
C LEU C 807 12.55 11.84 9.02
N PHE C 808 12.12 11.69 7.77
CA PHE C 808 10.75 11.96 7.38
C PHE C 808 9.78 10.98 8.05
N VAL C 809 10.02 9.67 7.95
CA VAL C 809 9.10 8.67 8.49
C VAL C 809 9.08 8.67 10.01
N CYS C 810 10.24 8.76 10.67
CA CYS C 810 10.34 8.53 12.11
C CYS C 810 10.80 9.71 12.96
N SER C 811 11.13 10.87 12.40
CA SER C 811 11.60 12.01 13.17
C SER C 811 12.76 11.61 14.10
N ASN C 812 12.65 11.86 15.40
CA ASN C 812 13.66 11.55 16.42
C ASN C 812 13.33 10.28 17.25
N TYR C 813 12.26 9.56 16.95
CA TYR C 813 11.68 8.57 17.87
C TYR C 813 12.28 7.17 17.71
N ALA C 814 13.02 6.71 18.71
CA ALA C 814 13.71 5.41 18.67
C ALA C 814 12.77 4.23 18.45
N ALA C 815 11.56 4.25 19.01
CA ALA C 815 10.56 3.22 18.81
C ALA C 815 10.09 3.11 17.35
N CYS C 816 10.04 4.22 16.61
CA CYS C 816 9.77 4.20 15.19
C CYS C 816 10.99 3.69 14.41
N HIS C 817 12.20 4.16 14.70
CA HIS C 817 13.39 3.71 13.98
C HIS C 817 13.63 2.21 14.09
N ASP C 818 13.37 1.61 15.25
CA ASP C 818 13.44 0.16 15.41
C ASP C 818 12.50 -0.55 14.44
N LEU C 819 11.23 -0.14 14.35
CA LEU C 819 10.29 -0.71 13.40
C LEU C 819 10.64 -0.42 11.95
N LEU C 820 11.11 0.79 11.63
CA LEU C 820 11.46 1.15 10.27
C LEU C 820 12.61 0.29 9.75
N SER C 821 13.51 -0.15 10.61
CA SER C 821 14.57 -1.09 10.22
C SER C 821 14.03 -2.42 9.68
N GLU C 822 12.84 -2.86 10.11
CA GLU C 822 12.21 -4.09 9.66
C GLU C 822 11.55 -3.97 8.27
N TYR C 823 11.32 -2.74 7.81
CA TYR C 823 10.98 -2.43 6.42
C TYR C 823 12.22 -2.29 5.54
N GLY C 824 13.42 -2.33 6.14
CA GLY C 824 14.71 -2.47 5.49
C GLY C 824 14.92 -1.57 4.29
N THR C 825 15.05 -2.21 3.13
CA THR C 825 15.37 -1.58 1.86
C THR C 825 14.34 -0.59 1.31
N PHE C 826 13.16 -0.38 1.93
CA PHE C 826 12.26 0.68 1.43
C PHE C 826 12.91 2.05 1.49
N CYS C 827 13.56 2.46 2.59
CA CYS C 827 14.27 3.74 2.60
C CYS C 827 15.49 3.76 1.70
N ASP C 828 16.24 2.67 1.57
CA ASP C 828 17.32 2.60 0.59
C ASP C 828 16.83 2.79 -0.84
N ASN C 829 15.67 2.27 -1.21
CA ASN C 829 15.08 2.51 -2.53
C ASN C 829 14.65 3.97 -2.70
N ILE C 830 13.97 4.59 -1.73
CA ILE C 830 13.61 6.02 -1.82
C ILE C 830 14.86 6.87 -2.00
N ASN C 831 15.88 6.66 -1.19
CA ASN C 831 17.13 7.40 -1.28
C ASN C 831 17.83 7.15 -2.62
N SER C 832 17.95 5.90 -3.05
CA SER C 832 18.61 5.56 -4.31
C SER C 832 17.91 6.15 -5.52
N ILE C 833 16.58 6.03 -5.60
CA ILE C 833 15.84 6.55 -6.75
C ILE C 833 15.97 8.07 -6.84
N LEU C 834 15.86 8.79 -5.72
CA LEU C 834 16.06 10.24 -5.74
C LEU C 834 17.51 10.64 -6.01
N ASP C 835 18.51 9.88 -5.58
CA ASP C 835 19.90 10.17 -5.93
C ASP C 835 20.11 9.99 -7.43
N GLU C 836 19.56 8.94 -8.05
CA GLU C 836 19.65 8.75 -9.49
C GLU C 836 18.90 9.86 -10.23
N VAL C 837 17.73 10.28 -9.77
CA VAL C 837 16.95 11.37 -10.38
C VAL C 837 17.75 12.66 -10.33
N ASN C 838 18.34 12.99 -9.19
CA ASN C 838 19.17 14.18 -9.05
C ASN C 838 20.43 14.09 -9.92
N GLY C 839 21.00 12.89 -10.08
CA GLY C 839 22.14 12.67 -10.97
C GLY C 839 21.76 12.91 -12.43
N LEU C 840 20.55 12.53 -12.84
CA LEU C 840 20.02 12.77 -14.18
C LEU C 840 19.84 14.29 -14.39
N LEU C 841 19.35 15.02 -13.40
CA LEU C 841 19.22 16.48 -13.48
C LEU C 841 20.58 17.15 -13.61
N ASP C 842 21.57 16.72 -12.84
CA ASP C 842 22.93 17.26 -12.93
C ASP C 842 23.57 16.97 -14.29
N THR C 843 23.42 15.75 -14.81
CA THR C 843 23.95 15.38 -16.12
C THR C 843 23.28 16.21 -17.21
N THR C 844 21.97 16.44 -17.09
CA THR C 844 21.19 17.24 -18.03
C THR C 844 21.66 18.69 -18.01
N GLN C 845 21.92 19.26 -16.84
CA GLN C 845 22.41 20.63 -16.75
C GLN C 845 23.78 20.78 -17.40
N LEU C 846 24.69 19.82 -17.21
CA LEU C 846 26.00 19.82 -17.85
C LEU C 846 25.84 19.72 -19.37
N HIS C 847 24.92 18.89 -19.88
CA HIS C 847 24.68 18.76 -21.31
C HIS C 847 24.12 20.07 -21.89
N VAL C 848 23.26 20.78 -21.17
CA VAL C 848 22.72 22.07 -21.62
C VAL C 848 23.83 23.11 -21.65
N ALA C 849 24.69 23.17 -20.62
CA ALA C 849 25.82 24.09 -20.58
C ALA C 849 26.84 23.77 -21.68
N ASP C 850 27.10 22.49 -21.94
CA ASP C 850 28.00 22.07 -23.02
C ASP C 850 27.43 22.54 -24.35
N THR C 851 26.12 22.41 -24.54
CA THR C 851 25.44 22.84 -25.75
C THR C 851 25.56 24.35 -25.93
N LEU C 852 25.36 25.15 -24.88
CA LEU C 852 25.48 26.60 -24.96
C LEU C 852 26.91 27.03 -25.33
N MET C 853 27.92 26.38 -24.78
CA MET C 853 29.33 26.71 -24.99
C MET C 853 29.99 25.97 -26.14
N GLN C 854 29.28 25.08 -26.83
CA GLN C 854 29.85 24.31 -27.93
C GLN C 854 30.19 25.24 -29.11
N GLY C 855 31.45 25.22 -29.51
CA GLY C 855 31.96 25.99 -30.62
C GLY C 855 32.09 27.49 -30.37
N VAL C 856 31.92 27.99 -29.14
CA VAL C 856 32.01 29.43 -28.88
C VAL C 856 33.47 29.86 -28.81
N THR C 857 33.83 30.80 -29.69
CA THR C 857 35.16 31.40 -29.78
C THR C 857 35.00 32.89 -29.64
N LEU C 858 35.69 33.53 -28.69
CA LEU C 858 35.60 34.97 -28.48
C LEU C 858 36.98 35.61 -28.49
N SER C 859 37.05 36.86 -28.93
CA SER C 859 38.30 37.58 -28.88
C SER C 859 38.60 38.04 -27.45
N SER C 860 39.85 37.96 -27.02
CA SER C 860 40.28 38.43 -25.70
C SER C 860 40.16 39.96 -25.60
N ASN C 861 40.11 40.66 -26.73
CA ASN C 861 39.93 42.11 -26.79
C ASN C 861 38.49 42.54 -26.53
N LEU C 862 37.56 41.60 -26.44
CA LEU C 862 36.15 41.88 -26.20
C LEU C 862 35.88 42.36 -24.76
N ASN C 863 35.36 43.57 -24.63
CA ASN C 863 35.01 44.20 -23.36
C ASN C 863 33.55 44.67 -23.46
N THR C 864 32.63 43.93 -22.86
CA THR C 864 31.19 44.22 -22.96
C THR C 864 30.77 45.55 -22.34
N ASN C 865 31.62 46.19 -21.55
CA ASN C 865 31.35 47.51 -21.00
C ASN C 865 31.36 48.58 -22.10
N LEU C 866 32.21 48.40 -23.13
CA LEU C 866 32.35 49.32 -24.28
C LEU C 866 31.74 48.75 -25.56
N HIS C 867 31.71 47.43 -25.71
CA HIS C 867 31.23 46.70 -26.89
C HIS C 867 29.87 46.05 -26.62
N PHE C 868 28.79 46.76 -26.99
CA PHE C 868 27.42 46.28 -26.75
C PHE C 868 26.44 46.50 -27.91
N ASP C 869 26.86 47.14 -29.00
CA ASP C 869 26.01 47.36 -30.16
C ASP C 869 26.86 47.37 -31.43
N VAL C 870 26.33 46.84 -32.52
CA VAL C 870 27.00 46.82 -33.81
C VAL C 870 25.95 46.93 -34.91
N ASP C 871 26.25 47.61 -36.01
CA ASP C 871 25.34 47.76 -37.14
C ASP C 871 23.92 48.25 -36.74
N ASN C 872 23.85 49.18 -35.79
CA ASN C 872 22.63 49.74 -35.22
C ASN C 872 21.79 48.77 -34.37
N ILE C 873 22.25 47.54 -34.10
CA ILE C 873 21.54 46.55 -33.29
C ILE C 873 22.18 46.57 -31.90
N ASN C 874 21.37 46.75 -30.86
CA ASN C 874 21.80 46.87 -29.48
C ASN C 874 21.56 45.59 -28.67
N PHE C 875 22.61 45.00 -28.13
CA PHE C 875 22.54 43.80 -27.29
C PHE C 875 22.93 44.11 -25.84
N LYS C 876 23.03 45.38 -25.41
CA LYS C 876 23.45 45.72 -24.05
C LYS C 876 22.59 45.02 -23.00
N SER C 877 21.28 44.92 -23.23
CA SER C 877 20.39 44.24 -22.29
C SER C 877 20.55 42.72 -22.29
N LEU C 878 20.99 42.11 -23.39
CA LEU C 878 21.19 40.66 -23.54
C LEU C 878 22.58 40.16 -23.13
N VAL C 879 23.52 41.06 -22.89
CA VAL C 879 24.90 40.74 -22.58
C VAL C 879 25.32 41.22 -21.21
N GLY C 880 25.77 40.30 -20.35
CA GLY C 880 26.28 40.63 -19.04
C GLY C 880 27.78 40.95 -19.11
N CYS C 881 28.41 41.30 -17.99
CA CYS C 881 29.85 41.53 -18.01
C CYS C 881 30.58 40.21 -18.36
N LEU C 882 31.67 40.30 -19.12
CA LEU C 882 32.40 39.11 -19.58
C LEU C 882 33.81 39.03 -18.96
N GLY C 883 34.18 37.83 -18.51
CA GLY C 883 35.48 37.54 -17.88
C GLY C 883 35.36 37.23 -16.39
N PRO C 884 36.38 36.59 -15.78
CA PRO C 884 36.36 36.21 -14.37
C PRO C 884 36.61 37.37 -13.39
N HIS C 885 37.08 38.54 -13.86
CA HIS C 885 37.35 39.69 -12.98
C HIS C 885 36.07 40.21 -12.29
N CYS C 886 34.90 39.98 -12.89
CA CYS C 886 33.61 40.39 -12.33
C CYS C 886 33.15 39.50 -11.16
N GLY C 887 33.51 38.21 -11.19
CA GLY C 887 33.05 37.24 -10.22
C GLY C 887 31.72 36.65 -10.71
N SER C 888 30.69 36.69 -9.88
CA SER C 888 29.35 36.17 -10.23
C SER C 888 28.42 37.19 -10.91
N SER C 889 28.90 38.40 -11.19
CA SER C 889 28.12 39.48 -11.83
C SER C 889 27.87 39.32 -13.34
N SER C 890 28.25 38.19 -13.94
CA SER C 890 28.07 37.89 -15.38
C SER C 890 26.62 37.50 -15.72
N ARG C 891 25.67 38.40 -15.44
CA ARG C 891 24.24 38.26 -15.72
C ARG C 891 23.78 39.50 -16.48
N SER C 892 23.03 39.31 -17.55
CA SER C 892 22.55 40.42 -18.37
C SER C 892 21.39 41.18 -17.72
N PHE C 893 21.07 42.38 -18.21
CA PHE C 893 19.94 43.15 -17.70
C PHE C 893 18.63 42.36 -17.91
N PHE C 894 18.52 41.68 -19.05
CA PHE C 894 17.39 40.84 -19.41
C PHE C 894 17.24 39.69 -18.42
N GLU C 895 18.32 38.99 -18.08
CA GLU C 895 18.28 37.91 -17.11
C GLU C 895 18.02 38.46 -15.71
N ASP C 896 18.56 39.61 -15.32
CA ASP C 896 18.29 40.22 -14.01
C ASP C 896 16.80 40.49 -13.86
N LEU C 897 16.19 41.05 -14.89
CA LEU C 897 14.76 41.38 -14.95
C LEU C 897 13.89 40.12 -14.94
N LEU C 898 14.40 38.99 -15.41
CA LEU C 898 13.69 37.71 -15.42
C LEU C 898 13.86 36.93 -14.11
N PHE C 899 14.99 37.09 -13.42
CA PHE C 899 15.28 36.40 -12.16
C PHE C 899 14.70 37.12 -10.94
N ASP C 900 14.59 38.44 -10.92
CA ASP C 900 14.05 39.14 -9.74
C ASP C 900 12.55 38.90 -9.50
N LYS C 901 11.84 38.30 -10.47
CA LYS C 901 10.39 37.98 -10.39
C LYS C 901 10.11 36.57 -9.89
N VAL C 902 11.17 35.80 -9.59
CA VAL C 902 11.10 34.44 -9.06
C VAL C 902 11.88 34.38 -7.77
N LYS C 903 11.20 34.24 -6.64
CA LYS C 903 11.84 34.20 -5.32
C LYS C 903 12.66 32.94 -5.11
N LEU C 904 12.10 31.76 -5.39
CA LEU C 904 12.77 30.49 -5.14
C LEU C 904 13.60 29.95 -6.31
N SER C 905 14.61 30.70 -6.73
CA SER C 905 15.61 30.24 -7.70
C SER C 905 16.66 29.44 -6.91
N ASP C 906 17.80 29.08 -7.49
CA ASP C 906 18.83 28.35 -6.75
C ASP C 906 19.36 29.20 -5.57
N VAL C 907 19.66 30.47 -5.79
CA VAL C 907 20.11 31.38 -4.72
C VAL C 907 18.97 31.62 -3.74
N GLY C 908 17.73 31.63 -4.21
CA GLY C 908 16.55 31.82 -3.37
C GLY C 908 16.41 30.69 -2.37
N PHE C 909 16.58 29.45 -2.82
CA PHE C 909 16.52 28.29 -1.92
C PHE C 909 17.67 28.33 -0.92
N VAL C 910 18.89 28.67 -1.35
CA VAL C 910 20.04 28.77 -0.46
C VAL C 910 19.79 29.83 0.61
N GLU C 911 19.31 31.02 0.25
CA GLU C 911 19.01 32.05 1.23
C GLU C 911 17.88 31.65 2.17
N ALA C 912 16.84 30.98 1.67
CA ALA C 912 15.74 30.53 2.51
C ALA C 912 16.21 29.49 3.53
N TYR C 913 17.06 28.54 3.13
CA TYR C 913 17.57 27.54 4.06
C TYR C 913 18.60 28.16 5.01
N ASN C 914 19.35 29.18 4.61
CA ASN C 914 20.29 29.85 5.49
C ASN C 914 19.54 30.49 6.68
N ASN C 915 18.36 31.03 6.42
CA ASN C 915 17.51 31.67 7.43
C ASN C 915 16.82 30.69 8.38
N CYS C 916 16.99 29.38 8.26
CA CYS C 916 16.33 28.44 9.14
C CYS C 916 16.90 28.45 10.56
N THR C 917 18.17 28.80 10.73
CA THR C 917 18.84 28.91 12.04
C THR C 917 19.16 30.36 12.43
N GLY C 918 18.48 31.33 11.82
CA GLY C 918 18.69 32.76 12.11
C GLY C 918 17.96 33.24 13.37
N GLY C 919 17.20 32.38 14.03
CA GLY C 919 16.44 32.70 15.25
C GLY C 919 15.19 33.56 15.03
N SER C 920 14.77 33.75 13.77
CA SER C 920 13.61 34.55 13.42
C SER C 920 12.29 33.94 13.89
N GLU C 921 11.33 34.78 14.25
CA GLU C 921 10.00 34.36 14.66
C GLU C 921 9.16 33.85 13.48
N ILE C 922 9.59 34.13 12.24
CA ILE C 922 8.90 33.69 11.03
C ILE C 922 9.08 32.18 10.85
N ARG C 923 7.97 31.46 10.68
CA ARG C 923 7.96 30.00 10.48
C ARG C 923 7.93 29.71 9.00
N ASP C 924 9.07 29.82 8.34
CA ASP C 924 9.17 29.54 6.92
C ASP C 924 8.83 28.08 6.66
N LEU C 925 7.96 27.82 5.69
CA LEU C 925 7.53 26.47 5.37
C LEU C 925 8.70 25.61 4.88
N LEU C 926 9.68 26.20 4.20
CA LEU C 926 10.89 25.48 3.78
C LEU C 926 11.69 25.01 4.99
N CYS C 927 11.71 25.77 6.07
CA CYS C 927 12.41 25.36 7.28
C CYS C 927 11.71 24.18 7.93
N VAL C 928 10.37 24.17 7.98
CA VAL C 928 9.65 23.03 8.52
C VAL C 928 9.89 21.81 7.63
N GLN C 929 9.85 21.97 6.31
CA GLN C 929 10.11 20.87 5.39
C GLN C 929 11.53 20.30 5.57
N SER C 930 12.54 21.15 5.65
CA SER C 930 13.92 20.70 5.82
C SER C 930 14.13 20.00 7.16
N PHE C 931 13.53 20.49 8.25
CA PHE C 931 13.66 19.83 9.55
C PHE C 931 12.99 18.46 9.54
N ASN C 932 11.98 18.24 8.69
CA ASN C 932 11.36 16.94 8.46
C ASN C 932 12.06 16.14 7.35
N GLY C 933 13.27 16.51 6.96
CA GLY C 933 14.09 15.75 6.03
C GLY C 933 13.86 16.05 4.55
N ILE C 934 12.98 16.99 4.20
CA ILE C 934 12.66 17.37 2.82
C ILE C 934 13.44 18.63 2.45
N LYS C 935 14.55 18.54 1.73
CA LYS C 935 15.40 19.71 1.39
C LYS C 935 15.77 19.74 -0.08
N VAL C 936 15.75 20.92 -0.70
CA VAL C 936 16.08 21.09 -2.10
C VAL C 936 17.55 21.47 -2.18
N LEU C 937 18.35 20.70 -2.90
CA LEU C 937 19.77 21.00 -3.05
C LEU C 937 20.02 21.90 -4.24
N PRO C 938 21.08 22.73 -4.21
CA PRO C 938 21.40 23.59 -5.32
C PRO C 938 21.90 22.75 -6.51
N PRO C 939 21.72 23.23 -7.75
CA PRO C 939 22.19 22.52 -8.94
C PRO C 939 23.71 22.52 -8.97
N ILE C 940 24.35 21.61 -9.70
CA ILE C 940 25.82 21.57 -9.72
C ILE C 940 26.46 22.81 -10.33
N LEU C 941 25.80 23.48 -11.27
CA LEU C 941 26.23 24.73 -11.85
C LEU C 941 25.26 25.80 -11.39
N SER C 942 25.74 26.89 -10.81
CA SER C 942 24.84 27.96 -10.36
C SER C 942 24.19 28.67 -11.54
N GLU C 943 23.05 29.31 -11.34
CA GLU C 943 22.40 30.04 -12.44
C GLU C 943 23.28 31.20 -12.93
N SER C 944 24.23 31.68 -12.12
CA SER C 944 25.20 32.69 -12.52
C SER C 944 26.17 32.12 -13.57
N GLN C 945 26.57 30.85 -13.43
CA GLN C 945 27.41 30.21 -14.43
C GLN C 945 26.65 30.03 -15.73
N ILE C 946 25.39 29.60 -15.66
CA ILE C 946 24.58 29.42 -16.85
C ILE C 946 24.34 30.77 -17.53
N SER C 947 24.12 31.85 -16.79
CA SER C 947 23.97 33.19 -17.37
C SER C 947 25.28 33.63 -18.03
N GLY C 948 26.42 33.22 -17.48
CA GLY C 948 27.71 33.49 -18.10
C GLY C 948 27.81 32.76 -19.44
N TYR C 949 27.35 31.52 -19.51
CA TYR C 949 27.34 30.71 -20.72
C TYR C 949 26.37 31.29 -21.77
N THR C 950 25.17 31.73 -21.40
CA THR C 950 24.24 32.38 -22.33
C THR C 950 24.81 33.72 -22.79
N THR C 951 25.50 34.47 -21.93
CA THR C 951 26.16 35.72 -22.31
C THR C 951 27.24 35.44 -23.33
N ALA C 952 28.08 34.44 -23.13
CA ALA C 952 29.14 34.07 -24.06
C ALA C 952 28.54 33.64 -25.41
N ALA C 953 27.47 32.85 -25.40
CA ALA C 953 26.79 32.43 -26.61
C ALA C 953 26.15 33.61 -27.36
N THR C 954 25.72 34.64 -26.65
CA THR C 954 25.12 35.84 -27.24
C THR C 954 26.19 36.73 -27.86
N VAL C 955 27.31 36.99 -27.18
CA VAL C 955 28.37 37.84 -27.78
C VAL C 955 29.06 37.15 -28.93
N ALA C 956 29.02 35.81 -28.97
CA ALA C 956 29.60 35.03 -30.06
C ALA C 956 28.88 35.27 -31.41
N ALA C 957 27.71 35.89 -31.39
CA ALA C 957 26.97 36.23 -32.60
C ALA C 957 27.23 37.67 -33.05
N MET C 958 27.59 38.57 -32.15
CA MET C 958 27.79 40.00 -32.44
C MET C 958 29.16 40.42 -32.94
N PHE C 959 30.24 39.74 -32.59
CA PHE C 959 31.60 40.14 -32.98
C PHE C 959 32.38 39.01 -33.65
N PRO C 960 33.42 39.31 -34.45
CA PRO C 960 34.24 38.28 -35.06
C PRO C 960 34.90 37.41 -33.98
N PRO C 961 35.09 36.11 -34.22
CA PRO C 961 34.81 35.39 -35.46
C PRO C 961 33.35 34.99 -35.74
N TRP C 962 32.37 35.54 -35.03
CA TRP C 962 30.95 35.24 -35.21
C TRP C 962 30.69 33.72 -35.16
N SER C 963 31.29 33.03 -34.20
CA SER C 963 31.24 31.57 -34.07
C SER C 963 29.83 31.00 -33.84
N ALA C 964 28.85 31.83 -33.50
CA ALA C 964 27.46 31.43 -33.29
C ALA C 964 26.48 32.19 -34.21
N ALA C 965 26.97 32.74 -35.32
CA ALA C 965 26.17 33.47 -36.31
C ALA C 965 26.60 33.18 -37.76
N ALA C 966 26.86 31.90 -38.05
CA ALA C 966 27.30 31.45 -39.38
C ALA C 966 28.60 32.08 -39.88
N GLY C 967 29.46 32.56 -38.98
CA GLY C 967 30.75 33.16 -39.35
C GLY C 967 30.67 34.48 -40.08
N ILE C 968 29.55 35.20 -40.03
CA ILE C 968 29.37 36.51 -40.69
C ILE C 968 28.75 37.52 -39.72
N PRO C 969 28.83 38.84 -39.97
CA PRO C 969 28.25 39.84 -39.08
C PRO C 969 26.77 39.58 -38.79
N PHE C 970 26.32 39.91 -37.59
CA PHE C 970 24.94 39.65 -37.18
C PHE C 970 23.92 40.33 -38.08
N SER C 971 24.13 41.58 -38.48
CA SER C 971 23.19 42.28 -39.36
C SER C 971 23.11 41.59 -40.72
N LEU C 972 24.23 41.09 -41.27
CA LEU C 972 24.24 40.37 -42.53
C LEU C 972 23.49 39.05 -42.37
N ASN C 973 23.65 38.34 -41.25
CA ASN C 973 22.92 37.11 -41.03
C ASN C 973 21.41 37.38 -40.97
N VAL C 974 20.98 38.46 -40.31
CA VAL C 974 19.56 38.84 -40.28
C VAL C 974 19.10 39.17 -41.69
N GLN C 975 19.87 39.92 -42.46
CA GLN C 975 19.52 40.27 -43.83
C GLN C 975 19.39 39.05 -44.73
N TYR C 976 20.32 38.11 -44.68
CA TYR C 976 20.27 36.90 -45.49
C TYR C 976 19.12 35.99 -45.06
N ARG C 977 18.81 35.93 -43.77
CA ARG C 977 17.67 35.15 -43.28
C ARG C 977 16.37 35.75 -43.76
N ILE C 978 16.22 37.09 -43.76
CA ILE C 978 15.01 37.73 -44.26
C ILE C 978 14.93 37.53 -45.77
N ASN C 979 16.04 37.61 -46.50
CA ASN C 979 16.04 37.39 -47.95
C ASN C 979 15.60 35.97 -48.30
N GLY C 980 16.02 34.97 -47.52
CA GLY C 980 15.66 33.57 -47.73
C GLY C 980 14.16 33.31 -47.61
N LEU C 981 13.39 34.22 -47.01
CA LEU C 981 11.94 34.10 -46.89
C LEU C 981 11.22 34.57 -48.15
N GLY C 982 11.93 35.09 -49.15
CA GLY C 982 11.32 35.61 -50.36
C GLY C 982 11.24 37.12 -50.40
N VAL C 983 12.21 37.81 -49.82
CA VAL C 983 12.27 39.29 -49.78
C VAL C 983 13.48 39.71 -50.61
N THR C 984 13.33 40.60 -51.57
CA THR C 984 14.47 41.02 -52.40
C THR C 984 15.57 41.67 -51.55
N MET C 985 16.83 41.46 -51.89
CA MET C 985 17.91 42.05 -51.10
C MET C 985 17.98 43.57 -51.27
N ASP C 986 17.43 44.11 -52.36
CA ASP C 986 17.47 45.53 -52.67
C ASP C 986 16.75 46.37 -51.61
N VAL C 987 15.60 45.92 -51.12
CA VAL C 987 14.88 46.67 -50.07
C VAL C 987 15.52 46.45 -48.71
N LEU C 988 16.16 45.30 -48.49
CA LEU C 988 16.79 44.99 -47.22
C LEU C 988 18.06 45.80 -46.99
N ASN C 989 18.90 45.96 -48.02
CA ASN C 989 20.14 46.71 -47.82
C ASN C 989 19.95 48.24 -47.85
N LYS C 990 18.76 48.74 -48.20
CA LYS C 990 18.45 50.18 -48.13
C LYS C 990 17.60 50.50 -46.90
N ASN C 991 16.86 49.53 -46.36
CA ASN C 991 16.07 49.67 -45.14
C ASN C 991 16.82 49.06 -43.95
N GLN C 992 18.15 49.03 -43.95
CA GLN C 992 18.94 48.43 -42.88
C GLN C 992 18.67 49.12 -41.53
N LYS C 993 18.56 50.45 -41.49
CA LYS C 993 18.24 51.20 -40.25
C LYS C 993 16.86 50.80 -39.73
N LEU C 994 15.87 50.70 -40.61
CA LEU C 994 14.51 50.30 -40.25
C LEU C 994 14.51 48.86 -39.72
N ILE C 995 15.27 47.96 -40.33
CA ILE C 995 15.38 46.57 -39.87
C ILE C 995 16.04 46.50 -38.50
N ALA C 996 17.14 47.23 -38.28
CA ALA C 996 17.81 47.23 -37.00
C ALA C 996 16.91 47.82 -35.91
N THR C 997 16.23 48.93 -36.19
CA THR C 997 15.29 49.53 -35.24
C THR C 997 14.11 48.61 -34.98
N ALA C 998 13.57 47.92 -35.99
CA ALA C 998 12.50 46.97 -35.76
C ALA C 998 13.01 45.82 -34.88
N PHE C 999 14.24 45.35 -35.10
CA PHE C 999 14.83 44.28 -34.32
C PHE C 999 15.02 44.67 -32.86
N ASN C 1000 15.64 45.81 -32.54
CA ASN C 1000 15.81 46.16 -31.13
C ASN C 1000 14.47 46.60 -30.52
N ASN C 1001 13.49 47.08 -31.30
CA ASN C 1001 12.15 47.37 -30.77
C ASN C 1001 11.47 46.06 -30.41
N ALA C 1002 11.65 44.99 -31.19
CA ALA C 1002 11.08 43.68 -30.87
C ALA C 1002 11.69 43.15 -29.57
N LEU C 1003 13.00 43.33 -29.38
CA LEU C 1003 13.69 42.95 -28.16
C LEU C 1003 13.16 43.75 -26.97
N LEU C 1004 12.96 45.06 -27.12
CA LEU C 1004 12.38 45.89 -26.05
C LEU C 1004 10.96 45.44 -25.75
N SER C 1005 10.18 45.06 -26.76
CA SER C 1005 8.81 44.58 -26.54
C SER C 1005 8.81 43.30 -25.70
N ILE C 1006 9.77 42.40 -25.92
CA ILE C 1006 9.91 41.19 -25.14
C ILE C 1006 10.24 41.56 -23.68
N GLN C 1007 11.20 42.45 -23.46
CA GLN C 1007 11.59 42.87 -22.11
C GLN C 1007 10.43 43.53 -21.37
N ASN C 1008 9.67 44.39 -22.03
CA ASN C 1008 8.53 45.08 -21.41
C ASN C 1008 7.37 44.11 -21.17
N GLY C 1009 7.29 43.00 -21.90
CA GLY C 1009 6.24 42.00 -21.77
C GLY C 1009 6.28 41.28 -20.42
N PHE C 1010 7.41 41.26 -19.72
CA PHE C 1010 7.54 40.64 -18.40
C PHE C 1010 6.93 41.51 -17.26
N SER C 1011 6.65 42.80 -17.53
CA SER C 1011 6.05 43.71 -16.54
C SER C 1011 4.52 43.56 -16.43
N ALA C 1012 3.93 42.70 -17.26
CA ALA C 1012 2.50 42.39 -17.35
C ALA C 1012 2.29 40.86 -17.31
N PRO C 1013 1.06 40.35 -17.11
CA PRO C 1013 0.78 38.91 -17.15
C PRO C 1013 1.32 38.34 -18.46
N ASN C 1014 2.34 37.47 -18.36
CA ASN C 1014 3.05 36.89 -19.48
C ASN C 1014 3.07 35.36 -19.44
N SER C 1015 2.85 34.69 -20.57
CA SER C 1015 2.83 33.23 -20.62
C SER C 1015 4.17 32.60 -20.28
N ALA C 1016 5.30 33.17 -20.69
CA ALA C 1016 6.63 32.63 -20.36
C ALA C 1016 6.95 32.82 -18.89
N LEU C 1017 6.70 34.00 -18.31
CA LEU C 1017 6.96 34.23 -16.89
C LEU C 1017 6.03 33.36 -16.04
N ALA C 1018 4.78 33.19 -16.45
CA ALA C 1018 3.83 32.31 -15.76
C ALA C 1018 4.33 30.86 -15.83
N LYS C 1019 4.89 30.43 -16.96
CA LYS C 1019 5.46 29.09 -17.11
C LYS C 1019 6.64 28.92 -16.16
N ILE C 1020 7.51 29.91 -16.02
CA ILE C 1020 8.64 29.89 -15.08
C ILE C 1020 8.13 29.78 -13.65
N GLN C 1021 7.16 30.61 -13.27
CA GLN C 1021 6.59 30.58 -11.92
C GLN C 1021 5.83 29.28 -11.65
N SER C 1022 5.28 28.61 -12.67
CA SER C 1022 4.61 27.33 -12.50
C SER C 1022 5.56 26.23 -12.03
N VAL C 1023 6.84 26.29 -12.39
CA VAL C 1023 7.84 25.31 -11.94
C VAL C 1023 8.01 25.43 -10.43
N VAL C 1024 8.20 26.64 -9.94
CA VAL C 1024 8.35 26.91 -8.51
C VAL C 1024 7.06 26.58 -7.76
N ASN C 1025 5.90 27.01 -8.28
CA ASN C 1025 4.61 26.75 -7.63
C ASN C 1025 4.29 25.27 -7.57
N SER C 1026 4.52 24.51 -8.63
CA SER C 1026 4.26 23.06 -8.62
C SER C 1026 5.20 22.34 -7.67
N ASN C 1027 6.47 22.72 -7.60
CA ASN C 1027 7.41 22.13 -6.66
C ASN C 1027 7.02 22.45 -5.21
N ALA C 1028 6.66 23.70 -4.91
CA ALA C 1028 6.24 24.08 -3.56
C ALA C 1028 4.97 23.32 -3.17
N GLN C 1029 4.02 23.15 -4.08
CA GLN C 1029 2.79 22.41 -3.85
C GLN C 1029 3.10 20.93 -3.59
N ALA C 1030 4.01 20.30 -4.35
CA ALA C 1030 4.37 18.90 -4.13
C ALA C 1030 5.08 18.69 -2.78
N LEU C 1031 6.00 19.58 -2.42
CA LEU C 1031 6.73 19.50 -1.16
C LEU C 1031 5.81 19.75 0.02
N ASN C 1032 4.89 20.72 -0.08
CA ASN C 1032 3.93 20.97 0.98
C ASN C 1032 3.00 19.77 1.10
N SER C 1033 2.57 19.18 -0.02
CA SER C 1033 1.71 18.01 0.00
C SER C 1033 2.41 16.83 0.65
N LEU C 1034 3.72 16.65 0.40
CA LEU C 1034 4.49 15.60 1.03
C LEU C 1034 4.63 15.86 2.53
N LEU C 1035 4.85 17.11 2.97
CA LEU C 1035 4.92 17.44 4.39
C LEU C 1035 3.59 17.17 5.08
N GLN C 1036 2.46 17.45 4.42
CA GLN C 1036 1.14 17.21 5.01
C GLN C 1036 0.89 15.72 5.31
N GLN C 1037 1.65 14.81 4.71
CA GLN C 1037 1.52 13.38 4.98
C GLN C 1037 1.93 13.06 6.42
N LEU C 1038 2.77 13.88 7.05
CA LEU C 1038 3.16 13.70 8.43
C LEU C 1038 2.03 13.99 9.42
N PHE C 1039 0.93 14.57 8.97
CA PHE C 1039 -0.24 14.87 9.80
C PHE C 1039 -1.43 13.98 9.48
N ASN C 1040 -1.29 13.05 8.53
CA ASN C 1040 -2.33 12.09 8.20
C ASN C 1040 -2.29 10.97 9.24
N LYS C 1041 -3.44 10.58 9.80
CA LYS C 1041 -3.48 9.52 10.80
C LYS C 1041 -3.38 8.11 10.21
N PHE C 1042 -3.74 7.90 8.95
CA PHE C 1042 -3.69 6.56 8.31
C PHE C 1042 -4.46 5.49 9.10
N GLY C 1043 -5.54 5.88 9.76
CA GLY C 1043 -6.36 5.00 10.59
C GLY C 1043 -5.80 4.76 11.99
N ALA C 1044 -4.66 5.35 12.36
CA ALA C 1044 -4.08 5.24 13.68
C ALA C 1044 -4.78 6.20 14.67
N ILE C 1045 -4.52 6.06 15.97
CA ILE C 1045 -5.12 6.93 16.99
C ILE C 1045 -4.71 8.40 16.87
N SER C 1046 -3.51 8.66 16.35
CA SER C 1046 -2.97 10.00 16.14
C SER C 1046 -1.91 9.99 15.05
N SER C 1047 -1.64 11.13 14.43
CA SER C 1047 -0.57 11.29 13.45
C SER C 1047 0.75 11.64 14.11
N SER C 1048 0.75 11.86 15.43
CA SER C 1048 1.92 12.22 16.23
C SER C 1048 2.50 11.00 16.92
N LEU C 1049 3.76 10.71 16.68
CA LEU C 1049 4.48 9.64 17.36
C LEU C 1049 4.62 9.91 18.86
N GLN C 1050 4.75 11.17 19.27
CA GLN C 1050 4.80 11.52 20.68
C GLN C 1050 3.50 11.17 21.39
N GLU C 1051 2.35 11.46 20.79
CA GLU C 1051 1.06 11.12 21.39
C GLU C 1051 0.88 9.60 21.49
N ILE C 1052 1.25 8.83 20.47
CA ILE C 1052 1.13 7.37 20.53
C ILE C 1052 2.02 6.80 21.66
N LEU C 1053 3.28 7.22 21.73
CA LEU C 1053 4.23 6.75 22.73
C LEU C 1053 3.93 7.22 24.15
N SER C 1054 3.15 8.28 24.32
CA SER C 1054 2.71 8.78 25.63
C SER C 1054 1.35 8.23 26.04
N ARG C 1055 0.65 7.47 25.19
CA ARG C 1055 -0.64 6.86 25.49
C ARG C 1055 -0.62 5.34 25.58
N LEU C 1056 0.22 4.67 24.80
CA LEU C 1056 0.26 3.21 24.69
C LEU C 1056 1.63 2.59 25.01
N ASP C 1057 1.62 1.36 25.52
CA ASP C 1057 2.83 0.57 25.75
C ASP C 1057 3.29 -0.10 24.45
N PRO C 1058 4.52 -0.65 24.40
CA PRO C 1058 5.05 -1.28 23.19
C PRO C 1058 4.14 -2.27 22.46
N PRO C 1059 3.38 -3.18 23.09
CA PRO C 1059 2.52 -4.08 22.34
C PRO C 1059 1.50 -3.39 21.45
N GLU C 1060 0.90 -2.27 21.85
CA GLU C 1060 -0.08 -1.57 21.01
C GLU C 1060 0.52 -0.36 20.33
N ALA C 1061 1.50 0.31 20.94
CA ALA C 1061 2.17 1.45 20.32
C ALA C 1061 2.82 1.01 19.01
N GLN C 1062 3.42 -0.18 18.97
CA GLN C 1062 4.02 -0.70 17.74
C GLN C 1062 2.97 -0.89 16.65
N VAL C 1063 1.75 -1.28 16.98
CA VAL C 1063 0.68 -1.41 15.98
C VAL C 1063 0.37 -0.05 15.38
N GLN C 1064 0.18 0.98 16.21
CA GLN C 1064 -0.11 2.34 15.73
C GLN C 1064 1.07 2.93 14.93
N ILE C 1065 2.30 2.74 15.40
CA ILE C 1065 3.49 3.22 14.71
C ILE C 1065 3.65 2.52 13.36
N ASP C 1066 3.34 1.23 13.25
CA ASP C 1066 3.38 0.50 11.99
C ASP C 1066 2.39 1.08 10.98
N ARG C 1067 1.20 1.52 11.42
CA ARG C 1067 0.23 2.18 10.55
C ARG C 1067 0.79 3.47 9.98
N LEU C 1068 1.44 4.29 10.81
CA LEU C 1068 2.10 5.50 10.35
C LEU C 1068 3.27 5.21 9.41
N ILE C 1069 4.11 4.22 9.71
CA ILE C 1069 5.20 3.79 8.82
C ILE C 1069 4.66 3.37 7.46
N ASN C 1070 3.66 2.50 7.36
CA ASN C 1070 3.09 2.13 6.06
C ASN C 1070 2.52 3.33 5.31
N GLY C 1071 1.81 4.22 5.99
CA GLY C 1071 1.22 5.40 5.35
C GLY C 1071 2.29 6.36 4.82
N ARG C 1072 3.32 6.65 5.60
CA ARG C 1072 4.42 7.54 5.21
C ARG C 1072 5.32 6.95 4.13
N LEU C 1073 5.64 5.67 4.20
CA LEU C 1073 6.35 5.00 3.11
C LEU C 1073 5.52 4.93 1.83
N THR C 1074 4.20 4.72 1.92
CA THR C 1074 3.34 4.75 0.73
C THR C 1074 3.35 6.14 0.12
N ALA C 1075 3.31 7.19 0.93
CA ALA C 1075 3.39 8.56 0.46
C ALA C 1075 4.72 8.85 -0.23
N LEU C 1076 5.84 8.36 0.30
CA LEU C 1076 7.14 8.48 -0.34
C LEU C 1076 7.23 7.71 -1.67
N ASN C 1077 6.74 6.48 -1.76
CA ASN C 1077 6.70 5.79 -3.05
C ASN C 1077 5.85 6.54 -4.08
N ALA C 1078 4.73 7.15 -3.67
CA ALA C 1078 3.91 7.93 -4.57
C ALA C 1078 4.65 9.19 -5.02
N TYR C 1079 5.30 9.90 -4.10
CA TYR C 1079 6.06 11.10 -4.43
C TYR C 1079 7.23 10.78 -5.35
N VAL C 1080 7.96 9.70 -5.10
CA VAL C 1080 9.06 9.27 -5.97
C VAL C 1080 8.58 8.87 -7.35
N SER C 1081 7.41 8.22 -7.49
CA SER C 1081 6.83 7.92 -8.80
C SER C 1081 6.48 9.22 -9.54
N GLN C 1082 5.88 10.18 -8.86
CA GLN C 1082 5.57 11.47 -9.46
C GLN C 1082 6.84 12.23 -9.87
N GLN C 1083 7.89 12.20 -9.04
CA GLN C 1083 9.16 12.84 -9.33
C GLN C 1083 9.85 12.20 -10.54
N LEU C 1084 9.80 10.87 -10.69
CA LEU C 1084 10.36 10.19 -11.86
C LEU C 1084 9.64 10.66 -13.13
N SER C 1085 8.31 10.73 -13.11
CA SER C 1085 7.53 11.21 -14.24
C SER C 1085 7.86 12.65 -14.57
N ASP C 1086 7.91 13.53 -13.58
CA ASP C 1086 8.22 14.95 -13.83
C ASP C 1086 9.62 15.13 -14.39
N ILE C 1087 10.61 14.38 -13.90
CA ILE C 1087 11.98 14.49 -14.39
C ILE C 1087 12.07 13.95 -15.81
N SER C 1088 11.27 12.96 -16.19
CA SER C 1088 11.23 12.50 -17.59
C SER C 1088 10.76 13.64 -18.51
N LEU C 1089 9.76 14.41 -18.07
CA LEU C 1089 9.26 15.58 -18.82
C LEU C 1089 10.34 16.66 -18.88
N VAL C 1090 11.10 16.86 -17.81
CA VAL C 1090 12.20 17.82 -17.78
C VAL C 1090 13.31 17.38 -18.72
N LYS C 1091 13.65 16.09 -18.82
CA LYS C 1091 14.65 15.60 -19.77
C LYS C 1091 14.18 15.85 -21.20
N PHE C 1092 12.91 15.63 -21.50
CA PHE C 1092 12.33 15.94 -22.81
C PHE C 1092 12.44 17.43 -23.12
N GLY C 1093 12.09 18.29 -22.17
CA GLY C 1093 12.18 19.74 -22.31
C GLY C 1093 13.62 20.20 -22.49
N ALA C 1094 14.58 19.61 -21.78
CA ALA C 1094 15.98 19.96 -21.91
C ALA C 1094 16.53 19.52 -23.27
N ALA C 1095 16.11 18.36 -23.78
CA ALA C 1095 16.51 17.90 -25.10
C ALA C 1095 15.98 18.87 -26.17
N LEU C 1096 14.73 19.32 -26.02
CA LEU C 1096 14.13 20.29 -26.92
C LEU C 1096 14.88 21.62 -26.85
N ALA C 1097 15.27 22.07 -25.67
CA ALA C 1097 16.01 23.32 -25.51
C ALA C 1097 17.40 23.21 -26.15
N MET C 1098 18.09 22.08 -26.01
CA MET C 1098 19.39 21.87 -26.65
C MET C 1098 19.24 21.89 -28.16
N GLU C 1099 18.21 21.26 -28.70
CA GLU C 1099 17.90 21.26 -30.11
C GLU C 1099 17.58 22.68 -30.60
N LYS C 1100 16.80 23.46 -29.85
CA LYS C 1100 16.49 24.85 -30.20
C LYS C 1100 17.76 25.71 -30.15
N VAL C 1101 18.66 25.51 -29.19
CA VAL C 1101 19.93 26.25 -29.18
C VAL C 1101 20.69 26.00 -30.47
N ASN C 1102 20.96 24.73 -30.76
CA ASN C 1102 21.71 24.32 -31.95
C ASN C 1102 21.07 24.66 -33.28
N GLU C 1103 19.74 24.60 -33.39
CA GLU C 1103 19.03 24.79 -34.65
C GLU C 1103 18.24 26.10 -34.82
N CYS C 1104 18.29 27.00 -33.84
CA CYS C 1104 17.65 28.31 -33.91
C CYS C 1104 18.61 29.45 -33.54
N VAL C 1105 19.53 29.24 -32.58
CA VAL C 1105 20.45 30.30 -32.13
C VAL C 1105 21.80 30.19 -32.81
N LYS C 1106 22.49 29.06 -32.69
CA LYS C 1106 23.82 28.86 -33.30
C LYS C 1106 23.76 28.69 -34.81
N SER C 1107 22.61 28.28 -35.32
CA SER C 1107 22.36 28.07 -36.74
C SER C 1107 20.87 28.18 -37.01
N GLN C 1108 20.50 28.23 -38.27
CA GLN C 1108 19.12 28.36 -38.71
C GLN C 1108 18.74 27.14 -39.55
N SER C 1109 18.28 26.09 -38.89
CA SER C 1109 17.92 24.85 -39.58
C SER C 1109 16.70 25.04 -40.48
N PRO C 1110 16.62 24.40 -41.66
CA PRO C 1110 15.51 24.53 -42.59
C PRO C 1110 14.26 23.76 -42.14
N ARG C 1111 13.69 24.14 -41.00
CA ARG C 1111 12.50 23.56 -40.36
C ARG C 1111 11.59 24.75 -40.11
N ILE C 1112 10.37 24.74 -40.64
CA ILE C 1112 9.51 25.93 -40.63
C ILE C 1112 9.03 26.44 -39.28
N ASN C 1113 8.25 25.68 -38.52
CA ASN C 1113 7.72 26.17 -37.24
C ASN C 1113 8.46 25.62 -36.02
N PHE C 1114 9.69 25.14 -36.19
CA PHE C 1114 10.47 24.60 -35.09
C PHE C 1114 10.87 25.70 -34.10
N CYS C 1115 11.39 26.81 -34.61
CA CYS C 1115 11.82 27.95 -33.81
C CYS C 1115 10.70 28.99 -33.69
N GLY C 1116 9.60 28.60 -33.06
CA GLY C 1116 8.44 29.48 -32.92
C GLY C 1116 7.64 29.57 -34.22
N ASN C 1117 6.49 30.21 -34.14
CA ASN C 1117 5.58 30.37 -35.29
C ASN C 1117 5.98 31.52 -36.22
N GLY C 1118 5.44 31.49 -37.44
CA GLY C 1118 5.65 32.52 -38.45
C GLY C 1118 6.93 32.35 -39.25
N ASN C 1119 7.28 33.40 -39.99
CA ASN C 1119 8.48 33.45 -40.82
C ASN C 1119 9.71 33.70 -39.93
N HIS C 1120 10.23 32.66 -39.31
CA HIS C 1120 11.34 32.77 -38.39
C HIS C 1120 12.62 33.24 -39.07
N ILE C 1121 13.13 34.39 -38.62
CA ILE C 1121 14.36 34.97 -39.12
C ILE C 1121 15.54 34.39 -38.36
N LEU C 1122 15.53 34.54 -37.04
CA LEU C 1122 16.63 34.18 -36.16
C LEU C 1122 16.16 34.08 -34.71
N SER C 1123 16.90 33.40 -33.84
CA SER C 1123 16.58 33.26 -32.44
C SER C 1123 17.78 33.56 -31.55
N LEU C 1124 17.54 33.99 -30.32
CA LEU C 1124 18.55 34.30 -29.30
C LEU C 1124 18.16 33.61 -28.00
N VAL C 1125 19.11 33.36 -27.10
CA VAL C 1125 18.86 32.66 -25.85
C VAL C 1125 19.37 33.43 -24.63
N GLN C 1126 18.64 33.37 -23.53
CA GLN C 1126 18.99 33.97 -22.25
C GLN C 1126 18.70 32.99 -21.14
N ASN C 1127 19.41 33.09 -20.03
CA ASN C 1127 19.19 32.20 -18.91
C ASN C 1127 17.87 32.53 -18.19
N ALA C 1128 17.19 31.53 -17.68
CA ALA C 1128 15.95 31.73 -16.94
C ALA C 1128 15.92 30.77 -15.75
N PRO C 1129 15.19 31.06 -14.67
CA PRO C 1129 15.14 30.15 -13.54
C PRO C 1129 14.68 28.76 -13.98
N TYR C 1130 15.48 27.73 -13.75
CA TYR C 1130 15.21 26.33 -14.12
C TYR C 1130 15.04 26.06 -15.63
N GLY C 1131 15.63 26.87 -16.50
CA GLY C 1131 15.49 26.66 -17.93
C GLY C 1131 16.16 27.73 -18.76
N LEU C 1132 15.76 27.86 -20.01
CA LEU C 1132 16.28 28.86 -20.93
C LEU C 1132 15.13 29.61 -21.55
N LEU C 1133 15.29 30.90 -21.77
CA LEU C 1133 14.29 31.71 -22.43
C LEU C 1133 14.82 32.06 -23.81
N PHE C 1134 14.08 31.64 -24.84
CA PHE C 1134 14.41 31.88 -26.23
C PHE C 1134 13.58 33.04 -26.74
N MET C 1135 14.22 33.91 -27.51
CA MET C 1135 13.58 35.02 -28.16
C MET C 1135 13.61 34.71 -29.64
N HIS C 1136 12.47 34.45 -30.24
CA HIS C 1136 12.36 34.13 -31.65
C HIS C 1136 11.95 35.38 -32.40
N PHE C 1137 12.72 35.80 -33.39
CA PHE C 1137 12.44 36.99 -34.18
C PHE C 1137 11.90 36.54 -35.53
N SER C 1138 10.74 37.06 -35.90
CA SER C 1138 10.04 36.68 -37.13
C SER C 1138 9.74 37.87 -38.02
N TYR C 1139 9.72 37.64 -39.33
CA TYR C 1139 9.34 38.62 -40.34
C TYR C 1139 7.82 38.72 -40.34
N LYS C 1140 7.27 39.87 -39.96
CA LYS C 1140 5.83 40.10 -39.88
C LYS C 1140 5.36 41.12 -40.90
N PRO C 1141 4.56 40.71 -41.91
CA PRO C 1141 3.98 41.64 -42.85
C PRO C 1141 3.06 42.64 -42.14
N ILE C 1142 3.10 43.91 -42.56
CA ILE C 1142 2.30 45.00 -42.00
C ILE C 1142 1.12 45.34 -42.90
N SER C 1143 1.38 45.53 -44.19
CA SER C 1143 0.36 45.86 -45.19
C SER C 1143 0.52 44.93 -46.39
N PHE C 1144 -0.57 44.68 -47.11
CA PHE C 1144 -0.61 43.77 -48.27
C PHE C 1144 -1.20 44.41 -49.51
N LYS C 1145 -0.74 43.94 -50.67
CA LYS C 1145 -1.23 44.35 -51.99
C LYS C 1145 -1.73 43.11 -52.70
N THR C 1146 -2.98 43.11 -53.15
CA THR C 1146 -3.52 41.97 -53.90
C THR C 1146 -3.02 42.12 -55.33
N VAL C 1147 -2.30 41.12 -55.83
CA VAL C 1147 -1.74 41.12 -57.18
C VAL C 1147 -2.05 39.83 -57.91
N LEU C 1148 -1.98 39.86 -59.23
CA LEU C 1148 -2.20 38.69 -60.07
C LEU C 1148 -0.83 38.08 -60.35
N VAL C 1149 -0.66 36.83 -59.96
CA VAL C 1149 0.60 36.08 -60.10
C VAL C 1149 0.49 34.90 -61.02
N SER C 1150 1.61 34.53 -61.65
CA SER C 1150 1.73 33.34 -62.49
C SER C 1150 2.74 32.42 -61.82
N PRO C 1151 2.39 31.17 -61.47
CA PRO C 1151 3.33 30.25 -60.83
C PRO C 1151 4.42 29.73 -61.77
N GLY C 1152 4.32 30.03 -63.06
CA GLY C 1152 5.29 29.62 -64.08
C GLY C 1152 4.97 30.27 -65.43
N LEU C 1153 5.93 30.26 -66.35
CA LEU C 1153 5.80 30.82 -67.69
C LEU C 1153 6.38 29.87 -68.73
N CYS C 1154 5.78 29.87 -69.91
CA CYS C 1154 6.26 29.11 -71.07
C CYS C 1154 6.85 30.16 -72.01
N ILE C 1155 8.18 30.18 -72.16
CA ILE C 1155 8.90 31.22 -72.91
C ILE C 1155 9.70 30.71 -74.11
N SER C 1156 9.95 31.56 -75.09
CA SER C 1156 10.76 31.24 -76.28
C SER C 1156 10.33 29.94 -76.98
N GLY C 1157 11.25 28.99 -77.15
CA GLY C 1157 11.02 27.68 -77.75
C GLY C 1157 10.40 26.69 -76.77
N ASP C 1158 9.25 27.05 -76.18
CA ASP C 1158 8.50 26.26 -75.21
C ASP C 1158 9.31 25.85 -73.96
N VAL C 1159 10.28 26.68 -73.57
CA VAL C 1159 11.10 26.46 -72.38
C VAL C 1159 10.30 26.92 -71.18
N GLY C 1160 10.24 26.11 -70.14
CA GLY C 1160 9.49 26.45 -68.94
C GLY C 1160 10.36 27.11 -67.89
N ILE C 1161 9.83 28.10 -67.19
CA ILE C 1161 10.52 28.77 -66.10
C ILE C 1161 9.58 28.87 -64.91
N ALA C 1162 10.10 28.61 -63.71
CA ALA C 1162 9.37 28.73 -62.46
C ALA C 1162 10.11 29.73 -61.57
N PRO C 1163 9.42 30.57 -60.80
CA PRO C 1163 10.07 31.57 -59.96
C PRO C 1163 10.68 30.95 -58.69
N LYS C 1164 11.86 31.43 -58.27
CA LYS C 1164 12.54 30.97 -57.06
C LYS C 1164 12.09 31.81 -55.87
N GLN C 1165 11.34 31.23 -54.92
CA GLN C 1165 10.86 31.93 -53.73
C GLN C 1165 10.11 33.24 -54.08
N GLY C 1166 9.29 33.18 -55.13
CA GLY C 1166 8.55 34.34 -55.59
C GLY C 1166 7.49 34.00 -56.60
N TYR C 1167 7.10 34.99 -57.38
CA TYR C 1167 6.07 34.89 -58.41
C TYR C 1167 6.38 35.74 -59.62
N PHE C 1168 5.75 35.42 -60.75
CA PHE C 1168 5.85 36.23 -61.96
C PHE C 1168 4.65 37.18 -61.95
N ILE C 1169 4.89 38.44 -62.26
CA ILE C 1169 3.95 39.55 -62.23
C ILE C 1169 3.93 40.34 -63.53
N LYS C 1170 2.76 40.79 -63.98
CA LYS C 1170 2.62 41.69 -65.13
C LYS C 1170 2.75 43.11 -64.59
N HIS C 1171 3.94 43.70 -64.62
CA HIS C 1171 4.17 45.08 -64.16
C HIS C 1171 4.46 45.96 -65.37
N ASN C 1172 3.71 47.04 -65.58
CA ASN C 1172 3.84 47.90 -66.77
C ASN C 1172 3.76 47.06 -68.06
N ASP C 1173 2.69 46.25 -68.14
CA ASP C 1173 2.35 45.30 -69.21
C ASP C 1173 3.55 44.49 -69.74
N HIS C 1174 4.44 44.12 -68.83
CA HIS C 1174 5.68 43.39 -69.07
C HIS C 1174 5.90 42.36 -67.94
N TRP C 1175 6.32 41.14 -68.26
CA TRP C 1175 6.57 40.12 -67.26
C TRP C 1175 7.81 40.42 -66.42
N MET C 1176 7.64 40.47 -65.11
CA MET C 1176 8.66 40.72 -64.11
C MET C 1176 8.49 39.73 -62.94
N PHE C 1177 9.47 39.62 -62.06
CA PHE C 1177 9.46 38.73 -60.91
C PHE C 1177 9.33 39.53 -59.62
N THR C 1178 8.70 38.97 -58.59
CA THR C 1178 8.65 39.59 -57.26
C THR C 1178 8.87 38.53 -56.21
N GLY C 1179 9.46 38.86 -55.07
CA GLY C 1179 9.64 37.89 -54.00
C GLY C 1179 8.28 37.54 -53.39
N SER C 1180 8.12 36.33 -52.86
CA SER C 1180 6.82 35.90 -52.32
C SER C 1180 6.44 36.59 -51.01
N SER C 1181 7.42 37.15 -50.30
CA SER C 1181 7.23 37.81 -49.01
C SER C 1181 7.34 39.33 -49.05
N TYR C 1182 7.61 39.94 -50.20
CA TYR C 1182 7.67 41.39 -50.32
C TYR C 1182 7.46 41.81 -51.77
N TYR C 1183 6.50 42.70 -52.02
CA TYR C 1183 6.18 43.16 -53.36
C TYR C 1183 7.19 44.20 -53.84
N TYR C 1184 8.08 43.77 -54.73
CA TYR C 1184 9.11 44.59 -55.33
C TYR C 1184 9.38 43.98 -56.72
N PRO C 1185 8.66 44.41 -57.75
CA PRO C 1185 8.84 43.86 -59.08
C PRO C 1185 10.24 44.20 -59.61
N GLU C 1186 10.97 43.17 -60.04
CA GLU C 1186 12.34 43.21 -60.57
C GLU C 1186 12.42 42.35 -61.85
N PRO C 1187 13.37 42.59 -62.76
CA PRO C 1187 13.44 41.83 -64.01
C PRO C 1187 13.68 40.33 -63.81
N ILE C 1188 13.11 39.52 -64.70
CA ILE C 1188 13.28 38.06 -64.68
C ILE C 1188 14.69 37.74 -65.15
N SER C 1189 15.42 36.91 -64.41
CA SER C 1189 16.79 36.50 -64.76
C SER C 1189 17.11 35.11 -64.24
N ASP C 1190 18.25 34.54 -64.60
CA ASP C 1190 18.65 33.21 -64.11
C ASP C 1190 18.86 33.18 -62.59
N LYS C 1191 18.98 34.34 -61.93
CA LYS C 1191 19.15 34.46 -60.48
C LYS C 1191 17.88 34.09 -59.72
N ASN C 1192 16.70 34.37 -60.28
CA ASN C 1192 15.40 34.13 -59.63
C ASN C 1192 14.48 33.18 -60.41
N VAL C 1193 15.05 32.25 -61.18
CA VAL C 1193 14.30 31.31 -62.02
C VAL C 1193 14.86 29.89 -62.00
N VAL C 1194 13.97 28.89 -62.03
CA VAL C 1194 14.30 27.47 -62.17
C VAL C 1194 13.93 27.14 -63.61
N PHE C 1195 14.87 26.65 -64.43
CA PHE C 1195 14.63 26.33 -65.84
C PHE C 1195 14.16 24.90 -66.06
N MET C 1196 13.33 24.69 -67.09
CA MET C 1196 12.80 23.41 -67.52
C MET C 1196 12.91 23.33 -69.05
N ASN C 1197 13.34 22.21 -69.63
CA ASN C 1197 13.45 22.11 -71.10
C ASN C 1197 12.08 22.15 -71.79
N THR C 1198 11.03 21.74 -71.07
CA THR C 1198 9.63 21.72 -71.51
C THR C 1198 8.78 22.43 -70.46
N CYS C 1199 7.82 23.25 -70.87
CA CYS C 1199 6.96 23.97 -69.94
C CYS C 1199 5.74 23.13 -69.58
N SER C 1200 5.34 23.11 -68.29
CA SER C 1200 4.17 22.33 -67.89
C SER C 1200 2.87 22.94 -68.42
N VAL C 1201 1.82 22.14 -68.51
CA VAL C 1201 0.51 22.69 -68.95
C VAL C 1201 0.06 23.75 -67.96
N ASN C 1202 -0.76 24.68 -68.42
CA ASN C 1202 -1.29 25.82 -67.69
C ASN C 1202 -0.25 26.88 -67.29
N PHE C 1203 1.03 26.72 -67.63
CA PHE C 1203 2.01 27.78 -67.43
C PHE C 1203 1.63 28.87 -68.44
N THR C 1204 1.56 30.13 -68.01
CA THR C 1204 1.13 31.20 -68.91
C THR C 1204 2.10 31.34 -70.09
N LYS C 1205 1.56 31.41 -71.31
CA LYS C 1205 2.37 31.55 -72.53
C LYS C 1205 2.90 32.98 -72.64
N ALA C 1206 4.22 33.10 -72.77
CA ALA C 1206 4.92 34.38 -72.90
C ALA C 1206 6.12 34.25 -73.84
N PRO C 1207 5.91 34.13 -75.16
CA PRO C 1207 6.99 33.96 -76.14
C PRO C 1207 8.00 35.10 -76.20
N LEU C 1208 7.62 36.30 -75.76
CA LEU C 1208 8.45 37.50 -75.79
C LEU C 1208 9.42 37.66 -74.60
N VAL C 1209 9.44 36.73 -73.66
CA VAL C 1209 10.32 36.80 -72.49
C VAL C 1209 11.69 36.19 -72.79
N TYR C 1210 12.77 36.92 -72.50
CA TYR C 1210 14.16 36.50 -72.68
C TYR C 1210 14.48 35.98 -74.09
#